data_6T6G
#
_entry.id   6T6G
#
_cell.length_a   69.754
_cell.length_b   105.096
_cell.length_c   170.544
_cell.angle_alpha   92.602
_cell.angle_beta   97.209
_cell.angle_gamma   105.096
#
_symmetry.space_group_name_H-M   'P 1'
#
loop_
_entity.id
_entity.type
_entity.pdbx_description
1 polymer 'Glyco_hydro_42M domain-containing protein'
2 non-polymer 1,2-ETHANEDIOL
3 non-polymer (2S,3S,4R,5R)-2,3,4-TRIHYDROXY-5-HYDROXYMETHYL-PIPERIDINE
4 non-polymer 'CHLORIDE ION'
5 water water
#
_entity_poly.entity_id   1
_entity_poly.type   'polypeptide(L)'
_entity_poly.pdbx_seq_one_letter_code
;MGSSHHHHHHSSGLEVLFQGPAERISKQSTPFVGAQIFIEPGQTQEQIEQWFKLLAESNMTTCRIRMFGKYMKTPSGTYD
FTLFDRAFKLADKYHIKVYATLFPDTEFTDVGGFKFPHSREHQKEVEDYIKNVVSHFSQYKNLAAWVLINEPGTPNLPFN
EPFTKERFSDWKKEHNFSEYNEKGYPVLNFEKENFIIDYHNWYLNWLANQVRLYDKQHDLHVNPHNVFKLSGLYDFPTWR
TFLNSLGGSAHASWHFGYFPRKAYTVAMSANAELIRSGAGELPWLMTELQGGNNLYSGANPLCPTAEEIIQWLWINFATE
AKGGIFWSFNARSTAAEAGEWAMINFKNKSSDRLIAAATIGKFITENVKMMSNIKTLNSGISILYNHESMWVEAAQTRGK
LNGNGRSIGAVMCSPLSYFEALSETGLQANFKEIKEFDFSLNDYTDQVIILSHQIALDNKVIKQLESFVEKGGTLIADGL
TGYYDYQAHSTVVSGFALENLFGSYPIEYKIKENLFSLDFEKDNYKLPAHLWKGTIETSKATPIMDKEGECIACINQYGK
GKVFWIPSPIALGARESKDFSELSKLTVSLLPNKILNDNPHFDKHYKDVMMKSFKSNGTMYSLIINKSASVQTVDIVGGK
GKAFILFANKNAHSTANKLTISPEETVIIKWKNN
;
_entity_poly.pdbx_strand_id   AAA,DDD,CCC,BBB,FFF,EEE
#
loop_
_chem_comp.id
_chem_comp.type
_chem_comp.name
_chem_comp.formula
CL non-polymer 'CHLORIDE ION' 'Cl -1'
EDO non-polymer 1,2-ETHANEDIOL 'C2 H6 O2'
MNM non-polymer (2S,3S,4R,5R)-2,3,4-TRIHYDROXY-5-HYDROXYMETHYL-PIPERIDINE 'C6 H13 N O4'
#
# COMPACT_ATOMS: atom_id res chain seq x y z
N VAL A 16 -2.30 79.70 -31.01
CA VAL A 16 -1.87 80.37 -32.28
C VAL A 16 -1.77 81.92 -32.09
N LEU A 17 -2.67 82.49 -31.28
CA LEU A 17 -2.67 83.86 -30.70
C LEU A 17 -2.24 83.80 -29.21
N PHE A 18 -3.11 83.25 -28.32
CA PHE A 18 -2.94 82.96 -26.85
C PHE A 18 -1.59 82.28 -26.60
N GLN A 19 -1.07 81.60 -27.63
CA GLN A 19 0.31 81.05 -27.66
C GLN A 19 1.31 82.20 -27.47
N GLY A 20 1.24 83.19 -28.36
CA GLY A 20 2.16 84.36 -28.39
C GLY A 20 3.61 83.90 -28.55
N PRO A 21 4.61 84.64 -28.02
CA PRO A 21 6.00 84.25 -28.22
C PRO A 21 6.41 82.89 -27.60
N ALA A 22 5.97 82.53 -26.38
CA ALA A 22 6.41 81.29 -25.67
C ALA A 22 6.06 80.06 -26.50
N GLU A 23 7.04 79.26 -26.94
CA GLU A 23 6.77 78.15 -27.91
C GLU A 23 6.23 76.96 -27.10
N ARG A 24 4.99 76.53 -27.40
CA ARG A 24 4.13 75.70 -26.52
C ARG A 24 4.14 74.27 -27.07
N ILE A 25 4.26 73.30 -26.18
CA ILE A 25 4.63 71.91 -26.58
C ILE A 25 3.38 71.29 -27.17
N SER A 26 3.55 70.38 -28.12
CA SER A 26 2.44 69.66 -28.78
C SER A 26 2.96 68.29 -29.19
N LYS A 27 2.09 67.41 -29.67
CA LYS A 27 2.46 66.06 -30.18
C LYS A 27 3.32 66.17 -31.44
N GLN A 28 3.48 67.37 -32.01
CA GLN A 28 4.29 67.62 -33.24
C GLN A 28 5.64 68.28 -32.88
N SER A 29 5.88 68.61 -31.62
CA SER A 29 7.13 69.33 -31.24
C SER A 29 8.35 68.47 -31.61
N THR A 30 9.45 69.11 -31.94
CA THR A 30 10.76 68.43 -32.12
C THR A 30 11.22 67.94 -30.76
N PRO A 31 11.53 66.64 -30.58
CA PRO A 31 12.03 66.15 -29.31
C PRO A 31 13.40 66.77 -29.04
N PHE A 32 13.76 66.92 -27.77
CA PHE A 32 15.08 67.43 -27.33
C PHE A 32 15.73 66.48 -26.32
N VAL A 33 17.05 66.56 -26.24
CA VAL A 33 17.88 66.05 -25.14
C VAL A 33 18.28 67.25 -24.29
N GLY A 34 18.27 67.10 -22.97
CA GLY A 34 18.57 68.21 -22.05
C GLY A 34 19.11 67.70 -20.73
N ALA A 35 19.29 68.60 -19.77
CA ALA A 35 19.91 68.23 -18.50
C ALA A 35 19.59 69.26 -17.43
N GLN A 36 19.49 68.82 -16.18
CA GLN A 36 19.33 69.70 -15.02
C GLN A 36 20.61 70.56 -14.99
N ILE A 37 20.45 71.86 -14.79
CA ILE A 37 21.58 72.76 -14.46
C ILE A 37 21.37 73.06 -12.96
N PHE A 38 22.28 72.57 -12.14
CA PHE A 38 22.14 72.68 -10.68
C PHE A 38 22.77 74.01 -10.25
N ILE A 39 21.91 74.91 -9.74
CA ILE A 39 22.27 76.26 -9.29
C ILE A 39 22.13 76.33 -7.77
N GLU A 40 23.20 76.76 -7.11
CA GLU A 40 23.25 77.03 -5.65
C GLU A 40 24.28 78.13 -5.45
N PRO A 41 24.19 78.88 -4.33
CA PRO A 41 25.18 79.91 -4.06
C PRO A 41 26.56 79.29 -3.85
N GLY A 42 27.59 80.06 -4.12
CA GLY A 42 28.99 79.63 -4.15
C GLY A 42 29.50 79.46 -5.58
N GLN A 43 28.64 79.15 -6.54
CA GLN A 43 29.10 78.97 -7.94
C GLN A 43 29.58 80.34 -8.47
N THR A 44 30.54 80.36 -9.40
CA THR A 44 31.02 81.58 -10.11
C THR A 44 30.35 81.65 -11.49
N GLN A 45 30.19 82.88 -12.00
CA GLN A 45 29.80 83.18 -13.39
C GLN A 45 30.55 82.26 -14.35
N GLU A 46 31.85 82.10 -14.15
CA GLU A 46 32.75 81.36 -15.08
C GLU A 46 32.33 79.88 -15.12
N GLN A 47 32.09 79.24 -13.96
CA GLN A 47 31.74 77.79 -13.98
C GLN A 47 30.36 77.64 -14.60
N ILE A 48 29.42 78.55 -14.35
CA ILE A 48 28.03 78.40 -14.92
C ILE A 48 28.11 78.51 -16.44
N GLU A 49 28.83 79.49 -16.96
CA GLU A 49 29.00 79.70 -18.43
C GLU A 49 29.62 78.44 -19.04
N GLN A 50 30.61 77.88 -18.38
CA GLN A 50 31.32 76.65 -18.83
C GLN A 50 30.29 75.52 -19.01
N TRP A 51 29.32 75.40 -18.09
CA TRP A 51 28.25 74.35 -18.16
C TRP A 51 27.35 74.62 -19.38
N PHE A 52 26.76 75.82 -19.50
CA PHE A 52 25.83 76.16 -20.60
C PHE A 52 26.52 76.02 -21.95
N LYS A 53 27.78 76.44 -22.04
CA LYS A 53 28.55 76.37 -23.32
C LYS A 53 28.72 74.90 -23.72
N LEU A 54 29.11 74.03 -22.77
CA LEU A 54 29.32 72.57 -23.09
C LEU A 54 27.95 71.92 -23.37
N LEU A 55 26.90 72.36 -22.68
CA LEU A 55 25.53 71.81 -22.88
C LEU A 55 25.12 72.09 -24.33
N ALA A 56 25.26 73.34 -24.79
CA ALA A 56 24.97 73.75 -26.20
C ALA A 56 25.83 72.94 -27.20
N GLU A 57 27.12 72.74 -26.93
CA GLU A 57 28.01 71.97 -27.85
C GLU A 57 27.65 70.47 -27.87
N SER A 58 26.91 70.00 -26.85
CA SER A 58 26.52 68.58 -26.72
C SER A 58 25.12 68.34 -27.35
N ASN A 59 24.64 69.30 -28.15
CA ASN A 59 23.41 69.18 -28.97
C ASN A 59 22.20 69.10 -28.03
N MET A 60 22.29 69.65 -26.82
CA MET A 60 21.15 69.81 -25.89
C MET A 60 20.56 71.21 -26.05
N THR A 61 19.23 71.30 -26.09
CA THR A 61 18.49 72.55 -26.34
C THR A 61 17.84 73.06 -25.05
N THR A 62 17.79 72.22 -24.03
CA THR A 62 16.95 72.44 -22.82
C THR A 62 17.72 72.10 -21.55
N CYS A 63 17.45 72.88 -20.51
CA CYS A 63 17.93 72.62 -19.16
C CYS A 63 16.71 72.67 -18.23
N ARG A 64 16.90 72.18 -17.02
CA ARG A 64 15.86 72.29 -15.97
C ARG A 64 16.54 72.91 -14.76
N ILE A 65 15.83 73.76 -14.05
CA ILE A 65 16.46 74.48 -12.90
C ILE A 65 15.50 74.45 -11.73
N ARG A 66 16.02 74.00 -10.59
CA ARG A 66 15.30 74.03 -9.29
C ARG A 66 15.34 75.47 -8.77
N MET A 67 14.18 76.12 -8.77
CA MET A 67 14.04 77.53 -8.35
C MET A 67 13.99 77.63 -6.82
N PHE A 68 15.03 77.17 -6.13
CA PHE A 68 15.07 77.06 -4.65
C PHE A 68 14.61 78.37 -4.00
N GLY A 69 13.51 78.32 -3.27
CA GLY A 69 13.07 79.36 -2.34
C GLY A 69 14.16 79.72 -1.35
N LYS A 70 14.92 78.73 -0.87
CA LYS A 70 15.98 78.99 0.14
C LYS A 70 16.98 80.03 -0.44
N TYR A 71 17.30 79.97 -1.72
CA TYR A 71 18.43 80.73 -2.30
C TYR A 71 17.94 82.03 -2.96
N MET A 72 16.70 82.43 -2.69
CA MET A 72 16.08 83.69 -3.14
C MET A 72 15.56 84.46 -1.93
N LYS A 73 15.20 83.80 -0.84
CA LYS A 73 14.69 84.47 0.38
C LYS A 73 15.87 85.23 1.02
N THR A 74 15.65 86.48 1.38
CA THR A 74 16.59 87.38 2.11
C THR A 74 16.21 87.40 3.59
N PRO A 75 17.12 87.79 4.52
CA PRO A 75 16.78 87.90 5.93
C PRO A 75 15.40 88.47 6.29
N SER A 76 14.92 89.52 5.60
CA SER A 76 13.57 90.10 5.82
C SER A 76 12.51 89.23 5.12
N THR A 78 11.74 89.31 1.86
CA THR A 78 11.70 89.79 0.45
C THR A 78 12.42 88.73 -0.41
N TYR A 79 12.20 88.78 -1.73
CA TYR A 79 12.78 87.86 -2.72
C TYR A 79 13.90 88.60 -3.46
N ASP A 80 15.07 87.96 -3.56
CA ASP A 80 16.21 88.40 -4.40
C ASP A 80 16.44 87.28 -5.43
N PHE A 81 16.32 87.61 -6.70
CA PHE A 81 16.29 86.67 -7.85
C PHE A 81 17.69 86.56 -8.48
N THR A 82 18.69 87.23 -7.94
CA THR A 82 20.01 87.47 -8.60
C THR A 82 20.61 86.13 -9.04
N LEU A 83 20.64 85.16 -8.13
CA LEU A 83 21.35 83.89 -8.36
C LEU A 83 20.76 83.21 -9.60
N PHE A 84 19.44 83.28 -9.75
CA PHE A 84 18.71 82.60 -10.84
C PHE A 84 18.69 83.47 -12.09
N ASP A 85 18.67 84.81 -11.92
CA ASP A 85 18.83 85.76 -13.05
C ASP A 85 20.11 85.38 -13.81
N ARG A 86 21.22 85.31 -13.09
CA ARG A 86 22.55 84.97 -13.64
C ARG A 86 22.43 83.73 -14.54
N ALA A 87 21.80 82.66 -14.03
CA ALA A 87 21.65 81.37 -14.74
C ALA A 87 20.72 81.50 -15.94
N PHE A 88 19.57 82.15 -15.80
CA PHE A 88 18.59 82.34 -16.91
C PHE A 88 19.25 83.10 -18.08
N LYS A 89 20.02 84.15 -17.74
CA LYS A 89 20.71 84.99 -18.75
C LYS A 89 21.77 84.16 -19.47
N LEU A 90 22.54 83.34 -18.77
CA LEU A 90 23.55 82.50 -19.45
C LEU A 90 22.85 81.43 -20.30
N ALA A 91 21.73 80.86 -19.83
CA ALA A 91 20.92 79.93 -20.66
C ALA A 91 20.53 80.65 -21.96
N ASP A 92 19.99 81.86 -21.82
CA ASP A 92 19.47 82.66 -22.96
C ASP A 92 20.60 82.92 -23.97
N LYS A 93 21.77 83.35 -23.48
CA LYS A 93 22.97 83.59 -24.32
C LYS A 93 23.29 82.37 -25.18
N TYR A 94 23.09 81.14 -24.68
CA TYR A 94 23.49 79.91 -25.40
C TYR A 94 22.26 79.27 -26.07
N HIS A 95 21.13 80.00 -26.09
CA HIS A 95 19.87 79.63 -26.80
C HIS A 95 19.31 78.35 -26.16
N ILE A 96 19.41 78.25 -24.84
CA ILE A 96 18.93 77.08 -24.05
C ILE A 96 17.63 77.49 -23.37
N LYS A 97 16.56 76.70 -23.56
CA LYS A 97 15.28 76.97 -22.86
C LYS A 97 15.29 76.26 -21.49
N VAL A 98 14.48 76.77 -20.57
CA VAL A 98 14.50 76.40 -19.13
C VAL A 98 13.14 75.81 -18.76
N TYR A 99 13.16 74.61 -18.18
CA TYR A 99 12.06 74.07 -17.36
C TYR A 99 12.31 74.56 -15.94
N ALA A 100 11.46 75.44 -15.42
CA ALA A 100 11.66 76.05 -14.07
C ALA A 100 10.79 75.29 -13.07
N THR A 101 11.39 74.64 -12.08
CA THR A 101 10.65 73.86 -11.09
C THR A 101 10.33 74.74 -9.88
N LEU A 102 9.06 74.87 -9.55
CA LEU A 102 8.60 75.56 -8.33
C LEU A 102 9.02 74.72 -7.12
N PHE A 103 9.93 75.27 -6.31
CA PHE A 103 10.58 74.57 -5.21
C PHE A 103 10.72 75.53 -4.04
N PRO A 104 9.63 75.72 -3.26
CA PRO A 104 9.67 76.65 -2.14
C PRO A 104 10.72 76.26 -1.07
N ASP A 105 10.97 77.19 -0.16
CA ASP A 105 11.94 77.01 0.94
C ASP A 105 11.60 75.69 1.64
N THR A 106 12.63 74.91 1.97
CA THR A 106 12.59 73.60 2.66
C THR A 106 14.00 73.36 3.21
N GLU A 107 14.15 72.42 4.13
CA GLU A 107 15.49 72.19 4.75
C GLU A 107 16.50 71.83 3.66
N PHE A 108 17.73 72.24 3.84
CA PHE A 108 18.88 71.90 2.95
C PHE A 108 19.00 70.37 2.80
N THR A 109 18.67 69.62 3.86
CA THR A 109 18.77 68.12 3.88
C THR A 109 17.57 67.49 3.17
N ASP A 110 16.53 68.25 2.80
CA ASP A 110 15.34 67.74 2.05
C ASP A 110 15.67 67.73 0.55
N VAL A 111 16.15 66.59 0.05
CA VAL A 111 16.65 66.51 -1.36
C VAL A 111 15.47 66.70 -2.33
N GLY A 112 14.34 66.03 -2.12
CA GLY A 112 13.28 65.87 -3.13
C GLY A 112 12.22 66.98 -3.10
N GLY A 113 12.08 67.63 -1.94
CA GLY A 113 11.07 68.67 -1.73
C GLY A 113 9.85 68.12 -1.03
N PHE A 114 9.14 68.97 -0.29
CA PHE A 114 7.88 68.60 0.40
C PHE A 114 6.81 68.41 -0.69
N LYS A 115 5.85 67.54 -0.39
CA LYS A 115 4.85 67.03 -1.37
C LYS A 115 3.50 67.73 -1.15
N PHE A 116 3.29 68.30 0.04
CA PHE A 116 2.08 69.05 0.44
C PHE A 116 2.47 70.14 1.43
N PRO A 117 1.68 71.21 1.58
CA PRO A 117 1.95 72.20 2.62
C PRO A 117 1.87 71.54 4.01
N HIS A 118 2.63 72.07 4.99
CA HIS A 118 2.73 71.55 6.37
C HIS A 118 1.52 72.05 7.17
N SER A 119 1.04 73.27 6.85
CA SER A 119 0.06 74.05 7.66
C SER A 119 -0.57 75.12 6.75
N ARG A 120 -1.66 75.74 7.21
CA ARG A 120 -2.30 76.89 6.50
C ARG A 120 -1.27 78.00 6.35
N GLU A 121 -0.50 78.29 7.41
CA GLU A 121 0.55 79.34 7.40
C GLU A 121 1.54 78.99 6.28
N HIS A 122 1.97 77.71 6.20
CA HIS A 122 2.95 77.28 5.17
C HIS A 122 2.33 77.47 3.77
N GLN A 123 1.05 77.14 3.59
CA GLN A 123 0.36 77.32 2.28
C GLN A 123 0.49 78.79 1.84
N LYS A 124 0.36 79.73 2.75
CA LYS A 124 0.42 81.18 2.40
C LYS A 124 1.85 81.54 1.99
N GLU A 125 2.86 80.93 2.62
CA GLU A 125 4.28 81.11 2.22
C GLU A 125 4.43 80.57 0.80
N VAL A 126 3.77 79.46 0.47
CA VAL A 126 3.91 78.87 -0.89
C VAL A 126 3.25 79.83 -1.88
N GLU A 127 2.07 80.37 -1.56
CA GLU A 127 1.33 81.36 -2.39
C GLU A 127 2.28 82.51 -2.73
N ASP A 128 2.88 83.06 -1.69
CA ASP A 128 3.79 84.24 -1.78
C ASP A 128 5.00 83.86 -2.65
N TYR A 129 5.57 82.67 -2.46
CA TYR A 129 6.72 82.17 -3.26
C TYR A 129 6.33 82.15 -4.76
N ILE A 130 5.15 81.62 -5.05
CA ILE A 130 4.72 81.46 -6.47
C ILE A 130 4.50 82.84 -7.11
N LYS A 131 3.82 83.73 -6.39
CA LYS A 131 3.58 85.13 -6.86
C LYS A 131 4.92 85.74 -7.29
N ASN A 132 5.88 85.74 -6.38
CA ASN A 132 7.21 86.39 -6.59
C ASN A 132 7.94 85.70 -7.75
N VAL A 133 8.03 84.37 -7.73
CA VAL A 133 8.93 83.63 -8.68
C VAL A 133 8.34 83.69 -10.08
N VAL A 134 7.03 83.49 -10.20
CA VAL A 134 6.39 83.35 -11.52
C VAL A 134 6.29 84.75 -12.15
N SER A 135 5.90 85.77 -11.36
CA SER A 135 5.82 87.18 -11.83
C SER A 135 7.16 87.58 -12.43
N HIS A 136 8.27 87.25 -11.77
CA HIS A 136 9.63 87.64 -12.23
C HIS A 136 10.07 86.78 -13.43
N PHE A 137 10.13 85.45 -13.30
CA PHE A 137 10.81 84.60 -14.31
C PHE A 137 9.96 84.37 -15.55
N SER A 138 8.62 84.59 -15.50
CA SER A 138 7.74 84.49 -16.69
C SER A 138 8.18 85.50 -17.77
N GLN A 139 8.91 86.55 -17.38
CA GLN A 139 9.37 87.63 -18.28
C GLN A 139 10.55 87.15 -19.14
N TYR A 140 11.25 86.06 -18.80
CA TYR A 140 12.38 85.58 -19.65
C TYR A 140 11.83 84.89 -20.89
N LYS A 141 12.36 85.23 -22.06
CA LYS A 141 11.87 84.66 -23.34
C LYS A 141 12.33 83.20 -23.48
N ASN A 142 13.30 82.73 -22.71
CA ASN A 142 13.81 81.33 -22.85
C ASN A 142 13.11 80.38 -21.85
N LEU A 143 12.10 80.82 -21.10
CA LEU A 143 11.30 79.95 -20.19
C LEU A 143 10.40 79.04 -21.04
N ALA A 144 10.56 77.72 -20.95
CA ALA A 144 9.77 76.74 -21.75
C ALA A 144 8.57 76.19 -20.97
N ALA A 145 8.69 76.04 -19.65
CA ALA A 145 7.67 75.34 -18.81
C ALA A 145 7.88 75.63 -17.33
N TRP A 146 6.78 75.69 -16.58
CA TRP A 146 6.76 75.63 -15.11
C TRP A 146 6.55 74.16 -14.71
N VAL A 147 7.46 73.60 -13.90
CA VAL A 147 7.22 72.29 -13.27
C VAL A 147 6.58 72.59 -11.93
N LEU A 148 5.31 72.21 -11.77
CA LEU A 148 4.42 72.70 -10.68
C LEU A 148 5.00 72.32 -9.33
N ILE A 149 5.59 71.12 -9.27
CA ILE A 149 6.20 70.55 -8.03
C ILE A 149 7.19 69.49 -8.44
N ASN A 150 8.33 69.39 -7.76
CA ASN A 150 9.27 68.28 -8.07
C ASN A 150 8.69 66.97 -7.51
N GLU A 151 8.54 65.97 -8.35
CA GLU A 151 8.25 64.58 -7.90
C GLU A 151 7.06 64.54 -6.94
N PRO A 152 5.83 64.83 -7.40
CA PRO A 152 4.65 64.71 -6.53
C PRO A 152 4.52 63.26 -6.06
N GLY A 153 4.03 63.11 -4.83
CA GLY A 153 3.83 61.78 -4.21
C GLY A 153 5.03 61.33 -3.39
N THR A 154 4.77 60.66 -2.27
CA THR A 154 5.80 59.90 -1.51
C THR A 154 5.15 58.68 -0.84
N PRO A 155 5.97 57.66 -0.48
CA PRO A 155 5.48 56.51 0.28
C PRO A 155 4.84 56.89 1.63
N ASN A 156 5.50 57.82 2.34
CA ASN A 156 5.16 58.27 3.72
C ASN A 156 4.47 59.63 3.66
N LEU A 157 3.17 59.62 3.39
CA LEU A 157 2.36 60.85 3.32
C LEU A 157 2.18 61.39 4.73
N PRO A 158 2.21 62.72 4.93
CA PRO A 158 2.28 63.27 6.27
C PRO A 158 0.92 63.43 6.95
N PHE A 159 0.23 62.35 7.30
CA PHE A 159 -1.11 62.35 7.98
C PHE A 159 -1.05 62.98 9.38
N ASN A 160 0.16 63.09 9.95
CA ASN A 160 0.47 63.69 11.28
C ASN A 160 0.42 65.24 11.21
N GLU A 161 0.81 65.86 10.09
CA GLU A 161 0.94 67.33 9.97
C GLU A 161 -0.46 67.93 9.96
N PRO A 162 -0.67 69.12 10.59
CA PRO A 162 -2.02 69.69 10.73
C PRO A 162 -2.77 69.89 9.41
N PHE A 163 -2.08 70.36 8.36
CA PHE A 163 -2.74 70.69 7.06
C PHE A 163 -3.38 69.44 6.47
N THR A 164 -2.62 68.35 6.36
CA THR A 164 -3.08 67.07 5.76
C THR A 164 -4.17 66.45 6.66
N LYS A 165 -4.02 66.51 7.96
CA LYS A 165 -4.95 65.89 8.93
C LYS A 165 -6.30 66.58 8.84
N GLU A 166 -6.30 67.90 8.73
CA GLU A 166 -7.54 68.70 8.60
C GLU A 166 -8.22 68.35 7.26
N ARG A 167 -7.45 68.28 6.18
CA ARG A 167 -8.00 68.00 4.83
C ARG A 167 -8.65 66.60 4.79
N PHE A 168 -8.01 65.60 5.41
CA PHE A 168 -8.48 64.20 5.46
C PHE A 168 -9.80 64.17 6.25
N SER A 169 -9.85 64.86 7.39
CA SER A 169 -11.07 65.00 8.23
C SER A 169 -12.21 65.59 7.40
N ASP A 170 -12.00 66.74 6.75
CA ASP A 170 -13.02 67.38 5.86
C ASP A 170 -13.46 66.42 4.76
N TRP A 171 -12.52 65.75 4.11
CA TRP A 171 -12.81 64.79 3.02
C TRP A 171 -13.76 63.70 3.53
N LYS A 172 -13.49 63.14 4.72
CA LYS A 172 -14.30 62.03 5.32
C LYS A 172 -15.72 62.54 5.61
N LYS A 173 -15.84 63.76 6.15
CA LYS A 173 -17.14 64.41 6.46
C LYS A 173 -17.96 64.56 5.17
N GLU A 174 -17.33 64.83 4.00
CA GLU A 174 -18.07 65.09 2.75
C GLU A 174 -18.24 63.81 1.92
N HIS A 175 -17.75 62.67 2.39
CA HIS A 175 -17.98 61.36 1.72
C HIS A 175 -18.67 60.44 2.72
N ASN A 176 -19.95 60.14 2.56
CA ASN A 176 -20.64 59.11 3.36
C ASN A 176 -20.29 57.72 2.82
N PHE A 177 -19.68 56.88 3.64
CA PHE A 177 -19.43 55.45 3.36
C PHE A 177 -20.25 54.67 4.38
N SER A 178 -20.60 53.44 4.04
CA SER A 178 -21.24 52.50 4.98
C SER A 178 -20.22 51.38 5.23
N GLU A 179 -20.33 50.67 6.35
CA GLU A 179 -19.45 49.51 6.70
C GLU A 179 -19.93 48.24 5.98
N TYR A 180 -21.03 48.27 5.21
CA TYR A 180 -21.61 47.10 4.51
C TYR A 180 -21.96 47.46 3.06
N ASN A 181 -21.91 46.51 2.15
CA ASN A 181 -22.28 46.71 0.73
C ASN A 181 -23.80 46.51 0.60
N GLU A 182 -24.32 46.63 -0.61
CA GLU A 182 -25.78 46.54 -0.88
C GLU A 182 -26.27 45.17 -0.38
N LYS A 183 -25.54 44.09 -0.64
CA LYS A 183 -25.94 42.71 -0.23
C LYS A 183 -25.88 42.52 1.29
N GLY A 184 -25.25 43.41 2.06
CA GLY A 184 -25.16 43.34 3.53
C GLY A 184 -23.77 42.92 4.07
N TYR A 185 -22.86 42.47 3.20
CA TYR A 185 -21.50 41.98 3.59
C TYR A 185 -20.64 43.13 4.10
N PRO A 186 -19.76 42.90 5.08
CA PRO A 186 -18.80 43.91 5.49
C PRO A 186 -17.89 44.29 4.33
N VAL A 187 -17.42 45.53 4.35
CA VAL A 187 -16.54 46.09 3.29
C VAL A 187 -15.39 46.86 3.93
N LEU A 188 -14.32 47.04 3.16
CA LEU A 188 -13.33 48.12 3.38
C LEU A 188 -13.64 49.23 2.38
N ASN A 189 -13.45 50.49 2.78
CA ASN A 189 -13.77 51.62 1.86
C ASN A 189 -12.50 52.33 1.39
N PHE A 190 -11.33 52.07 1.94
CA PHE A 190 -10.05 52.62 1.42
C PHE A 190 -10.13 54.14 1.42
N GLU A 191 -10.60 54.71 2.53
CA GLU A 191 -10.81 56.15 2.69
C GLU A 191 -9.46 56.85 2.49
N LYS A 192 -8.42 56.32 3.09
CA LYS A 192 -7.06 56.91 3.08
C LYS A 192 -6.61 56.98 1.61
N GLU A 193 -6.67 55.85 0.90
CA GLU A 193 -6.14 55.75 -0.48
C GLU A 193 -6.93 56.70 -1.39
N ASN A 194 -8.27 56.74 -1.25
CA ASN A 194 -9.15 57.55 -2.14
C ASN A 194 -8.91 59.04 -1.83
N PHE A 195 -8.82 59.41 -0.56
CA PHE A 195 -8.42 60.77 -0.16
C PHE A 195 -7.07 61.15 -0.80
N ILE A 196 -6.08 60.27 -0.75
CA ILE A 196 -4.70 60.58 -1.23
C ILE A 196 -4.76 60.89 -2.72
N ILE A 197 -5.52 60.13 -3.50
CA ILE A 197 -5.77 60.43 -4.94
C ILE A 197 -6.29 61.88 -5.07
N ASP A 198 -7.34 62.22 -4.32
CA ASP A 198 -8.06 63.52 -4.47
C ASP A 198 -7.17 64.64 -3.94
N TYR A 199 -6.28 64.34 -2.98
CA TYR A 199 -5.37 65.31 -2.34
C TYR A 199 -4.28 65.70 -3.33
N HIS A 200 -3.72 64.72 -4.04
CA HIS A 200 -2.74 64.99 -5.13
C HIS A 200 -3.44 65.82 -6.20
N ASN A 201 -4.61 65.36 -6.67
CA ASN A 201 -5.45 66.14 -7.64
C ASN A 201 -5.59 67.59 -7.14
N TRP A 202 -5.96 67.79 -5.88
CA TRP A 202 -6.24 69.13 -5.33
C TRP A 202 -4.96 69.97 -5.33
N TYR A 203 -3.85 69.47 -4.80
CA TYR A 203 -2.65 70.31 -4.60
C TYR A 203 -2.05 70.63 -5.97
N LEU A 204 -1.95 69.66 -6.89
CA LEU A 204 -1.33 69.97 -8.21
C LEU A 204 -2.23 70.96 -8.97
N ASN A 205 -3.55 70.80 -8.88
CA ASN A 205 -4.53 71.72 -9.52
C ASN A 205 -4.39 73.11 -8.89
N TRP A 206 -4.22 73.18 -7.57
CA TRP A 206 -4.10 74.46 -6.84
C TRP A 206 -2.81 75.16 -7.23
N LEU A 207 -1.70 74.41 -7.36
CA LEU A 207 -0.39 74.94 -7.85
C LEU A 207 -0.60 75.49 -9.26
N ALA A 208 -1.28 74.77 -10.14
CA ALA A 208 -1.56 75.21 -11.53
C ALA A 208 -2.34 76.53 -11.50
N ASN A 209 -3.37 76.62 -10.66
CA ASN A 209 -4.19 77.86 -10.56
C ASN A 209 -3.34 79.00 -10.00
N GLN A 210 -2.45 78.72 -9.04
CA GLN A 210 -1.57 79.76 -8.48
C GLN A 210 -0.66 80.28 -9.60
N VAL A 211 -0.03 79.42 -10.38
CA VAL A 211 0.84 79.86 -11.51
C VAL A 211 -0.02 80.72 -12.47
N ARG A 212 -1.24 80.26 -12.78
CA ARG A 212 -2.12 80.87 -13.83
C ARG A 212 -2.55 82.28 -13.38
N LEU A 213 -2.57 82.60 -12.08
CA LEU A 213 -2.85 83.98 -11.60
C LEU A 213 -1.81 84.94 -12.19
N TYR A 214 -0.62 84.48 -12.54
CA TYR A 214 0.52 85.38 -12.92
C TYR A 214 1.05 85.04 -14.31
N ASP A 215 0.77 83.87 -14.86
CA ASP A 215 1.34 83.49 -16.17
C ASP A 215 0.39 82.49 -16.84
N LYS A 216 -0.29 82.92 -17.91
CA LYS A 216 -1.24 82.10 -18.70
C LYS A 216 -0.54 81.69 -20.00
N GLN A 217 0.73 82.05 -20.18
CA GLN A 217 1.46 81.88 -21.47
C GLN A 217 2.25 80.56 -21.50
N HIS A 218 2.87 80.13 -20.37
CA HIS A 218 3.87 79.03 -20.41
C HIS A 218 3.24 77.69 -20.04
N ASP A 219 3.72 76.63 -20.68
CA ASP A 219 3.37 75.21 -20.39
C ASP A 219 3.50 74.87 -18.90
N LEU A 220 2.53 74.12 -18.38
CA LEU A 220 2.56 73.49 -17.05
C LEU A 220 2.92 72.01 -17.19
N HIS A 221 3.85 71.56 -16.34
CA HIS A 221 4.49 70.23 -16.39
C HIS A 221 4.61 69.68 -14.97
N VAL A 222 4.65 68.35 -14.84
CA VAL A 222 4.91 67.70 -13.52
C VAL A 222 5.55 66.34 -13.76
N ASN A 223 6.40 65.87 -12.82
CA ASN A 223 7.20 64.63 -12.99
C ASN A 223 6.83 63.59 -11.92
N PRO A 224 5.77 62.78 -12.13
CA PRO A 224 5.53 61.61 -11.28
C PRO A 224 6.73 60.66 -11.32
N HIS A 225 6.94 59.94 -10.24
CA HIS A 225 8.22 59.22 -10.02
C HIS A 225 7.97 57.87 -9.37
N ASN A 226 8.98 56.99 -9.44
CA ASN A 226 8.92 55.69 -8.78
C ASN A 226 7.55 55.07 -9.13
N VAL A 227 7.18 55.10 -10.41
CA VAL A 227 5.79 54.80 -10.86
C VAL A 227 5.40 53.34 -10.58
N PHE A 228 6.34 52.39 -10.50
CA PHE A 228 5.97 50.98 -10.23
C PHE A 228 5.53 50.80 -8.77
N LYS A 229 5.73 51.78 -7.92
CA LYS A 229 5.27 51.74 -6.50
C LYS A 229 4.23 52.81 -6.25
N LEU A 230 4.34 54.00 -6.86
CA LEU A 230 3.52 55.20 -6.49
C LEU A 230 2.37 55.42 -7.47
N SER A 231 2.17 54.52 -8.43
CA SER A 231 1.06 54.64 -9.43
C SER A 231 -0.30 54.72 -8.71
N GLY A 232 -0.42 54.22 -7.50
CA GLY A 232 -1.66 54.24 -6.71
C GLY A 232 -1.92 55.58 -6.07
N LEU A 233 -0.98 56.52 -6.20
CA LEU A 233 -1.15 57.94 -5.74
C LEU A 233 -1.69 58.81 -6.89
N TYR A 234 -1.60 58.32 -8.12
CA TYR A 234 -1.60 59.16 -9.34
C TYR A 234 -2.88 58.93 -10.17
N ASP A 235 -3.67 59.99 -10.28
CA ASP A 235 -4.88 60.05 -11.18
C ASP A 235 -4.54 60.85 -12.45
N PHE A 236 -3.89 60.23 -13.43
CA PHE A 236 -3.34 60.96 -14.58
C PHE A 236 -4.50 61.60 -15.38
N PRO A 237 -5.62 60.89 -15.63
CA PRO A 237 -6.75 61.51 -16.36
C PRO A 237 -7.17 62.84 -15.73
N THR A 238 -7.28 62.96 -14.40
CA THR A 238 -7.63 64.28 -13.80
C THR A 238 -6.53 65.29 -14.05
N TRP A 239 -5.25 64.89 -13.97
CA TRP A 239 -4.09 65.82 -14.10
C TRP A 239 -4.09 66.49 -15.49
N ARG A 240 -4.54 65.77 -16.52
CA ARG A 240 -4.66 66.31 -17.91
C ARG A 240 -5.45 67.62 -17.90
N THR A 241 -6.44 67.75 -17.01
CA THR A 241 -7.33 68.91 -16.80
C THR A 241 -6.50 70.20 -16.71
N PHE A 242 -5.32 70.15 -16.10
CA PHE A 242 -4.58 71.40 -15.75
C PHE A 242 -3.14 71.38 -16.26
N LEU A 243 -2.67 70.32 -16.90
CA LEU A 243 -1.28 70.27 -17.44
C LEU A 243 -1.30 70.53 -18.95
N ASN A 244 -0.18 70.96 -19.49
CA ASN A 244 0.08 71.01 -20.95
C ASN A 244 0.94 69.80 -21.32
N SER A 245 1.72 69.25 -20.40
CA SER A 245 2.48 67.99 -20.69
C SER A 245 2.68 67.20 -19.40
N LEU A 246 2.74 65.88 -19.53
CA LEU A 246 3.06 64.98 -18.40
C LEU A 246 4.55 64.62 -18.47
N GLY A 247 5.20 64.60 -17.31
CA GLY A 247 6.61 64.26 -17.17
C GLY A 247 6.79 62.95 -16.39
N GLY A 248 8.00 62.77 -15.86
CA GLY A 248 8.41 61.55 -15.15
C GLY A 248 9.88 61.64 -14.75
N SER A 249 10.19 61.16 -13.56
CA SER A 249 11.53 60.70 -13.14
C SER A 249 11.58 59.18 -13.33
N ALA A 250 12.50 58.70 -14.17
CA ALA A 250 12.76 57.26 -14.38
C ALA A 250 14.26 56.97 -14.13
N HIS A 251 14.65 56.80 -12.89
CA HIS A 251 16.07 56.65 -12.46
C HIS A 251 16.40 55.19 -12.24
N ALA A 252 17.39 54.66 -12.97
CA ALA A 252 17.92 53.32 -12.81
C ALA A 252 18.25 53.00 -11.34
N SER A 253 18.67 53.98 -10.53
CA SER A 253 19.18 53.72 -9.17
C SER A 253 18.08 53.85 -8.13
N TRP A 254 16.90 54.38 -8.49
CA TRP A 254 15.80 54.58 -7.50
C TRP A 254 14.56 53.75 -7.84
N HIS A 255 14.24 53.53 -9.12
CA HIS A 255 12.83 53.21 -9.54
C HIS A 255 12.71 51.82 -10.15
N PHE A 256 13.82 51.12 -10.39
CA PHE A 256 13.85 49.88 -11.20
C PHE A 256 14.27 48.68 -10.35
N GLY A 257 14.04 48.77 -9.03
CA GLY A 257 14.29 47.70 -8.05
C GLY A 257 13.65 46.38 -8.47
N TYR A 258 12.52 46.42 -9.16
CA TYR A 258 11.83 45.17 -9.54
C TYR A 258 12.56 44.48 -10.68
N PHE A 259 13.62 45.05 -11.23
CA PHE A 259 14.34 44.47 -12.39
C PHE A 259 15.83 44.32 -12.11
N PRO A 260 16.50 43.34 -12.74
CA PRO A 260 17.96 43.38 -12.81
C PRO A 260 18.40 44.44 -13.84
N ARG A 261 19.66 44.82 -13.75
CA ARG A 261 20.26 45.90 -14.57
C ARG A 261 20.12 45.54 -16.05
N LYS A 262 20.33 44.27 -16.42
CA LYS A 262 20.27 43.87 -17.85
C LYS A 262 18.84 44.02 -18.38
N ALA A 263 17.82 44.26 -17.55
CA ALA A 263 16.42 44.47 -18.01
C ALA A 263 15.95 45.90 -17.74
N TYR A 264 16.87 46.84 -17.53
CA TYR A 264 16.50 48.27 -17.35
C TYR A 264 15.95 48.81 -18.68
N THR A 265 16.23 48.15 -19.80
CA THR A 265 15.56 48.39 -21.11
C THR A 265 14.05 48.21 -20.94
N VAL A 266 13.67 47.06 -20.41
CA VAL A 266 12.26 46.69 -20.17
C VAL A 266 11.64 47.63 -19.13
N ALA A 267 12.38 47.96 -18.08
CA ALA A 267 11.89 48.88 -17.04
C ALA A 267 11.60 50.25 -17.67
N MET A 268 12.50 50.74 -18.53
CA MET A 268 12.35 52.11 -19.09
C MET A 268 11.18 52.10 -20.08
N SER A 269 11.07 51.01 -20.84
CA SER A 269 9.97 50.83 -21.81
C SER A 269 8.64 50.86 -21.06
N ALA A 270 8.52 50.12 -19.97
CA ALA A 270 7.28 50.09 -19.17
C ALA A 270 7.01 51.46 -18.53
N ASN A 271 8.05 52.10 -18.02
CA ASN A 271 7.93 53.43 -17.36
C ASN A 271 7.41 54.39 -18.43
N ALA A 272 7.93 54.30 -19.66
CA ALA A 272 7.55 55.22 -20.76
C ALA A 272 6.10 54.95 -21.14
N GLU A 273 5.72 53.69 -21.25
CA GLU A 273 4.35 53.30 -21.63
C GLU A 273 3.39 53.83 -20.57
N LEU A 274 3.79 53.73 -19.31
CA LEU A 274 2.88 54.06 -18.18
C LEU A 274 2.62 55.56 -18.24
N ILE A 275 3.66 56.36 -18.51
CA ILE A 275 3.53 57.83 -18.54
C ILE A 275 2.69 58.20 -19.79
N ARG A 276 3.04 57.61 -20.93
CA ARG A 276 2.34 57.83 -22.21
C ARG A 276 0.84 57.56 -21.99
N SER A 277 0.49 56.45 -21.36
CA SER A 277 -0.93 56.15 -21.05
C SER A 277 -1.51 57.27 -20.20
N GLY A 278 -0.82 57.67 -19.15
CA GLY A 278 -1.33 58.74 -18.27
C GLY A 278 -1.50 60.03 -19.06
N ALA A 279 -0.63 60.29 -20.02
CA ALA A 279 -0.62 61.55 -20.79
C ALA A 279 -1.90 61.66 -21.63
N GLY A 280 -2.39 60.54 -22.17
CA GLY A 280 -3.57 60.49 -23.06
C GLY A 280 -3.29 61.36 -24.28
N GLU A 281 -4.06 62.42 -24.46
CA GLU A 281 -3.96 63.34 -25.63
C GLU A 281 -2.79 64.31 -25.42
N LEU A 282 -2.35 64.55 -24.17
CA LEU A 282 -1.23 65.49 -23.87
C LEU A 282 0.08 64.86 -24.33
N PRO A 283 1.04 65.68 -24.78
CA PRO A 283 2.37 65.16 -25.03
C PRO A 283 3.04 64.87 -23.67
N TRP A 284 4.06 64.03 -23.69
CA TRP A 284 4.84 63.69 -22.49
C TRP A 284 6.33 63.71 -22.85
N LEU A 285 7.15 63.81 -21.81
CA LEU A 285 8.63 63.72 -21.91
C LEU A 285 9.15 63.23 -20.57
N MET A 286 10.35 62.67 -20.55
CA MET A 286 10.97 62.18 -19.31
C MET A 286 11.76 63.35 -18.69
N THR A 287 11.20 63.94 -17.63
CA THR A 287 11.78 65.12 -16.94
C THR A 287 13.11 64.79 -16.26
N GLU A 288 13.31 63.53 -15.81
CA GLU A 288 14.58 63.11 -15.18
C GLU A 288 14.96 61.69 -15.65
N LEU A 289 16.18 61.54 -16.16
CA LEU A 289 16.89 60.26 -16.38
C LEU A 289 18.21 60.34 -15.61
N GLN A 290 18.78 59.20 -15.23
CA GLN A 290 20.04 59.19 -14.44
C GLN A 290 21.19 59.56 -15.37
N GLY A 291 21.85 60.69 -15.08
CA GLY A 291 22.95 61.21 -15.91
C GLY A 291 24.35 60.77 -15.47
N GLY A 292 24.47 60.16 -14.30
CA GLY A 292 25.80 59.95 -13.69
C GLY A 292 25.77 59.05 -12.47
N ASN A 293 26.86 59.13 -11.71
CA ASN A 293 27.35 58.10 -10.79
C ASN A 293 26.65 58.24 -9.46
N ASN A 294 26.29 57.10 -8.85
CA ASN A 294 25.95 57.05 -7.41
C ASN A 294 27.24 56.78 -6.64
N LEU A 295 27.53 57.65 -5.69
CA LEU A 295 28.61 57.41 -4.71
C LEU A 295 27.97 56.80 -3.46
N TYR A 296 27.28 57.63 -2.68
CA TYR A 296 26.50 57.27 -1.46
C TYR A 296 24.99 57.20 -1.77
N SER A 297 24.48 57.84 -2.84
CA SER A 297 23.02 57.95 -3.11
C SER A 297 22.51 56.71 -3.85
N GLY A 298 21.19 56.61 -4.00
CA GLY A 298 20.54 55.57 -4.78
C GLY A 298 20.27 54.31 -3.97
N ALA A 299 19.23 53.53 -4.31
CA ALA A 299 18.91 52.22 -3.70
C ALA A 299 19.66 51.14 -4.49
N ASN A 300 19.76 51.24 -5.80
CA ASN A 300 20.44 50.26 -6.68
C ASN A 300 21.55 50.99 -7.42
N PRO A 301 22.66 51.36 -6.74
CA PRO A 301 23.59 52.34 -7.29
C PRO A 301 24.27 51.86 -8.58
N LEU A 302 24.53 52.77 -9.49
CA LEU A 302 25.31 52.47 -10.72
C LEU A 302 25.92 53.77 -11.25
N CYS A 303 26.79 53.61 -12.23
CA CYS A 303 27.16 54.65 -13.16
C CYS A 303 26.69 54.16 -14.52
N PRO A 304 25.65 54.79 -15.10
CA PRO A 304 25.16 54.37 -16.41
C PRO A 304 26.33 54.30 -17.40
N THR A 305 26.35 53.27 -18.24
CA THR A 305 27.24 53.20 -19.42
C THR A 305 26.75 54.19 -20.48
N ALA A 306 27.67 54.58 -21.37
CA ALA A 306 27.34 55.26 -22.64
C ALA A 306 26.20 54.50 -23.35
N GLU A 307 26.32 53.19 -23.38
CA GLU A 307 25.35 52.31 -24.10
C GLU A 307 23.95 52.44 -23.49
N GLU A 308 23.85 52.53 -22.15
CA GLU A 308 22.58 52.67 -21.41
C GLU A 308 21.97 54.03 -21.69
N ILE A 309 22.78 55.09 -21.77
CA ILE A 309 22.27 56.46 -22.08
C ILE A 309 21.53 56.42 -23.44
N ILE A 310 22.13 55.78 -24.43
CA ILE A 310 21.60 55.68 -25.81
C ILE A 310 20.33 54.82 -25.76
N GLN A 311 20.39 53.67 -25.09
CA GLN A 311 19.23 52.77 -24.90
C GLN A 311 18.06 53.59 -24.34
N TRP A 312 18.27 54.35 -23.26
CA TRP A 312 17.14 54.99 -22.56
C TRP A 312 16.51 56.08 -23.45
N LEU A 313 17.33 56.86 -24.14
CA LEU A 313 16.84 57.99 -24.98
C LEU A 313 16.00 57.42 -26.12
N TRP A 314 16.49 56.38 -26.79
CA TRP A 314 15.75 55.78 -27.93
C TRP A 314 14.44 55.14 -27.44
N ILE A 315 14.44 54.41 -26.33
CA ILE A 315 13.21 53.78 -25.78
C ILE A 315 12.18 54.89 -25.55
N ASN A 316 12.59 56.00 -24.93
CA ASN A 316 11.63 57.09 -24.59
C ASN A 316 11.06 57.71 -25.88
N PHE A 317 11.92 58.06 -26.84
CA PHE A 317 11.52 58.70 -28.13
C PHE A 317 10.61 57.74 -28.88
N ALA A 318 10.92 56.45 -28.91
CA ALA A 318 10.11 55.40 -29.60
C ALA A 318 8.75 55.27 -28.93
N THR A 319 8.59 55.77 -27.70
CA THR A 319 7.35 55.70 -26.90
C THR A 319 6.75 57.11 -26.83
N GLU A 320 7.11 57.98 -27.78
CA GLU A 320 6.47 59.30 -28.06
C GLU A 320 7.00 60.41 -27.15
N ALA A 321 8.08 60.19 -26.40
CA ALA A 321 8.63 61.24 -25.53
C ALA A 321 9.02 62.44 -26.40
N LYS A 322 8.69 63.64 -25.96
CA LYS A 322 9.08 64.90 -26.62
C LYS A 322 10.38 65.41 -26.01
N GLY A 323 11.00 64.63 -25.11
CA GLY A 323 12.20 65.08 -24.40
C GLY A 323 12.76 64.04 -23.47
N GLY A 324 14.06 64.11 -23.23
CA GLY A 324 14.79 63.39 -22.18
C GLY A 324 15.72 64.37 -21.49
N ILE A 325 15.46 64.65 -20.22
CA ILE A 325 16.31 65.56 -19.39
C ILE A 325 17.05 64.70 -18.35
N PHE A 326 18.38 64.82 -18.32
CA PHE A 326 19.25 64.02 -17.39
C PHE A 326 19.40 64.80 -16.10
N TRP A 327 19.12 64.15 -14.98
CA TRP A 327 19.62 64.57 -13.65
C TRP A 327 20.99 63.92 -13.51
N SER A 328 22.07 64.69 -13.64
CA SER A 328 22.12 66.13 -13.77
C SER A 328 23.32 66.49 -14.65
N PHE A 329 23.33 67.70 -15.19
CA PHE A 329 24.48 68.11 -16.04
C PHE A 329 25.71 68.21 -15.15
N ASN A 330 25.58 69.05 -14.13
CA ASN A 330 26.63 69.33 -13.11
C ASN A 330 26.11 68.82 -11.78
N ALA A 331 27.00 68.66 -10.80
CA ALA A 331 26.69 68.04 -9.50
C ALA A 331 26.43 69.09 -8.43
N ARG A 332 25.63 68.73 -7.43
CA ARG A 332 25.54 69.44 -6.13
C ARG A 332 26.95 69.42 -5.53
N SER A 333 27.27 70.31 -4.61
CA SER A 333 28.65 70.41 -4.07
C SER A 333 28.72 69.97 -2.61
N THR A 334 27.62 70.03 -1.88
CA THR A 334 27.64 69.79 -0.41
C THR A 334 26.65 68.69 0.01
N ALA A 335 27.12 67.78 0.86
CA ALA A 335 26.30 66.77 1.58
C ALA A 335 25.61 65.85 0.56
N ALA A 336 24.30 65.65 0.65
CA ALA A 336 23.64 64.59 -0.14
C ALA A 336 23.91 64.85 -1.65
N GLU A 337 24.47 63.85 -2.30
CA GLU A 337 24.70 63.79 -3.77
C GLU A 337 25.81 64.76 -4.20
N ALA A 338 26.68 65.18 -3.27
CA ALA A 338 27.83 66.07 -3.64
C ALA A 338 28.71 65.31 -4.65
N GLY A 339 28.91 65.87 -5.84
CA GLY A 339 29.73 65.24 -6.90
C GLY A 339 29.11 63.96 -7.45
N GLU A 340 27.79 63.81 -7.29
CA GLU A 340 27.07 62.64 -7.81
C GLU A 340 26.12 63.08 -8.92
N TRP A 341 25.78 62.11 -9.80
CA TRP A 341 24.69 62.17 -10.81
C TRP A 341 25.12 62.92 -12.07
N ALA A 342 26.33 63.50 -12.13
CA ALA A 342 26.66 64.50 -13.17
C ALA A 342 27.11 63.81 -14.46
N MET A 343 26.72 64.42 -15.58
CA MET A 343 27.11 63.98 -16.94
C MET A 343 28.52 64.48 -17.21
N ILE A 344 28.90 65.61 -16.61
CA ILE A 344 30.26 66.19 -16.79
C ILE A 344 31.14 65.63 -15.67
N ASN A 345 32.44 65.54 -15.93
CA ASN A 345 33.43 65.03 -14.96
C ASN A 345 33.84 66.21 -14.04
N PHE A 346 34.79 65.99 -13.14
CA PHE A 346 35.11 66.99 -12.10
C PHE A 346 35.91 68.17 -12.68
N LYS A 347 36.35 68.06 -13.94
CA LYS A 347 37.00 69.17 -14.68
C LYS A 347 35.97 69.85 -15.58
N ASN A 348 34.68 69.54 -15.43
CA ASN A 348 33.59 70.18 -16.22
C ASN A 348 33.74 69.85 -17.70
N LYS A 349 34.37 68.72 -18.05
CA LYS A 349 34.41 68.19 -19.44
C LYS A 349 33.46 66.98 -19.55
N SER A 350 33.27 66.51 -20.77
CA SER A 350 32.30 65.43 -21.12
C SER A 350 32.74 64.07 -20.56
N SER A 351 31.87 63.39 -19.81
CA SER A 351 31.98 61.92 -19.60
C SER A 351 31.57 61.21 -20.90
N ASP A 352 31.82 59.90 -21.01
CA ASP A 352 31.33 59.10 -22.18
C ASP A 352 29.79 59.15 -22.21
N ARG A 353 29.15 59.49 -21.10
CA ARG A 353 27.68 59.59 -21.03
C ARG A 353 27.20 60.84 -21.78
N LEU A 354 27.87 61.97 -21.62
CA LEU A 354 27.50 63.22 -22.32
C LEU A 354 27.79 63.07 -23.81
N ILE A 355 28.92 62.46 -24.17
CA ILE A 355 29.29 62.17 -25.60
C ILE A 355 28.19 61.30 -26.21
N ALA A 356 27.70 60.28 -25.49
CA ALA A 356 26.60 59.41 -25.99
C ALA A 356 25.33 60.24 -26.18
N ALA A 357 24.92 60.99 -25.16
CA ALA A 357 23.71 61.85 -25.24
C ALA A 357 23.83 62.81 -26.43
N ALA A 358 25.02 63.35 -26.67
CA ALA A 358 25.28 64.32 -27.76
C ALA A 358 24.99 63.65 -29.10
N THR A 359 25.35 62.37 -29.31
CA THR A 359 25.05 61.66 -30.59
C THR A 359 23.53 61.69 -30.82
N ILE A 360 22.72 61.65 -29.78
CA ILE A 360 21.24 61.60 -29.98
C ILE A 360 20.69 62.99 -30.31
N GLY A 361 21.15 64.04 -29.62
CA GLY A 361 20.79 65.43 -29.95
C GLY A 361 21.10 65.74 -31.41
N LYS A 362 22.25 65.24 -31.89
CA LYS A 362 22.75 65.43 -33.29
C LYS A 362 21.83 64.66 -34.22
N PHE A 363 21.52 63.39 -33.91
CA PHE A 363 20.62 62.59 -34.76
C PHE A 363 19.29 63.33 -34.93
N ILE A 364 18.75 63.91 -33.85
CA ILE A 364 17.45 64.64 -33.95
C ILE A 364 17.59 65.78 -34.98
N THR A 365 18.60 66.65 -34.87
CA THR A 365 18.70 67.89 -35.71
C THR A 365 18.92 67.48 -37.18
N GLU A 366 19.46 66.28 -37.43
CA GLU A 366 19.68 65.71 -38.80
C GLU A 366 18.45 64.93 -39.29
N ASN A 367 17.45 64.66 -38.46
CA ASN A 367 16.24 63.88 -38.87
C ASN A 367 15.00 64.53 -38.28
N VAL A 368 14.86 65.85 -38.43
CA VAL A 368 13.86 66.68 -37.66
C VAL A 368 12.45 66.13 -37.93
N LYS A 369 12.14 65.82 -39.18
CA LYS A 369 10.74 65.52 -39.56
C LYS A 369 10.35 64.17 -38.97
N MET A 370 11.19 63.14 -39.18
CA MET A 370 11.00 61.79 -38.58
C MET A 370 10.79 61.93 -37.06
N MET A 371 11.72 62.56 -36.37
CA MET A 371 11.75 62.57 -34.89
C MET A 371 10.62 63.45 -34.31
N SER A 372 10.06 64.39 -35.07
CA SER A 372 9.03 65.33 -34.55
C SER A 372 7.63 64.71 -34.60
N ASN A 373 7.42 63.58 -35.30
CA ASN A 373 6.07 63.06 -35.58
C ASN A 373 5.94 61.59 -35.12
N ILE A 374 6.79 61.14 -34.20
CA ILE A 374 6.79 59.71 -33.76
C ILE A 374 5.43 59.38 -33.14
N LYS A 375 4.86 58.28 -33.57
CA LYS A 375 3.63 57.67 -33.00
C LYS A 375 3.95 56.19 -32.81
N THR A 376 3.83 55.69 -31.57
CA THR A 376 4.17 54.30 -31.25
C THR A 376 3.23 53.44 -32.08
N LEU A 377 3.75 52.36 -32.68
CA LEU A 377 2.92 51.34 -33.33
C LEU A 377 2.31 50.46 -32.24
N ASN A 378 1.08 50.79 -31.84
CA ASN A 378 0.27 50.02 -30.86
C ASN A 378 -0.01 48.66 -31.51
N SER A 379 0.45 47.59 -30.93
CA SER A 379 0.14 46.20 -31.36
C SER A 379 -1.35 45.92 -31.19
N GLY A 380 -2.04 46.69 -30.34
CA GLY A 380 -3.39 46.35 -29.84
C GLY A 380 -3.40 45.56 -28.53
N ILE A 381 -2.22 45.15 -28.02
CA ILE A 381 -2.07 44.55 -26.66
C ILE A 381 -1.98 45.65 -25.62
N SER A 382 -2.88 45.63 -24.65
CA SER A 382 -2.90 46.56 -23.49
C SER A 382 -2.80 45.73 -22.22
N ILE A 383 -1.72 45.94 -21.45
CA ILE A 383 -1.51 45.33 -20.10
C ILE A 383 -2.08 46.33 -19.10
N LEU A 384 -3.12 45.98 -18.35
CA LEU A 384 -3.79 46.95 -17.48
C LEU A 384 -3.47 46.66 -16.02
N TYR A 385 -3.26 47.73 -15.25
CA TYR A 385 -3.09 47.69 -13.78
C TYR A 385 -4.19 48.56 -13.24
N ASN A 386 -4.58 48.41 -11.97
CA ASN A 386 -5.50 49.41 -11.38
C ASN A 386 -5.06 49.79 -9.97
N HIS A 387 -5.34 51.03 -9.60
CA HIS A 387 -5.12 51.54 -8.22
C HIS A 387 -5.62 50.49 -7.21
N GLU A 388 -6.82 49.97 -7.44
CA GLU A 388 -7.55 49.26 -6.37
C GLU A 388 -6.88 47.91 -6.10
N SER A 389 -6.30 47.26 -7.11
CA SER A 389 -5.55 45.98 -6.93
C SER A 389 -4.34 46.23 -5.98
N MET A 390 -3.68 47.39 -6.15
CA MET A 390 -2.50 47.77 -5.32
C MET A 390 -2.99 48.07 -3.89
N TRP A 391 -4.13 48.71 -3.74
CA TRP A 391 -4.70 49.08 -2.42
C TRP A 391 -5.18 47.85 -1.68
N VAL A 392 -5.82 46.93 -2.37
CA VAL A 392 -6.29 45.67 -1.72
C VAL A 392 -5.05 44.85 -1.33
N GLU A 393 -4.08 44.75 -2.22
CA GLU A 393 -2.82 44.00 -1.94
C GLU A 393 -2.18 44.55 -0.66
N ALA A 394 -2.15 45.87 -0.48
CA ALA A 394 -1.50 46.51 0.68
C ALA A 394 -2.23 46.10 1.95
N ALA A 395 -3.57 46.04 1.95
CA ALA A 395 -4.33 45.63 3.15
C ALA A 395 -4.12 44.13 3.41
N GLN A 396 -4.08 43.28 2.38
CA GLN A 396 -4.03 41.80 2.57
C GLN A 396 -2.62 41.32 2.96
N THR A 397 -1.56 41.91 2.44
CA THR A 397 -0.18 41.43 2.68
C THR A 397 0.33 42.12 3.96
N ARG A 398 -0.45 43.08 4.50
CA ARG A 398 -0.18 43.94 5.69
C ARG A 398 1.24 44.53 5.56
N GLY A 399 1.74 44.73 4.33
CA GLY A 399 2.97 45.48 4.04
C GLY A 399 4.27 44.69 4.08
N LYS A 400 4.26 43.33 3.98
CA LYS A 400 5.49 42.50 3.73
C LYS A 400 6.17 42.95 2.41
N LEU A 401 7.50 42.84 2.22
CA LEU A 401 8.21 43.68 1.17
C LEU A 401 8.78 42.96 -0.07
N ASN A 402 9.77 42.06 0.04
CA ASN A 402 10.04 41.06 -1.03
C ASN A 402 9.94 41.71 -2.43
N ASN A 404 7.25 38.95 -4.56
CA ASN A 404 6.60 37.71 -4.04
C ASN A 404 5.08 37.94 -3.91
N GLY A 405 4.25 36.94 -4.20
CA GLY A 405 2.79 37.12 -4.25
C GLY A 405 2.23 37.60 -2.91
N ARG A 406 2.85 37.24 -1.80
CA ARG A 406 2.41 37.58 -0.43
C ARG A 406 3.08 38.88 0.03
N SER A 407 3.56 39.72 -0.89
CA SER A 407 4.18 41.01 -0.52
C SER A 407 3.68 42.15 -1.41
N ILE A 408 3.91 43.38 -0.98
CA ILE A 408 3.69 44.62 -1.75
C ILE A 408 4.46 44.47 -3.06
N GLY A 409 3.76 44.66 -4.19
CA GLY A 409 4.38 44.80 -5.52
C GLY A 409 4.10 43.66 -6.47
N ALA A 410 3.53 42.56 -6.02
CA ALA A 410 3.18 41.44 -6.91
C ALA A 410 2.18 41.93 -7.98
N VAL A 411 1.27 42.81 -7.61
CA VAL A 411 0.22 43.36 -8.53
C VAL A 411 0.85 44.21 -9.64
N MET A 412 2.09 44.68 -9.46
CA MET A 412 2.83 45.38 -10.53
C MET A 412 3.83 44.43 -11.16
N CYS A 413 4.52 43.57 -10.40
CA CYS A 413 5.53 42.65 -10.99
C CYS A 413 4.84 41.66 -11.92
N SER A 414 3.59 41.26 -11.66
CA SER A 414 2.85 40.31 -12.57
C SER A 414 2.68 40.94 -13.95
N PRO A 415 2.01 42.09 -14.11
CA PRO A 415 1.84 42.67 -15.44
C PRO A 415 3.18 43.08 -16.06
N LEU A 416 4.17 43.47 -15.26
CA LEU A 416 5.53 43.79 -15.77
C LEU A 416 6.18 42.54 -16.35
N SER A 417 5.85 41.36 -15.82
CA SER A 417 6.41 40.10 -16.34
C SER A 417 5.82 39.83 -17.73
N TYR A 418 4.52 40.02 -17.88
CA TYR A 418 3.90 39.89 -19.22
C TYR A 418 4.57 40.86 -20.16
N PHE A 419 4.79 42.08 -19.68
CA PHE A 419 5.42 43.15 -20.47
C PHE A 419 6.79 42.68 -20.97
N GLU A 420 7.57 42.11 -20.07
CA GLU A 420 8.93 41.63 -20.41
C GLU A 420 8.83 40.49 -21.43
N ALA A 421 7.91 39.53 -21.22
CA ALA A 421 7.70 38.38 -22.13
C ALA A 421 7.43 38.90 -23.55
N LEU A 422 6.60 39.95 -23.68
CA LEU A 422 6.22 40.53 -25.00
C LEU A 422 7.42 41.26 -25.59
N SER A 423 8.18 42.00 -24.76
CA SER A 423 9.40 42.69 -25.20
C SER A 423 10.38 41.69 -25.80
N GLU A 424 10.54 40.54 -25.16
CA GLU A 424 11.49 39.49 -25.62
C GLU A 424 10.90 38.76 -26.83
N THR A 425 9.68 39.12 -27.25
CA THR A 425 9.06 38.61 -28.50
C THR A 425 9.07 39.73 -29.57
N GLY A 426 9.53 40.93 -29.21
CA GLY A 426 9.62 42.10 -30.11
C GLY A 426 8.27 42.75 -30.37
N LEU A 427 7.33 42.56 -29.45
CA LEU A 427 5.95 43.10 -29.53
C LEU A 427 5.81 44.28 -28.54
N GLN A 428 5.37 45.42 -29.03
CA GLN A 428 4.89 46.56 -28.22
C GLN A 428 3.72 46.06 -27.36
N ALA A 429 3.57 46.65 -26.20
CA ALA A 429 2.37 46.50 -25.35
C ALA A 429 2.15 47.82 -24.61
N ASN A 430 0.91 48.25 -24.55
CA ASN A 430 0.59 49.40 -23.67
C ASN A 430 0.68 48.88 -22.24
N PHE A 431 0.91 49.81 -21.32
CA PHE A 431 0.86 49.60 -19.87
C PHE A 431 0.07 50.76 -19.29
N LYS A 432 -1.15 50.46 -18.86
CA LYS A 432 -2.18 51.49 -18.61
C LYS A 432 -2.94 51.20 -17.33
N GLU A 433 -3.27 52.26 -16.60
CA GLU A 433 -4.30 52.19 -15.54
C GLU A 433 -5.64 51.92 -16.25
N ILE A 434 -6.50 51.09 -15.65
CA ILE A 434 -7.74 50.58 -16.28
C ILE A 434 -8.64 51.77 -16.74
N LYS A 435 -8.69 52.87 -15.98
CA LYS A 435 -9.47 54.09 -16.31
C LYS A 435 -8.90 54.81 -17.53
N GLU A 436 -7.68 54.49 -17.96
CA GLU A 436 -7.04 55.12 -19.15
C GLU A 436 -7.40 54.31 -20.39
N PHE A 437 -7.94 53.11 -20.22
CA PHE A 437 -8.34 52.26 -21.36
C PHE A 437 -9.71 52.75 -21.88
N ASP A 438 -9.83 52.88 -23.19
CA ASP A 438 -11.08 53.36 -23.84
C ASP A 438 -12.03 52.17 -24.01
N PHE A 439 -13.04 52.06 -23.15
CA PHE A 439 -14.04 50.95 -23.17
C PHE A 439 -15.30 51.33 -23.97
N SER A 440 -15.32 52.48 -24.64
CA SER A 440 -16.53 53.03 -25.33
C SER A 440 -16.63 52.59 -26.80
N LEU A 441 -15.67 51.88 -27.39
CA LEU A 441 -15.68 51.53 -28.85
C LEU A 441 -16.69 50.41 -29.13
N ASN A 442 -17.09 50.28 -30.40
CA ASN A 442 -18.12 49.34 -30.91
C ASN A 442 -17.45 48.06 -31.42
N ASP A 443 -16.16 48.12 -31.69
CA ASP A 443 -15.38 46.97 -32.20
C ASP A 443 -14.04 46.89 -31.43
N TYR A 444 -13.65 45.70 -31.02
CA TYR A 444 -12.38 45.37 -30.31
C TYR A 444 -11.78 44.12 -30.94
N THR A 445 -12.19 43.79 -32.16
CA THR A 445 -11.58 42.68 -32.95
C THR A 445 -10.08 42.97 -32.93
N ASP A 446 -9.25 41.96 -32.75
CA ASP A 446 -7.78 42.19 -32.82
C ASP A 446 -7.25 43.21 -31.74
N GLN A 447 -7.98 43.51 -30.67
CA GLN A 447 -7.42 44.14 -29.43
C GLN A 447 -7.32 43.06 -28.34
N VAL A 448 -6.32 43.17 -27.46
CA VAL A 448 -6.03 42.18 -26.36
C VAL A 448 -5.82 42.96 -25.06
N ILE A 449 -6.55 42.58 -24.02
CA ILE A 449 -6.31 43.04 -22.63
C ILE A 449 -5.69 41.88 -21.85
N ILE A 450 -4.57 42.16 -21.18
CA ILE A 450 -3.96 41.24 -20.19
C ILE A 450 -4.23 41.82 -18.81
N LEU A 451 -4.93 41.03 -17.98
CA LEU A 451 -5.15 41.29 -16.55
C LEU A 451 -4.39 40.22 -15.75
N SER A 452 -3.16 40.56 -15.35
CA SER A 452 -2.23 39.61 -14.69
C SER A 452 -2.22 39.95 -13.21
N HIS A 453 -2.87 39.15 -12.39
CA HIS A 453 -2.91 39.32 -10.93
C HIS A 453 -3.42 40.72 -10.58
N GLN A 454 -4.42 41.21 -11.29
CA GLN A 454 -5.16 42.41 -10.88
C GLN A 454 -6.26 41.98 -9.93
N ILE A 455 -5.92 41.88 -8.66
CA ILE A 455 -6.73 41.07 -7.69
C ILE A 455 -8.06 41.77 -7.38
N ALA A 456 -8.19 43.07 -7.66
CA ALA A 456 -9.42 43.86 -7.39
C ALA A 456 -10.06 44.33 -8.71
N LEU A 457 -11.30 43.89 -8.97
CA LEU A 457 -12.19 44.34 -10.08
C LEU A 457 -13.60 44.52 -9.52
N ASP A 458 -14.25 45.62 -9.83
CA ASP A 458 -15.66 45.85 -9.40
C ASP A 458 -16.64 45.52 -10.54
N ASN A 459 -17.93 45.55 -10.21
CA ASN A 459 -19.06 45.30 -11.14
C ASN A 459 -18.92 46.15 -12.41
N LYS A 460 -18.74 47.44 -12.23
CA LYS A 460 -18.64 48.44 -13.32
C LYS A 460 -17.53 48.02 -14.31
N VAL A 461 -16.35 47.65 -13.84
CA VAL A 461 -15.22 47.28 -14.73
C VAL A 461 -15.51 45.93 -15.38
N ILE A 462 -16.12 44.98 -14.66
CA ILE A 462 -16.46 43.67 -15.25
C ILE A 462 -17.46 43.87 -16.41
N LYS A 463 -18.44 44.77 -16.26
CA LYS A 463 -19.38 45.11 -17.38
C LYS A 463 -18.54 45.60 -18.57
N GLN A 464 -17.60 46.51 -18.31
CA GLN A 464 -16.74 47.08 -19.39
C GLN A 464 -15.96 45.94 -20.05
N LEU A 465 -15.48 44.97 -19.29
CA LEU A 465 -14.72 43.82 -19.87
C LEU A 465 -15.66 42.91 -20.67
N GLU A 466 -16.87 42.67 -20.19
CA GLU A 466 -17.91 41.84 -20.90
C GLU A 466 -18.15 42.47 -22.28
N SER A 467 -18.36 43.81 -22.29
CA SER A 467 -18.57 44.60 -23.51
C SER A 467 -17.38 44.42 -24.45
N PHE A 468 -16.15 44.57 -23.92
CA PHE A 468 -14.90 44.47 -24.70
C PHE A 468 -14.81 43.10 -25.37
N VAL A 469 -15.07 42.03 -24.63
CA VAL A 469 -14.93 40.65 -25.21
C VAL A 469 -16.06 40.39 -26.22
N GLU A 470 -17.31 40.73 -25.88
CA GLU A 470 -18.51 40.51 -26.75
C GLU A 470 -18.19 41.08 -28.15
N LYS A 471 -17.60 42.28 -28.16
CA LYS A 471 -17.31 43.06 -29.37
C LYS A 471 -15.99 42.63 -30.02
N GLY A 472 -15.47 41.46 -29.70
CA GLY A 472 -14.31 40.86 -30.40
C GLY A 472 -13.00 40.85 -29.60
N GLY A 473 -12.94 41.48 -28.43
CA GLY A 473 -11.71 41.56 -27.59
C GLY A 473 -11.23 40.18 -27.14
N THR A 474 -9.90 39.98 -27.06
CA THR A 474 -9.27 38.84 -26.35
C THR A 474 -8.88 39.27 -24.92
N LEU A 475 -9.36 38.54 -23.90
CA LEU A 475 -8.99 38.80 -22.49
C LEU A 475 -8.14 37.64 -21.97
N ILE A 476 -6.91 37.96 -21.52
CA ILE A 476 -5.99 36.99 -20.87
C ILE A 476 -5.92 37.36 -19.38
N ALA A 477 -6.23 36.43 -18.51
CA ALA A 477 -6.30 36.68 -17.05
C ALA A 477 -5.55 35.54 -16.35
N ASP A 478 -4.59 35.89 -15.50
CA ASP A 478 -3.79 34.92 -14.69
C ASP A 478 -3.68 35.42 -13.26
N GLY A 479 -3.14 34.58 -12.40
CA GLY A 479 -3.02 34.89 -10.96
C GLY A 479 -4.41 35.10 -10.37
N LEU A 480 -4.52 35.91 -9.32
CA LEU A 480 -5.77 36.05 -8.56
C LEU A 480 -6.59 37.20 -9.16
N THR A 481 -6.46 37.50 -10.45
CA THR A 481 -7.30 38.56 -11.08
C THR A 481 -8.78 38.31 -10.70
N GLY A 482 -9.45 39.32 -10.21
CA GLY A 482 -10.90 39.27 -9.91
C GLY A 482 -11.27 38.62 -8.59
N TYR A 483 -10.30 38.26 -7.73
CA TYR A 483 -10.59 37.56 -6.47
C TYR A 483 -11.38 38.48 -5.53
N TYR A 484 -11.06 39.75 -5.53
CA TYR A 484 -11.70 40.77 -4.67
C TYR A 484 -12.41 41.79 -5.57
N ASP A 485 -13.32 42.54 -4.99
CA ASP A 485 -13.90 43.77 -5.58
C ASP A 485 -13.14 44.96 -4.98
N TYR A 486 -13.60 46.18 -5.23
CA TYR A 486 -12.91 47.44 -4.85
C TYR A 486 -13.09 47.69 -3.36
N GLN A 487 -13.88 46.86 -2.67
CA GLN A 487 -14.08 46.96 -1.20
C GLN A 487 -13.40 45.77 -0.47
N ALA A 488 -12.51 45.06 -1.15
CA ALA A 488 -11.77 43.90 -0.62
C ALA A 488 -12.75 42.79 -0.24
N HIS A 489 -13.97 42.83 -0.79
CA HIS A 489 -14.97 41.74 -0.67
C HIS A 489 -14.70 40.73 -1.78
N SER A 490 -14.57 39.44 -1.47
CA SER A 490 -14.28 38.39 -2.46
C SER A 490 -15.59 37.82 -3.00
N THR A 491 -15.90 38.08 -4.27
CA THR A 491 -17.12 37.52 -4.91
C THR A 491 -16.80 36.07 -5.20
N VAL A 492 -15.52 35.66 -5.14
CA VAL A 492 -15.16 34.22 -5.24
C VAL A 492 -15.87 33.49 -4.10
N VAL A 493 -16.05 34.15 -2.96
CA VAL A 493 -16.75 33.55 -1.77
C VAL A 493 -18.26 33.76 -1.91
N SER A 494 -18.71 35.00 -2.14
CA SER A 494 -20.14 35.41 -2.04
C SER A 494 -20.93 35.06 -3.31
N GLY A 495 -20.28 34.84 -4.48
CA GLY A 495 -20.94 34.65 -5.79
C GLY A 495 -20.19 35.34 -6.90
N PHE A 496 -19.43 34.58 -7.70
CA PHE A 496 -18.27 35.08 -8.50
C PHE A 496 -18.74 36.02 -9.61
N ALA A 497 -18.31 37.29 -9.60
CA ALA A 497 -18.83 38.33 -10.51
C ALA A 497 -18.31 38.13 -11.93
N LEU A 498 -17.23 37.37 -12.12
CA LEU A 498 -16.68 37.06 -13.46
C LEU A 498 -17.16 35.67 -13.96
N GLU A 499 -18.12 35.03 -13.28
CA GLU A 499 -18.58 33.69 -13.77
C GLU A 499 -19.10 33.79 -15.22
N ASN A 500 -19.94 34.79 -15.48
CA ASN A 500 -20.57 35.03 -16.81
C ASN A 500 -19.44 35.19 -17.84
N LEU A 501 -18.48 36.09 -17.59
CA LEU A 501 -17.43 36.36 -18.62
C LEU A 501 -16.49 35.17 -18.79
N PHE A 502 -16.15 34.47 -17.70
CA PHE A 502 -15.11 33.42 -17.72
C PHE A 502 -15.73 32.07 -18.10
N GLY A 503 -17.07 31.97 -18.04
CA GLY A 503 -17.80 30.73 -18.29
C GLY A 503 -17.34 29.61 -17.35
N SER A 504 -16.99 29.96 -16.13
CA SER A 504 -16.28 29.06 -15.19
C SER A 504 -16.23 29.71 -13.81
N TYR A 505 -15.86 28.92 -12.82
CA TYR A 505 -15.99 29.24 -11.37
C TYR A 505 -14.76 28.70 -10.66
N PRO A 506 -14.10 29.47 -9.75
CA PRO A 506 -12.99 28.94 -8.98
C PRO A 506 -13.46 27.84 -8.02
N ILE A 507 -12.64 26.82 -7.82
CA ILE A 507 -12.93 25.73 -6.86
C ILE A 507 -12.04 25.94 -5.61
N GLU A 508 -10.72 25.88 -5.80
CA GLU A 508 -9.72 26.03 -4.69
C GLU A 508 -8.48 26.81 -5.15
N TYR A 509 -7.86 27.53 -4.22
CA TYR A 509 -6.39 27.82 -4.24
C TYR A 509 -5.72 26.93 -3.19
N LYS A 510 -4.57 26.37 -3.59
CA LYS A 510 -3.67 25.68 -2.66
C LYS A 510 -2.29 26.32 -2.78
N ILE A 511 -1.80 26.86 -1.69
CA ILE A 511 -0.41 27.38 -1.61
C ILE A 511 0.57 26.23 -1.86
N LYS A 512 1.61 26.50 -2.65
CA LYS A 512 2.72 25.58 -3.05
C LYS A 512 4.06 26.24 -2.72
N GLU A 513 5.18 25.74 -3.23
CA GLU A 513 6.48 26.47 -3.17
C GLU A 513 6.41 27.76 -4.03
N ASN A 514 7.40 28.64 -3.83
CA ASN A 514 7.66 29.86 -4.63
C ASN A 514 7.60 29.59 -6.13
N LEU A 515 8.14 28.43 -6.54
CA LEU A 515 8.18 28.03 -7.95
C LEU A 515 7.65 26.60 -8.04
N PHE A 516 6.64 26.35 -8.87
CA PHE A 516 6.15 24.97 -9.14
C PHE A 516 5.77 24.93 -10.61
N SER A 517 5.50 23.72 -11.10
CA SER A 517 5.16 23.44 -12.51
C SER A 517 3.66 23.10 -12.63
N LEU A 518 2.95 23.79 -13.51
CA LEU A 518 1.63 23.34 -14.05
C LEU A 518 1.91 22.39 -15.21
N ASP A 519 1.65 21.09 -15.01
CA ASP A 519 1.90 20.03 -16.01
C ASP A 519 0.56 19.74 -16.72
N PHE A 520 0.36 20.26 -17.93
CA PHE A 520 -0.91 20.08 -18.68
C PHE A 520 -1.00 18.60 -19.12
N GLU A 521 -2.23 18.10 -19.28
CA GLU A 521 -2.61 16.72 -19.71
C GLU A 521 -2.04 16.43 -21.11
N LYS A 522 -2.33 17.31 -22.07
CA LYS A 522 -1.95 17.10 -23.49
C LYS A 522 -0.52 17.59 -23.67
N ASP A 523 0.27 16.89 -24.51
CA ASP A 523 1.51 17.37 -25.17
C ASP A 523 2.68 17.48 -24.16
N ASN A 524 2.49 16.93 -22.94
CA ASN A 524 3.50 16.89 -21.85
C ASN A 524 4.06 18.30 -21.53
N TYR A 525 3.19 19.31 -21.48
CA TYR A 525 3.52 20.76 -21.60
C TYR A 525 3.50 21.38 -20.22
N LYS A 526 4.35 22.36 -19.97
CA LYS A 526 4.78 22.79 -18.60
C LYS A 526 4.85 24.33 -18.52
N LEU A 527 4.10 24.94 -17.58
CA LEU A 527 4.23 26.38 -17.22
C LEU A 527 4.84 26.54 -15.83
N PRO A 528 5.91 27.33 -15.66
CA PRO A 528 6.31 27.79 -14.34
C PRO A 528 5.19 28.63 -13.73
N ALA A 529 4.93 28.42 -12.44
CA ALA A 529 3.85 29.09 -11.65
C ALA A 529 4.39 29.46 -10.28
N HIS A 530 3.90 30.55 -9.73
CA HIS A 530 4.39 31.12 -8.45
C HIS A 530 3.33 30.93 -7.38
N LEU A 531 3.67 30.20 -6.32
CA LEU A 531 3.06 30.29 -4.96
C LEU A 531 1.70 29.60 -4.82
N TRP A 532 0.71 29.89 -5.68
CA TRP A 532 -0.67 29.34 -5.51
C TRP A 532 -1.14 28.58 -6.74
N LYS A 533 -1.65 27.36 -6.56
CA LYS A 533 -2.27 26.57 -7.66
C LYS A 533 -3.80 26.77 -7.60
N GLY A 534 -4.35 27.37 -8.64
CA GLY A 534 -5.79 27.61 -8.77
C GLY A 534 -6.43 26.48 -9.55
N THR A 535 -7.55 25.96 -9.05
CA THR A 535 -8.39 24.99 -9.79
C THR A 535 -9.78 25.61 -9.99
N ILE A 536 -10.46 25.19 -11.07
CA ILE A 536 -11.76 25.80 -11.50
C ILE A 536 -12.71 24.67 -11.91
N GLU A 537 -13.96 25.03 -12.10
CA GLU A 537 -15.03 24.22 -12.74
C GLU A 537 -15.60 25.05 -13.90
N THR A 538 -15.66 24.47 -15.10
CA THR A 538 -16.23 25.14 -16.31
C THR A 538 -17.73 24.87 -16.37
N SER A 539 -18.52 25.87 -16.75
CA SER A 539 -19.91 25.69 -17.27
C SER A 539 -19.83 25.88 -18.79
N LYS A 540 -19.79 27.11 -19.30
CA LYS A 540 -19.76 27.38 -20.76
C LYS A 540 -18.34 27.25 -21.34
N ALA A 541 -17.28 27.44 -20.58
CA ALA A 541 -15.89 27.50 -21.12
C ALA A 541 -15.42 26.08 -21.42
N THR A 542 -14.45 25.93 -22.30
CA THR A 542 -13.77 24.62 -22.52
C THR A 542 -12.70 24.44 -21.44
N PRO A 543 -12.78 23.40 -20.60
CA PRO A 543 -11.77 23.16 -19.57
C PRO A 543 -10.41 22.75 -20.15
N ILE A 544 -9.32 23.15 -19.50
CA ILE A 544 -7.96 22.60 -19.74
C ILE A 544 -7.49 21.90 -18.45
N MET A 545 -7.11 20.62 -18.55
CA MET A 545 -6.81 19.73 -17.42
C MET A 545 -5.28 19.57 -17.24
N ASP A 546 -4.82 19.29 -16.01
CA ASP A 546 -3.40 18.96 -15.72
C ASP A 546 -3.28 17.45 -15.58
N LYS A 547 -2.05 16.94 -15.40
CA LYS A 547 -1.74 15.49 -15.31
C LYS A 547 -2.30 14.90 -14.03
N GLU A 548 -2.84 15.69 -13.11
CA GLU A 548 -3.44 15.13 -11.87
C GLU A 548 -4.95 15.07 -12.03
N GLY A 549 -5.48 15.42 -13.22
CA GLY A 549 -6.92 15.42 -13.52
C GLY A 549 -7.67 16.55 -12.83
N GLU A 550 -6.99 17.67 -12.55
CA GLU A 550 -7.67 18.88 -12.03
C GLU A 550 -7.75 19.88 -13.16
N CYS A 551 -8.76 20.72 -13.15
CA CYS A 551 -8.95 21.79 -14.16
C CYS A 551 -8.23 23.09 -13.75
N ILE A 552 -7.20 23.50 -14.49
CA ILE A 552 -6.28 24.62 -14.12
C ILE A 552 -6.45 25.85 -15.03
N ALA A 553 -7.21 25.74 -16.11
CA ALA A 553 -7.42 26.86 -17.05
C ALA A 553 -8.61 26.58 -17.96
N CYS A 554 -9.06 27.60 -18.68
CA CYS A 554 -10.20 27.45 -19.63
C CYS A 554 -10.17 28.55 -20.68
N ILE A 555 -10.80 28.27 -21.82
CA ILE A 555 -11.06 29.23 -22.91
C ILE A 555 -12.56 29.36 -23.06
N ASN A 556 -13.05 30.57 -22.91
CA ASN A 556 -14.49 30.88 -23.03
C ASN A 556 -14.66 31.71 -24.30
N GLN A 557 -15.43 31.19 -25.26
CA GLN A 557 -15.88 31.98 -26.43
C GLN A 557 -17.04 32.85 -25.95
N TYR A 558 -16.97 34.17 -26.10
CA TYR A 558 -18.01 35.06 -25.54
C TYR A 558 -18.28 36.17 -26.55
N GLY A 559 -19.48 36.11 -27.18
CA GLY A 559 -19.79 36.90 -28.38
C GLY A 559 -18.69 36.68 -29.42
N LYS A 560 -18.12 37.75 -29.95
CA LYS A 560 -17.09 37.64 -31.02
C LYS A 560 -15.70 37.38 -30.38
N GLY A 561 -15.54 37.59 -29.07
CA GLY A 561 -14.23 37.55 -28.41
C GLY A 561 -13.99 36.23 -27.72
N LYS A 562 -12.84 36.10 -27.07
CA LYS A 562 -12.51 34.93 -26.21
C LYS A 562 -11.80 35.41 -24.94
N VAL A 563 -11.86 34.54 -23.93
CA VAL A 563 -11.24 34.72 -22.60
C VAL A 563 -10.36 33.50 -22.38
N PHE A 564 -9.11 33.74 -22.00
CA PHE A 564 -8.20 32.71 -21.48
C PHE A 564 -7.99 33.02 -20.02
N TRP A 565 -8.35 32.08 -19.16
CA TRP A 565 -8.25 32.24 -17.68
C TRP A 565 -7.41 31.10 -17.15
N ILE A 566 -6.34 31.46 -16.44
CA ILE A 566 -5.49 30.50 -15.69
C ILE A 566 -5.23 31.09 -14.30
N PRO A 567 -5.99 30.67 -13.27
CA PRO A 567 -5.94 31.33 -11.97
C PRO A 567 -4.68 31.07 -11.13
N SER A 568 -3.71 30.30 -11.61
CA SER A 568 -2.33 30.28 -11.02
C SER A 568 -1.51 31.43 -11.56
N PRO A 569 -0.58 32.02 -10.77
CA PRO A 569 0.24 33.11 -11.27
C PRO A 569 1.37 32.63 -12.19
N ILE A 570 1.16 32.65 -13.49
CA ILE A 570 2.17 32.12 -14.45
C ILE A 570 3.09 33.27 -14.87
N ALA A 571 2.62 34.51 -14.82
CA ALA A 571 3.48 35.67 -15.09
C ALA A 571 4.54 35.72 -13.98
N LEU A 572 4.11 35.67 -12.73
CA LEU A 572 5.05 35.67 -11.57
C LEU A 572 5.89 34.39 -11.62
N GLY A 573 5.37 33.29 -12.15
CA GLY A 573 6.14 32.04 -12.25
C GLY A 573 7.30 32.20 -13.23
N ALA A 574 7.04 32.84 -14.39
CA ALA A 574 8.10 33.22 -15.35
C ALA A 574 9.12 34.10 -14.61
N ARG A 575 8.68 35.11 -13.88
CA ARG A 575 9.60 36.06 -13.17
C ARG A 575 10.47 35.29 -12.16
N GLU A 576 9.85 34.47 -11.32
CA GLU A 576 10.55 33.63 -10.32
C GLU A 576 11.53 32.70 -11.02
N SER A 577 11.21 32.17 -12.19
CA SER A 577 12.12 31.21 -12.86
C SER A 577 13.12 31.98 -13.74
N LYS A 578 13.01 33.31 -13.87
CA LYS A 578 13.89 34.16 -14.70
C LYS A 578 13.90 33.65 -16.13
N ASP A 579 12.75 33.18 -16.62
CA ASP A 579 12.62 32.59 -17.98
C ASP A 579 11.23 32.95 -18.50
N PHE A 580 11.14 33.86 -19.47
CA PHE A 580 9.85 34.34 -20.03
C PHE A 580 9.48 33.58 -21.32
N SER A 581 10.23 32.54 -21.69
CA SER A 581 10.09 31.87 -23.01
C SER A 581 8.70 31.20 -23.08
N GLU A 582 8.29 30.46 -22.05
CA GLU A 582 6.99 29.77 -22.06
C GLU A 582 5.86 30.79 -22.04
N LEU A 583 5.96 31.85 -21.23
CA LEU A 583 4.90 32.89 -21.20
C LEU A 583 4.78 33.54 -22.58
N SER A 584 5.91 33.78 -23.25
CA SER A 584 5.99 34.32 -24.64
C SER A 584 5.18 33.42 -25.58
N LYS A 585 5.57 32.15 -25.69
CA LYS A 585 4.95 31.16 -26.59
C LYS A 585 3.44 31.11 -26.31
N LEU A 586 3.01 31.02 -25.05
CA LEU A 586 1.58 30.90 -24.70
C LEU A 586 0.85 32.16 -25.16
N THR A 587 1.36 33.34 -24.83
CA THR A 587 0.69 34.63 -25.15
C THR A 587 0.55 34.75 -26.69
N VAL A 588 1.61 34.44 -27.44
CA VAL A 588 1.66 34.50 -28.93
C VAL A 588 0.51 33.63 -29.49
N SER A 589 0.42 32.38 -29.02
CA SER A 589 -0.62 31.40 -29.42
C SER A 589 -2.03 31.95 -29.17
N LEU A 590 -2.22 32.95 -28.29
CA LEU A 590 -3.58 33.45 -27.92
C LEU A 590 -3.87 34.76 -28.66
N LEU A 591 -2.92 35.30 -29.39
CA LEU A 591 -3.10 36.62 -30.04
C LEU A 591 -3.89 36.41 -31.33
N PRO A 592 -4.78 37.36 -31.68
CA PRO A 592 -5.34 37.43 -33.03
C PRO A 592 -4.23 37.46 -34.08
N ASN A 593 -4.41 36.65 -35.13
CA ASN A 593 -3.55 36.57 -36.34
C ASN A 593 -3.19 37.97 -36.81
N LYS A 594 -4.13 38.92 -36.82
CA LYS A 594 -3.89 40.26 -37.39
C LYS A 594 -2.74 40.95 -36.68
N ILE A 595 -2.60 40.80 -35.37
CA ILE A 595 -1.51 41.45 -34.59
C ILE A 595 -0.17 40.93 -35.12
N LEU A 596 -0.02 39.64 -35.31
CA LEU A 596 1.26 39.02 -35.76
C LEU A 596 1.54 39.37 -37.24
N ASN A 597 0.52 39.50 -38.09
CA ASN A 597 0.72 39.78 -39.55
C ASN A 597 1.08 41.26 -39.77
N ASP A 598 0.46 42.18 -39.01
CA ASP A 598 0.60 43.65 -39.22
C ASP A 598 1.79 44.24 -38.43
N ASN A 599 2.27 43.62 -37.36
CA ASN A 599 3.31 44.20 -36.48
C ASN A 599 4.62 43.45 -36.64
N PRO A 600 5.75 44.16 -36.88
CA PRO A 600 7.05 43.51 -36.80
C PRO A 600 7.24 42.93 -35.37
N HIS A 601 7.76 41.71 -35.31
CA HIS A 601 8.06 40.97 -34.07
C HIS A 601 9.16 39.94 -34.37
N PHE A 602 9.63 39.21 -33.38
CA PHE A 602 10.70 38.21 -33.56
C PHE A 602 10.06 36.89 -34.01
N ASP A 603 10.78 36.14 -34.85
CA ASP A 603 10.34 34.81 -35.36
C ASP A 603 10.11 33.89 -34.16
N LYS A 604 10.78 34.16 -33.05
CA LYS A 604 10.65 33.37 -31.79
C LYS A 604 11.08 34.24 -30.62
N HIS A 605 10.93 33.74 -29.40
CA HIS A 605 11.34 34.43 -28.17
C HIS A 605 12.86 34.54 -28.16
N TYR A 606 13.39 35.71 -27.81
CA TYR A 606 14.85 35.94 -27.60
C TYR A 606 15.06 36.48 -26.19
N LYS A 607 15.75 35.71 -25.36
CA LYS A 607 16.11 36.14 -24.01
C LYS A 607 16.96 37.42 -24.11
N ASP A 608 16.55 38.46 -23.37
CA ASP A 608 17.35 39.68 -23.13
C ASP A 608 17.53 40.50 -24.41
N VAL A 609 16.61 40.40 -25.36
CA VAL A 609 16.53 41.31 -26.53
C VAL A 609 15.16 41.99 -26.47
N MET A 610 15.08 43.24 -26.86
CA MET A 610 13.78 43.92 -26.96
C MET A 610 13.63 44.53 -28.34
N MET A 611 12.40 44.58 -28.83
CA MET A 611 12.04 45.41 -29.99
C MET A 611 10.69 46.06 -29.71
N LYS A 612 10.60 47.32 -30.11
CA LYS A 612 9.38 48.13 -30.10
C LYS A 612 9.36 48.90 -31.43
N SER A 613 8.18 49.03 -32.09
CA SER A 613 8.09 49.68 -33.41
C SER A 613 7.28 50.98 -33.29
N PHE A 614 7.53 51.92 -34.20
CA PHE A 614 6.79 53.20 -34.27
C PHE A 614 6.64 53.62 -35.74
N LYS A 615 5.81 54.64 -35.96
CA LYS A 615 5.60 55.28 -37.29
C LYS A 615 5.89 56.78 -37.16
N SER A 616 6.35 57.38 -38.25
CA SER A 616 6.43 58.85 -38.41
C SER A 616 6.04 59.20 -39.84
N ASN A 617 4.96 59.96 -39.99
CA ASN A 617 4.27 60.29 -41.26
C ASN A 617 4.26 59.10 -42.24
N GLY A 618 3.53 58.01 -41.98
CA GLY A 618 3.42 56.88 -42.92
C GLY A 618 4.58 55.88 -42.90
N THR A 619 5.81 56.26 -42.56
CA THR A 619 6.98 55.34 -42.51
C THR A 619 7.04 54.57 -41.17
N MET A 620 7.30 53.27 -41.25
CA MET A 620 7.46 52.42 -40.05
C MET A 620 8.95 52.31 -39.68
N TYR A 621 9.23 52.30 -38.38
CA TYR A 621 10.58 52.09 -37.78
C TYR A 621 10.49 51.03 -36.67
N SER A 622 11.62 50.40 -36.40
CA SER A 622 11.79 49.48 -35.26
C SER A 622 13.04 49.84 -34.46
N LEU A 623 12.91 49.85 -33.14
CA LEU A 623 14.01 49.95 -32.14
C LEU A 623 14.33 48.54 -31.64
N ILE A 624 15.57 48.12 -31.76
CA ILE A 624 16.06 46.80 -31.26
C ILE A 624 17.23 47.07 -30.30
N ILE A 625 17.23 46.43 -29.14
CA ILE A 625 18.36 46.49 -28.16
C ILE A 625 18.69 45.08 -27.71
N ASN A 626 19.96 44.72 -27.78
CA ASN A 626 20.50 43.42 -27.34
C ASN A 626 21.12 43.61 -25.95
N LYS A 627 20.54 42.99 -24.92
CA LYS A 627 21.02 43.09 -23.52
C LYS A 627 21.65 41.74 -23.13
N SER A 628 21.81 40.80 -24.06
CA SER A 628 22.45 39.50 -23.75
C SER A 628 23.97 39.63 -23.80
N ALA A 629 24.68 38.59 -23.38
CA ALA A 629 26.15 38.59 -23.29
C ALA A 629 26.75 38.28 -24.67
N SER A 630 25.96 37.94 -25.67
CA SER A 630 26.47 37.49 -26.99
C SER A 630 25.79 38.23 -28.15
N VAL A 631 26.48 38.24 -29.28
CA VAL A 631 25.94 38.72 -30.59
C VAL A 631 24.71 37.88 -30.86
N GLN A 632 23.60 38.52 -31.21
CA GLN A 632 22.33 37.84 -31.57
C GLN A 632 22.02 38.12 -33.04
N THR A 633 21.52 37.11 -33.75
CA THR A 633 20.85 37.25 -35.06
C THR A 633 19.33 37.13 -34.84
N VAL A 634 18.62 38.25 -34.97
CA VAL A 634 17.16 38.37 -34.70
C VAL A 634 16.43 38.35 -36.06
N ASP A 635 15.62 37.33 -36.32
CA ASP A 635 14.79 37.23 -37.54
C ASP A 635 13.51 38.03 -37.31
N ILE A 636 13.33 39.18 -37.97
CA ILE A 636 12.13 40.03 -37.79
C ILE A 636 11.11 39.66 -38.87
N VAL A 637 9.88 39.36 -38.46
CA VAL A 637 8.75 38.99 -39.34
C VAL A 637 7.58 39.91 -38.98
N GLY A 638 6.56 39.95 -39.85
CA GLY A 638 5.36 40.78 -39.69
C GLY A 638 5.62 42.18 -40.22
N GLY A 639 4.56 42.96 -40.38
CA GLY A 639 4.54 44.20 -41.19
C GLY A 639 4.99 43.97 -42.63
N LYS A 640 5.50 45.00 -43.29
CA LYS A 640 6.08 44.94 -44.65
C LYS A 640 7.41 45.72 -44.67
N GLY A 641 8.22 45.52 -45.70
CA GLY A 641 9.32 46.41 -46.07
C GLY A 641 10.64 45.70 -45.98
N LYS A 642 11.71 46.32 -46.50
CA LYS A 642 13.09 45.82 -46.33
C LYS A 642 13.75 46.68 -45.23
N ALA A 643 14.54 46.05 -44.39
CA ALA A 643 15.23 46.68 -43.24
C ALA A 643 16.35 47.56 -43.76
N PHE A 644 16.34 48.85 -43.43
CA PHE A 644 17.50 49.75 -43.61
C PHE A 644 17.91 50.29 -42.22
N ILE A 645 19.15 49.98 -41.80
CA ILE A 645 19.75 50.42 -40.52
C ILE A 645 20.03 51.93 -40.60
N LEU A 646 19.25 52.71 -39.86
CA LEU A 646 19.31 54.19 -39.80
C LEU A 646 20.16 54.64 -38.59
N PHE A 647 20.17 53.85 -37.52
CA PHE A 647 20.99 54.12 -36.31
C PHE A 647 21.54 52.80 -35.79
N ALA A 648 22.84 52.74 -35.50
CA ALA A 648 23.47 51.57 -34.82
C ALA A 648 24.80 52.02 -34.23
N ASN A 649 24.98 51.87 -32.92
CA ASN A 649 26.22 52.35 -32.24
C ASN A 649 27.30 51.27 -32.22
N LYS A 650 27.11 50.07 -32.76
CA LYS A 650 28.18 49.03 -32.76
C LYS A 650 28.23 48.23 -34.07
N ASN A 651 27.95 48.85 -35.21
CA ASN A 651 28.13 48.21 -36.55
C ASN A 651 27.23 46.98 -36.68
N ALA A 652 25.99 47.03 -36.20
CA ALA A 652 24.94 46.07 -36.59
C ALA A 652 24.89 46.01 -38.11
N HIS A 653 24.57 44.84 -38.67
CA HIS A 653 24.26 44.65 -40.11
C HIS A 653 23.02 43.78 -40.24
N SER A 654 22.28 43.92 -41.33
CA SER A 654 21.12 43.02 -41.66
C SER A 654 21.29 42.42 -43.05
N THR A 655 20.81 41.20 -43.20
CA THR A 655 20.73 40.42 -44.45
C THR A 655 19.26 40.01 -44.56
N ALA A 656 18.55 40.55 -45.54
CA ALA A 656 17.07 40.49 -45.59
C ALA A 656 16.58 41.09 -44.27
N ASN A 657 15.75 40.40 -43.51
CA ASN A 657 15.16 40.98 -42.27
C ASN A 657 15.75 40.25 -41.05
N LYS A 658 16.96 39.70 -41.18
CA LYS A 658 17.75 39.09 -40.09
C LYS A 658 18.76 40.14 -39.61
N LEU A 659 18.60 40.65 -38.38
CA LEU A 659 19.50 41.69 -37.80
C LEU A 659 20.53 41.02 -36.92
N THR A 660 21.83 41.23 -37.21
CA THR A 660 22.96 40.82 -36.34
C THR A 660 23.30 42.04 -35.47
N ILE A 661 23.11 41.92 -34.14
CA ILE A 661 23.22 43.06 -33.19
C ILE A 661 24.11 42.65 -32.01
N SER A 662 25.00 43.54 -31.61
CA SER A 662 26.07 43.28 -30.61
C SER A 662 25.55 43.52 -29.20
N PRO A 663 26.18 42.92 -28.15
CA PRO A 663 25.82 43.21 -26.77
C PRO A 663 25.79 44.71 -26.50
N GLU A 664 24.69 45.20 -25.92
CA GLU A 664 24.47 46.60 -25.47
C GLU A 664 24.21 47.54 -26.65
N GLU A 665 24.20 47.02 -27.88
CA GLU A 665 23.94 47.85 -29.08
C GLU A 665 22.47 48.26 -29.14
N THR A 666 22.19 49.51 -29.48
CA THR A 666 20.86 50.03 -29.85
C THR A 666 20.80 50.20 -31.36
N VAL A 667 19.73 49.71 -32.00
CA VAL A 667 19.57 49.78 -33.48
C VAL A 667 18.22 50.43 -33.81
N ILE A 668 18.21 51.40 -34.73
CA ILE A 668 16.95 51.84 -35.40
C ILE A 668 16.95 51.33 -36.84
N ILE A 669 15.94 50.54 -37.16
CA ILE A 669 15.61 50.09 -38.54
C ILE A 669 14.50 50.99 -39.09
N LYS A 670 14.70 51.47 -40.31
CA LYS A 670 13.65 52.09 -41.17
C LYS A 670 13.18 51.01 -42.16
N TRP A 671 11.86 50.78 -42.22
CA TRP A 671 11.23 49.83 -43.17
C TRP A 671 10.96 50.58 -44.47
N LYS A 672 11.69 50.24 -45.55
CA LYS A 672 11.65 50.92 -46.90
C LYS A 672 10.38 50.55 -47.67
N VAL B 16 -6.04 22.50 -28.14
CA VAL B 16 -4.56 22.22 -28.16
C VAL B 16 -4.26 21.30 -26.96
N LEU B 17 -4.69 21.70 -25.75
CA LEU B 17 -4.56 21.00 -24.44
C LEU B 17 -5.92 20.47 -23.94
N PHE B 18 -7.06 20.85 -24.55
CA PHE B 18 -8.47 20.41 -24.28
C PHE B 18 -8.53 18.87 -24.28
N GLN B 19 -9.38 18.24 -23.47
CA GLN B 19 -9.47 16.75 -23.43
C GLN B 19 -10.17 16.28 -24.71
N GLY B 20 -9.90 15.06 -25.16
CA GLY B 20 -10.66 14.37 -26.23
C GLY B 20 -11.69 13.41 -25.63
N PRO B 21 -12.66 12.88 -26.41
CA PRO B 21 -13.47 11.77 -25.91
C PRO B 21 -12.65 10.48 -25.68
N ALA B 22 -13.09 9.64 -24.72
CA ALA B 22 -12.71 8.20 -24.63
C ALA B 22 -13.08 7.47 -25.93
N GLU B 23 -12.15 6.67 -26.48
CA GLU B 23 -12.32 5.90 -27.72
C GLU B 23 -13.29 4.73 -27.48
N ARG B 24 -14.37 4.65 -28.25
CA ARG B 24 -15.45 3.64 -28.14
C ARG B 24 -15.22 2.57 -29.21
N ILE B 25 -15.36 1.28 -28.85
CA ILE B 25 -15.09 0.17 -29.77
C ILE B 25 -16.26 0.13 -30.74
N SER B 26 -16.01 -0.33 -31.96
CA SER B 26 -17.05 -0.48 -33.00
C SER B 26 -16.67 -1.67 -33.87
N LYS B 27 -17.55 -2.06 -34.80
CA LYS B 27 -17.27 -3.17 -35.74
C LYS B 27 -16.16 -2.76 -36.74
N GLN B 28 -15.70 -1.51 -36.71
CA GLN B 28 -14.62 -1.00 -37.60
C GLN B 28 -13.31 -0.85 -36.83
N SER B 29 -13.29 -1.10 -35.52
CA SER B 29 -12.08 -0.87 -34.69
C SER B 29 -10.96 -1.78 -35.21
N THR B 30 -9.73 -1.33 -35.05
CA THR B 30 -8.53 -2.14 -35.35
C THR B 30 -8.45 -3.23 -34.28
N PRO B 31 -8.39 -4.52 -34.64
CA PRO B 31 -8.29 -5.58 -33.64
C PRO B 31 -6.93 -5.47 -32.95
N PHE B 32 -6.85 -5.93 -31.71
CA PHE B 32 -5.60 -5.93 -30.91
C PHE B 32 -5.34 -7.32 -30.32
N VAL B 33 -4.06 -7.56 -30.00
CA VAL B 33 -3.60 -8.65 -29.11
C VAL B 33 -3.28 -8.01 -27.77
N GLY B 34 -3.62 -8.67 -26.67
CA GLY B 34 -3.38 -8.14 -25.31
C GLY B 34 -3.24 -9.25 -24.29
N ALA B 35 -3.16 -8.88 -23.03
CA ALA B 35 -2.88 -9.86 -21.96
C ALA B 35 -3.23 -9.26 -20.61
N GLN B 36 -3.68 -10.13 -19.72
CA GLN B 36 -3.96 -9.78 -18.32
C GLN B 36 -2.62 -9.33 -17.74
N ILE B 37 -2.62 -8.24 -16.99
CA ILE B 37 -1.48 -7.84 -16.12
C ILE B 37 -2.01 -8.10 -14.73
N PHE B 38 -1.41 -9.09 -14.07
CA PHE B 38 -1.86 -9.55 -12.74
C PHE B 38 -1.16 -8.69 -11.68
N ILE B 39 -1.96 -7.90 -10.98
CA ILE B 39 -1.52 -6.95 -9.93
C ILE B 39 -1.97 -7.44 -8.56
N GLU B 40 -1.04 -7.56 -7.62
CA GLU B 40 -1.30 -7.91 -6.20
C GLU B 40 -0.18 -7.27 -5.39
N PRO B 41 -0.40 -7.06 -4.07
CA PRO B 41 0.61 -6.45 -3.23
C PRO B 41 1.85 -7.35 -3.19
N GLY B 42 3.00 -6.73 -2.94
CA GLY B 42 4.32 -7.38 -2.91
C GLY B 42 5.12 -7.15 -4.19
N GLN B 43 4.45 -6.91 -5.32
CA GLN B 43 5.16 -6.62 -6.59
C GLN B 43 5.91 -5.28 -6.44
N THR B 44 7.05 -5.12 -7.11
CA THR B 44 7.87 -3.87 -7.12
C THR B 44 7.57 -3.08 -8.40
N GLN B 45 7.72 -1.75 -8.33
CA GLN B 45 7.68 -0.85 -9.52
C GLN B 45 8.53 -1.47 -10.64
N GLU B 46 9.71 -2.00 -10.33
CA GLU B 46 10.65 -2.55 -11.35
C GLU B 46 10.01 -3.73 -12.07
N GLN B 47 9.41 -4.70 -11.37
CA GLN B 47 8.84 -5.91 -12.04
C GLN B 47 7.64 -5.43 -12.88
N ILE B 48 6.81 -4.49 -12.39
CA ILE B 48 5.58 -4.07 -13.14
C ILE B 48 6.02 -3.39 -14.44
N GLU B 49 6.99 -2.48 -14.38
CA GLU B 49 7.51 -1.75 -15.57
C GLU B 49 8.07 -2.77 -16.56
N GLN B 50 8.80 -3.77 -16.07
CA GLN B 50 9.39 -4.84 -16.92
C GLN B 50 8.26 -5.52 -17.71
N TRP B 51 7.09 -5.75 -17.09
CA TRP B 51 5.93 -6.40 -17.75
C TRP B 51 5.40 -5.48 -18.86
N PHE B 52 5.05 -4.23 -18.52
CA PHE B 52 4.45 -3.28 -19.49
C PHE B 52 5.41 -3.01 -20.66
N LYS B 53 6.70 -2.91 -20.36
CA LYS B 53 7.73 -2.66 -21.40
C LYS B 53 7.76 -3.85 -22.37
N LEU B 54 7.79 -5.07 -21.85
CA LEU B 54 7.83 -6.29 -22.72
C LEU B 54 6.49 -6.44 -23.47
N LEU B 55 5.38 -6.07 -22.82
CA LEU B 55 4.04 -6.15 -23.45
C LEU B 55 4.02 -5.24 -24.68
N ALA B 56 4.44 -3.98 -24.52
CA ALA B 56 4.57 -3.00 -25.64
C ALA B 56 5.51 -3.54 -26.73
N GLU B 57 6.67 -4.11 -26.38
CA GLU B 57 7.62 -4.65 -27.40
C GLU B 57 7.06 -5.88 -28.11
N SER B 58 6.04 -6.53 -27.55
CA SER B 58 5.42 -7.76 -28.10
C SER B 58 4.21 -7.40 -28.99
N ASN B 59 4.06 -6.12 -29.34
CA ASN B 59 3.03 -5.63 -30.30
C ASN B 59 1.63 -5.82 -29.70
N MET B 60 1.52 -5.83 -28.38
CA MET B 60 0.23 -5.80 -27.66
C MET B 60 -0.09 -4.36 -27.31
N THR B 61 -1.34 -3.95 -27.49
CA THR B 61 -1.79 -2.56 -27.29
C THR B 61 -2.65 -2.44 -26.02
N THR B 62 -3.07 -3.58 -25.49
CA THR B 62 -4.13 -3.66 -24.46
C THR B 62 -3.73 -4.65 -23.37
N CYS B 63 -4.08 -4.30 -22.14
CA CYS B 63 -3.94 -5.19 -20.97
C CYS B 63 -5.32 -5.23 -20.30
N ARG B 64 -5.50 -6.22 -19.44
CA ARG B 64 -6.72 -6.30 -18.61
C ARG B 64 -6.25 -6.42 -17.17
N ILE B 65 -6.92 -5.75 -16.27
CA ILE B 65 -6.48 -5.72 -14.85
C ILE B 65 -7.66 -6.01 -13.94
N ARG B 66 -7.48 -6.96 -13.04
CA ARG B 66 -8.46 -7.30 -11.98
C ARG B 66 -8.34 -6.23 -10.90
N MET B 67 -9.36 -5.40 -10.78
CA MET B 67 -9.39 -4.27 -9.82
C MET B 67 -9.78 -4.78 -8.44
N PHE B 68 -8.99 -5.69 -7.87
CA PHE B 68 -9.30 -6.37 -6.58
C PHE B 68 -9.72 -5.36 -5.52
N GLY B 69 -10.98 -5.44 -5.08
CA GLY B 69 -11.47 -4.77 -3.87
C GLY B 69 -10.61 -5.07 -2.66
N LYS B 70 -10.13 -6.32 -2.52
CA LYS B 70 -9.32 -6.71 -1.34
C LYS B 70 -8.10 -5.81 -1.25
N TYR B 71 -7.48 -5.44 -2.36
CA TYR B 71 -6.14 -4.79 -2.39
C TYR B 71 -6.29 -3.27 -2.49
N MET B 72 -7.49 -2.73 -2.28
CA MET B 72 -7.75 -1.28 -2.28
C MET B 72 -8.50 -0.90 -1.00
N LYS B 73 -9.44 -1.74 -0.56
CA LYS B 73 -10.26 -1.41 0.65
C LYS B 73 -9.34 -1.53 1.87
N THR B 74 -9.37 -0.52 2.75
CA THR B 74 -8.60 -0.44 4.02
C THR B 74 -9.51 -0.89 5.17
N PRO B 75 -8.94 -1.30 6.32
CA PRO B 75 -9.75 -1.75 7.46
C PRO B 75 -10.98 -0.90 7.82
N SER B 76 -10.94 0.43 7.70
CA SER B 76 -12.05 1.35 8.06
C SER B 76 -13.13 1.40 6.95
N GLY B 77 -12.89 0.77 5.80
CA GLY B 77 -13.82 0.80 4.66
C GLY B 77 -13.51 1.89 3.65
N THR B 78 -12.58 2.80 3.89
CA THR B 78 -12.15 3.80 2.85
C THR B 78 -11.37 3.06 1.77
N TYR B 79 -11.21 3.63 0.58
CA TYR B 79 -10.46 3.01 -0.56
C TYR B 79 -9.12 3.71 -0.71
N ASP B 80 -8.04 2.96 -0.88
CA ASP B 80 -6.72 3.47 -1.33
C ASP B 80 -6.36 2.83 -2.67
N PHE B 81 -6.16 3.66 -3.69
CA PHE B 81 -6.07 3.26 -5.11
C PHE B 81 -4.61 3.06 -5.53
N THR B 82 -3.66 3.21 -4.61
CA THR B 82 -2.21 3.33 -4.93
C THR B 82 -1.76 2.16 -5.78
N LEU B 83 -2.12 0.94 -5.36
CA LEU B 83 -1.54 -0.27 -5.99
C LEU B 83 -1.90 -0.24 -7.49
N PHE B 84 -3.11 0.21 -7.81
CA PHE B 84 -3.66 0.18 -9.18
C PHE B 84 -3.28 1.46 -9.92
N ASP B 85 -3.15 2.57 -9.21
CA ASP B 85 -2.59 3.84 -9.79
C ASP B 85 -1.24 3.52 -10.41
N ARG B 86 -0.35 2.89 -9.63
CA ARG B 86 1.00 2.49 -10.07
C ARG B 86 0.90 1.77 -11.42
N ALA B 87 0.02 0.78 -11.52
CA ALA B 87 -0.15 -0.07 -12.73
C ALA B 87 -0.75 0.74 -13.90
N PHE B 88 -1.79 1.52 -13.66
CA PHE B 88 -2.45 2.35 -14.72
C PHE B 88 -1.43 3.36 -15.30
N LYS B 89 -0.64 3.98 -14.43
CA LYS B 89 0.41 4.98 -14.84
C LYS B 89 1.47 4.29 -15.68
N LEU B 90 1.92 3.09 -15.31
CA LEU B 90 2.94 2.38 -16.13
C LEU B 90 2.30 1.94 -17.45
N ALA B 91 1.03 1.52 -17.46
CA ALA B 91 0.32 1.21 -18.71
C ALA B 91 0.34 2.47 -19.61
N ASP B 92 -0.03 3.61 -19.04
CA ASP B 92 -0.16 4.89 -19.79
C ASP B 92 1.20 5.27 -20.39
N LYS B 93 2.27 5.18 -19.61
CA LYS B 93 3.65 5.47 -20.06
C LYS B 93 4.00 4.64 -21.31
N TYR B 94 3.49 3.41 -21.43
CA TYR B 94 3.86 2.50 -22.55
C TYR B 94 2.74 2.48 -23.60
N HIS B 95 1.77 3.41 -23.48
CA HIS B 95 0.67 3.65 -24.44
C HIS B 95 -0.22 2.39 -24.50
N ILE B 96 -0.44 1.74 -23.36
CA ILE B 96 -1.23 0.49 -23.24
C ILE B 96 -2.57 0.87 -22.64
N LYS B 97 -3.66 0.50 -23.31
CA LYS B 97 -5.02 0.76 -22.78
C LYS B 97 -5.43 -0.42 -21.87
N VAL B 98 -6.36 -0.16 -20.96
CA VAL B 98 -6.71 -1.06 -19.85
C VAL B 98 -8.19 -1.44 -19.94
N TYR B 99 -8.46 -2.74 -19.95
CA TYR B 99 -9.80 -3.31 -19.59
C TYR B 99 -9.79 -3.49 -18.08
N ALA B 100 -10.59 -2.71 -17.35
CA ALA B 100 -10.64 -2.77 -15.87
C ALA B 100 -11.79 -3.64 -15.43
N THR B 101 -11.52 -4.76 -14.75
CA THR B 101 -12.57 -5.69 -14.29
C THR B 101 -13.02 -5.30 -12.89
N LEU B 102 -14.31 -5.03 -12.73
CA LEU B 102 -14.94 -4.81 -11.43
C LEU B 102 -14.95 -6.13 -10.67
N PHE B 103 -14.18 -6.19 -9.59
CA PHE B 103 -13.88 -7.39 -8.82
C PHE B 103 -13.87 -7.01 -7.35
N PRO B 104 -15.05 -6.92 -6.72
CA PRO B 104 -15.14 -6.52 -5.33
C PRO B 104 -14.43 -7.49 -4.40
N ASP B 105 -14.29 -7.07 -3.15
CA ASP B 105 -13.63 -7.88 -2.10
C ASP B 105 -14.27 -9.28 -2.11
N THR B 106 -13.43 -10.31 -2.01
CA THR B 106 -13.81 -11.75 -1.92
C THR B 106 -12.58 -12.48 -1.33
N GLU B 107 -12.77 -13.69 -0.86
CA GLU B 107 -11.67 -14.44 -0.20
C GLU B 107 -10.56 -14.64 -1.24
N PHE B 108 -9.36 -14.70 -0.74
CA PHE B 108 -8.11 -14.90 -1.51
C PHE B 108 -8.21 -16.23 -2.27
N THR B 109 -8.88 -17.23 -1.71
CA THR B 109 -9.02 -18.59 -2.32
C THR B 109 -10.08 -18.60 -3.42
N ASP B 110 -10.88 -17.51 -3.57
CA ASP B 110 -11.94 -17.41 -4.61
C ASP B 110 -11.29 -16.90 -5.92
N VAL B 111 -10.90 -17.82 -6.79
CA VAL B 111 -10.13 -17.47 -8.01
C VAL B 111 -11.02 -16.68 -8.97
N GLY B 112 -12.27 -17.12 -9.21
CA GLY B 112 -13.10 -16.59 -10.32
C GLY B 112 -13.92 -15.35 -9.94
N GLY B 113 -14.18 -15.17 -8.63
CA GLY B 113 -15.06 -14.12 -8.11
C GLY B 113 -16.47 -14.65 -7.93
N PHE B 114 -17.19 -14.07 -6.99
CA PHE B 114 -18.62 -14.36 -6.73
C PHE B 114 -19.43 -13.85 -7.96
N LYS B 115 -20.54 -14.50 -8.22
CA LYS B 115 -21.34 -14.32 -9.46
C LYS B 115 -22.59 -13.48 -9.16
N PHE B 116 -22.97 -13.39 -7.89
CA PHE B 116 -24.12 -12.60 -7.39
C PHE B 116 -23.84 -12.17 -5.97
N PRO B 117 -24.44 -11.05 -5.50
CA PRO B 117 -24.29 -10.65 -4.11
C PRO B 117 -24.79 -11.76 -3.17
N HIS B 118 -24.18 -11.88 -1.98
CA HIS B 118 -24.47 -12.90 -0.95
C HIS B 118 -25.73 -12.47 -0.18
N SER B 119 -25.93 -11.15 -0.01
CA SER B 119 -26.95 -10.53 0.90
C SER B 119 -27.21 -9.08 0.46
N ARG B 120 -28.25 -8.45 0.97
CA ARG B 120 -28.55 -7.00 0.76
C ARG B 120 -27.36 -6.19 1.23
N GLU B 121 -26.81 -6.52 2.41
CA GLU B 121 -25.62 -5.84 2.98
C GLU B 121 -24.47 -5.93 1.95
N HIS B 122 -24.24 -7.11 1.39
CA HIS B 122 -23.15 -7.33 0.41
C HIS B 122 -23.42 -6.48 -0.84
N GLN B 123 -24.66 -6.39 -1.30
CA GLN B 123 -24.99 -5.57 -2.48
C GLN B 123 -24.55 -4.12 -2.22
N LYS B 124 -24.75 -3.59 -1.01
CA LYS B 124 -24.39 -2.19 -0.68
C LYS B 124 -22.88 -2.03 -0.70
N GLU B 125 -22.14 -3.05 -0.28
CA GLU B 125 -20.66 -3.05 -0.36
C GLU B 125 -20.28 -3.00 -1.85
N VAL B 126 -21.01 -3.71 -2.70
CA VAL B 126 -20.68 -3.72 -4.15
C VAL B 126 -20.95 -2.32 -4.71
N GLU B 127 -22.08 -1.69 -4.34
CA GLU B 127 -22.45 -0.30 -4.74
C GLU B 127 -21.29 0.62 -4.41
N ASP B 128 -20.85 0.56 -3.15
CA ASP B 128 -19.76 1.40 -2.59
C ASP B 128 -18.46 1.14 -3.35
N TYR B 129 -18.14 -0.11 -3.65
CA TYR B 129 -16.92 -0.51 -4.39
C TYR B 129 -16.96 0.14 -5.78
N ILE B 130 -18.11 0.09 -6.45
CA ILE B 130 -18.21 0.59 -7.84
C ILE B 130 -18.08 2.11 -7.81
N LYS B 131 -18.76 2.78 -6.88
CA LYS B 131 -18.69 4.27 -6.73
C LYS B 131 -17.22 4.66 -6.64
N ASN B 132 -16.49 4.08 -5.70
CA ASN B 132 -15.08 4.42 -5.41
C ASN B 132 -14.22 4.12 -6.64
N VAL B 133 -14.30 2.90 -7.17
CA VAL B 133 -13.32 2.44 -8.20
C VAL B 133 -13.61 3.16 -9.52
N VAL B 134 -14.87 3.29 -9.91
CA VAL B 134 -15.23 3.88 -11.24
C VAL B 134 -15.00 5.40 -11.21
N SER B 135 -15.41 6.08 -10.13
CA SER B 135 -15.19 7.55 -9.95
C SER B 135 -13.70 7.82 -10.13
N HIS B 136 -12.83 7.01 -9.53
CA HIS B 136 -11.37 7.25 -9.59
C HIS B 136 -10.80 6.86 -10.97
N PHE B 137 -10.95 5.62 -11.42
CA PHE B 137 -10.17 5.11 -12.58
C PHE B 137 -10.78 5.56 -13.91
N SER B 138 -12.03 6.05 -13.95
CA SER B 138 -12.64 6.67 -15.16
C SER B 138 -11.83 7.89 -15.62
N GLN B 139 -11.06 8.50 -14.72
CA GLN B 139 -10.24 9.71 -14.98
C GLN B 139 -8.97 9.35 -15.76
N TYR B 140 -8.56 8.08 -15.86
CA TYR B 140 -7.35 7.72 -16.66
C TYR B 140 -7.73 7.72 -18.15
N LYS B 141 -6.93 8.37 -18.98
CA LYS B 141 -7.21 8.49 -20.44
C LYS B 141 -6.90 7.15 -21.09
N ASN B 142 -6.18 6.23 -20.45
CA ASN B 142 -5.84 4.94 -21.09
C ASN B 142 -6.87 3.84 -20.72
N LEU B 143 -7.95 4.16 -20.01
CA LEU B 143 -9.03 3.18 -19.70
C LEU B 143 -9.83 2.94 -20.98
N ALA B 144 -9.91 1.68 -21.44
CA ALA B 144 -10.62 1.31 -22.68
C ALA B 144 -12.02 0.77 -22.40
N ALA B 145 -12.25 0.15 -21.24
CA ALA B 145 -13.52 -0.58 -20.94
C ALA B 145 -13.59 -0.97 -19.46
N TRP B 146 -14.81 -0.98 -18.94
CA TRP B 146 -15.17 -1.66 -17.67
C TRP B 146 -15.66 -3.07 -18.01
N VAL B 147 -15.06 -4.09 -17.41
CA VAL B 147 -15.61 -5.45 -17.41
C VAL B 147 -16.50 -5.52 -16.17
N LEU B 148 -17.80 -5.68 -16.37
CA LEU B 148 -18.83 -5.45 -15.33
C LEU B 148 -18.63 -6.45 -14.20
N ILE B 149 -18.24 -7.67 -14.56
CA ILE B 149 -18.06 -8.81 -13.63
C ILE B 149 -17.16 -9.82 -14.33
N ASN B 150 -16.23 -10.46 -13.61
CA ASN B 150 -15.44 -11.54 -14.23
C ASN B 150 -16.33 -12.80 -14.38
N GLU B 151 -16.42 -13.32 -15.60
CA GLU B 151 -16.99 -14.67 -15.86
C GLU B 151 -18.36 -14.82 -15.19
N PRO B 152 -19.40 -14.10 -15.65
CA PRO B 152 -20.74 -14.27 -15.09
C PRO B 152 -21.20 -15.72 -15.30
N GLY B 153 -21.94 -16.21 -14.31
CA GLY B 153 -22.49 -17.58 -14.36
C GLY B 153 -21.59 -18.60 -13.68
N THR B 154 -22.23 -19.58 -13.07
CA THR B 154 -21.55 -20.72 -12.40
C THR B 154 -22.46 -21.94 -12.54
N PRO B 155 -21.86 -23.15 -12.63
CA PRO B 155 -22.63 -24.40 -12.58
C PRO B 155 -23.47 -24.54 -11.30
N ASN B 156 -22.88 -24.19 -10.15
CA ASN B 156 -23.50 -24.34 -8.79
C ASN B 156 -23.93 -22.97 -8.29
N LEU B 157 -25.12 -22.55 -8.70
CA LEU B 157 -25.69 -21.26 -8.30
C LEU B 157 -26.04 -21.29 -6.82
N PRO B 158 -25.84 -20.19 -6.08
CA PRO B 158 -25.97 -20.21 -4.64
C PRO B 158 -27.41 -20.00 -4.14
N PHE B 159 -28.30 -20.99 -4.36
CA PHE B 159 -29.73 -20.93 -3.93
C PHE B 159 -29.87 -20.90 -2.40
N ASN B 160 -28.82 -21.26 -1.69
CA ASN B 160 -28.71 -21.28 -0.19
C ASN B 160 -28.53 -19.86 0.38
N GLU B 161 -27.84 -18.96 -0.32
CA GLU B 161 -27.52 -17.61 0.19
C GLU B 161 -28.79 -16.78 0.25
N PRO B 162 -28.97 -15.91 1.28
CA PRO B 162 -30.22 -15.16 1.44
C PRO B 162 -30.63 -14.32 0.22
N PHE B 163 -29.69 -13.65 -0.42
CA PHE B 163 -29.98 -12.68 -1.52
C PHE B 163 -30.61 -13.45 -2.70
N THR B 164 -29.99 -14.55 -3.13
CA THR B 164 -30.50 -15.36 -4.25
C THR B 164 -31.83 -16.02 -3.87
N LYS B 165 -31.96 -16.52 -2.65
CA LYS B 165 -33.15 -17.25 -2.18
C LYS B 165 -34.35 -16.29 -2.17
N GLU B 166 -34.15 -15.07 -1.71
CA GLU B 166 -35.21 -14.03 -1.64
C GLU B 166 -35.60 -13.67 -3.07
N ARG B 167 -34.63 -13.48 -3.97
CA ARG B 167 -34.93 -13.06 -5.35
C ARG B 167 -35.74 -14.14 -6.06
N PHE B 168 -35.40 -15.42 -5.87
CA PHE B 168 -36.09 -16.57 -6.49
C PHE B 168 -37.53 -16.61 -5.98
N SER B 169 -37.72 -16.47 -4.66
CA SER B 169 -39.06 -16.40 -4.01
C SER B 169 -39.89 -15.27 -4.66
N ASP B 170 -39.37 -14.04 -4.70
CA ASP B 170 -40.05 -12.87 -5.32
C ASP B 170 -40.38 -13.16 -6.79
N TRP B 171 -39.43 -13.71 -7.54
CA TRP B 171 -39.62 -14.05 -8.97
C TRP B 171 -40.81 -15.01 -9.12
N LYS B 172 -40.90 -16.04 -8.27
CA LYS B 172 -41.98 -17.07 -8.34
C LYS B 172 -43.33 -16.40 -8.04
N LYS B 173 -43.39 -15.52 -7.05
CA LYS B 173 -44.61 -14.74 -6.69
C LYS B 173 -45.08 -13.90 -7.89
N GLU B 174 -44.18 -13.38 -8.72
CA GLU B 174 -44.56 -12.48 -9.85
C GLU B 174 -44.78 -13.28 -11.14
N HIS B 175 -44.57 -14.60 -11.15
CA HIS B 175 -44.80 -15.45 -12.33
C HIS B 175 -45.77 -16.53 -11.92
N ASN B 176 -47.04 -16.49 -12.30
CA ASN B 176 -47.95 -17.61 -11.97
C ASN B 176 -47.78 -18.67 -13.06
N PHE B 177 -47.47 -19.89 -12.64
CA PHE B 177 -47.41 -21.08 -13.50
C PHE B 177 -48.54 -22.01 -13.09
N SER B 178 -49.00 -22.83 -14.01
CA SER B 178 -49.99 -23.89 -13.73
C SER B 178 -49.26 -25.22 -13.88
N GLU B 179 -49.72 -26.26 -13.20
CA GLU B 179 -49.13 -27.62 -13.26
C GLU B 179 -49.61 -28.36 -14.52
N TYR B 180 -50.52 -27.79 -15.34
CA TYR B 180 -51.09 -28.44 -16.55
C TYR B 180 -51.04 -27.47 -17.73
N ASN B 181 -50.90 -27.97 -18.95
CA ASN B 181 -50.91 -27.13 -20.18
C ASN B 181 -52.38 -26.93 -20.60
N GLU B 182 -52.57 -26.21 -21.71
CA GLU B 182 -53.91 -25.84 -22.22
C GLU B 182 -54.70 -27.13 -22.46
N LYS B 183 -54.10 -28.17 -23.03
CA LYS B 183 -54.78 -29.45 -23.33
C LYS B 183 -55.09 -30.25 -22.06
N GLY B 184 -54.53 -29.90 -20.89
CA GLY B 184 -54.79 -30.59 -19.60
C GLY B 184 -53.65 -31.49 -19.12
N TYR B 185 -52.62 -31.74 -19.95
CA TYR B 185 -51.48 -32.64 -19.62
C TYR B 185 -50.60 -32.03 -18.54
N PRO B 186 -50.01 -32.83 -17.62
CA PRO B 186 -49.04 -32.30 -16.66
C PRO B 186 -47.83 -31.71 -17.39
N VAL B 187 -47.21 -30.71 -16.77
CA VAL B 187 -46.04 -30.00 -17.35
C VAL B 187 -44.96 -29.80 -16.28
N LEU B 188 -43.73 -29.60 -16.77
CA LEU B 188 -42.66 -28.93 -15.98
C LEU B 188 -42.57 -27.48 -16.44
N ASN B 189 -42.28 -26.55 -15.54
CA ASN B 189 -42.23 -25.11 -15.92
C ASN B 189 -40.80 -24.58 -15.86
N PHE B 190 -39.84 -25.32 -15.29
CA PHE B 190 -38.42 -24.94 -15.28
C PHE B 190 -38.27 -23.56 -14.65
N GLU B 191 -38.90 -23.39 -13.48
CA GLU B 191 -38.92 -22.11 -12.75
C GLU B 191 -37.48 -21.71 -12.43
N LYS B 192 -36.67 -22.64 -11.97
CA LYS B 192 -35.27 -22.40 -11.56
C LYS B 192 -34.51 -21.87 -12.78
N GLU B 193 -34.59 -22.58 -13.91
CA GLU B 193 -33.80 -22.23 -15.12
C GLU B 193 -34.22 -20.84 -15.64
N ASN B 194 -35.52 -20.57 -15.68
CA ASN B 194 -36.05 -19.29 -16.23
C ASN B 194 -35.69 -18.16 -15.26
N PHE B 195 -35.83 -18.36 -13.96
CA PHE B 195 -35.33 -17.39 -12.97
C PHE B 195 -33.83 -17.09 -13.19
N ILE B 196 -33.02 -18.12 -13.39
CA ILE B 196 -31.53 -17.96 -13.49
C ILE B 196 -31.23 -17.05 -14.69
N ILE B 197 -31.91 -17.24 -15.81
CA ILE B 197 -31.78 -16.34 -17.00
C ILE B 197 -32.05 -14.89 -16.56
N ASP B 198 -33.19 -14.66 -15.88
CA ASP B 198 -33.65 -13.29 -15.54
C ASP B 198 -32.73 -12.69 -14.47
N TYR B 199 -32.14 -13.53 -13.62
CA TYR B 199 -31.26 -13.13 -12.51
C TYR B 199 -29.93 -12.64 -13.08
N HIS B 200 -29.38 -13.36 -14.05
CA HIS B 200 -28.15 -12.91 -14.78
C HIS B 200 -28.48 -11.58 -15.48
N ASN B 201 -29.57 -11.54 -16.25
CA ASN B 201 -30.05 -10.28 -16.91
C ASN B 201 -30.06 -9.16 -15.85
N TRP B 202 -30.67 -9.39 -14.69
CA TRP B 202 -30.86 -8.33 -13.67
C TRP B 202 -29.50 -7.88 -13.13
N TYR B 203 -28.62 -8.78 -12.72
CA TYR B 203 -27.37 -8.41 -12.01
C TYR B 203 -26.45 -7.71 -13.01
N LEU B 204 -26.31 -8.21 -14.24
CA LEU B 204 -25.36 -7.57 -15.19
C LEU B 204 -25.89 -6.18 -15.57
N ASN B 205 -27.20 -6.05 -15.75
CA ASN B 205 -27.87 -4.76 -16.07
C ASN B 205 -27.67 -3.80 -14.89
N TRP B 206 -27.80 -4.30 -13.66
CA TRP B 206 -27.65 -3.49 -12.43
C TRP B 206 -26.20 -3.00 -12.30
N LEU B 207 -25.23 -3.86 -12.60
CA LEU B 207 -23.79 -3.50 -12.61
C LEU B 207 -23.58 -2.38 -13.64
N ALA B 208 -24.13 -2.54 -14.85
CA ALA B 208 -24.02 -1.52 -15.92
C ALA B 208 -24.58 -0.17 -15.44
N ASN B 209 -25.76 -0.17 -14.81
CA ASN B 209 -26.40 1.05 -14.29
C ASN B 209 -25.55 1.65 -13.17
N GLN B 210 -24.94 0.83 -12.32
CA GLN B 210 -24.07 1.33 -11.22
C GLN B 210 -22.87 2.04 -11.85
N VAL B 211 -22.22 1.44 -12.84
CA VAL B 211 -21.06 2.08 -13.52
C VAL B 211 -21.55 3.41 -14.12
N ARG B 212 -22.72 3.42 -14.77
CA ARG B 212 -23.24 4.56 -15.56
C ARG B 212 -23.54 5.73 -14.60
N LEU B 213 -23.81 5.50 -13.31
CA LEU B 213 -23.99 6.61 -12.33
C LEU B 213 -22.72 7.47 -12.30
N TYR B 214 -21.56 6.93 -12.64
CA TYR B 214 -20.26 7.62 -12.42
C TYR B 214 -19.47 7.73 -13.72
N ASP B 215 -19.76 6.95 -14.75
CA ASP B 215 -19.00 7.00 -16.01
C ASP B 215 -19.92 6.60 -17.16
N LYS B 216 -20.25 7.58 -18.03
CA LYS B 216 -21.08 7.37 -19.25
C LYS B 216 -20.17 7.32 -20.48
N GLN B 217 -18.86 7.41 -20.29
CA GLN B 217 -17.87 7.62 -21.38
C GLN B 217 -17.29 6.28 -21.87
N HIS B 218 -17.05 5.30 -21.00
CA HIS B 218 -16.24 4.11 -21.36
C HIS B 218 -17.16 2.92 -21.69
N ASP B 219 -16.70 2.09 -22.63
CA ASP B 219 -17.30 0.81 -23.04
C ASP B 219 -17.58 -0.11 -21.83
N LEU B 220 -18.73 -0.76 -21.81
CA LEU B 220 -19.08 -1.84 -20.87
C LEU B 220 -18.95 -3.19 -21.60
N HIS B 221 -18.30 -4.13 -20.91
CA HIS B 221 -17.85 -5.42 -21.45
C HIS B 221 -18.14 -6.51 -20.40
N VAL B 222 -18.30 -7.75 -20.86
CA VAL B 222 -18.46 -8.90 -19.94
C VAL B 222 -18.00 -10.17 -20.65
N ASN B 223 -17.46 -11.14 -19.90
CA ASN B 223 -16.84 -12.38 -20.48
C ASN B 223 -17.59 -13.63 -20.03
N PRO B 224 -18.67 -14.04 -20.72
CA PRO B 224 -19.29 -15.34 -20.47
C PRO B 224 -18.26 -16.45 -20.74
N HIS B 225 -18.39 -17.58 -20.05
CA HIS B 225 -17.31 -18.58 -20.03
C HIS B 225 -17.90 -20.00 -20.07
N ASN B 226 -17.05 -20.99 -20.38
CA ASN B 226 -17.46 -22.40 -20.34
C ASN B 226 -18.75 -22.52 -21.13
N VAL B 227 -18.81 -21.92 -22.32
CA VAL B 227 -20.09 -21.64 -23.03
C VAL B 227 -20.75 -22.95 -23.48
N PHE B 228 -20.01 -24.01 -23.72
CA PHE B 228 -20.62 -25.31 -24.13
C PHE B 228 -21.41 -25.95 -22.97
N LYS B 229 -21.25 -25.48 -21.74
CA LYS B 229 -22.04 -25.99 -20.57
C LYS B 229 -22.95 -24.88 -20.03
N LEU B 230 -22.52 -23.61 -20.04
CA LEU B 230 -23.23 -22.54 -19.28
C LEU B 230 -24.08 -21.67 -20.22
N SER B 231 -24.18 -22.01 -21.51
CA SER B 231 -24.98 -21.25 -22.49
C SER B 231 -26.43 -21.14 -22.02
N GLY B 232 -26.90 -22.07 -21.18
CA GLY B 232 -28.27 -22.09 -20.64
C GLY B 232 -28.49 -21.07 -19.55
N LEU B 233 -27.45 -20.36 -19.14
CA LEU B 233 -27.52 -19.25 -18.14
C LEU B 233 -27.64 -17.90 -18.87
N TYR B 234 -27.36 -17.87 -20.17
CA TYR B 234 -26.96 -16.64 -20.90
C TYR B 234 -28.03 -16.24 -21.93
N ASP B 235 -28.65 -15.08 -21.69
CA ASP B 235 -29.60 -14.41 -22.64
C ASP B 235 -28.86 -13.25 -23.35
N PHE B 236 -28.10 -13.56 -24.39
CA PHE B 236 -27.18 -12.58 -25.00
C PHE B 236 -28.02 -11.43 -25.60
N PRO B 237 -29.17 -11.70 -26.28
CA PRO B 237 -29.97 -10.61 -26.82
C PRO B 237 -30.33 -9.57 -25.76
N THR B 238 -30.74 -9.95 -24.57
CA THR B 238 -31.04 -8.95 -23.51
C THR B 238 -29.75 -8.20 -23.12
N TRP B 239 -28.61 -8.90 -23.03
CA TRP B 239 -27.34 -8.28 -22.60
C TRP B 239 -26.92 -7.13 -23.54
N ARG B 240 -27.24 -7.25 -24.84
CA ARG B 240 -26.94 -6.21 -25.86
C ARG B 240 -27.51 -4.85 -25.43
N THR B 241 -28.64 -4.86 -24.71
CA THR B 241 -29.33 -3.69 -24.08
C THR B 241 -28.33 -2.75 -23.42
N PHE B 242 -27.33 -3.31 -22.74
CA PHE B 242 -26.53 -2.53 -21.76
C PHE B 242 -25.03 -2.71 -21.99
N LEU B 243 -24.60 -3.52 -22.96
CA LEU B 243 -23.17 -3.70 -23.26
C LEU B 243 -22.80 -2.85 -24.48
N ASN B 244 -21.52 -2.50 -24.58
CA ASN B 244 -20.94 -1.95 -25.82
C ASN B 244 -20.18 -3.03 -26.55
N SER B 245 -19.74 -4.09 -25.88
CA SER B 245 -19.12 -5.26 -26.55
C SER B 245 -19.36 -6.51 -25.71
N LEU B 246 -19.45 -7.65 -26.40
CA LEU B 246 -19.52 -8.96 -25.71
C LEU B 246 -18.13 -9.57 -25.72
N GLY B 247 -17.78 -10.22 -24.60
CA GLY B 247 -16.50 -10.90 -24.43
C GLY B 247 -16.70 -12.40 -24.29
N GLY B 248 -15.70 -13.07 -23.74
CA GLY B 248 -15.63 -14.51 -23.58
C GLY B 248 -14.31 -14.93 -22.98
N SER B 249 -14.38 -15.93 -22.10
CA SER B 249 -13.23 -16.78 -21.70
C SER B 249 -13.35 -18.06 -22.52
N ALA B 250 -12.30 -18.37 -23.28
CA ALA B 250 -12.19 -19.63 -24.06
C ALA B 250 -10.84 -20.28 -23.74
N HIS B 251 -10.80 -21.03 -22.66
CA HIS B 251 -9.57 -21.67 -22.14
C HIS B 251 -9.51 -23.15 -22.54
N ALA B 252 -8.46 -23.53 -23.23
CA ALA B 252 -8.18 -24.94 -23.61
C ALA B 252 -8.27 -25.85 -22.38
N SER B 253 -7.92 -25.39 -21.19
CA SER B 253 -7.76 -26.28 -20.01
C SER B 253 -9.06 -26.33 -19.20
N TRP B 254 -10.02 -25.44 -19.47
CA TRP B 254 -11.27 -25.39 -18.67
C TRP B 254 -12.51 -25.71 -19.49
N HIS B 255 -12.56 -25.35 -20.78
CA HIS B 255 -13.86 -25.17 -21.49
C HIS B 255 -14.03 -26.15 -22.63
N PHE B 256 -12.99 -26.93 -22.97
CA PHE B 256 -12.94 -27.71 -24.22
C PHE B 256 -12.93 -29.22 -23.92
N GLY B 257 -13.47 -29.60 -22.79
CA GLY B 257 -13.57 -31.01 -22.35
C GLY B 257 -14.31 -31.88 -23.36
N TYR B 258 -15.22 -31.31 -24.12
CA TYR B 258 -16.00 -32.08 -25.11
C TYR B 258 -15.12 -32.43 -26.31
N PHE B 259 -13.88 -31.94 -26.39
CA PHE B 259 -13.03 -32.19 -27.58
C PHE B 259 -11.68 -32.76 -27.19
N PRO B 260 -11.03 -33.54 -28.07
CA PRO B 260 -9.60 -33.79 -27.92
C PRO B 260 -8.79 -32.54 -28.34
N ARG B 261 -7.54 -32.50 -27.89
CA ARG B 261 -6.62 -31.36 -28.09
C ARG B 261 -6.49 -31.05 -29.58
N LYS B 262 -6.36 -32.08 -30.42
CA LYS B 262 -6.18 -31.88 -31.88
C LYS B 262 -7.41 -31.17 -32.49
N ALA B 263 -8.54 -31.04 -31.78
CA ALA B 263 -9.75 -30.39 -32.30
C ALA B 263 -10.08 -29.11 -31.50
N TYR B 264 -9.10 -28.56 -30.81
CA TYR B 264 -9.30 -27.28 -30.07
C TYR B 264 -9.46 -26.15 -31.10
N THR B 265 -9.02 -26.36 -32.34
CA THR B 265 -9.33 -25.47 -33.50
C THR B 265 -10.85 -25.34 -33.64
N VAL B 266 -11.51 -26.49 -33.71
CA VAL B 266 -12.97 -26.59 -33.86
C VAL B 266 -13.66 -26.01 -32.63
N ALA B 267 -13.15 -26.32 -31.44
CA ALA B 267 -13.72 -25.80 -30.18
C ALA B 267 -13.66 -24.27 -30.20
N MET B 268 -12.54 -23.69 -30.61
CA MET B 268 -12.36 -22.23 -30.52
C MET B 268 -13.24 -21.57 -31.58
N SER B 269 -13.33 -22.20 -32.76
CA SER B 269 -14.17 -21.68 -33.86
C SER B 269 -15.63 -21.67 -33.39
N ALA B 270 -16.11 -22.75 -32.78
CA ALA B 270 -17.49 -22.81 -32.24
C ALA B 270 -17.69 -21.79 -31.12
N ASN B 271 -16.72 -21.66 -30.22
CA ASN B 271 -16.82 -20.72 -29.09
C ASN B 271 -16.92 -19.31 -29.70
N ALA B 272 -16.12 -19.01 -30.71
CA ALA B 272 -16.10 -17.69 -31.38
C ALA B 272 -17.44 -17.45 -32.06
N GLU B 273 -17.96 -18.45 -32.76
CA GLU B 273 -19.26 -18.30 -33.47
C GLU B 273 -20.36 -18.05 -32.46
N LEU B 274 -20.28 -18.73 -31.31
CA LEU B 274 -21.36 -18.67 -30.30
C LEU B 274 -21.37 -17.25 -29.75
N ILE B 275 -20.21 -16.69 -29.47
CA ILE B 275 -20.12 -15.32 -28.88
C ILE B 275 -20.55 -14.30 -29.95
N ARG B 276 -20.05 -14.46 -31.18
CA ARG B 276 -20.42 -13.59 -32.32
C ARG B 276 -21.93 -13.57 -32.47
N SER B 277 -22.58 -14.74 -32.45
CA SER B 277 -24.07 -14.82 -32.49
C SER B 277 -24.65 -14.02 -31.32
N GLY B 278 -24.15 -14.22 -30.11
CA GLY B 278 -24.68 -13.51 -28.94
C GLY B 278 -24.49 -12.02 -29.09
N ALA B 279 -23.38 -11.61 -29.71
CA ALA B 279 -23.03 -10.19 -29.86
C ALA B 279 -24.06 -9.47 -30.74
N GLY B 280 -24.59 -10.14 -31.77
CA GLY B 280 -25.53 -9.55 -32.74
C GLY B 280 -24.92 -8.33 -33.38
N GLU B 281 -25.46 -7.13 -33.13
CA GLU B 281 -24.98 -5.87 -33.77
C GLU B 281 -23.70 -5.40 -33.07
N LEU B 282 -23.50 -5.79 -31.81
CA LEU B 282 -22.33 -5.34 -31.01
C LEU B 282 -21.08 -6.01 -31.53
N PRO B 283 -19.93 -5.33 -31.45
CA PRO B 283 -18.65 -6.01 -31.66
C PRO B 283 -18.37 -6.94 -30.46
N TRP B 284 -17.52 -7.93 -30.70
CA TRP B 284 -17.09 -8.88 -29.66
C TRP B 284 -15.57 -9.05 -29.75
N LEU B 285 -14.99 -9.54 -28.65
CA LEU B 285 -13.56 -9.93 -28.57
C LEU B 285 -13.44 -11.02 -27.51
N MET B 286 -12.38 -11.81 -27.56
CA MET B 286 -12.14 -12.88 -26.58
C MET B 286 -11.35 -12.28 -25.41
N THR B 287 -12.03 -12.04 -24.30
CA THR B 287 -11.47 -11.39 -23.10
C THR B 287 -10.39 -12.26 -22.44
N GLU B 288 -10.50 -13.60 -22.54
CA GLU B 288 -9.45 -14.51 -21.98
C GLU B 288 -9.20 -15.67 -22.95
N LEU B 289 -7.94 -15.90 -23.28
CA LEU B 289 -7.40 -17.12 -23.94
C LEU B 289 -6.28 -17.66 -23.04
N GLN B 290 -5.97 -18.95 -23.11
CA GLN B 290 -4.95 -19.55 -22.22
C GLN B 290 -3.57 -19.12 -22.73
N GLY B 291 -2.83 -18.38 -21.90
CA GLY B 291 -1.51 -17.81 -22.24
C GLY B 291 -0.33 -18.69 -21.83
N GLY B 292 -0.57 -19.73 -21.03
CA GLY B 292 0.54 -20.46 -20.40
C GLY B 292 0.13 -21.74 -19.69
N ASN B 293 1.02 -22.20 -18.82
CA ASN B 293 1.12 -23.60 -18.37
C ASN B 293 0.14 -23.86 -17.23
N ASN B 294 -0.51 -25.02 -17.24
CA ASN B 294 -1.17 -25.59 -16.03
C ASN B 294 -0.14 -26.44 -15.29
N LEU B 295 0.08 -26.13 -14.03
CA LEU B 295 0.87 -26.97 -13.12
C LEU B 295 -0.11 -27.87 -12.38
N TYR B 296 -0.82 -27.30 -11.39
CA TYR B 296 -1.88 -27.94 -10.57
C TYR B 296 -3.28 -27.56 -11.08
N SER B 297 -3.48 -26.47 -11.84
CA SER B 297 -4.82 -25.95 -12.20
C SER B 297 -5.34 -26.63 -13.47
N GLY B 298 -6.59 -26.34 -13.84
CA GLY B 298 -7.17 -26.76 -15.13
C GLY B 298 -7.79 -28.15 -15.02
N ALA B 299 -8.81 -28.44 -15.83
CA ALA B 299 -9.48 -29.76 -15.89
C ALA B 299 -8.76 -30.58 -16.95
N ASN B 300 -8.36 -29.97 -18.07
CA ASN B 300 -7.63 -30.65 -19.16
C ASN B 300 -6.29 -29.94 -19.31
N PRO B 301 -5.33 -30.15 -18.38
CA PRO B 301 -4.16 -29.28 -18.31
C PRO B 301 -3.28 -29.37 -19.56
N LEU B 302 -2.68 -28.23 -19.94
CA LEU B 302 -1.71 -28.19 -21.05
C LEU B 302 -0.82 -26.95 -20.89
N CYS B 303 0.23 -26.91 -21.71
CA CYS B 303 0.95 -25.67 -22.01
C CYS B 303 0.75 -25.47 -23.49
N PRO B 304 -0.02 -24.43 -23.90
CA PRO B 304 -0.25 -24.18 -25.31
C PRO B 304 1.08 -24.13 -26.08
N THR B 305 1.13 -24.73 -27.26
CA THR B 305 2.23 -24.53 -28.23
C THR B 305 2.14 -23.12 -28.82
N ALA B 306 3.27 -22.62 -29.29
CA ALA B 306 3.36 -21.41 -30.14
C ALA B 306 2.34 -21.55 -31.29
N GLU B 307 2.27 -22.73 -31.88
CA GLU B 307 1.38 -23.02 -33.03
C GLU B 307 -0.09 -22.81 -32.63
N GLU B 308 -0.48 -23.25 -31.42
CA GLU B 308 -1.86 -23.11 -30.87
C GLU B 308 -2.17 -21.63 -30.64
N ILE B 309 -1.22 -20.85 -30.15
CA ILE B 309 -1.45 -19.39 -29.89
C ILE B 309 -1.85 -18.73 -31.23
N ILE B 310 -1.13 -19.04 -32.29
CA ILE B 310 -1.37 -18.45 -33.64
C ILE B 310 -2.72 -18.96 -34.17
N GLN B 311 -2.97 -20.26 -34.06
CA GLN B 311 -4.28 -20.87 -34.44
C GLN B 311 -5.42 -20.12 -33.74
N TRP B 312 -5.34 -19.91 -32.43
CA TRP B 312 -6.50 -19.36 -31.69
C TRP B 312 -6.74 -17.90 -32.11
N LEU B 313 -5.67 -17.12 -32.25
CA LEU B 313 -5.80 -15.68 -32.59
C LEU B 313 -6.44 -15.55 -33.98
N TRP B 314 -5.98 -16.33 -34.96
CA TRP B 314 -6.51 -16.22 -36.34
C TRP B 314 -7.96 -16.69 -36.38
N ILE B 315 -8.33 -17.78 -35.69
CA ILE B 315 -9.73 -18.26 -35.67
C ILE B 315 -10.61 -17.12 -35.15
N ASN B 316 -10.20 -16.45 -34.08
CA ASN B 316 -11.04 -15.42 -33.43
C ASN B 316 -11.19 -14.23 -34.39
N PHE B 317 -10.10 -13.74 -34.97
CA PHE B 317 -10.10 -12.58 -35.89
C PHE B 317 -10.94 -12.90 -37.13
N ALA B 318 -10.83 -14.12 -37.66
CA ALA B 318 -11.59 -14.59 -38.82
C ALA B 318 -13.08 -14.67 -38.48
N THR B 319 -13.44 -14.69 -37.19
CA THR B 319 -14.83 -14.78 -36.69
C THR B 319 -15.23 -13.41 -36.12
N GLU B 320 -14.54 -12.33 -36.54
CA GLU B 320 -14.89 -10.91 -36.30
C GLU B 320 -14.44 -10.40 -34.93
N ALA B 321 -13.59 -11.15 -34.21
CA ALA B 321 -13.10 -10.69 -32.89
C ALA B 321 -12.36 -9.36 -33.08
N LYS B 322 -12.60 -8.41 -32.20
CA LYS B 322 -11.89 -7.11 -32.19
C LYS B 322 -10.69 -7.21 -31.23
N GLY B 323 -10.41 -8.39 -30.70
CA GLY B 323 -9.36 -8.55 -29.68
C GLY B 323 -9.19 -9.98 -29.24
N GLY B 324 -7.98 -10.32 -28.85
CA GLY B 324 -7.62 -11.54 -28.11
C GLY B 324 -6.75 -11.17 -26.93
N ILE B 325 -7.26 -11.37 -25.71
CA ILE B 325 -6.52 -11.07 -24.45
C ILE B 325 -6.15 -12.40 -23.79
N PHE B 326 -4.87 -12.62 -23.52
CA PHE B 326 -4.35 -13.86 -22.89
C PHE B 326 -4.41 -13.71 -21.38
N TRP B 327 -5.02 -14.69 -20.72
CA TRP B 327 -4.77 -14.97 -19.29
C TRP B 327 -3.57 -15.91 -19.25
N SER B 328 -2.39 -15.43 -18.87
CA SER B 328 -2.11 -14.09 -18.36
C SER B 328 -0.71 -13.69 -18.83
N PHE B 329 -0.38 -12.41 -18.77
CA PHE B 329 0.98 -11.96 -19.16
C PHE B 329 1.97 -12.53 -18.13
N ASN B 330 1.73 -12.14 -16.89
CA ASN B 330 2.51 -12.55 -15.70
C ASN B 330 1.62 -13.44 -14.81
N ALA B 331 2.22 -14.16 -13.87
CA ALA B 331 1.57 -15.16 -13.01
C ALA B 331 1.23 -14.57 -11.64
N ARG B 332 0.18 -15.10 -11.03
CA ARG B 332 -0.08 -15.01 -9.58
C ARG B 332 1.14 -15.60 -8.87
N SER B 333 1.37 -15.23 -7.60
CA SER B 333 2.58 -15.67 -6.86
C SER B 333 2.26 -16.71 -5.79
N THR B 334 1.01 -16.72 -5.27
CA THR B 334 0.69 -17.53 -4.07
C THR B 334 -0.50 -18.47 -4.32
N ALA B 335 -0.35 -19.73 -3.92
CA ALA B 335 -1.44 -20.75 -3.84
C ALA B 335 -2.01 -20.98 -5.23
N ALA B 336 -3.32 -20.89 -5.40
CA ALA B 336 -3.95 -21.26 -6.68
C ALA B 336 -3.30 -20.51 -7.84
N GLU B 337 -2.78 -21.27 -8.80
CA GLU B 337 -2.24 -20.78 -10.09
C GLU B 337 -0.95 -19.99 -9.89
N ALA B 338 -0.26 -20.15 -8.75
CA ALA B 338 1.07 -19.53 -8.53
C ALA B 338 2.06 -19.99 -9.60
N GLY B 339 2.58 -19.07 -10.41
CA GLY B 339 3.54 -19.39 -11.48
C GLY B 339 2.88 -20.16 -12.63
N GLU B 340 1.56 -20.06 -12.74
CA GLU B 340 0.82 -20.75 -13.83
C GLU B 340 0.24 -19.68 -14.77
N TRP B 341 -0.03 -20.08 -16.00
CA TRP B 341 -0.88 -19.39 -17.03
C TRP B 341 -0.07 -18.31 -17.78
N ALA B 342 1.18 -18.05 -17.41
CA ALA B 342 1.88 -16.81 -17.85
C ALA B 342 2.53 -17.02 -19.22
N MET B 343 2.50 -15.95 -20.01
CA MET B 343 3.15 -15.89 -21.35
C MET B 343 4.65 -15.64 -21.17
N ILE B 344 5.00 -14.96 -20.10
CA ILE B 344 6.44 -14.67 -19.80
C ILE B 344 6.95 -15.80 -18.92
N ASN B 345 8.25 -16.08 -19.00
CA ASN B 345 8.91 -17.14 -18.22
C ASN B 345 9.27 -16.54 -16.85
N PHE B 346 9.93 -17.30 -16.00
CA PHE B 346 10.13 -16.87 -14.59
C PHE B 346 11.21 -15.78 -14.48
N LYS B 347 11.93 -15.50 -15.57
CA LYS B 347 12.91 -14.38 -15.68
C LYS B 347 12.23 -13.19 -16.36
N ASN B 348 10.91 -13.21 -16.57
CA ASN B 348 10.16 -12.08 -17.15
C ASN B 348 10.62 -11.84 -18.59
N LYS B 349 11.09 -12.87 -19.29
CA LYS B 349 11.33 -12.83 -20.76
C LYS B 349 10.24 -13.64 -21.49
N SER B 350 10.22 -13.49 -22.80
CA SER B 350 9.23 -14.08 -23.73
C SER B 350 9.36 -15.61 -23.77
N SER B 351 8.26 -16.32 -23.52
CA SER B 351 8.11 -17.75 -23.91
C SER B 351 7.90 -17.81 -25.42
N ASP B 352 7.96 -18.98 -26.05
CA ASP B 352 7.64 -19.13 -27.48
C ASP B 352 6.19 -18.70 -27.72
N ARG B 353 5.36 -18.71 -26.68
CA ARG B 353 3.93 -18.30 -26.80
C ARG B 353 3.83 -16.78 -26.99
N LEU B 354 4.61 -16.00 -26.26
CA LEU B 354 4.58 -14.52 -26.38
C LEU B 354 5.19 -14.11 -27.74
N ILE B 355 6.27 -14.77 -28.16
CA ILE B 355 6.90 -14.54 -29.50
C ILE B 355 5.85 -14.81 -30.58
N ALA B 356 5.07 -15.90 -30.46
CA ALA B 356 4.00 -16.22 -31.43
C ALA B 356 2.94 -15.11 -31.42
N ALA B 357 2.43 -14.76 -30.26
CA ALA B 357 1.41 -13.70 -30.13
C ALA B 357 1.92 -12.40 -30.78
N ALA B 358 3.20 -12.08 -30.57
CA ALA B 358 3.84 -10.84 -31.08
C ALA B 358 3.76 -10.83 -32.62
N THR B 359 3.96 -11.96 -33.31
CA THR B 359 3.87 -12.01 -34.79
C THR B 359 2.47 -11.57 -35.20
N ILE B 360 1.44 -11.84 -34.41
CA ILE B 360 0.06 -11.48 -34.84
C ILE B 360 -0.20 -9.98 -34.60
N GLY B 361 0.23 -9.41 -33.47
CA GLY B 361 0.16 -7.96 -33.22
C GLY B 361 0.85 -7.18 -34.34
N LYS B 362 2.00 -7.69 -34.81
CA LYS B 362 2.83 -7.10 -35.88
C LYS B 362 2.05 -7.20 -37.20
N PHE B 363 1.51 -8.37 -37.50
CA PHE B 363 0.70 -8.54 -38.74
C PHE B 363 -0.42 -7.51 -38.76
N ILE B 364 -1.10 -7.30 -37.63
CA ILE B 364 -2.21 -6.31 -37.57
C ILE B 364 -1.69 -4.93 -37.98
N THR B 365 -0.60 -4.43 -37.35
CA THR B 365 -0.15 -3.02 -37.53
C THR B 365 0.32 -2.83 -38.98
N GLU B 366 0.73 -3.92 -39.67
CA GLU B 366 1.16 -3.92 -41.09
C GLU B 366 -0.02 -4.14 -42.05
N ASN B 367 -1.22 -4.49 -41.58
CA ASN B 367 -2.38 -4.76 -42.46
C ASN B 367 -3.63 -4.12 -41.83
N VAL B 368 -3.54 -2.87 -41.39
CA VAL B 368 -4.58 -2.22 -40.51
C VAL B 368 -5.93 -2.27 -41.21
N LYS B 369 -6.00 -1.95 -42.51
CA LYS B 369 -7.29 -1.76 -43.20
C LYS B 369 -7.97 -3.14 -43.31
N MET B 370 -7.27 -4.15 -43.82
CA MET B 370 -7.77 -5.54 -43.92
C MET B 370 -8.30 -6.00 -42.56
N MET B 371 -7.47 -5.90 -41.51
CA MET B 371 -7.79 -6.51 -40.18
C MET B 371 -8.90 -5.72 -39.48
N SER B 372 -9.14 -4.45 -39.82
CA SER B 372 -10.11 -3.59 -39.10
C SER B 372 -11.53 -3.82 -39.61
N ASN B 373 -11.72 -4.49 -40.75
CA ASN B 373 -13.04 -4.53 -41.44
C ASN B 373 -13.47 -5.98 -41.71
N ILE B 374 -12.93 -6.94 -40.97
CA ILE B 374 -13.23 -8.38 -41.17
C ILE B 374 -14.73 -8.61 -40.95
N LYS B 375 -15.35 -9.27 -41.92
CA LYS B 375 -16.75 -9.77 -41.86
C LYS B 375 -16.68 -11.25 -42.26
N THR B 376 -17.11 -12.12 -41.37
CA THR B 376 -17.10 -13.58 -41.61
C THR B 376 -17.99 -13.81 -42.84
N LEU B 377 -17.52 -14.65 -43.76
CA LEU B 377 -18.31 -15.07 -44.94
C LEU B 377 -19.31 -16.15 -44.48
N ASN B 378 -20.53 -15.72 -44.15
CA ASN B 378 -21.63 -16.63 -43.72
C ASN B 378 -21.95 -17.53 -44.90
N SER B 379 -21.76 -18.83 -44.77
CA SER B 379 -22.14 -19.83 -45.79
C SER B 379 -23.66 -19.83 -45.99
N GLY B 380 -24.42 -19.33 -45.01
CA GLY B 380 -25.86 -19.51 -44.89
C GLY B 380 -26.27 -20.74 -44.07
N ILE B 381 -25.32 -21.55 -43.61
CA ILE B 381 -25.57 -22.67 -42.65
C ILE B 381 -25.57 -22.10 -41.22
N SER B 382 -26.67 -22.27 -40.50
CA SER B 382 -26.80 -21.93 -39.06
C SER B 382 -27.10 -23.21 -38.28
N ILE B 383 -26.19 -23.59 -37.36
CA ILE B 383 -26.41 -24.69 -36.37
C ILE B 383 -27.02 -24.05 -35.14
N LEU B 384 -28.25 -24.41 -34.78
CA LEU B 384 -28.96 -23.72 -33.67
C LEU B 384 -29.03 -24.65 -32.47
N TYR B 385 -28.78 -24.07 -31.28
CA TYR B 385 -28.99 -24.74 -29.97
C TYR B 385 -30.06 -23.92 -29.26
N ASN B 386 -30.77 -24.46 -28.27
CA ASN B 386 -31.64 -23.60 -27.44
C ASN B 386 -31.48 -23.95 -25.97
N HIS B 387 -31.69 -22.95 -25.12
CA HIS B 387 -31.71 -23.11 -23.66
C HIS B 387 -32.55 -24.33 -23.29
N GLU B 388 -33.73 -24.44 -23.89
CA GLU B 388 -34.78 -25.34 -23.33
C GLU B 388 -34.38 -26.81 -23.60
N SER B 389 -33.67 -27.10 -24.69
CA SER B 389 -33.18 -28.47 -24.98
C SER B 389 -32.19 -28.89 -23.86
N MET B 390 -31.36 -27.93 -23.40
CA MET B 390 -30.36 -28.18 -22.33
C MET B 390 -31.10 -28.40 -21.01
N TRP B 391 -32.16 -27.62 -20.77
CA TRP B 391 -32.94 -27.68 -19.51
C TRP B 391 -33.72 -28.99 -19.45
N VAL B 392 -34.32 -29.39 -20.55
CA VAL B 392 -35.10 -30.66 -20.59
C VAL B 392 -34.11 -31.82 -20.43
N GLU B 393 -32.97 -31.78 -21.12
CA GLU B 393 -31.95 -32.84 -20.99
C GLU B 393 -31.55 -33.00 -19.51
N ALA B 394 -31.39 -31.91 -18.79
CA ALA B 394 -30.93 -31.93 -17.38
C ALA B 394 -31.98 -32.64 -16.53
N ALA B 395 -33.28 -32.41 -16.75
CA ALA B 395 -34.35 -33.08 -16.00
C ALA B 395 -34.42 -34.58 -16.39
N GLN B 396 -34.24 -34.93 -17.66
CA GLN B 396 -34.43 -36.33 -18.14
C GLN B 396 -33.23 -37.22 -17.78
N THR B 397 -32.01 -36.71 -17.81
CA THR B 397 -30.80 -37.54 -17.56
C THR B 397 -30.53 -37.54 -16.07
N ARG B 398 -31.29 -36.73 -15.31
CA ARG B 398 -31.17 -36.48 -13.84
C ARG B 398 -29.68 -36.22 -13.47
N GLY B 399 -28.88 -35.68 -14.42
CA GLY B 399 -27.53 -35.18 -14.19
C GLY B 399 -26.40 -36.22 -14.29
N LYS B 400 -26.59 -37.37 -14.97
CA LYS B 400 -25.47 -38.30 -15.37
C LYS B 400 -24.48 -37.54 -16.28
N LEU B 401 -23.16 -37.83 -16.31
CA LEU B 401 -22.17 -36.91 -16.99
C LEU B 401 -21.33 -37.66 -18.06
N ASN B 402 -21.06 -37.00 -19.24
CA ASN B 402 -19.94 -37.21 -20.23
C ASN B 402 -20.10 -36.72 -21.71
N GLY B 403 -21.27 -36.63 -22.42
CA GLY B 403 -21.42 -36.39 -23.90
C GLY B 403 -22.23 -37.47 -24.64
N ASN B 404 -22.40 -38.64 -24.01
CA ASN B 404 -23.36 -39.76 -24.23
C ASN B 404 -24.82 -39.26 -24.20
N GLY B 405 -25.70 -39.84 -25.01
CA GLY B 405 -27.08 -39.32 -25.18
C GLY B 405 -27.83 -39.28 -23.86
N ARG B 406 -27.53 -40.21 -22.95
CA ARG B 406 -28.25 -40.34 -21.65
C ARG B 406 -27.51 -39.55 -20.58
N SER B 407 -26.71 -38.55 -20.96
CA SER B 407 -25.99 -37.69 -20.00
C SER B 407 -26.09 -36.22 -20.39
N ILE B 408 -25.83 -35.35 -19.43
CA ILE B 408 -25.69 -33.87 -19.63
C ILE B 408 -24.64 -33.64 -20.72
N GLY B 409 -25.02 -32.88 -21.73
CA GLY B 409 -24.11 -32.33 -22.75
C GLY B 409 -24.33 -32.88 -24.14
N ALA B 410 -25.14 -33.94 -24.31
CA ALA B 410 -25.45 -34.48 -25.64
C ALA B 410 -26.08 -33.38 -26.52
N VAL B 411 -26.91 -32.53 -25.94
CA VAL B 411 -27.64 -31.43 -26.64
C VAL B 411 -26.64 -30.39 -27.20
N MET B 412 -25.43 -30.32 -26.64
CA MET B 412 -24.39 -29.43 -27.15
C MET B 412 -23.39 -30.23 -27.98
N CYS B 413 -23.03 -31.45 -27.59
CA CYS B 413 -22.06 -32.27 -28.38
C CYS B 413 -22.64 -32.62 -29.74
N SER B 414 -23.96 -32.78 -29.87
CA SER B 414 -24.60 -33.12 -31.17
C SER B 414 -24.37 -31.96 -32.15
N PRO B 415 -24.84 -30.73 -31.89
CA PRO B 415 -24.61 -29.65 -32.85
C PRO B 415 -23.12 -29.35 -33.04
N LEU B 416 -22.29 -29.54 -32.01
CA LEU B 416 -20.82 -29.33 -32.16
C LEU B 416 -20.25 -30.37 -33.11
N SER B 417 -20.83 -31.57 -33.18
CA SER B 417 -20.38 -32.63 -34.12
C SER B 417 -20.67 -32.19 -35.56
N TYR B 418 -21.85 -31.66 -35.81
CA TYR B 418 -22.17 -31.12 -37.15
C TYR B 418 -21.17 -30.01 -37.47
N PHE B 419 -20.91 -29.16 -36.48
CA PHE B 419 -19.98 -28.03 -36.65
C PHE B 419 -18.59 -28.56 -37.07
N GLU B 420 -18.12 -29.60 -36.39
CA GLU B 420 -16.82 -30.22 -36.72
C GLU B 420 -16.86 -30.81 -38.13
N ALA B 421 -17.93 -31.52 -38.49
CA ALA B 421 -18.07 -32.16 -39.83
C ALA B 421 -17.96 -31.07 -40.91
N LEU B 422 -18.58 -29.90 -40.71
CA LEU B 422 -18.55 -28.79 -41.68
C LEU B 422 -17.16 -28.16 -41.71
N SER B 423 -16.50 -28.01 -40.55
CA SER B 423 -15.12 -27.49 -40.46
C SER B 423 -14.19 -28.38 -41.28
N GLU B 424 -14.37 -29.71 -41.20
CA GLU B 424 -13.52 -30.68 -41.92
C GLU B 424 -13.92 -30.71 -43.41
N THR B 425 -14.92 -29.92 -43.80
CA THR B 425 -15.31 -29.72 -45.21
C THR B 425 -14.89 -28.32 -45.66
N GLY B 426 -14.35 -27.50 -44.74
CA GLY B 426 -13.87 -26.13 -45.03
C GLY B 426 -15.02 -25.14 -45.18
N LEU B 427 -16.16 -25.46 -44.58
CA LEU B 427 -17.39 -24.62 -44.62
C LEU B 427 -17.60 -23.92 -43.26
N GLN B 428 -17.77 -22.61 -43.30
CA GLN B 428 -18.24 -21.80 -42.17
C GLN B 428 -19.63 -22.31 -41.79
N ALA B 429 -19.95 -22.22 -40.51
CA ALA B 429 -21.31 -22.43 -39.99
C ALA B 429 -21.51 -21.51 -38.79
N ASN B 430 -22.65 -20.86 -38.74
CA ASN B 430 -22.99 -20.12 -37.51
C ASN B 430 -23.31 -21.16 -36.44
N PHE B 431 -23.15 -20.74 -35.19
CA PHE B 431 -23.55 -21.50 -33.98
C PHE B 431 -24.27 -20.52 -33.11
N LYS B 432 -25.59 -20.68 -33.02
CA LYS B 432 -26.49 -19.61 -32.50
C LYS B 432 -27.54 -20.22 -31.58
N GLU B 433 -27.87 -19.50 -30.52
CA GLU B 433 -29.12 -19.75 -29.75
C GLU B 433 -30.28 -19.42 -30.72
N ILE B 434 -31.36 -20.20 -30.68
CA ILE B 434 -32.49 -20.12 -31.65
C ILE B 434 -33.06 -18.69 -31.67
N LYS B 435 -33.14 -18.01 -30.52
CA LYS B 435 -33.66 -16.61 -30.40
C LYS B 435 -32.73 -15.60 -31.08
N GLU B 436 -31.50 -15.99 -31.41
CA GLU B 436 -30.52 -15.09 -32.08
C GLU B 436 -30.69 -15.24 -33.60
N PHE B 437 -31.43 -16.25 -34.06
CA PHE B 437 -31.68 -16.45 -35.51
C PHE B 437 -32.81 -15.51 -35.94
N ASP B 438 -32.61 -14.82 -37.06
CA ASP B 438 -33.61 -13.86 -37.60
C ASP B 438 -34.66 -14.64 -38.40
N PHE B 439 -35.84 -14.82 -37.83
CA PHE B 439 -36.98 -15.55 -38.46
C PHE B 439 -37.93 -14.59 -39.19
N SER B 440 -37.61 -13.30 -39.32
CA SER B 440 -38.50 -12.24 -39.86
C SER B 440 -38.39 -12.09 -41.40
N LEU B 441 -37.42 -12.73 -42.10
CA LEU B 441 -37.14 -12.45 -43.53
C LEU B 441 -38.22 -13.09 -44.42
N ASN B 442 -38.31 -12.60 -45.67
CA ASN B 442 -39.38 -13.03 -46.64
C ASN B 442 -38.85 -14.12 -47.57
N ASP B 443 -37.55 -14.30 -47.59
CA ASP B 443 -36.89 -15.32 -48.44
C ASP B 443 -35.76 -15.98 -47.61
N TYR B 444 -35.65 -17.31 -47.70
CA TYR B 444 -34.62 -18.14 -47.03
C TYR B 444 -34.05 -19.12 -48.05
N THR B 445 -34.22 -18.85 -49.34
CA THR B 445 -33.58 -19.63 -50.43
C THR B 445 -32.10 -19.73 -50.07
N ASP B 446 -31.50 -20.91 -50.20
CA ASP B 446 -30.03 -21.03 -49.97
C ASP B 446 -29.63 -20.71 -48.49
N GLN B 447 -30.55 -20.66 -47.52
CA GLN B 447 -30.19 -20.72 -46.07
C GLN B 447 -30.49 -22.15 -45.54
N VAL B 448 -29.70 -22.61 -44.58
CA VAL B 448 -29.82 -23.98 -43.97
C VAL B 448 -29.80 -23.82 -42.46
N ILE B 449 -30.78 -24.43 -41.79
CA ILE B 449 -30.80 -24.61 -40.31
C ILE B 449 -30.55 -26.09 -40.02
N ILE B 450 -29.60 -26.36 -39.12
CA ILE B 450 -29.34 -27.69 -38.57
C ILE B 450 -29.82 -27.66 -37.13
N LEU B 451 -30.78 -28.53 -36.82
CA LEU B 451 -31.25 -28.83 -35.45
C LEU B 451 -30.87 -30.28 -35.12
N SER B 452 -29.70 -30.43 -34.46
CA SER B 452 -29.11 -31.73 -34.13
C SER B 452 -29.39 -32.01 -32.66
N HIS B 453 -30.33 -32.91 -32.38
CA HIS B 453 -30.65 -33.36 -31.00
C HIS B 453 -31.02 -32.13 -30.17
N GLN B 454 -31.79 -31.22 -30.76
CA GLN B 454 -32.41 -30.13 -29.97
C GLN B 454 -33.75 -30.67 -29.48
N ILE B 455 -33.73 -31.33 -28.33
CA ILE B 455 -34.82 -32.24 -27.91
C ILE B 455 -36.08 -31.45 -27.52
N ALA B 456 -35.95 -30.14 -27.26
CA ALA B 456 -37.10 -29.28 -26.88
C ALA B 456 -37.34 -28.19 -27.92
N LEU B 457 -38.54 -28.21 -28.53
CA LEU B 457 -39.08 -27.16 -29.44
C LEU B 457 -40.55 -26.90 -29.08
N ASP B 458 -40.95 -25.63 -28.96
CA ASP B 458 -42.38 -25.29 -28.68
C ASP B 458 -43.10 -24.91 -29.99
N ASN B 459 -44.41 -24.72 -29.88
CA ASN B 459 -45.33 -24.38 -31.01
C ASN B 459 -44.83 -23.14 -31.73
N LYS B 460 -44.50 -22.09 -30.97
CA LYS B 460 -44.04 -20.78 -31.49
C LYS B 460 -42.80 -20.99 -32.38
N VAL B 461 -41.82 -21.77 -31.95
CA VAL B 461 -40.57 -21.99 -32.73
C VAL B 461 -40.88 -22.87 -33.94
N ILE B 462 -41.76 -23.85 -33.80
CA ILE B 462 -42.15 -24.71 -34.95
C ILE B 462 -42.80 -23.84 -36.04
N LYS B 463 -43.67 -22.89 -35.66
CA LYS B 463 -44.28 -21.93 -36.64
C LYS B 463 -43.14 -21.21 -37.35
N GLN B 464 -42.15 -20.71 -36.60
CA GLN B 464 -41.02 -19.97 -37.21
C GLN B 464 -40.27 -20.88 -38.19
N LEU B 465 -40.11 -22.16 -37.86
CA LEU B 465 -39.39 -23.12 -38.74
C LEU B 465 -40.24 -23.43 -39.97
N GLU B 466 -41.56 -23.56 -39.82
CA GLU B 466 -42.51 -23.77 -40.96
C GLU B 466 -42.32 -22.61 -41.93
N SER B 467 -42.37 -21.38 -41.44
CA SER B 467 -42.18 -20.14 -42.21
C SER B 467 -40.82 -20.18 -42.93
N PHE B 468 -39.75 -20.54 -42.23
CA PHE B 468 -38.37 -20.59 -42.78
C PHE B 468 -38.32 -21.59 -43.95
N VAL B 469 -38.89 -22.78 -43.80
CA VAL B 469 -38.82 -23.80 -44.87
C VAL B 469 -39.73 -23.39 -46.04
N GLU B 470 -40.96 -22.94 -45.76
CA GLU B 470 -41.96 -22.50 -46.78
C GLU B 470 -41.29 -21.52 -47.74
N LYS B 471 -40.52 -20.58 -47.17
CA LYS B 471 -39.85 -19.46 -47.89
C LYS B 471 -38.51 -19.91 -48.45
N GLY B 472 -38.24 -21.22 -48.58
CA GLY B 472 -37.05 -21.73 -49.31
C GLY B 472 -35.96 -22.32 -48.43
N GLY B 473 -36.08 -22.24 -47.09
CA GLY B 473 -35.08 -22.78 -46.15
C GLY B 473 -34.90 -24.29 -46.27
N THR B 474 -33.67 -24.80 -46.11
CA THR B 474 -33.36 -26.24 -45.88
C THR B 474 -33.25 -26.50 -44.38
N LEU B 475 -34.00 -27.47 -43.85
CA LEU B 475 -33.96 -27.85 -42.43
C LEU B 475 -33.42 -29.28 -42.33
N ILE B 476 -32.31 -29.44 -41.62
CA ILE B 476 -31.71 -30.77 -41.30
C ILE B 476 -31.93 -31.03 -39.81
N ALA B 477 -32.57 -32.13 -39.46
CA ALA B 477 -32.91 -32.49 -38.08
C ALA B 477 -32.51 -33.95 -37.86
N ASP B 478 -31.71 -34.21 -36.82
CA ASP B 478 -31.31 -35.58 -36.41
C ASP B 478 -31.47 -35.71 -34.90
N GLY B 479 -31.26 -36.93 -34.42
CA GLY B 479 -31.43 -37.25 -32.99
C GLY B 479 -32.85 -36.98 -32.58
N LEU B 480 -33.06 -36.66 -31.31
CA LEU B 480 -34.42 -36.55 -30.75
C LEU B 480 -34.86 -35.11 -30.89
N THR B 481 -34.43 -34.37 -31.91
CA THR B 481 -34.96 -33.02 -32.18
C THR B 481 -36.48 -33.07 -32.14
N GLY B 482 -37.09 -32.19 -31.34
CA GLY B 482 -38.54 -31.99 -31.25
C GLY B 482 -39.28 -33.07 -30.48
N TYR B 483 -38.61 -33.94 -29.73
CA TYR B 483 -39.30 -35.01 -28.96
C TYR B 483 -40.15 -34.39 -27.85
N TYR B 484 -39.69 -33.31 -27.25
CA TYR B 484 -40.38 -32.62 -26.14
C TYR B 484 -40.70 -31.21 -26.60
N ASP B 485 -41.60 -30.57 -25.87
CA ASP B 485 -41.83 -29.11 -25.93
C ASP B 485 -41.07 -28.46 -24.77
N TYR B 486 -41.29 -27.17 -24.51
CA TYR B 486 -40.51 -26.35 -23.54
C TYR B 486 -41.00 -26.67 -22.13
N GLN B 487 -42.03 -27.51 -21.99
CA GLN B 487 -42.53 -27.97 -20.65
C GLN B 487 -42.22 -29.47 -20.44
N ALA B 488 -41.32 -30.04 -21.22
CA ALA B 488 -40.90 -31.45 -21.15
C ALA B 488 -42.09 -32.36 -21.44
N HIS B 489 -43.15 -31.83 -22.07
CA HIS B 489 -44.30 -32.62 -22.57
C HIS B 489 -43.94 -33.15 -23.96
N SER B 490 -44.08 -34.46 -24.21
CA SER B 490 -43.70 -35.04 -25.52
C SER B 490 -44.90 -35.04 -26.47
N THR B 491 -44.88 -34.22 -27.51
CA THR B 491 -45.98 -34.20 -28.50
C THR B 491 -45.79 -35.45 -29.36
N VAL B 492 -44.62 -36.11 -29.29
CA VAL B 492 -44.44 -37.42 -29.96
C VAL B 492 -45.50 -38.37 -29.42
N VAL B 493 -45.84 -38.22 -28.13
CA VAL B 493 -46.82 -39.10 -27.45
C VAL B 493 -48.23 -38.52 -27.67
N SER B 494 -48.46 -37.23 -27.39
CA SER B 494 -49.81 -36.61 -27.33
C SER B 494 -50.33 -36.25 -28.74
N GLY B 495 -49.48 -36.09 -29.76
CA GLY B 495 -49.84 -35.58 -31.11
C GLY B 495 -48.77 -34.66 -31.67
N PHE B 496 -47.96 -35.17 -32.60
CA PHE B 496 -46.61 -34.67 -32.94
C PHE B 496 -46.68 -33.29 -33.59
N ALA B 497 -46.09 -32.25 -32.96
CA ALA B 497 -46.24 -30.85 -33.39
C ALA B 497 -45.48 -30.58 -34.68
N LEU B 498 -44.50 -31.42 -35.03
CA LEU B 498 -43.69 -31.27 -36.26
C LEU B 498 -44.23 -32.19 -37.37
N GLU B 499 -45.39 -32.84 -37.21
CA GLU B 499 -45.92 -33.72 -38.28
C GLU B 499 -46.08 -32.94 -39.60
N ASN B 500 -46.69 -31.75 -39.51
CA ASN B 500 -46.96 -30.86 -40.66
C ASN B 500 -45.62 -30.57 -41.38
N LEU B 501 -44.61 -30.09 -40.66
CA LEU B 501 -43.35 -29.68 -41.29
C LEU B 501 -42.58 -30.90 -41.81
N PHE B 502 -42.60 -32.02 -41.09
CA PHE B 502 -41.75 -33.20 -41.39
C PHE B 502 -42.46 -34.10 -42.41
N GLY B 503 -43.77 -33.91 -42.61
CA GLY B 503 -44.59 -34.76 -43.50
C GLY B 503 -44.51 -36.24 -43.09
N SER B 504 -44.40 -36.49 -41.79
CA SER B 504 -44.07 -37.82 -41.23
C SER B 504 -44.26 -37.79 -39.71
N TYR B 505 -44.25 -38.98 -39.12
CA TYR B 505 -44.63 -39.22 -37.71
C TYR B 505 -43.66 -40.26 -37.14
N PRO B 506 -43.13 -40.07 -35.91
CA PRO B 506 -42.31 -41.10 -35.27
C PRO B 506 -43.15 -42.36 -34.99
N ILE B 507 -42.56 -43.55 -35.12
CA ILE B 507 -43.22 -44.84 -34.78
C ILE B 507 -42.63 -45.35 -33.46
N GLU B 508 -41.32 -45.61 -33.43
CA GLU B 508 -40.62 -46.10 -32.21
C GLU B 508 -39.19 -45.54 -32.13
N TYR B 509 -38.66 -45.43 -30.90
CA TYR B 509 -37.22 -45.49 -30.58
C TYR B 509 -36.91 -46.86 -29.97
N LYS B 510 -35.82 -47.47 -30.40
CA LYS B 510 -35.28 -48.69 -29.75
C LYS B 510 -33.82 -48.42 -29.40
N ILE B 511 -33.52 -48.48 -28.11
CA ILE B 511 -32.13 -48.31 -27.61
C ILE B 511 -31.29 -49.46 -28.20
N LYS B 512 -30.06 -49.12 -28.62
CA LYS B 512 -29.03 -50.02 -29.21
C LYS B 512 -27.72 -49.86 -28.42
N GLU B 513 -26.58 -50.33 -28.95
CA GLU B 513 -25.24 -50.02 -28.38
C GLU B 513 -24.93 -48.53 -28.52
N ASN B 514 -23.87 -48.08 -27.85
CA ASN B 514 -23.36 -46.66 -27.91
C ASN B 514 -23.08 -46.29 -29.37
N LEU B 515 -22.59 -47.25 -30.15
CA LEU B 515 -22.29 -47.05 -31.58
C LEU B 515 -22.97 -48.16 -32.39
N PHE B 516 -23.79 -47.81 -33.37
CA PHE B 516 -24.38 -48.81 -34.31
C PHE B 516 -24.41 -48.18 -35.70
N SER B 517 -24.76 -48.97 -36.70
CA SER B 517 -24.76 -48.59 -38.12
C SER B 517 -26.22 -48.54 -38.63
N LEU B 518 -26.62 -47.42 -39.23
CA LEU B 518 -27.83 -47.31 -40.08
C LEU B 518 -27.40 -47.69 -41.51
N ASP B 519 -27.79 -48.87 -41.98
CA ASP B 519 -27.39 -49.40 -43.31
C ASP B 519 -28.53 -49.10 -44.30
N PHE B 520 -28.35 -48.08 -45.14
CA PHE B 520 -29.43 -47.66 -46.08
C PHE B 520 -29.61 -48.76 -47.13
N GLU B 521 -30.85 -48.86 -47.67
CA GLU B 521 -31.20 -49.63 -48.90
C GLU B 521 -30.29 -49.21 -50.09
N LYS B 522 -29.24 -50.02 -50.32
CA LYS B 522 -28.14 -49.78 -51.30
C LYS B 522 -27.11 -50.93 -51.20
N TYR B 525 -24.15 -48.49 -48.09
CA TYR B 525 -23.68 -47.26 -47.38
C TYR B 525 -24.36 -47.13 -45.99
N LYS B 526 -23.55 -46.60 -45.08
CA LYS B 526 -23.62 -46.88 -43.62
C LYS B 526 -23.33 -45.59 -42.84
N LEU B 527 -24.31 -45.08 -42.12
CA LEU B 527 -24.12 -43.95 -41.17
C LEU B 527 -23.85 -44.52 -39.78
N PRO B 528 -22.75 -44.12 -39.12
CA PRO B 528 -22.63 -44.31 -37.68
C PRO B 528 -23.75 -43.54 -36.97
N ALA B 529 -24.34 -44.18 -35.96
CA ALA B 529 -25.46 -43.66 -35.13
C ALA B 529 -25.20 -44.01 -33.66
N HIS B 530 -25.68 -43.16 -32.77
CA HIS B 530 -25.43 -43.29 -31.32
C HIS B 530 -26.70 -43.63 -30.59
N LEU B 531 -26.72 -44.78 -29.93
CA LEU B 531 -27.60 -45.10 -28.76
C LEU B 531 -29.03 -45.49 -29.17
N TRP B 532 -29.76 -44.65 -29.92
CA TRP B 532 -31.21 -44.90 -30.20
C TRP B 532 -31.49 -44.99 -31.70
N LYS B 533 -32.19 -46.04 -32.15
CA LYS B 533 -32.64 -46.11 -33.57
C LYS B 533 -34.09 -45.62 -33.64
N GLY B 534 -34.31 -44.55 -34.39
CA GLY B 534 -35.66 -44.01 -34.61
C GLY B 534 -36.25 -44.56 -35.88
N THR B 535 -37.51 -44.97 -35.82
CA THR B 535 -38.30 -45.35 -37.02
C THR B 535 -39.51 -44.41 -37.15
N ILE B 536 -39.93 -44.17 -38.39
CA ILE B 536 -41.00 -43.17 -38.71
C ILE B 536 -41.97 -43.82 -39.71
N GLU B 537 -43.11 -43.14 -39.88
CA GLU B 537 -44.08 -43.37 -40.98
C GLU B 537 -44.26 -42.03 -41.72
N THR B 538 -44.06 -42.05 -43.02
CA THR B 538 -44.23 -40.87 -43.91
C THR B 538 -45.68 -40.78 -44.37
N SER B 539 -46.24 -39.56 -44.40
CA SER B 539 -47.48 -39.22 -45.12
C SER B 539 -47.05 -38.48 -46.39
N LYS B 540 -46.72 -37.18 -46.33
CA LYS B 540 -46.31 -36.41 -47.53
C LYS B 540 -44.82 -36.63 -47.87
N ALA B 541 -43.96 -36.96 -46.90
CA ALA B 541 -42.50 -36.99 -47.13
C ALA B 541 -42.14 -38.24 -47.93
N THR B 542 -41.02 -38.24 -48.63
CA THR B 542 -40.46 -39.43 -49.29
C THR B 542 -39.73 -40.26 -48.23
N PRO B 543 -40.13 -41.51 -47.96
CA PRO B 543 -39.42 -42.36 -47.02
C PRO B 543 -38.02 -42.78 -47.51
N ILE B 544 -37.08 -42.90 -46.58
CA ILE B 544 -35.76 -43.55 -46.79
C ILE B 544 -35.68 -44.80 -45.90
N MET B 545 -35.42 -45.93 -46.53
CA MET B 545 -35.51 -47.29 -45.91
C MET B 545 -34.10 -47.81 -45.63
N ASP B 546 -33.97 -48.62 -44.57
CA ASP B 546 -32.70 -49.33 -44.28
C ASP B 546 -32.81 -50.77 -44.81
N LYS B 547 -31.74 -51.54 -44.73
CA LYS B 547 -31.63 -52.94 -45.19
C LYS B 547 -32.53 -53.86 -44.37
N GLU B 548 -33.14 -53.42 -43.28
CA GLU B 548 -34.07 -54.28 -42.51
C GLU B 548 -35.51 -53.98 -42.93
N GLY B 549 -35.72 -53.09 -43.91
CA GLY B 549 -37.04 -52.65 -44.38
C GLY B 549 -37.77 -51.76 -43.37
N GLU B 550 -37.04 -51.06 -42.51
CA GLU B 550 -37.64 -50.06 -41.59
C GLU B 550 -37.39 -48.69 -42.20
N CYS B 551 -38.33 -47.78 -41.99
CA CYS B 551 -38.21 -46.37 -42.44
C CYS B 551 -37.47 -45.52 -41.37
N ILE B 552 -36.26 -45.05 -41.68
CA ILE B 552 -35.34 -44.42 -40.68
C ILE B 552 -35.13 -42.93 -40.97
N ALA B 553 -35.62 -42.43 -42.11
CA ALA B 553 -35.42 -41.00 -42.48
C ALA B 553 -36.37 -40.61 -43.60
N CYS B 554 -36.50 -39.32 -43.87
CA CYS B 554 -37.36 -38.82 -44.94
C CYS B 554 -36.93 -37.44 -45.42
N ILE B 555 -37.31 -37.10 -46.65
CA ILE B 555 -37.18 -35.74 -47.22
C ILE B 555 -38.60 -35.24 -47.50
N ASN B 556 -38.97 -34.14 -46.90
CA ASN B 556 -40.29 -33.51 -47.12
C ASN B 556 -40.03 -32.22 -47.89
N GLN B 557 -40.63 -32.09 -49.08
CA GLN B 557 -40.67 -30.81 -49.83
C GLN B 557 -41.77 -29.97 -49.14
N TYR B 558 -41.47 -28.78 -48.65
CA TYR B 558 -42.47 -27.98 -47.89
C TYR B 558 -42.40 -26.53 -48.36
N GLY B 559 -43.44 -26.10 -49.10
CA GLY B 559 -43.40 -24.84 -49.88
C GLY B 559 -42.18 -24.84 -50.78
N LYS B 560 -41.37 -23.79 -50.75
CA LYS B 560 -40.16 -23.68 -51.61
C LYS B 560 -39.00 -24.49 -51.00
N GLY B 561 -39.05 -24.85 -49.71
CA GLY B 561 -37.90 -25.42 -48.99
C GLY B 561 -37.99 -26.94 -48.89
N LYS B 562 -37.01 -27.55 -48.21
CA LYS B 562 -37.07 -29.00 -47.89
C LYS B 562 -36.60 -29.27 -46.47
N VAL B 563 -37.00 -30.43 -45.95
CA VAL B 563 -36.68 -30.94 -44.61
C VAL B 563 -36.05 -32.31 -44.80
N PHE B 564 -34.87 -32.51 -44.18
CA PHE B 564 -34.27 -33.85 -44.01
C PHE B 564 -34.36 -34.21 -42.54
N TRP B 565 -35.02 -35.30 -42.24
CA TRP B 565 -35.27 -35.77 -40.86
C TRP B 565 -34.77 -37.20 -40.75
N ILE B 566 -33.87 -37.41 -39.79
CA ILE B 566 -33.34 -38.75 -39.43
C ILE B 566 -33.32 -38.81 -37.91
N PRO B 567 -34.34 -39.43 -37.28
CA PRO B 567 -34.50 -39.37 -35.83
C PRO B 567 -33.52 -40.21 -34.99
N SER B 568 -32.58 -40.92 -35.61
CA SER B 568 -31.41 -41.49 -34.91
C SER B 568 -30.33 -40.43 -34.76
N PRO B 569 -29.55 -40.41 -33.66
CA PRO B 569 -28.48 -39.42 -33.53
C PRO B 569 -27.26 -39.76 -34.38
N ILE B 570 -27.17 -39.18 -35.57
CA ILE B 570 -26.05 -39.51 -36.50
C ILE B 570 -24.88 -38.57 -36.23
N ALA B 571 -25.16 -37.37 -35.74
CA ALA B 571 -24.09 -36.42 -35.32
C ALA B 571 -23.32 -37.06 -34.17
N LEU B 572 -24.05 -37.52 -33.15
CA LEU B 572 -23.41 -38.17 -31.98
C LEU B 572 -22.77 -39.48 -32.46
N GLY B 573 -23.31 -40.13 -33.47
CA GLY B 573 -22.70 -41.37 -33.99
C GLY B 573 -21.33 -41.10 -34.63
N ALA B 574 -21.24 -40.03 -35.42
CA ALA B 574 -19.96 -39.54 -35.96
C ALA B 574 -19.01 -39.25 -34.78
N ARG B 575 -19.46 -38.54 -33.76
CA ARG B 575 -18.62 -38.19 -32.58
C ARG B 575 -18.12 -39.45 -31.88
N GLU B 576 -19.01 -40.37 -31.57
CA GLU B 576 -18.69 -41.64 -30.90
C GLU B 576 -17.73 -42.43 -31.78
N SER B 577 -17.84 -42.40 -33.09
CA SER B 577 -16.93 -43.18 -33.97
C SER B 577 -15.63 -42.40 -34.27
N LYS B 578 -15.55 -41.12 -33.85
CA LYS B 578 -14.40 -40.21 -34.14
C LYS B 578 -14.14 -40.16 -35.65
N ASP B 579 -15.22 -40.16 -36.43
CA ASP B 579 -15.14 -40.10 -37.92
C ASP B 579 -16.30 -39.27 -38.42
N PHE B 580 -16.06 -38.05 -38.88
CA PHE B 580 -17.11 -37.11 -39.35
C PHE B 580 -17.26 -37.17 -40.88
N SER B 581 -16.59 -38.11 -41.56
CA SER B 581 -16.52 -38.15 -43.04
C SER B 581 -17.94 -38.40 -43.59
N GLU B 582 -18.67 -39.37 -43.05
CA GLU B 582 -20.03 -39.71 -43.57
C GLU B 582 -20.97 -38.52 -43.29
N LEU B 583 -20.93 -37.91 -42.11
CA LEU B 583 -21.81 -36.77 -41.80
C LEU B 583 -21.49 -35.60 -42.75
N SER B 584 -20.20 -35.39 -43.07
CA SER B 584 -19.74 -34.38 -44.05
C SER B 584 -20.41 -34.63 -45.40
N LYS B 585 -20.18 -35.81 -45.98
CA LYS B 585 -20.73 -36.19 -47.32
C LYS B 585 -22.24 -35.97 -47.32
N LEU B 586 -22.95 -36.47 -46.30
CA LEU B 586 -24.44 -36.39 -46.27
C LEU B 586 -24.88 -34.93 -46.22
N THR B 587 -24.29 -34.13 -45.33
CA THR B 587 -24.68 -32.70 -45.16
C THR B 587 -24.45 -31.94 -46.49
N VAL B 588 -23.30 -32.14 -47.13
CA VAL B 588 -22.90 -31.50 -48.42
C VAL B 588 -23.98 -31.81 -49.46
N SER B 589 -24.34 -33.08 -49.62
CA SER B 589 -25.38 -33.56 -50.56
C SER B 589 -26.73 -32.87 -50.30
N LEU B 590 -26.98 -32.28 -49.13
CA LEU B 590 -28.30 -31.67 -48.78
C LEU B 590 -28.25 -30.15 -48.95
N LEU B 591 -27.07 -29.59 -49.20
CA LEU B 591 -26.91 -28.13 -49.24
C LEU B 591 -27.40 -27.63 -50.60
N PRO B 592 -28.04 -26.44 -50.64
CA PRO B 592 -28.26 -25.70 -51.88
C PRO B 592 -26.96 -25.54 -52.68
N ASN B 593 -27.04 -25.79 -53.98
CA ASN B 593 -25.95 -25.53 -54.96
C ASN B 593 -25.30 -24.18 -54.69
N LYS B 594 -26.07 -23.12 -54.43
CA LYS B 594 -25.50 -21.76 -54.31
C LYS B 594 -24.43 -21.72 -53.20
N ILE B 595 -24.64 -22.42 -52.08
CA ILE B 595 -23.65 -22.41 -50.96
C ILE B 595 -22.31 -22.95 -51.47
N LEU B 596 -22.32 -24.07 -52.18
CA LEU B 596 -21.08 -24.72 -52.67
C LEU B 596 -20.41 -23.89 -53.80
N ASN B 597 -21.18 -23.19 -54.63
CA ASN B 597 -20.61 -22.39 -55.76
C ASN B 597 -19.99 -21.10 -55.24
N ASP B 598 -20.63 -20.43 -54.27
CA ASP B 598 -20.23 -19.07 -53.80
C ASP B 598 -19.17 -19.12 -52.68
N ASN B 599 -19.06 -20.21 -51.92
CA ASN B 599 -18.17 -20.27 -50.72
C ASN B 599 -16.98 -21.17 -50.99
N PRO B 600 -15.74 -20.73 -50.74
CA PRO B 600 -14.60 -21.63 -50.75
C PRO B 600 -14.82 -22.74 -49.71
N HIS B 601 -14.52 -23.98 -50.09
CA HIS B 601 -14.63 -25.20 -49.26
C HIS B 601 -13.67 -26.25 -49.82
N PHE B 602 -13.56 -27.40 -49.19
CA PHE B 602 -12.64 -28.47 -49.64
C PHE B 602 -13.33 -29.31 -50.70
N ASP B 603 -12.55 -29.83 -51.65
CA ASP B 603 -13.03 -30.69 -52.76
C ASP B 603 -13.69 -31.92 -52.13
N LYS B 604 -13.28 -32.29 -50.92
CA LYS B 604 -13.82 -33.45 -50.16
C LYS B 604 -13.54 -33.26 -48.68
N HIS B 605 -14.01 -34.19 -47.85
CA HIS B 605 -13.78 -34.16 -46.39
C HIS B 605 -12.29 -34.38 -46.11
N TYR B 606 -11.71 -33.59 -45.22
CA TYR B 606 -10.32 -33.78 -44.72
C TYR B 606 -10.35 -33.92 -43.19
N LYS B 607 -9.97 -35.08 -42.70
CA LYS B 607 -9.89 -35.34 -41.26
C LYS B 607 -8.86 -34.38 -40.67
N ASP B 608 -9.27 -33.65 -39.62
CA ASP B 608 -8.36 -32.83 -38.75
C ASP B 608 -7.77 -31.65 -39.53
N VAL B 609 -8.47 -31.16 -40.55
CA VAL B 609 -8.14 -29.86 -41.20
C VAL B 609 -9.36 -28.97 -41.05
N MET B 610 -9.15 -27.67 -40.87
CA MET B 610 -10.29 -26.74 -40.85
C MET B 610 -10.03 -25.62 -41.86
N MET B 611 -11.10 -25.09 -42.43
CA MET B 611 -11.08 -23.80 -43.15
C MET B 611 -12.34 -23.02 -42.81
N LYS B 612 -12.17 -21.71 -42.67
CA LYS B 612 -13.23 -20.71 -42.49
C LYS B 612 -12.86 -19.50 -43.36
N SER B 613 -13.80 -18.83 -44.01
CA SER B 613 -13.49 -17.69 -44.93
C SER B 613 -14.12 -16.42 -44.40
N PHE B 614 -13.56 -15.28 -44.80
CA PHE B 614 -14.05 -13.94 -44.41
C PHE B 614 -13.77 -12.94 -45.55
N LYS B 615 -14.38 -11.76 -45.43
CA LYS B 615 -14.17 -10.63 -46.37
C LYS B 615 -13.71 -9.41 -45.59
N SER B 616 -12.95 -8.54 -46.25
CA SER B 616 -12.61 -7.18 -45.74
C SER B 616 -12.60 -6.21 -46.92
N ASN B 617 -13.50 -5.23 -46.88
CA ASN B 617 -13.85 -4.30 -47.98
C ASN B 617 -13.78 -4.98 -49.35
N GLY B 618 -14.69 -5.91 -49.68
CA GLY B 618 -14.75 -6.52 -51.03
C GLY B 618 -13.76 -7.65 -51.29
N THR B 619 -12.59 -7.70 -50.66
CA THR B 619 -11.61 -8.82 -50.83
C THR B 619 -11.97 -10.03 -49.94
N MET B 620 -11.91 -11.23 -50.52
CA MET B 620 -12.16 -12.48 -49.79
C MET B 620 -10.84 -13.09 -49.31
N TYR B 621 -10.87 -13.66 -48.09
CA TYR B 621 -9.75 -14.40 -47.46
C TYR B 621 -10.24 -15.74 -46.94
N SER B 622 -9.31 -16.67 -46.79
CA SER B 622 -9.56 -17.98 -46.16
C SER B 622 -8.48 -18.29 -45.12
N LEU B 623 -8.91 -18.78 -43.95
CA LEU B 623 -8.06 -19.34 -42.88
C LEU B 623 -8.06 -20.86 -43.00
N ILE B 624 -6.90 -21.49 -43.13
CA ILE B 624 -6.75 -22.98 -43.14
C ILE B 624 -5.79 -23.36 -42.01
N ILE B 625 -6.14 -24.39 -41.23
CA ILE B 625 -5.27 -24.97 -40.17
C ILE B 625 -5.23 -26.49 -40.34
N ASN B 626 -4.04 -27.06 -40.33
CA ASN B 626 -3.82 -28.53 -40.43
C ASN B 626 -3.52 -29.05 -39.03
N LYS B 627 -4.39 -29.88 -38.47
CA LYS B 627 -4.24 -30.47 -37.12
C LYS B 627 -3.90 -31.96 -37.26
N SER B 628 -3.65 -32.46 -38.46
CA SER B 628 -3.30 -33.89 -38.65
C SER B 628 -1.80 -34.07 -38.43
N ALA B 629 -1.35 -35.32 -38.38
CA ALA B 629 0.04 -35.69 -38.10
C ALA B 629 0.90 -35.55 -39.36
N SER B 630 0.30 -35.27 -40.53
CA SER B 630 1.05 -35.24 -41.81
C SER B 630 0.78 -33.97 -42.63
N VAL B 631 1.72 -33.64 -43.51
CA VAL B 631 1.56 -32.60 -44.57
C VAL B 631 0.29 -32.97 -45.35
N GLN B 632 -0.62 -32.02 -45.54
CA GLN B 632 -1.87 -32.21 -46.32
C GLN B 632 -1.80 -31.30 -47.56
N THR B 633 -2.29 -31.81 -48.70
CA THR B 633 -2.60 -31.00 -49.90
C THR B 633 -4.12 -30.85 -49.99
N VAL B 634 -4.61 -29.65 -49.69
CA VAL B 634 -6.07 -29.34 -49.61
C VAL B 634 -6.48 -28.64 -50.92
N ASP B 635 -7.37 -29.27 -51.68
CA ASP B 635 -7.90 -28.69 -52.95
C ASP B 635 -9.07 -27.80 -52.59
N ILE B 636 -8.93 -26.48 -52.73
CA ILE B 636 -10.00 -25.50 -52.40
C ILE B 636 -10.79 -25.21 -53.68
N VAL B 637 -12.11 -25.36 -53.61
CA VAL B 637 -13.06 -25.10 -54.71
C VAL B 637 -14.13 -24.15 -54.19
N GLY B 638 -14.88 -23.53 -55.08
CA GLY B 638 -15.95 -22.56 -54.75
C GLY B 638 -15.36 -21.18 -54.58
N GLY B 639 -16.24 -20.17 -54.55
CA GLY B 639 -15.86 -18.75 -54.67
C GLY B 639 -15.11 -18.48 -55.99
N LYS B 640 -14.32 -17.42 -56.04
CA LYS B 640 -13.57 -16.99 -57.24
C LYS B 640 -12.18 -16.55 -56.79
N GLY B 641 -11.21 -16.54 -57.71
CA GLY B 641 -9.90 -15.89 -57.51
C GLY B 641 -8.77 -16.90 -57.44
N LYS B 642 -7.54 -16.40 -57.46
CA LYS B 642 -6.32 -17.24 -57.35
C LYS B 642 -5.77 -17.04 -55.93
N ALA B 643 -5.26 -18.11 -55.34
CA ALA B 643 -4.75 -18.14 -53.94
C ALA B 643 -3.44 -17.40 -53.87
N PHE B 644 -3.32 -16.37 -53.04
CA PHE B 644 -2.03 -15.78 -52.60
C PHE B 644 -1.91 -15.95 -51.08
N ILE B 645 -0.88 -16.67 -50.65
CA ILE B 645 -0.54 -16.91 -49.21
C ILE B 645 -0.02 -15.61 -48.59
N LEU B 646 -0.84 -15.02 -47.73
CA LEU B 646 -0.58 -13.73 -47.05
C LEU B 646 0.02 -13.98 -45.66
N PHE B 647 -0.33 -15.10 -45.03
CA PHE B 647 0.22 -15.52 -43.72
C PHE B 647 0.45 -17.03 -43.76
N ALA B 648 1.63 -17.49 -43.33
CA ALA B 648 1.93 -18.92 -43.11
C ALA B 648 3.12 -19.02 -42.15
N ASN B 649 2.97 -19.74 -41.04
CA ASN B 649 4.05 -19.85 -40.03
C ASN B 649 4.94 -21.06 -40.34
N LYS B 650 4.71 -21.85 -41.38
CA LYS B 650 5.62 -23.01 -41.69
C LYS B 650 5.84 -23.17 -43.20
N ASN B 651 5.88 -22.07 -43.96
CA ASN B 651 6.26 -22.10 -45.40
C ASN B 651 5.29 -22.99 -46.21
N ALA B 652 3.98 -22.92 -45.93
CA ALA B 652 2.95 -23.42 -46.85
C ALA B 652 3.22 -22.85 -48.24
N HIS B 653 2.88 -23.61 -49.28
CA HIS B 653 2.88 -23.14 -50.70
C HIS B 653 1.58 -23.63 -51.37
N SER B 654 1.13 -22.94 -52.41
CA SER B 654 -0.02 -23.37 -53.25
C SER B 654 0.40 -23.42 -54.72
N THR B 655 -0.23 -24.33 -55.46
CA THR B 655 -0.15 -24.50 -56.92
C THR B 655 -1.59 -24.48 -57.41
N ALA B 656 -1.98 -23.43 -58.13
CA ALA B 656 -3.39 -23.12 -58.41
C ALA B 656 -4.08 -23.01 -57.04
N ASN B 657 -5.16 -23.74 -56.81
CA ASN B 657 -5.93 -23.59 -55.55
C ASN B 657 -5.75 -24.86 -54.69
N LYS B 658 -4.62 -25.56 -54.86
CA LYS B 658 -4.19 -26.71 -54.02
C LYS B 658 -3.18 -26.19 -53.00
N LEU B 659 -3.54 -26.15 -51.70
CA LEU B 659 -2.65 -25.66 -50.62
C LEU B 659 -1.94 -26.85 -49.95
N THR B 660 -0.61 -26.84 -49.94
CA THR B 660 0.25 -27.79 -49.19
C THR B 660 0.57 -27.13 -47.84
N ILE B 661 0.08 -27.72 -46.75
CA ILE B 661 0.11 -27.11 -45.38
C ILE B 661 0.65 -28.14 -44.39
N SER B 662 1.56 -27.71 -43.52
CA SER B 662 2.29 -28.59 -42.57
C SER B 662 1.47 -28.84 -41.31
N PRO B 663 1.74 -29.94 -40.54
CA PRO B 663 1.15 -30.14 -39.22
C PRO B 663 1.25 -28.88 -38.37
N GLU B 664 0.12 -28.43 -37.80
CA GLU B 664 0.00 -27.32 -36.82
C GLU B 664 0.14 -25.96 -37.51
N GLU B 665 0.33 -25.93 -38.84
CA GLU B 665 0.50 -24.66 -39.57
C GLU B 665 -0.84 -23.95 -39.68
N THR B 666 -0.85 -22.64 -39.48
CA THR B 666 -1.97 -21.72 -39.78
C THR B 666 -1.66 -20.97 -41.07
N VAL B 667 -2.61 -20.91 -42.01
CA VAL B 667 -2.41 -20.22 -43.31
C VAL B 667 -3.55 -19.20 -43.52
N ILE B 668 -3.21 -17.98 -43.92
CA ILE B 668 -4.20 -17.01 -44.49
C ILE B 668 -3.94 -16.89 -45.99
N ILE B 669 -4.96 -17.24 -46.76
CA ILE B 669 -5.01 -17.03 -48.23
C ILE B 669 -5.81 -15.75 -48.50
N LYS B 670 -5.25 -14.88 -49.35
CA LYS B 670 -5.97 -13.76 -50.01
C LYS B 670 -6.36 -14.23 -51.42
N TRP B 671 -7.64 -14.12 -51.77
CA TRP B 671 -8.15 -14.45 -53.13
C TRP B 671 -7.98 -13.20 -54.00
N LYS B 672 -7.05 -13.25 -54.98
CA LYS B 672 -6.70 -12.13 -55.92
C LYS B 672 -7.82 -11.86 -56.96
N GLU C 23 52.04 55.64 45.36
CA GLU C 23 52.75 55.39 44.07
C GLU C 23 51.97 56.08 42.94
N ARG C 24 52.59 57.01 42.23
CA ARG C 24 52.04 57.69 41.02
C ARG C 24 52.59 57.03 39.77
N ILE C 25 51.74 56.79 38.77
CA ILE C 25 52.15 55.95 37.60
C ILE C 25 52.99 56.85 36.71
N SER C 26 53.91 56.28 35.97
CA SER C 26 54.79 57.00 35.03
C SER C 26 55.13 56.07 33.89
N LYS C 27 55.79 56.57 32.85
CA LYS C 27 56.23 55.79 31.67
C LYS C 27 57.34 54.81 32.08
N GLN C 28 57.83 54.87 33.34
CA GLN C 28 58.89 53.96 33.85
C GLN C 28 58.29 52.94 34.83
N SER C 29 56.98 53.00 35.10
CA SER C 29 56.37 52.10 36.11
C SER C 29 56.54 50.66 35.64
N THR C 30 56.65 49.75 36.59
CA THR C 30 56.63 48.30 36.33
C THR C 30 55.21 47.95 35.88
N PRO C 31 55.03 47.31 34.69
CA PRO C 31 53.71 46.95 34.25
C PRO C 31 53.15 45.86 35.19
N PHE C 32 51.82 45.80 35.30
CA PHE C 32 51.12 44.78 36.13
C PHE C 32 50.05 44.09 35.27
N VAL C 33 49.73 42.87 35.71
CA VAL C 33 48.50 42.12 35.34
C VAL C 33 47.53 42.26 36.50
N GLY C 34 46.26 42.46 36.24
CA GLY C 34 45.24 42.66 37.31
C GLY C 34 43.85 42.23 36.86
N ALA C 35 42.84 42.50 37.67
CA ALA C 35 41.49 41.99 37.36
C ALA C 35 40.47 42.71 38.21
N GLN C 36 39.28 42.89 37.66
CA GLN C 36 38.12 43.44 38.39
C GLN C 36 37.84 42.48 39.52
N ILE C 37 37.59 43.02 40.71
CA ILE C 37 37.02 42.24 41.84
C ILE C 37 35.62 42.79 41.97
N PHE C 38 34.64 41.96 41.63
CA PHE C 38 33.22 42.39 41.56
C PHE C 38 32.62 42.19 42.96
N ILE C 39 32.23 43.30 43.54
CA ILE C 39 31.66 43.40 44.92
C ILE C 39 30.19 43.80 44.82
N GLU C 40 29.33 43.04 45.49
CA GLU C 40 27.88 43.32 45.64
C GLU C 40 27.45 42.66 46.93
N PRO C 41 26.33 43.11 47.52
CA PRO C 41 25.82 42.53 48.76
C PRO C 41 25.48 41.07 48.54
N GLY C 42 25.57 40.29 49.63
CA GLY C 42 25.28 38.85 49.69
C GLY C 42 26.54 38.02 49.69
N GLN C 43 27.65 38.52 49.11
CA GLN C 43 28.95 37.82 49.14
C GLN C 43 29.39 37.70 50.62
N THR C 44 30.14 36.66 50.96
CA THR C 44 30.69 36.41 52.32
C THR C 44 32.15 36.87 52.38
N GLN C 45 32.60 37.26 53.58
CA GLN C 45 34.04 37.49 53.91
C GLN C 45 34.88 36.35 53.31
N GLU C 46 34.44 35.10 53.46
CA GLU C 46 35.21 33.90 53.03
C GLU C 46 35.40 33.94 51.51
N GLN C 47 34.35 34.19 50.72
CA GLN C 47 34.49 34.14 49.24
C GLN C 47 35.39 35.32 48.82
N ILE C 48 35.26 36.49 49.45
CA ILE C 48 36.06 37.67 48.99
C ILE C 48 37.55 37.39 49.26
N GLU C 49 37.87 36.89 50.45
CA GLU C 49 39.27 36.54 50.82
C GLU C 49 39.82 35.51 49.83
N GLN C 50 39.01 34.52 49.48
CA GLN C 50 39.37 33.46 48.51
C GLN C 50 39.81 34.10 47.18
N TRP C 51 39.09 35.14 46.73
CA TRP C 51 39.40 35.84 45.46
C TRP C 51 40.75 36.56 45.59
N PHE C 52 40.91 37.41 46.60
CA PHE C 52 42.16 38.22 46.77
C PHE C 52 43.36 37.30 46.95
N LYS C 53 43.20 36.21 47.68
CA LYS C 53 44.32 35.25 47.93
C LYS C 53 44.74 34.63 46.60
N LEU C 54 43.78 34.17 45.80
CA LEU C 54 44.11 33.53 44.48
C LEU C 54 44.66 34.60 43.51
N LEU C 55 44.15 35.83 43.59
CA LEU C 55 44.63 36.94 42.74
C LEU C 55 46.12 37.17 43.00
N ALA C 56 46.50 37.32 44.28
CA ALA C 56 47.91 37.42 44.72
C ALA C 56 48.74 36.21 44.24
N GLU C 57 48.23 34.98 44.36
CA GLU C 57 48.98 33.76 43.95
C GLU C 57 49.13 33.69 42.42
N SER C 58 48.32 34.43 41.67
CA SER C 58 48.32 34.45 40.20
C SER C 58 49.21 35.58 39.67
N ASN C 59 50.04 36.19 40.53
CA ASN C 59 51.08 37.19 40.14
C ASN C 59 50.38 38.45 39.61
N MET C 60 49.17 38.73 40.10
CA MET C 60 48.47 40.01 39.84
C MET C 60 48.71 40.93 41.04
N THR C 61 48.98 42.22 40.77
CA THR C 61 49.31 43.21 41.83
C THR C 61 48.15 44.17 42.06
N THR C 62 47.19 44.17 41.16
CA THR C 62 46.15 45.22 41.02
C THR C 62 44.77 44.62 40.78
N CYS C 63 43.77 45.22 41.39
CA CYS C 63 42.35 44.92 41.16
C CYS C 63 41.66 46.22 40.81
N ARG C 64 40.48 46.12 40.23
CA ARG C 64 39.61 47.28 39.97
C ARG C 64 38.27 47.00 40.64
N ILE C 65 37.69 48.00 41.27
CA ILE C 65 36.42 47.80 42.01
C ILE C 65 35.44 48.88 41.62
N ARG C 66 34.24 48.46 41.24
CA ARG C 66 33.09 49.37 40.96
C ARG C 66 32.53 49.83 42.31
N MET C 67 32.71 51.11 42.63
CA MET C 67 32.29 51.68 43.92
C MET C 67 30.79 52.02 43.86
N PHE C 68 29.94 51.01 43.65
CA PHE C 68 28.48 51.21 43.44
C PHE C 68 27.87 52.11 44.51
N GLY C 69 27.38 53.27 44.09
CA GLY C 69 26.53 54.14 44.92
C GLY C 69 25.34 53.40 45.48
N LYS C 70 24.75 52.48 44.69
CA LYS C 70 23.56 51.72 45.14
C LYS C 70 23.89 50.96 46.42
N TYR C 71 25.09 50.42 46.57
CA TYR C 71 25.43 49.46 47.65
C TYR C 71 26.13 50.19 48.81
N MET C 72 26.07 51.52 48.84
CA MET C 72 26.63 52.36 49.92
C MET C 72 25.53 53.29 50.44
N LYS C 73 24.54 53.64 49.62
CA LYS C 73 23.50 54.60 50.05
C LYS C 73 22.55 53.84 50.98
N THR C 74 22.21 54.45 52.11
CA THR C 74 21.23 53.93 53.12
C THR C 74 19.91 54.65 52.90
N PRO C 75 18.77 54.06 53.37
CA PRO C 75 17.47 54.72 53.25
C PRO C 75 17.43 56.24 53.56
N SER C 76 18.15 56.72 54.57
CA SER C 76 18.14 58.15 54.99
C SER C 76 19.00 59.04 54.06
N GLY C 77 19.73 58.46 53.10
CA GLY C 77 20.61 59.22 52.19
C GLY C 77 22.05 59.27 52.66
N THR C 78 22.36 58.93 53.93
CA THR C 78 23.76 58.86 54.42
C THR C 78 24.51 57.72 53.69
N TYR C 79 25.84 57.69 53.79
CA TYR C 79 26.70 56.68 53.13
C TYR C 79 27.16 55.69 54.19
N ASP C 80 27.02 54.39 53.90
CA ASP C 80 27.62 53.28 54.67
C ASP C 80 28.65 52.58 53.77
N PHE C 81 29.91 52.57 54.19
CA PHE C 81 31.07 52.16 53.37
C PHE C 81 31.44 50.70 53.66
N THR C 82 30.68 50.02 54.53
CA THR C 82 31.07 48.70 55.08
C THR C 82 31.43 47.72 53.97
N LEU C 83 30.56 47.64 52.95
CA LEU C 83 30.70 46.58 51.94
C LEU C 83 32.06 46.74 51.24
N PHE C 84 32.45 47.99 50.99
CA PHE C 84 33.69 48.31 50.22
C PHE C 84 34.89 48.35 51.17
N ASP C 85 34.68 48.74 52.43
CA ASP C 85 35.74 48.65 53.50
C ASP C 85 36.25 47.21 53.52
N ARG C 86 35.32 46.25 53.66
CA ARG C 86 35.62 44.80 53.70
C ARG C 86 36.57 44.45 52.54
N ALA C 87 36.24 44.85 51.32
CA ALA C 87 37.01 44.53 50.10
C ALA C 87 38.36 45.25 50.08
N PHE C 88 38.40 46.53 50.41
CA PHE C 88 39.68 47.31 50.45
C PHE C 88 40.65 46.72 51.48
N LYS C 89 40.13 46.33 52.65
CA LYS C 89 40.93 45.73 53.75
C LYS C 89 41.48 44.39 53.29
N LEU C 90 40.67 43.56 52.61
CA LEU C 90 41.20 42.27 52.13
C LEU C 90 42.23 42.50 51.01
N ALA C 91 42.01 43.48 50.14
CA ALA C 91 43.00 43.85 49.11
C ALA C 91 44.31 44.22 49.82
N ASP C 92 44.22 45.07 50.83
CA ASP C 92 45.40 45.60 51.58
C ASP C 92 46.16 44.44 52.21
N LYS C 93 45.46 43.53 52.86
CA LYS C 93 46.04 42.33 53.49
C LYS C 93 46.87 41.54 52.47
N TYR C 94 46.49 41.50 51.20
CA TYR C 94 47.18 40.67 50.18
C TYR C 94 48.08 41.55 49.31
N HIS C 95 48.29 42.81 49.72
CA HIS C 95 49.23 43.80 49.12
C HIS C 95 48.76 44.09 47.68
N ILE C 96 47.43 44.17 47.48
CA ILE C 96 46.81 44.40 46.14
C ILE C 96 46.35 45.84 46.11
N LYS C 97 46.79 46.59 45.10
CA LYS C 97 46.32 47.98 44.94
C LYS C 97 45.00 48.01 44.15
N VAL C 98 44.24 49.07 44.35
CA VAL C 98 42.85 49.20 43.89
C VAL C 98 42.75 50.38 42.92
N TYR C 99 42.21 50.12 41.72
CA TYR C 99 41.61 51.16 40.84
C TYR C 99 40.16 51.26 41.29
N ALA C 100 39.76 52.39 41.89
CA ALA C 100 38.38 52.59 42.39
C ALA C 100 37.58 53.38 41.36
N THR C 101 36.53 52.79 40.81
CA THR C 101 35.71 53.44 39.75
C THR C 101 34.57 54.18 40.42
N LEU C 102 34.48 55.49 40.16
CA LEU C 102 33.35 56.31 40.61
C LEU C 102 32.12 55.89 39.78
N PHE C 103 31.14 55.33 40.48
CA PHE C 103 29.95 54.68 39.88
C PHE C 103 28.75 55.01 40.75
N PRO C 104 28.17 56.21 40.56
CA PRO C 104 27.05 56.63 41.41
C PRO C 104 25.83 55.71 41.22
N ASP C 105 24.85 55.89 42.11
CA ASP C 105 23.58 55.13 42.10
C ASP C 105 23.03 55.15 40.67
N THR C 106 22.57 53.99 40.20
CA THR C 106 21.91 53.80 38.87
C THR C 106 21.11 52.50 38.95
N GLU C 107 20.20 52.31 38.02
CA GLU C 107 19.35 51.10 37.94
C GLU C 107 20.24 49.85 38.01
N PHE C 108 19.76 48.83 38.71
CA PHE C 108 20.43 47.51 38.78
C PHE C 108 20.67 46.95 37.35
N THR C 109 19.73 47.23 36.42
CA THR C 109 19.78 46.71 35.02
C THR C 109 20.73 47.53 34.15
N ASP C 110 21.23 48.68 34.63
CA ASP C 110 22.22 49.52 33.90
C ASP C 110 23.63 48.96 34.08
N VAL C 111 24.08 48.14 33.12
CA VAL C 111 25.37 47.40 33.26
C VAL C 111 26.54 48.39 33.23
N GLY C 112 26.55 49.32 32.27
CA GLY C 112 27.71 50.16 31.90
C GLY C 112 27.84 51.41 32.76
N GLY C 113 26.73 51.89 33.33
CA GLY C 113 26.64 53.16 34.05
C GLY C 113 26.21 54.29 33.14
N PHE C 114 25.58 55.31 33.73
CA PHE C 114 25.15 56.53 33.00
C PHE C 114 26.41 57.31 32.61
N LYS C 115 26.32 58.03 31.49
CA LYS C 115 27.47 58.66 30.83
C LYS C 115 27.47 60.17 31.12
N PHE C 116 26.33 60.73 31.55
CA PHE C 116 26.13 62.15 31.90
C PHE C 116 25.03 62.24 32.94
N PRO C 117 25.00 63.28 33.79
CA PRO C 117 23.91 63.43 34.75
C PRO C 117 22.58 63.59 34.00
N HIS C 118 21.47 63.16 34.62
CA HIS C 118 20.09 63.15 34.04
C HIS C 118 19.50 64.56 34.17
N SER C 119 19.86 65.27 35.24
CA SER C 119 19.25 66.55 35.69
C SER C 119 20.22 67.28 36.61
N ARG C 120 19.97 68.56 36.88
CA ARG C 120 20.74 69.38 37.86
C ARG C 120 20.66 68.68 39.22
N GLU C 121 19.47 68.22 39.61
CA GLU C 121 19.25 67.49 40.90
C GLU C 121 20.19 66.27 40.93
N HIS C 122 20.23 65.49 39.83
CA HIS C 122 21.09 64.29 39.74
C HIS C 122 22.57 64.70 39.86
N GLN C 123 22.98 65.80 39.23
CA GLN C 123 24.39 66.29 39.32
C GLN C 123 24.76 66.50 40.80
N LYS C 124 23.84 67.04 41.62
CA LYS C 124 24.12 67.32 43.05
C LYS C 124 24.28 65.99 43.79
N GLU C 125 23.52 64.97 43.43
CA GLU C 125 23.67 63.61 43.99
C GLU C 125 25.06 63.10 43.62
N VAL C 126 25.53 63.38 42.40
CA VAL C 126 26.87 62.89 41.97
C VAL C 126 27.94 63.62 42.79
N GLU C 127 27.79 64.95 42.99
CA GLU C 127 28.70 65.78 43.83
C GLU C 127 28.84 65.13 45.21
N ASP C 128 27.68 64.86 45.82
CA ASP C 128 27.56 64.29 47.19
C ASP C 128 28.22 62.90 47.21
N TYR C 129 27.99 62.08 46.18
CA TYR C 129 28.56 60.72 46.07
C TYR C 129 30.09 60.84 46.04
N ILE C 130 30.63 61.76 45.25
CA ILE C 130 32.10 61.86 45.11
C ILE C 130 32.71 62.34 46.44
N LYS C 131 32.10 63.35 47.07
CA LYS C 131 32.58 63.88 48.37
C LYS C 131 32.73 62.70 49.35
N ASN C 132 31.65 61.94 49.53
CA ASN C 132 31.59 60.83 50.51
C ASN C 132 32.61 59.76 50.14
N VAL C 133 32.60 59.30 48.88
CA VAL C 133 33.41 58.10 48.51
C VAL C 133 34.90 58.47 48.49
N VAL C 134 35.25 59.62 47.95
CA VAL C 134 36.68 60.00 47.78
C VAL C 134 37.29 60.37 49.15
N SER C 135 36.56 61.13 49.98
CA SER C 135 36.99 61.52 51.35
C SER C 135 37.30 60.26 52.13
N HIS C 136 36.46 59.23 52.03
CA HIS C 136 36.62 57.97 52.81
C HIS C 136 37.75 57.12 52.20
N PHE C 137 37.67 56.73 50.95
CA PHE C 137 38.58 55.69 50.39
C PHE C 137 39.97 56.25 50.03
N SER C 138 40.14 57.55 49.89
CA SER C 138 41.48 58.19 49.69
C SER C 138 42.42 57.90 50.88
N GLN C 139 41.84 57.56 52.04
CA GLN C 139 42.59 57.22 53.26
C GLN C 139 43.24 55.84 53.18
N TYR C 140 42.83 54.93 52.28
CA TYR C 140 43.45 53.58 52.19
C TYR C 140 44.79 53.72 51.46
N LYS C 141 45.83 53.10 52.04
CA LYS C 141 47.21 53.19 51.48
C LYS C 141 47.32 52.36 50.21
N ASN C 142 46.39 51.43 49.94
CA ASN C 142 46.48 50.54 48.76
C ASN C 142 45.67 51.11 47.58
N LEU C 143 45.12 52.33 47.67
CA LEU C 143 44.38 52.95 46.53
C LEU C 143 45.41 53.41 45.49
N ALA C 144 45.32 52.95 44.24
CA ALA C 144 46.27 53.30 43.16
C ALA C 144 45.75 54.42 42.26
N ALA C 145 44.42 54.53 42.10
CA ALA C 145 43.80 55.41 41.08
C ALA C 145 42.29 55.53 41.28
N TRP C 146 41.77 56.70 40.94
CA TRP C 146 40.33 56.94 40.73
C TRP C 146 40.05 56.79 39.24
N VAL C 147 39.11 55.92 38.89
CA VAL C 147 38.55 55.87 37.51
C VAL C 147 37.35 56.81 37.54
N LEU C 148 37.44 57.93 36.82
CA LEU C 148 36.53 59.08 36.97
C LEU C 148 35.10 58.65 36.64
N ILE C 149 34.96 57.79 35.64
CA ILE C 149 33.65 57.29 35.14
C ILE C 149 33.90 55.97 34.43
N ASN C 150 32.99 55.01 34.55
CA ASN C 150 33.17 53.77 33.75
C ASN C 150 32.78 54.05 32.28
N GLU C 151 33.69 53.79 31.36
CA GLU C 151 33.34 53.72 29.90
C GLU C 151 32.61 54.98 29.46
N PRO C 152 33.29 56.16 29.45
CA PRO C 152 32.68 57.37 28.94
C PRO C 152 32.25 57.17 27.48
N GLY C 153 31.16 57.80 27.10
CA GLY C 153 30.63 57.71 25.73
C GLY C 153 29.58 56.61 25.55
N THR C 154 28.58 56.90 24.73
CA THR C 154 27.65 55.91 24.13
C THR C 154 27.23 56.41 22.76
N PRO C 155 26.83 55.49 21.84
CA PRO C 155 26.29 55.88 20.52
C PRO C 155 25.03 56.77 20.65
N ASN C 156 24.14 56.43 21.58
CA ASN C 156 22.78 57.02 21.78
C ASN C 156 22.81 57.97 22.98
N LEU C 157 23.26 59.20 22.74
CA LEU C 157 23.40 60.23 23.79
C LEU C 157 22.01 60.71 24.18
N PRO C 158 21.75 61.00 25.45
CA PRO C 158 20.37 61.26 25.90
C PRO C 158 19.93 62.73 25.69
N PHE C 159 19.73 63.14 24.41
CA PHE C 159 19.35 64.53 24.03
C PHE C 159 17.97 64.91 24.60
N ASN C 160 17.16 63.94 25.02
CA ASN C 160 15.80 64.22 25.58
C ASN C 160 15.84 64.57 27.06
N GLU C 161 16.86 64.13 27.82
CA GLU C 161 16.93 64.38 29.29
C GLU C 161 17.23 65.85 29.54
N PRO C 162 16.65 66.48 30.58
CA PRO C 162 16.78 67.93 30.78
C PRO C 162 18.22 68.44 30.83
N PHE C 163 19.11 67.74 31.52
CA PHE C 163 20.50 68.23 31.76
C PHE C 163 21.24 68.39 30.42
N THR C 164 21.21 67.34 29.58
CA THR C 164 21.88 67.32 28.26
C THR C 164 21.21 68.33 27.32
N LYS C 165 19.89 68.41 27.35
CA LYS C 165 19.11 69.27 26.43
C LYS C 165 19.44 70.73 26.72
N GLU C 166 19.53 71.10 27.99
CA GLU C 166 19.90 72.47 28.43
C GLU C 166 21.32 72.77 27.95
N ARG C 167 22.25 71.83 28.14
CA ARG C 167 23.66 72.06 27.80
C ARG C 167 23.82 72.27 26.29
N PHE C 168 23.13 71.47 25.48
CA PHE C 168 23.18 71.56 24.00
C PHE C 168 22.65 72.93 23.56
N SER C 169 21.51 73.35 24.11
CA SER C 169 20.89 74.68 23.86
C SER C 169 21.91 75.80 24.17
N ASP C 170 22.48 75.80 25.38
CA ASP C 170 23.51 76.81 25.80
C ASP C 170 24.69 76.77 24.83
N TRP C 171 25.19 75.59 24.49
CA TRP C 171 26.34 75.43 23.56
C TRP C 171 26.04 76.09 22.23
N LYS C 172 24.84 75.90 21.67
CA LYS C 172 24.44 76.44 20.34
C LYS C 172 24.40 77.98 20.42
N LYS C 173 23.86 78.52 21.51
CA LYS C 173 23.79 79.99 21.77
C LYS C 173 25.21 80.57 21.82
N GLU C 174 26.22 79.84 22.31
CA GLU C 174 27.60 80.36 22.44
C GLU C 174 28.44 80.08 21.18
N HIS C 175 27.91 79.38 20.18
CA HIS C 175 28.64 79.08 18.92
C HIS C 175 27.86 79.66 17.76
N ASN C 176 28.38 80.68 17.10
CA ASN C 176 27.73 81.25 15.89
C ASN C 176 28.11 80.39 14.68
N PHE C 177 27.16 79.76 14.02
CA PHE C 177 27.39 79.03 12.74
C PHE C 177 26.61 79.77 11.68
N SER C 178 27.10 79.74 10.44
CA SER C 178 26.34 80.24 9.27
C SER C 178 25.97 79.02 8.42
N GLU C 179 24.93 79.09 7.61
CA GLU C 179 24.50 78.02 6.68
C GLU C 179 25.36 78.00 5.40
N TYR C 180 26.31 78.93 5.24
CA TYR C 180 27.14 79.05 4.01
C TYR C 180 28.61 79.24 4.42
N ASN C 181 29.54 78.80 3.57
CA ASN C 181 30.99 79.03 3.82
C ASN C 181 31.36 80.40 3.24
N GLU C 182 32.62 80.77 3.35
CA GLU C 182 33.15 82.08 2.89
C GLU C 182 32.84 82.23 1.40
N LYS C 183 33.05 81.17 0.61
CA LYS C 183 32.85 81.21 -0.86
C LYS C 183 31.36 81.25 -1.22
N GLY C 184 30.43 81.07 -0.28
CA GLY C 184 28.97 81.21 -0.51
C GLY C 184 28.22 79.87 -0.52
N TYR C 185 28.93 78.74 -0.60
CA TYR C 185 28.34 77.38 -0.77
C TYR C 185 27.59 76.97 0.48
N PRO C 186 26.47 76.23 0.37
CA PRO C 186 25.82 75.66 1.54
C PRO C 186 26.77 74.70 2.26
N VAL C 187 26.61 74.60 3.59
CA VAL C 187 27.46 73.74 4.44
C VAL C 187 26.59 72.93 5.41
N LEU C 188 27.17 71.85 5.95
CA LEU C 188 26.75 71.25 7.24
C LEU C 188 27.72 71.73 8.32
N ASN C 189 27.23 71.94 9.55
CA ASN C 189 28.10 72.44 10.64
C ASN C 189 28.32 71.38 11.73
N PHE C 190 27.59 70.27 11.73
CA PHE C 190 27.83 69.14 12.66
C PHE C 190 27.78 69.65 14.10
N GLU C 191 26.73 70.39 14.40
CA GLU C 191 26.57 71.05 15.73
C GLU C 191 26.49 69.94 16.80
N LYS C 192 25.72 68.91 16.52
CA LYS C 192 25.51 67.77 17.45
C LYS C 192 26.89 67.14 17.76
N GLU C 193 27.66 66.79 16.73
CA GLU C 193 28.95 66.06 16.89
C GLU C 193 29.94 66.94 17.65
N ASN C 194 30.01 68.24 17.33
CA ASN C 194 30.98 69.18 17.94
C ASN C 194 30.58 69.39 19.41
N PHE C 195 29.30 69.59 19.68
CA PHE C 195 28.80 69.66 21.07
C PHE C 195 29.18 68.38 21.85
N ILE C 196 28.98 67.21 21.26
CA ILE C 196 29.21 65.92 21.98
C ILE C 196 30.68 65.84 22.41
N ILE C 197 31.61 66.20 21.53
CA ILE C 197 33.07 66.29 21.88
C ILE C 197 33.23 67.17 23.11
N ASP C 198 32.66 68.38 23.10
CA ASP C 198 32.91 69.40 24.16
C ASP C 198 32.21 68.93 25.45
N TYR C 199 31.09 68.22 25.32
CA TYR C 199 30.28 67.72 26.47
C TYR C 199 31.06 66.62 27.21
N HIS C 200 31.68 65.70 26.48
CA HIS C 200 32.57 64.66 27.09
C HIS C 200 33.74 65.36 27.78
N ASN C 201 34.41 66.27 27.06
CA ASN C 201 35.50 67.11 27.65
C ASN C 201 34.99 67.72 28.97
N TRP C 202 33.82 68.34 28.96
CA TRP C 202 33.32 69.07 30.14
C TRP C 202 33.07 68.07 31.31
N TYR C 203 32.35 66.97 31.07
CA TYR C 203 31.92 66.09 32.19
C TYR C 203 33.15 65.41 32.79
N LEU C 204 34.08 64.90 31.96
CA LEU C 204 35.25 64.20 32.52
C LEU C 204 36.13 65.21 33.31
N ASN C 205 36.29 66.43 32.80
CA ASN C 205 37.06 67.50 33.47
C ASN C 205 36.38 67.84 34.80
N TRP C 206 35.04 67.94 34.79
CA TRP C 206 34.25 68.28 36.00
C TRP C 206 34.42 67.17 37.06
N LEU C 207 34.38 65.89 36.64
CA LEU C 207 34.60 64.74 37.54
C LEU C 207 36.00 64.86 38.14
N ALA C 208 37.02 65.14 37.32
CA ALA C 208 38.42 65.27 37.79
C ALA C 208 38.50 66.38 38.87
N ASN C 209 37.86 67.52 38.63
CA ASN C 209 37.88 68.67 39.58
C ASN C 209 37.11 68.26 40.86
N GLN C 210 36.02 67.51 40.74
CA GLN C 210 35.27 67.06 41.93
C GLN C 210 36.17 66.16 42.78
N VAL C 211 36.86 65.20 42.17
CA VAL C 211 37.79 64.31 42.93
C VAL C 211 38.86 65.20 43.60
N ARG C 212 39.41 66.16 42.86
CA ARG C 212 40.58 66.99 43.29
C ARG C 212 40.16 67.88 44.49
N LEU C 213 38.88 68.20 44.68
CA LEU C 213 38.41 68.92 45.89
C LEU C 213 38.79 68.12 47.15
N TYR C 214 38.94 66.79 47.06
CA TYR C 214 39.10 65.91 48.25
C TYR C 214 40.38 65.08 48.18
N ASP C 215 41.01 64.92 47.01
CA ASP C 215 42.18 64.03 46.89
C ASP C 215 43.04 64.53 45.72
N LYS C 216 44.23 65.07 46.01
CA LYS C 216 45.22 65.55 45.00
C LYS C 216 46.33 64.52 44.86
N GLN C 217 46.26 63.42 45.60
CA GLN C 217 47.37 62.45 45.79
C GLN C 217 47.30 61.29 44.80
N HIS C 218 46.09 60.82 44.45
CA HIS C 218 45.94 59.57 43.65
C HIS C 218 45.72 59.92 42.18
N ASP C 219 46.32 59.10 41.31
CA ASP C 219 46.17 59.13 39.83
C ASP C 219 44.69 59.16 39.42
N LEU C 220 44.39 59.96 38.40
CA LEU C 220 43.07 59.99 37.71
C LEU C 220 43.19 59.21 36.40
N HIS C 221 42.20 58.36 36.16
CA HIS C 221 42.18 57.38 35.05
C HIS C 221 40.76 57.35 34.44
N VAL C 222 40.67 56.97 33.18
CA VAL C 222 39.38 56.76 32.51
C VAL C 222 39.55 55.74 31.36
N ASN C 223 38.49 54.97 31.06
CA ASN C 223 38.54 53.84 30.08
C ASN C 223 37.58 54.11 28.92
N PRO C 224 37.99 54.87 27.87
CA PRO C 224 37.22 54.93 26.63
C PRO C 224 37.08 53.51 26.04
N HIS C 225 36.00 53.29 25.30
CA HIS C 225 35.61 51.91 24.91
C HIS C 225 35.06 51.88 23.50
N ASN C 226 34.99 50.68 22.93
CA ASN C 226 34.40 50.50 21.58
C ASN C 226 35.02 51.56 20.67
N VAL C 227 36.34 51.67 20.69
CA VAL C 227 37.08 52.82 20.11
C VAL C 227 36.93 52.81 18.58
N PHE C 228 36.75 51.67 17.92
CA PHE C 228 36.63 51.71 16.44
C PHE C 228 35.28 52.31 16.00
N LYS C 229 34.34 52.48 16.93
CA LYS C 229 33.06 53.16 16.63
C LYS C 229 32.94 54.50 17.35
N LEU C 230 33.44 54.64 18.55
CA LEU C 230 33.15 55.81 19.44
C LEU C 230 34.33 56.80 19.45
N SER C 231 35.34 56.60 18.61
CA SER C 231 36.53 57.49 18.57
C SER C 231 36.09 58.92 18.24
N GLY C 232 34.94 59.09 17.58
CA GLY C 232 34.36 60.38 17.19
C GLY C 232 33.73 61.12 18.38
N LEU C 233 33.65 60.48 19.54
CA LEU C 233 33.20 61.12 20.82
C LEU C 233 34.39 61.67 21.63
N TYR C 234 35.61 61.25 21.27
CA TYR C 234 36.77 61.28 22.18
C TYR C 234 37.83 62.29 21.70
N ASP C 235 38.04 63.33 22.52
CA ASP C 235 39.14 64.34 22.32
C ASP C 235 40.28 64.02 23.31
N PHE C 236 41.15 63.09 22.96
CA PHE C 236 42.15 62.57 23.92
C PHE C 236 43.13 63.69 24.28
N PRO C 237 43.60 64.54 23.33
CA PRO C 237 44.49 65.65 23.68
C PRO C 237 43.91 66.50 24.82
N THR C 238 42.64 66.84 24.80
CA THR C 238 42.04 67.65 25.91
C THR C 238 42.07 66.83 27.21
N TRP C 239 41.76 65.52 27.13
CA TRP C 239 41.65 64.67 28.35
C TRP C 239 43.00 64.62 29.08
N ARG C 240 44.12 64.66 28.36
CA ARG C 240 45.49 64.69 28.95
C ARG C 240 45.60 65.79 29.99
N THR C 241 44.91 66.91 29.81
CA THR C 241 45.05 68.08 30.71
C THR C 241 44.58 67.70 32.12
N PHE C 242 43.76 66.65 32.33
CA PHE C 242 43.23 66.38 33.70
C PHE C 242 43.47 64.92 34.10
N LEU C 243 44.04 64.07 33.26
CA LEU C 243 44.31 62.65 33.62
C LEU C 243 45.77 62.48 34.00
N ASN C 244 46.07 61.44 34.76
CA ASN C 244 47.47 60.96 34.98
C ASN C 244 47.71 59.75 34.07
N SER C 245 46.66 59.03 33.67
CA SER C 245 46.84 57.89 32.73
C SER C 245 45.56 57.73 31.91
N LEU C 246 45.74 57.33 30.65
CA LEU C 246 44.61 56.96 29.78
C LEU C 246 44.43 55.43 29.84
N GLY C 247 43.16 55.02 29.88
CA GLY C 247 42.79 53.59 29.91
C GLY C 247 42.05 53.22 28.66
N GLY C 248 41.32 52.11 28.74
CA GLY C 248 40.56 51.51 27.63
C GLY C 248 39.91 50.21 28.07
N SER C 249 38.69 49.99 27.58
CA SER C 249 38.05 48.66 27.47
C SER C 249 38.29 48.17 26.04
N ALA C 250 38.94 47.03 25.90
CA ALA C 250 39.18 46.33 24.61
C ALA C 250 38.70 44.89 24.76
N HIS C 251 37.41 44.68 24.60
CA HIS C 251 36.75 43.37 24.76
C HIS C 251 36.54 42.70 23.40
N ALA C 252 37.05 41.49 23.26
CA ALA C 252 36.88 40.66 22.06
C ALA C 252 35.39 40.51 21.71
N SER C 253 34.47 40.54 22.68
CA SER C 253 33.06 40.17 22.47
C SER C 253 32.24 41.43 22.20
N TRP C 254 32.80 42.63 22.46
CA TRP C 254 32.03 43.87 22.27
C TRP C 254 32.62 44.75 21.17
N HIS C 255 33.94 44.78 20.98
CA HIS C 255 34.59 45.96 20.33
C HIS C 255 35.26 45.61 19.00
N PHE C 256 35.32 44.33 18.64
CA PHE C 256 36.15 43.82 17.53
C PHE C 256 35.28 43.23 16.42
N GLY C 257 34.02 43.69 16.33
CA GLY C 257 33.07 43.29 15.28
C GLY C 257 33.63 43.46 13.87
N TYR C 258 34.51 44.45 13.67
CA TYR C 258 35.07 44.71 12.34
C TYR C 258 36.07 43.64 11.95
N PHE C 259 36.39 42.70 12.82
CA PHE C 259 37.39 41.64 12.52
C PHE C 259 36.84 40.24 12.76
N PRO C 260 37.37 39.23 12.06
CA PRO C 260 37.18 37.85 12.51
C PRO C 260 38.09 37.53 13.72
N ARG C 261 37.77 36.47 14.43
CA ARG C 261 38.44 36.06 15.70
C ARG C 261 39.94 35.84 15.44
N LYS C 262 40.32 35.23 14.31
CA LYS C 262 41.73 34.98 13.99
C LYS C 262 42.50 36.29 13.79
N ALA C 263 41.85 37.45 13.73
CA ALA C 263 42.55 38.76 13.56
C ALA C 263 42.34 39.64 14.80
N TYR C 264 41.94 39.05 15.92
CA TYR C 264 41.78 39.83 17.19
C TYR C 264 43.18 40.26 17.67
N THR C 265 44.24 39.66 17.18
CA THR C 265 45.65 40.12 17.36
C THR C 265 45.78 41.54 16.82
N VAL C 266 45.35 41.69 15.56
CA VAL C 266 45.39 42.97 14.81
C VAL C 266 44.44 43.96 15.48
N ALA C 267 43.27 43.52 15.89
CA ALA C 267 42.30 44.40 16.56
C ALA C 267 42.89 44.93 17.86
N MET C 268 43.54 44.09 18.64
CA MET C 268 44.06 44.51 19.97
C MET C 268 45.26 45.46 19.74
N SER C 269 46.08 45.15 18.73
CA SER C 269 47.24 45.96 18.36
C SER C 269 46.76 47.35 17.98
N ALA C 270 45.73 47.44 17.11
CA ALA C 270 45.18 48.74 16.70
C ALA C 270 44.56 49.46 17.89
N ASN C 271 43.82 48.75 18.74
CA ASN C 271 43.15 49.37 19.91
C ASN C 271 44.26 49.94 20.82
N ALA C 272 45.35 49.19 20.99
CA ALA C 272 46.48 49.61 21.86
C ALA C 272 47.15 50.84 21.23
N GLU C 273 47.37 50.83 19.92
CA GLU C 273 48.02 51.96 19.25
C GLU C 273 47.16 53.21 19.39
N LEU C 274 45.85 53.03 19.28
CA LEU C 274 44.90 54.17 19.28
C LEU C 274 44.93 54.79 20.67
N ILE C 275 44.96 53.98 21.73
CA ILE C 275 44.94 54.52 23.12
C ILE C 275 46.30 55.18 23.38
N ARG C 276 47.39 54.50 23.00
CA ARG C 276 48.76 55.04 23.12
C ARG C 276 48.82 56.42 22.46
N SER C 277 48.33 56.54 21.24
CA SER C 277 48.27 57.87 20.55
C SER C 277 47.48 58.87 21.41
N GLY C 278 46.30 58.48 21.89
CA GLY C 278 45.48 59.38 22.71
C GLY C 278 46.24 59.80 23.95
N ALA C 279 47.01 58.87 24.52
CA ALA C 279 47.75 59.11 25.79
C ALA C 279 48.80 60.22 25.60
N GLY C 280 49.46 60.29 24.43
CA GLY C 280 50.54 61.25 24.15
C GLY C 280 51.67 61.08 25.18
N GLU C 281 51.91 62.08 26.04
CA GLU C 281 52.99 62.03 27.05
C GLU C 281 52.53 61.22 28.26
N LEU C 282 51.23 61.05 28.48
CA LEU C 282 50.70 60.25 29.61
C LEU C 282 51.01 58.78 29.39
N PRO C 283 51.24 58.02 30.47
CA PRO C 283 51.27 56.58 30.36
C PRO C 283 49.82 56.07 30.15
N TRP C 284 49.71 54.86 29.62
CA TRP C 284 48.39 54.23 29.39
C TRP C 284 48.48 52.78 29.84
N LEU C 285 47.30 52.20 30.09
CA LEU C 285 47.13 50.77 30.39
C LEU C 285 45.72 50.37 29.93
N MET C 286 45.49 49.08 29.71
CA MET C 286 44.16 48.60 29.28
C MET C 286 43.35 48.28 30.54
N THR C 287 42.41 49.14 30.89
CA THR C 287 41.57 49.03 32.09
C THR C 287 40.68 47.78 32.08
N GLU C 288 40.25 47.33 30.88
CA GLU C 288 39.40 46.11 30.77
C GLU C 288 39.84 45.29 29.55
N LEU C 289 40.11 44.01 29.76
CA LEU C 289 40.27 42.97 28.72
C LEU C 289 39.30 41.85 29.07
N GLN C 290 38.86 41.07 28.10
CA GLN C 290 37.84 39.99 28.35
C GLN C 290 38.53 38.84 29.11
N GLY C 291 38.07 38.58 30.33
CA GLY C 291 38.67 37.53 31.19
C GLY C 291 37.97 36.17 31.13
N GLY C 292 36.83 36.10 30.48
CA GLY C 292 36.00 34.90 30.57
C GLY C 292 34.84 34.87 29.59
N ASN C 293 33.92 33.99 29.91
CA ASN C 293 32.95 33.39 28.95
C ASN C 293 31.76 34.31 28.77
N ASN C 294 31.29 34.43 27.53
CA ASN C 294 29.93 34.94 27.23
C ASN C 294 28.97 33.76 27.25
N LEU C 295 27.94 33.85 28.09
CA LEU C 295 26.79 32.92 28.04
C LEU C 295 25.74 33.57 27.14
N TYR C 296 25.03 34.58 27.67
CA TYR C 296 23.98 35.39 27.01
C TYR C 296 24.55 36.76 26.61
N SER C 297 25.69 37.24 27.18
CA SER C 297 26.20 38.62 26.94
C SER C 297 27.09 38.65 25.68
N GLY C 298 27.48 39.85 25.28
CA GLY C 298 28.41 40.05 24.15
C GLY C 298 27.71 40.10 22.80
N ALA C 299 28.28 40.79 21.83
CA ALA C 299 27.80 40.90 20.43
C ALA C 299 28.49 39.80 19.64
N ASN C 300 29.76 39.51 19.90
CA ASN C 300 30.53 38.43 19.22
C ASN C 300 31.00 37.48 20.31
N PRO C 301 30.10 36.64 20.88
CA PRO C 301 30.43 35.91 22.09
C PRO C 301 31.60 34.95 21.90
N LEU C 302 32.42 34.80 22.96
CA LEU C 302 33.50 33.79 23.00
C LEU C 302 33.85 33.50 24.45
N CYS C 303 34.66 32.49 24.62
CA CYS C 303 35.47 32.24 25.84
C CYS C 303 36.92 32.32 25.36
N PRO C 304 37.64 33.40 25.72
CA PRO C 304 39.03 33.53 25.28
C PRO C 304 39.82 32.23 25.60
N THR C 305 40.65 31.78 24.68
CA THR C 305 41.63 30.72 24.92
C THR C 305 42.76 31.26 25.85
N ALA C 306 43.42 30.39 26.55
CA ALA C 306 44.69 30.66 27.26
C ALA C 306 45.65 31.34 26.29
N GLU C 307 45.71 30.88 25.05
CA GLU C 307 46.62 31.41 24.02
C GLU C 307 46.29 32.87 23.73
N GLU C 308 45.00 33.22 23.67
CA GLU C 308 44.51 34.59 23.40
C GLU C 308 44.85 35.49 24.60
N ILE C 309 44.75 34.99 25.84
CA ILE C 309 45.10 35.80 27.04
C ILE C 309 46.57 36.26 26.93
N ILE C 310 47.44 35.34 26.55
CA ILE C 310 48.89 35.60 26.42
C ILE C 310 49.11 36.57 25.26
N GLN C 311 48.49 36.31 24.11
CA GLN C 311 48.55 37.21 22.93
C GLN C 311 48.17 38.64 23.35
N TRP C 312 47.06 38.82 24.06
CA TRP C 312 46.56 40.20 24.32
C TRP C 312 47.51 40.91 25.26
N LEU C 313 48.00 40.22 26.30
CA LEU C 313 48.90 40.88 27.31
C LEU C 313 50.18 41.31 26.61
N TRP C 314 50.77 40.46 25.78
CA TRP C 314 52.05 40.80 25.09
C TRP C 314 51.83 41.93 24.09
N ILE C 315 50.74 41.93 23.32
CA ILE C 315 50.45 43.01 22.34
C ILE C 315 50.40 44.34 23.12
N ASN C 316 49.69 44.38 24.24
CA ASN C 316 49.47 45.63 24.99
C ASN C 316 50.82 46.11 25.57
N PHE C 317 51.60 45.22 26.19
CA PHE C 317 52.90 45.59 26.83
C PHE C 317 53.85 46.04 25.74
N ALA C 318 53.86 45.39 24.57
CA ALA C 318 54.72 45.77 23.43
C ALA C 318 54.33 47.13 22.89
N THR C 319 53.13 47.61 23.21
CA THR C 319 52.59 48.91 22.76
C THR C 319 52.59 49.89 23.95
N GLU C 320 53.40 49.61 24.97
CA GLU C 320 53.77 50.51 26.11
C GLU C 320 52.70 50.50 27.22
N ALA C 321 51.77 49.55 27.21
CA ALA C 321 50.78 49.47 28.29
C ALA C 321 51.52 49.27 29.63
N LYS C 322 51.08 49.98 30.65
CA LYS C 322 51.61 49.83 32.03
C LYS C 322 50.76 48.82 32.80
N GLY C 323 49.80 48.21 32.14
CA GLY C 323 48.84 47.31 32.82
C GLY C 323 47.88 46.65 31.84
N GLY C 324 47.45 45.43 32.17
CA GLY C 324 46.26 44.79 31.65
C GLY C 324 45.38 44.35 32.80
N ILE C 325 44.16 44.89 32.89
CA ILE C 325 43.15 44.48 33.91
C ILE C 325 42.02 43.70 33.22
N PHE C 326 41.75 42.49 33.68
CA PHE C 326 40.72 41.62 33.08
C PHE C 326 39.38 41.93 33.76
N TRP C 327 38.35 42.16 32.94
CA TRP C 327 36.94 42.01 33.34
C TRP C 327 36.58 40.55 33.08
N SER C 328 36.51 39.71 34.12
CA SER C 328 36.56 40.05 35.52
C SER C 328 37.20 38.89 36.27
N PHE C 329 37.67 39.10 37.50
CA PHE C 329 38.27 37.98 38.26
C PHE C 329 37.14 37.01 38.61
N ASN C 330 36.14 37.53 39.31
CA ASN C 330 34.93 36.79 39.75
C ASN C 330 33.73 37.38 38.98
N ALA C 331 32.61 36.67 38.99
CA ALA C 331 31.40 36.99 38.20
C ALA C 331 30.36 37.71 39.07
N ARG C 332 29.54 38.53 38.41
CA ARG C 332 28.23 38.98 38.95
C ARG C 332 27.40 37.71 39.25
N SER C 333 26.42 37.80 40.14
CA SER C 333 25.57 36.66 40.55
C SER C 333 24.15 36.75 39.97
N THR C 334 23.66 37.93 39.61
CA THR C 334 22.22 38.11 39.28
C THR C 334 22.01 38.79 37.91
N ALA C 335 21.11 38.22 37.10
CA ALA C 335 20.60 38.79 35.84
C ALA C 335 21.78 38.99 34.86
N ALA C 336 21.93 40.19 34.30
CA ALA C 336 22.91 40.41 33.20
C ALA C 336 24.30 39.98 33.64
N GLU C 337 24.88 39.06 32.90
CA GLU C 337 26.28 38.59 33.01
C GLU C 337 26.48 37.77 34.31
N ALA C 338 25.40 37.25 34.91
CA ALA C 338 25.49 36.32 36.07
C ALA C 338 26.35 35.12 35.67
N GLY C 339 27.47 34.90 36.35
CA GLY C 339 28.39 33.76 36.09
C GLY C 339 29.09 33.90 34.75
N GLU C 340 29.18 35.11 34.23
CA GLU C 340 29.87 35.36 32.96
C GLU C 340 31.14 36.20 33.23
N TRP C 341 32.11 36.10 32.31
CA TRP C 341 33.28 36.99 32.17
C TRP C 341 34.43 36.60 33.12
N ALA C 342 34.24 35.63 34.00
CA ALA C 342 35.17 35.43 35.14
C ALA C 342 36.39 34.58 34.70
N MET C 343 37.53 34.93 35.27
CA MET C 343 38.81 34.20 35.08
C MET C 343 38.81 32.96 35.99
N ILE C 344 38.11 33.04 37.11
CA ILE C 344 38.02 31.89 38.05
C ILE C 344 36.77 31.10 37.67
N ASN C 345 36.77 29.80 37.94
CA ASN C 345 35.65 28.88 37.66
C ASN C 345 34.62 28.99 38.81
N PHE C 346 33.56 28.19 38.78
CA PHE C 346 32.46 28.36 39.77
C PHE C 346 32.86 27.81 41.16
N LYS C 347 34.02 27.14 41.24
CA LYS C 347 34.59 26.66 42.54
C LYS C 347 35.67 27.64 42.99
N ASN C 348 35.78 28.82 42.36
CA ASN C 348 36.72 29.88 42.77
C ASN C 348 38.16 29.39 42.59
N LYS C 349 38.43 28.48 41.67
CA LYS C 349 39.80 28.09 41.26
C LYS C 349 40.10 28.64 39.86
N SER C 350 41.37 28.55 39.47
CA SER C 350 41.93 29.08 38.21
C SER C 350 41.36 28.36 36.98
N SER C 351 40.81 29.11 36.04
CA SER C 351 40.64 28.62 34.64
C SER C 351 42.00 28.61 33.94
N ASP C 352 42.12 28.00 32.76
CA ASP C 352 43.36 28.05 31.95
C ASP C 352 43.66 29.51 31.61
N ARG C 353 42.66 30.41 31.66
CA ARG C 353 42.86 31.84 31.36
C ARG C 353 43.67 32.49 32.50
N LEU C 354 43.32 32.19 33.75
CA LEU C 354 44.02 32.80 34.92
C LEU C 354 45.46 32.22 34.99
N ILE C 355 45.64 30.92 34.74
CA ILE C 355 46.97 30.25 34.67
C ILE C 355 47.80 30.95 33.59
N ALA C 356 47.24 31.26 32.44
CA ALA C 356 47.97 31.94 31.34
C ALA C 356 48.36 33.35 31.82
N ALA C 357 47.41 34.11 32.35
CA ALA C 357 47.68 35.47 32.84
C ALA C 357 48.81 35.43 33.90
N ALA C 358 48.80 34.42 34.78
CA ALA C 358 49.77 34.26 35.88
C ALA C 358 51.17 34.10 35.29
N THR C 359 51.36 33.39 34.17
CA THR C 359 52.68 33.23 33.53
C THR C 359 53.21 34.61 33.16
N ILE C 360 52.37 35.55 32.80
CA ILE C 360 52.87 36.89 32.35
C ILE C 360 53.22 37.74 33.57
N GLY C 361 52.42 37.74 34.64
CA GLY C 361 52.77 38.44 35.89
C GLY C 361 54.13 37.94 36.43
N LYS C 362 54.38 36.64 36.32
CA LYS C 362 55.63 35.96 36.75
C LYS C 362 56.77 36.41 35.83
N PHE C 363 56.56 36.42 34.50
CA PHE C 363 57.58 36.91 33.55
C PHE C 363 57.97 38.34 33.93
N ILE C 364 57.00 39.19 34.25
CA ILE C 364 57.29 40.61 34.63
C ILE C 364 58.26 40.60 35.86
N THR C 365 57.93 39.89 36.95
CA THR C 365 58.68 40.00 38.22
C THR C 365 60.11 39.47 38.01
N GLU C 366 60.31 38.58 37.01
CA GLU C 366 61.63 38.00 36.64
C GLU C 366 62.38 38.86 35.60
N ASN C 367 61.74 39.86 35.00
CA ASN C 367 62.38 40.72 33.97
C ASN C 367 62.01 42.18 34.26
N VAL C 368 62.08 42.65 35.51
CA VAL C 368 61.48 43.94 35.94
C VAL C 368 62.05 45.08 35.10
N LYS C 369 63.35 45.09 34.85
CA LYS C 369 64.01 46.25 34.19
C LYS C 369 63.54 46.33 32.73
N MET C 370 63.66 45.23 31.99
CA MET C 370 63.17 45.12 30.60
C MET C 370 61.71 45.58 30.51
N MET C 371 60.83 45.01 31.32
CA MET C 371 59.36 45.24 31.21
C MET C 371 58.96 46.64 31.68
N SER C 372 59.77 47.31 32.49
CA SER C 372 59.42 48.64 33.07
C SER C 372 59.75 49.76 32.10
N ASN C 373 60.52 49.51 31.04
CA ASN C 373 61.10 50.60 30.19
C ASN C 373 60.74 50.40 28.71
N ILE C 374 59.67 49.63 28.43
CA ILE C 374 59.28 49.32 27.03
C ILE C 374 58.94 50.63 26.32
N LYS C 375 59.51 50.80 25.15
CA LYS C 375 59.24 51.89 24.19
C LYS C 375 59.04 51.23 22.84
N THR C 376 57.84 51.43 22.26
CA THR C 376 57.52 50.80 20.97
C THR C 376 58.53 51.31 19.96
N LEU C 377 59.04 50.44 19.10
CA LEU C 377 59.90 50.83 17.96
C LEU C 377 58.99 51.34 16.86
N ASN C 378 58.82 52.68 16.83
CA ASN C 378 58.03 53.38 15.78
C ASN C 378 58.75 53.15 14.46
N SER C 379 58.12 52.52 13.50
CA SER C 379 58.64 52.35 12.12
C SER C 379 58.77 53.70 11.44
N GLY C 380 58.05 54.71 11.93
CA GLY C 380 57.80 55.99 11.23
C GLY C 380 56.51 56.01 10.41
N ILE C 381 55.80 54.88 10.32
CA ILE C 381 54.46 54.82 9.63
C ILE C 381 53.38 55.23 10.64
N SER C 382 52.62 56.27 10.30
CA SER C 382 51.44 56.71 11.09
C SER C 382 50.18 56.60 10.21
N ILE C 383 49.24 55.75 10.60
CA ILE C 383 47.88 55.63 9.98
C ILE C 383 46.97 56.60 10.70
N LEU C 384 46.44 57.61 10.01
CA LEU C 384 45.66 58.66 10.70
C LEU C 384 44.17 58.48 10.34
N TYR C 385 43.32 58.66 11.34
CA TYR C 385 41.85 58.77 11.21
C TYR C 385 41.49 60.17 11.71
N ASN C 386 40.33 60.73 11.34
CA ASN C 386 39.88 61.97 12.02
C ASN C 386 38.40 61.88 12.36
N HIS C 387 38.01 62.56 13.43
CA HIS C 387 36.59 62.69 13.84
C HIS C 387 35.74 63.04 12.62
N GLU C 388 36.20 64.00 11.81
CA GLU C 388 35.30 64.65 10.83
C GLU C 388 34.97 63.68 9.69
N SER C 389 35.88 62.78 9.32
CA SER C 389 35.62 61.76 8.27
C SER C 389 34.48 60.82 8.74
N MET C 390 34.46 60.51 10.03
CA MET C 390 33.43 59.64 10.65
C MET C 390 32.10 60.41 10.69
N TRP C 391 32.14 61.70 10.97
CA TRP C 391 30.93 62.55 11.07
C TRP C 391 30.32 62.76 9.66
N VAL C 392 31.16 63.00 8.68
CA VAL C 392 30.69 63.22 7.29
C VAL C 392 30.13 61.88 6.79
N GLU C 393 30.82 60.78 7.05
CA GLU C 393 30.34 59.44 6.61
C GLU C 393 28.93 59.19 7.17
N ALA C 394 28.69 59.57 8.43
CA ALA C 394 27.39 59.31 9.09
C ALA C 394 26.31 60.09 8.36
N ALA C 395 26.55 61.35 7.96
CA ALA C 395 25.56 62.15 7.20
C ALA C 395 25.36 61.58 5.78
N GLN C 396 26.40 61.14 5.10
CA GLN C 396 26.31 60.70 3.67
C GLN C 396 25.69 59.29 3.54
N THR C 397 25.95 58.38 4.45
CA THR C 397 25.47 56.98 4.35
C THR C 397 24.09 56.91 4.97
N ARG C 398 23.65 58.01 5.62
CA ARG C 398 22.37 58.18 6.38
C ARG C 398 22.18 56.96 7.32
N GLY C 399 23.27 56.33 7.77
CA GLY C 399 23.27 55.30 8.83
C GLY C 399 23.06 53.87 8.37
N LYS C 400 23.28 53.52 7.09
CA LYS C 400 23.33 52.10 6.58
C LYS C 400 24.46 51.35 7.33
N LEU C 401 24.34 50.01 7.47
CA LEU C 401 25.11 49.20 8.47
C LEU C 401 26.04 48.15 7.79
N ASN C 402 27.26 47.99 8.40
CA ASN C 402 28.36 46.97 8.28
C ASN C 402 29.76 47.69 8.16
N GLY C 403 30.76 47.23 7.34
CA GLY C 403 32.02 47.99 7.02
C GLY C 403 32.30 48.23 5.51
N ASN C 404 31.28 47.99 4.67
CA ASN C 404 31.05 48.38 3.23
C ASN C 404 31.17 49.89 3.04
N GLY C 405 31.67 50.33 1.88
CA GLY C 405 31.96 51.77 1.66
C GLY C 405 30.73 52.64 1.85
N ARG C 406 29.53 52.10 1.54
CA ARG C 406 28.27 52.87 1.62
C ARG C 406 27.63 52.72 3.01
N SER C 407 28.41 52.37 4.03
CA SER C 407 27.86 52.20 5.39
C SER C 407 28.74 52.87 6.45
N ILE C 408 28.16 53.09 7.64
CA ILE C 408 28.89 53.54 8.86
C ILE C 408 30.05 52.60 9.09
N GLY C 409 31.27 53.11 9.20
CA GLY C 409 32.45 52.37 9.68
C GLY C 409 33.50 52.12 8.58
N ALA C 410 33.21 52.39 7.31
CA ALA C 410 34.22 52.24 6.25
C ALA C 410 35.43 53.16 6.56
N VAL C 411 35.21 54.34 7.13
CA VAL C 411 36.32 55.30 7.41
C VAL C 411 37.22 54.77 8.55
N MET C 412 36.80 53.76 9.31
CA MET C 412 37.64 53.09 10.30
C MET C 412 38.12 51.77 9.73
N CYS C 413 37.30 51.00 9.03
CA CYS C 413 37.74 49.71 8.46
C CYS C 413 38.83 49.94 7.42
N SER C 414 38.83 51.05 6.69
CA SER C 414 39.87 51.33 5.65
C SER C 414 41.24 51.43 6.34
N PRO C 415 41.48 52.37 7.27
CA PRO C 415 42.79 52.47 7.91
C PRO C 415 43.13 51.20 8.70
N LEU C 416 42.13 50.50 9.27
CA LEU C 416 42.38 49.21 9.97
C LEU C 416 42.90 48.17 8.98
N SER C 417 42.48 48.23 7.74
CA SER C 417 42.93 47.26 6.71
C SER C 417 44.41 47.55 6.37
N TYR C 418 44.79 48.83 6.23
CA TYR C 418 46.23 49.14 6.03
C TYR C 418 47.01 48.62 7.24
N PHE C 419 46.46 48.84 8.43
CA PHE C 419 47.09 48.41 9.68
C PHE C 419 47.33 46.90 9.63
N GLU C 420 46.32 46.14 9.21
CA GLU C 420 46.45 44.66 9.11
C GLU C 420 47.49 44.28 8.05
N ALA C 421 47.48 44.92 6.89
CA ALA C 421 48.46 44.64 5.80
C ALA C 421 49.89 44.84 6.33
N LEU C 422 50.12 45.88 7.12
CA LEU C 422 51.47 46.16 7.69
C LEU C 422 51.81 45.13 8.78
N SER C 423 50.82 44.77 9.62
CA SER C 423 50.99 43.70 10.65
C SER C 423 51.46 42.42 9.99
N GLU C 424 50.85 42.08 8.85
CA GLU C 424 51.19 40.82 8.13
C GLU C 424 52.51 40.97 7.36
N THR C 425 53.12 42.16 7.44
CA THR C 425 54.49 42.40 6.92
C THR C 425 55.49 42.48 8.08
N GLY C 426 55.00 42.44 9.32
CA GLY C 426 55.82 42.53 10.54
C GLY C 426 56.30 43.95 10.83
N LEU C 427 55.58 44.95 10.31
CA LEU C 427 55.89 46.39 10.47
C LEU C 427 54.90 47.03 11.47
N GLN C 428 55.43 47.70 12.49
CA GLN C 428 54.66 48.55 13.42
C GLN C 428 54.05 49.69 12.60
N ALA C 429 52.92 50.17 13.05
CA ALA C 429 52.28 51.39 12.55
C ALA C 429 51.56 52.07 13.71
N ASN C 430 51.70 53.39 13.80
CA ASN C 430 50.86 54.13 14.76
C ASN C 430 49.45 54.15 14.14
N PHE C 431 48.46 54.33 15.01
CA PHE C 431 47.05 54.55 14.66
C PHE C 431 46.58 55.73 15.50
N LYS C 432 46.36 56.87 14.85
CA LYS C 432 46.27 58.19 15.56
C LYS C 432 45.17 59.03 14.96
N GLU C 433 44.45 59.74 15.82
CA GLU C 433 43.60 60.87 15.39
C GLU C 433 44.56 61.95 14.84
N ILE C 434 44.17 62.66 13.78
CA ILE C 434 45.04 63.58 13.02
C ILE C 434 45.61 64.67 13.97
N LYS C 435 44.82 65.14 14.94
CA LYS C 435 45.20 66.17 15.94
C LYS C 435 46.27 65.63 16.90
N GLU C 436 46.49 64.31 16.94
CA GLU C 436 47.50 63.69 17.84
C GLU C 436 48.82 63.60 17.09
N PHE C 437 48.81 63.81 15.76
CA PHE C 437 50.06 63.79 14.96
C PHE C 437 50.76 65.16 15.14
N ASP C 438 52.06 65.13 15.39
CA ASP C 438 52.88 66.35 15.59
C ASP C 438 53.31 66.88 14.22
N PHE C 439 52.65 67.95 13.74
CA PHE C 439 52.91 68.57 12.42
C PHE C 439 53.93 69.72 12.52
N SER C 440 54.55 69.94 13.68
CA SER C 440 55.44 71.12 13.97
C SER C 440 56.91 70.84 13.64
N LEU C 441 57.35 69.63 13.28
CA LEU C 441 58.80 69.31 13.08
C LEU C 441 59.30 69.91 11.76
N ASN C 442 60.63 70.06 11.65
CA ASN C 442 61.34 70.70 10.50
C ASN C 442 61.76 69.64 9.48
N ASP C 443 61.77 68.39 9.89
CA ASP C 443 62.21 67.27 9.04
C ASP C 443 61.23 66.09 9.26
N TYR C 444 60.80 65.44 8.17
CA TYR C 444 59.93 64.26 8.16
C TYR C 444 60.52 63.24 7.19
N THR C 445 61.80 63.36 6.86
CA THR C 445 62.54 62.35 6.04
C THR C 445 62.21 60.98 6.63
N ASP C 446 61.93 59.98 5.82
CA ASP C 446 61.71 58.61 6.33
C ASP C 446 60.48 58.51 7.31
N GLN C 447 59.56 59.48 7.37
CA GLN C 447 58.25 59.30 8.06
C GLN C 447 57.15 59.12 6.97
N VAL C 448 56.11 58.35 7.28
CA VAL C 448 55.01 57.99 6.33
C VAL C 448 53.68 58.25 7.02
N ILE C 449 52.80 59.00 6.37
CA ILE C 449 51.38 59.14 6.77
C ILE C 449 50.52 58.38 5.74
N ILE C 450 49.66 57.51 6.26
CA ILE C 450 48.63 56.81 5.46
C ILE C 450 47.29 57.43 5.84
N LEU C 451 46.62 57.99 4.83
CA LEU C 451 45.24 58.49 4.89
C LEU C 451 44.38 57.61 3.96
N SER C 452 43.77 56.60 4.55
CA SER C 452 42.97 55.57 3.84
C SER C 452 41.48 55.91 4.03
N HIS C 453 40.85 56.45 2.99
CA HIS C 453 39.40 56.76 2.99
C HIS C 453 39.08 57.67 4.16
N GLN C 454 39.94 58.66 4.39
CA GLN C 454 39.61 59.76 5.33
C GLN C 454 38.92 60.83 4.53
N ILE C 455 37.59 60.71 4.40
CA ILE C 455 36.82 61.39 3.32
C ILE C 455 36.72 62.89 3.63
N ALA C 456 36.98 63.33 4.87
CA ALA C 456 36.91 64.76 5.26
C ALA C 456 38.31 65.28 5.68
N LEU C 457 38.79 66.30 4.96
CA LEU C 457 40.03 67.08 5.25
C LEU C 457 39.74 68.56 5.01
N ASP C 458 40.15 69.42 5.96
CA ASP C 458 39.98 70.90 5.77
C ASP C 458 41.28 71.53 5.31
N ASN C 459 41.19 72.82 4.93
CA ASN C 459 42.34 73.63 4.40
C ASN C 459 43.50 73.58 5.40
N LYS C 460 43.22 73.80 6.69
CA LYS C 460 44.23 73.85 7.78
C LYS C 460 45.03 72.53 7.78
N VAL C 461 44.36 71.37 7.74
CA VAL C 461 45.06 70.06 7.76
C VAL C 461 45.82 69.83 6.44
N ILE C 462 45.26 70.25 5.32
CA ILE C 462 45.95 70.10 4.00
C ILE C 462 47.28 70.91 4.03
N LYS C 463 47.27 72.12 4.61
CA LYS C 463 48.50 72.95 4.79
C LYS C 463 49.50 72.09 5.60
N GLN C 464 49.05 71.51 6.71
CA GLN C 464 49.92 70.68 7.58
C GLN C 464 50.48 69.51 6.76
N LEU C 465 49.69 68.90 5.89
CA LEU C 465 50.16 67.75 5.05
C LEU C 465 51.15 68.24 3.98
N GLU C 466 50.90 69.41 3.38
CA GLU C 466 51.84 70.03 2.39
C GLU C 466 53.21 70.19 3.06
N SER C 467 53.21 70.76 4.26
CA SER C 467 54.42 71.01 5.08
C SER C 467 55.12 69.67 5.36
N PHE C 468 54.36 68.65 5.77
CA PHE C 468 54.90 67.30 6.08
C PHE C 468 55.62 66.71 4.85
N VAL C 469 55.00 66.79 3.67
CA VAL C 469 55.61 66.19 2.46
C VAL C 469 56.83 67.02 2.02
N GLU C 470 56.70 68.35 1.98
CA GLU C 470 57.79 69.28 1.56
C GLU C 470 59.08 68.90 2.30
N LYS C 471 58.92 68.69 3.60
CA LYS C 471 60.03 68.42 4.57
C LYS C 471 60.43 66.94 4.55
N GLY C 472 60.06 66.17 3.54
CA GLY C 472 60.57 64.79 3.33
C GLY C 472 59.55 63.69 3.60
N GLY C 473 58.35 64.00 4.09
CA GLY C 473 57.31 62.99 4.39
C GLY C 473 56.84 62.24 3.14
N THR C 474 56.53 60.95 3.27
CA THR C 474 55.77 60.12 2.29
C THR C 474 54.29 60.12 2.70
N LEU C 475 53.40 60.50 1.78
CA LEU C 475 51.94 60.47 1.98
C LEU C 475 51.33 59.41 1.06
N ILE C 476 50.67 58.43 1.65
CA ILE C 476 49.89 57.38 0.93
C ILE C 476 48.39 57.65 1.18
N ALA C 477 47.64 57.89 0.12
CA ALA C 477 46.19 58.22 0.20
C ALA C 477 45.43 57.32 -0.76
N ASP C 478 44.40 56.63 -0.26
CA ASP C 478 43.53 55.76 -1.08
C ASP C 478 42.07 56.05 -0.71
N GLY C 479 41.15 55.42 -1.45
CA GLY C 479 39.71 55.62 -1.27
C GLY C 479 39.36 57.08 -1.50
N LEU C 480 38.32 57.57 -0.84
CA LEU C 480 37.80 58.91 -1.11
C LEU C 480 38.49 59.92 -0.17
N THR C 481 39.73 59.70 0.21
CA THR C 481 40.46 60.66 1.07
C THR C 481 40.35 62.05 0.43
N GLY C 482 39.91 63.04 1.20
CA GLY C 482 39.90 64.45 0.77
C GLY C 482 38.72 64.84 -0.10
N TYR C 483 37.72 63.96 -0.29
CA TYR C 483 36.58 64.25 -1.18
C TYR C 483 35.74 65.39 -0.61
N TYR C 484 35.62 65.46 0.70
CA TYR C 484 34.83 66.49 1.41
C TYR C 484 35.79 67.31 2.30
N ASP C 485 35.33 68.48 2.73
CA ASP C 485 35.93 69.25 3.83
C ASP C 485 35.12 68.94 5.11
N TYR C 486 35.37 69.66 6.18
CA TYR C 486 34.83 69.40 7.54
C TYR C 486 33.38 69.88 7.60
N GLN C 487 32.88 70.53 6.53
CA GLN C 487 31.46 70.98 6.42
C GLN C 487 30.71 70.16 5.37
N ALA C 488 31.25 68.99 4.99
CA ALA C 488 30.66 68.05 4.02
C ALA C 488 30.57 68.72 2.64
N HIS C 489 31.24 69.85 2.42
CA HIS C 489 31.36 70.49 1.10
C HIS C 489 32.48 69.80 0.29
N SER C 490 32.22 69.38 -0.94
CA SER C 490 33.22 68.63 -1.76
C SER C 490 34.03 69.60 -2.61
N THR C 491 35.31 69.78 -2.30
CA THR C 491 36.19 70.66 -3.11
C THR C 491 36.50 69.87 -4.40
N VAL C 492 36.22 68.58 -4.44
CA VAL C 492 36.35 67.80 -5.71
C VAL C 492 35.42 68.44 -6.74
N VAL C 493 34.29 69.00 -6.27
CA VAL C 493 33.30 69.63 -7.16
C VAL C 493 33.70 71.09 -7.35
N SER C 494 33.91 71.85 -6.27
CA SER C 494 34.06 73.32 -6.30
C SER C 494 35.48 73.76 -6.69
N GLY C 495 36.50 72.91 -6.58
CA GLY C 495 37.93 73.25 -6.83
C GLY C 495 38.85 72.56 -5.84
N PHE C 496 39.52 71.47 -6.28
CA PHE C 496 40.08 70.41 -5.40
C PHE C 496 41.21 70.95 -4.52
N ALA C 497 41.05 70.89 -3.19
CA ALA C 497 41.97 71.52 -2.21
C ALA C 497 43.32 70.78 -2.16
N LEU C 498 43.36 69.52 -2.60
CA LEU C 498 44.60 68.70 -2.61
C LEU C 498 45.25 68.71 -4.00
N GLU C 499 44.78 69.49 -4.95
CA GLU C 499 45.39 69.48 -6.32
C GLU C 499 46.90 69.82 -6.24
N ASN C 500 47.24 70.86 -5.47
CA ASN C 500 48.63 71.32 -5.29
C ASN C 500 49.48 70.15 -4.78
N LEU C 501 49.06 69.49 -3.69
CA LEU C 501 49.89 68.45 -3.05
C LEU C 501 49.94 67.21 -3.94
N PHE C 502 48.83 66.85 -4.60
CA PHE C 502 48.70 65.57 -5.32
C PHE C 502 49.26 65.71 -6.74
N GLY C 503 49.45 66.95 -7.22
CA GLY C 503 49.91 67.21 -8.60
C GLY C 503 48.98 66.59 -9.63
N SER C 504 47.68 66.58 -9.33
CA SER C 504 46.67 65.82 -10.09
C SER C 504 45.28 66.19 -9.57
N TYR C 505 44.27 65.77 -10.31
CA TYR C 505 42.86 66.19 -10.16
C TYR C 505 41.99 64.96 -10.39
N PRO C 506 40.95 64.69 -9.56
CA PRO C 506 40.00 63.61 -9.83
C PRO C 506 39.24 63.92 -11.13
N ILE C 507 38.93 62.88 -11.92
CA ILE C 507 38.08 63.02 -13.13
C ILE C 507 36.68 62.46 -12.79
N GLU C 508 36.61 61.16 -12.48
CA GLU C 508 35.35 60.44 -12.21
C GLU C 508 35.52 59.37 -11.13
N TYR C 509 34.45 59.14 -10.36
CA TYR C 509 34.18 57.85 -9.67
C TYR C 509 33.07 57.12 -10.41
N LYS C 510 33.27 55.84 -10.61
CA LYS C 510 32.30 54.93 -11.25
C LYS C 510 32.09 53.74 -10.31
N ILE C 511 30.88 53.60 -9.79
CA ILE C 511 30.50 52.48 -8.87
C ILE C 511 30.68 51.19 -9.68
N LYS C 512 31.23 50.16 -9.05
CA LYS C 512 31.51 48.80 -9.60
C LYS C 512 30.89 47.77 -8.66
N GLU C 513 31.24 46.50 -8.77
CA GLU C 513 30.87 45.44 -7.78
C GLU C 513 31.59 45.73 -6.44
N ASN C 514 31.19 45.05 -5.36
CA ASN C 514 31.80 45.04 -4.02
C ASN C 514 33.31 44.83 -4.11
N LEU C 515 33.72 43.96 -5.01
CA LEU C 515 35.13 43.59 -5.24
C LEU C 515 35.41 43.65 -6.73
N PHE C 516 36.43 44.37 -7.14
CA PHE C 516 36.95 44.38 -8.53
C PHE C 516 38.48 44.50 -8.47
N SER C 517 39.14 44.38 -9.62
CA SER C 517 40.61 44.35 -9.75
C SER C 517 41.12 45.63 -10.44
N LEU C 518 42.07 46.34 -9.84
CA LEU C 518 42.90 47.37 -10.54
C LEU C 518 44.15 46.69 -11.07
N ASP C 519 44.25 46.46 -12.37
CA ASP C 519 45.42 45.76 -12.97
C ASP C 519 46.35 46.85 -13.55
N PHE C 520 47.49 47.13 -12.90
CA PHE C 520 48.44 48.15 -13.44
C PHE C 520 49.03 47.66 -14.77
N GLU C 521 49.23 48.60 -15.71
CA GLU C 521 49.73 48.45 -17.10
C GLU C 521 51.11 47.80 -17.08
N LYS C 522 51.84 48.05 -16.00
CA LYS C 522 53.21 47.55 -15.69
C LYS C 522 53.29 46.01 -15.57
N ASP C 523 52.16 45.34 -15.26
CA ASP C 523 52.04 43.90 -14.85
C ASP C 523 52.74 43.65 -13.49
N ASN C 524 53.18 44.72 -12.82
CA ASN C 524 53.63 44.74 -11.42
C ASN C 524 52.52 44.14 -10.52
N TYR C 525 51.29 44.68 -10.64
CA TYR C 525 50.27 44.71 -9.54
C TYR C 525 48.87 44.47 -10.10
N LYS C 526 48.10 43.71 -9.30
CA LYS C 526 46.66 43.45 -9.48
C LYS C 526 46.04 43.62 -8.10
N LEU C 527 45.62 44.82 -7.78
CA LEU C 527 45.12 45.20 -6.44
C LEU C 527 43.62 44.93 -6.40
N PRO C 528 43.14 44.16 -5.40
CA PRO C 528 41.72 44.17 -5.07
C PRO C 528 41.29 45.57 -4.66
N ALA C 529 40.13 46.00 -5.12
CA ALA C 529 39.51 47.33 -4.90
C ALA C 529 38.02 47.16 -4.58
N HIS C 530 37.48 48.03 -3.76
CA HIS C 530 36.11 47.91 -3.22
C HIS C 530 35.25 49.04 -3.80
N LEU C 531 34.22 48.68 -4.54
CA LEU C 531 33.00 49.51 -4.76
C LEU C 531 33.16 50.60 -5.82
N TRP C 532 34.16 51.49 -5.70
CA TRP C 532 34.29 52.69 -6.58
C TRP C 532 35.63 52.71 -7.30
N LYS C 533 35.63 52.87 -8.61
CA LYS C 533 36.86 53.08 -9.39
C LYS C 533 37.05 54.58 -9.61
N GLY C 534 38.15 55.12 -9.09
CA GLY C 534 38.53 56.53 -9.27
C GLY C 534 39.47 56.64 -10.45
N THR C 535 39.23 57.63 -11.29
CA THR C 535 40.15 58.03 -12.39
C THR C 535 40.58 59.48 -12.15
N ILE C 536 41.80 59.81 -12.59
CA ILE C 536 42.43 61.13 -12.31
C ILE C 536 43.08 61.65 -13.58
N GLU C 537 43.45 62.92 -13.53
CA GLU C 537 44.29 63.60 -14.55
C GLU C 537 45.48 64.20 -13.82
N THR C 538 46.69 63.86 -14.26
CA THR C 538 47.96 64.35 -13.68
C THR C 538 48.36 65.65 -14.38
N SER C 539 48.85 66.64 -13.60
CA SER C 539 49.58 67.81 -14.12
C SER C 539 51.06 67.57 -13.80
N LYS C 540 51.50 67.80 -12.56
CA LYS C 540 52.92 67.59 -12.15
C LYS C 540 53.20 66.11 -11.85
N ALA C 541 52.23 65.32 -11.39
CA ALA C 541 52.50 63.95 -10.89
C ALA C 541 52.77 63.02 -12.07
N THR C 542 53.45 61.91 -11.84
CA THR C 542 53.66 60.85 -12.85
C THR C 542 52.40 59.97 -12.83
N PRO C 543 51.66 59.85 -13.95
CA PRO C 543 50.47 59.00 -13.99
C PRO C 543 50.82 57.51 -13.90
N ILE C 544 49.96 56.73 -13.24
CA ILE C 544 50.00 55.25 -13.31
C ILE C 544 48.71 54.81 -13.99
N MET C 545 48.89 54.03 -15.06
CA MET C 545 47.80 53.57 -15.94
C MET C 545 47.43 52.12 -15.57
N ASP C 546 46.17 51.74 -15.77
CA ASP C 546 45.74 50.33 -15.67
C ASP C 546 45.70 49.73 -17.07
N LYS C 547 45.43 48.44 -17.17
CA LYS C 547 45.43 47.68 -18.45
C LYS C 547 44.25 48.11 -19.33
N GLU C 548 43.33 48.93 -18.85
CA GLU C 548 42.23 49.45 -19.70
C GLU C 548 42.59 50.83 -20.23
N GLY C 549 43.80 51.32 -19.96
CA GLY C 549 44.30 52.63 -20.41
C GLY C 549 43.69 53.81 -19.65
N GLU C 550 43.17 53.60 -18.43
CA GLU C 550 42.67 54.70 -17.59
C GLU C 550 43.73 55.03 -16.53
N CYS C 551 43.77 56.28 -16.10
CA CYS C 551 44.73 56.75 -15.07
C CYS C 551 44.11 56.60 -13.68
N ILE C 552 44.64 55.67 -12.87
CA ILE C 552 44.01 55.23 -11.59
C ILE C 552 44.88 55.64 -10.38
N ALA C 553 46.08 56.13 -10.59
CA ALA C 553 46.99 56.49 -9.47
C ALA C 553 48.10 57.39 -9.98
N CYS C 554 48.82 58.01 -9.07
CA CYS C 554 49.99 58.85 -9.44
C CYS C 554 50.98 58.95 -8.28
N ILE C 555 52.24 59.26 -8.61
CA ILE C 555 53.28 59.63 -7.62
C ILE C 555 53.71 61.07 -7.92
N ASN C 556 53.56 61.94 -6.93
CA ASN C 556 53.94 63.36 -7.05
C ASN C 556 55.16 63.56 -6.15
N GLN C 557 56.28 64.00 -6.74
CA GLN C 557 57.45 64.51 -5.97
C GLN C 557 57.09 65.91 -5.49
N TYR C 558 57.18 66.17 -4.18
CA TYR C 558 56.78 67.49 -3.62
C TYR C 558 57.81 67.88 -2.56
N GLY C 559 58.64 68.88 -2.89
CA GLY C 559 59.83 69.22 -2.08
C GLY C 559 60.69 68.00 -1.90
N LYS C 560 61.06 67.66 -0.67
CA LYS C 560 61.89 66.46 -0.40
C LYS C 560 61.03 65.18 -0.38
N GLY C 561 59.70 65.29 -0.25
CA GLY C 561 58.83 64.13 0.00
C GLY C 561 58.16 63.64 -1.27
N LYS C 562 57.32 62.61 -1.14
CA LYS C 562 56.48 62.13 -2.26
C LYS C 562 55.06 61.81 -1.76
N VAL C 563 54.14 61.78 -2.72
CA VAL C 563 52.70 61.44 -2.51
C VAL C 563 52.38 60.29 -3.45
N PHE C 564 51.80 59.22 -2.91
CA PHE C 564 51.15 58.16 -3.70
C PHE C 564 49.64 58.28 -3.48
N TRP C 565 48.92 58.55 -4.56
CA TRP C 565 47.46 58.72 -4.54
C TRP C 565 46.81 57.69 -5.46
N ILE C 566 45.89 56.91 -4.89
CA ILE C 566 45.07 55.93 -5.64
C ILE C 566 43.62 56.06 -5.14
N PRO C 567 42.78 56.84 -5.84
CA PRO C 567 41.47 57.21 -5.30
C PRO C 567 40.41 56.08 -5.32
N SER C 568 40.74 54.86 -5.75
CA SER C 568 39.93 53.65 -5.50
C SER C 568 40.23 53.11 -4.10
N PRO C 569 39.24 52.53 -3.39
CA PRO C 569 39.51 51.98 -2.05
C PRO C 569 40.23 50.64 -2.13
N ILE C 570 41.56 50.62 -2.01
CA ILE C 570 42.34 49.36 -2.13
C ILE C 570 42.49 48.73 -0.75
N ALA C 571 42.47 49.53 0.29
CA ALA C 571 42.46 49.01 1.68
C ALA C 571 41.16 48.22 1.88
N LEU C 572 40.03 48.83 1.55
CA LEU C 572 38.73 48.15 1.68
C LEU C 572 38.67 46.98 0.69
N GLY C 573 39.37 47.07 -0.44
CA GLY C 573 39.39 45.94 -1.39
C GLY C 573 40.11 44.75 -0.81
N ALA C 574 41.24 44.98 -0.15
CA ALA C 574 41.97 43.93 0.58
C ALA C 574 41.03 43.33 1.62
N ARG C 575 40.34 44.16 2.40
CA ARG C 575 39.42 43.67 3.46
C ARG C 575 38.31 42.80 2.83
N GLU C 576 37.66 43.30 1.80
CA GLU C 576 36.57 42.59 1.09
C GLU C 576 37.10 41.28 0.51
N SER C 577 38.34 41.25 0.02
CA SER C 577 38.88 40.02 -0.59
C SER C 577 39.52 39.11 0.48
N LYS C 578 39.62 39.56 1.74
CA LYS C 578 40.32 38.80 2.83
C LYS C 578 41.73 38.41 2.39
N ASP C 579 42.41 39.28 1.66
CA ASP C 579 43.79 39.07 1.15
C ASP C 579 44.51 40.42 1.17
N PHE C 580 45.43 40.61 2.12
CA PHE C 580 46.19 41.88 2.29
C PHE C 580 47.55 41.81 1.57
N SER C 581 47.82 40.75 0.79
CA SER C 581 49.17 40.47 0.25
C SER C 581 49.56 41.57 -0.72
N GLU C 582 48.70 41.93 -1.65
CA GLU C 582 49.00 42.96 -2.67
C GLU C 582 49.15 44.33 -1.99
N LEU C 583 48.30 44.68 -1.02
CA LEU C 583 48.40 45.97 -0.33
C LEU C 583 49.75 46.02 0.43
N SER C 584 50.17 44.90 1.03
CA SER C 584 51.49 44.75 1.69
C SER C 584 52.60 45.07 0.70
N LYS C 585 52.69 44.33 -0.40
CA LYS C 585 53.75 44.47 -1.42
C LYS C 585 53.79 45.93 -1.89
N LEU C 586 52.65 46.52 -2.23
CA LEU C 586 52.59 47.89 -2.78
C LEU C 586 53.10 48.88 -1.74
N THR C 587 52.62 48.81 -0.50
CA THR C 587 53.00 49.76 0.58
C THR C 587 54.53 49.68 0.82
N VAL C 588 55.07 48.48 0.91
CA VAL C 588 56.52 48.17 1.12
C VAL C 588 57.32 48.88 0.03
N SER C 589 56.95 48.69 -1.25
CA SER C 589 57.60 49.32 -2.42
C SER C 589 57.59 50.85 -2.31
N LEU C 590 56.72 51.46 -1.49
CA LEU C 590 56.60 52.94 -1.41
C LEU C 590 57.32 53.47 -0.18
N LEU C 591 57.80 52.60 0.69
CA LEU C 591 58.42 53.03 1.96
C LEU C 591 59.84 53.51 1.67
N PRO C 592 60.30 54.55 2.39
CA PRO C 592 61.71 54.91 2.43
C PRO C 592 62.58 53.70 2.79
N ASN C 593 63.67 53.50 2.07
CA ASN C 593 64.72 52.48 2.33
C ASN C 593 65.05 52.42 3.83
N LYS C 594 65.18 53.57 4.49
CA LYS C 594 65.60 53.62 5.92
C LYS C 594 64.64 52.80 6.79
N ILE C 595 63.32 52.85 6.54
CA ILE C 595 62.34 52.10 7.37
C ILE C 595 62.64 50.60 7.27
N LEU C 596 62.86 50.09 6.06
CA LEU C 596 63.10 48.64 5.84
C LEU C 596 64.47 48.22 6.39
N ASN C 597 65.50 49.08 6.35
CA ASN C 597 66.86 48.72 6.83
C ASN C 597 66.93 48.74 8.37
N ASP C 598 66.26 49.69 9.02
CA ASP C 598 66.35 49.91 10.49
C ASP C 598 65.35 49.05 11.29
N ASN C 599 64.23 48.61 10.71
CA ASN C 599 63.14 47.94 11.46
C ASN C 599 63.10 46.46 11.10
N PRO C 600 63.11 45.54 12.08
CA PRO C 600 62.82 44.14 11.79
C PRO C 600 61.41 44.04 11.19
N HIS C 601 61.29 43.26 10.12
CA HIS C 601 60.03 43.01 9.39
C HIS C 601 60.16 41.65 8.70
N PHE C 602 59.12 41.17 8.02
CA PHE C 602 59.16 39.85 7.34
C PHE C 602 59.78 40.05 5.94
N ASP C 603 60.48 39.03 5.46
CA ASP C 603 61.12 38.99 4.12
C ASP C 603 60.02 39.18 3.07
N LYS C 604 58.78 38.81 3.41
CA LYS C 604 57.61 38.94 2.52
C LYS C 604 56.34 38.94 3.37
N HIS C 605 55.19 39.11 2.74
CA HIS C 605 53.88 39.11 3.42
C HIS C 605 53.60 37.69 3.95
N TYR C 606 53.12 37.59 5.18
CA TYR C 606 52.64 36.34 5.80
C TYR C 606 51.20 36.52 6.25
N LYS C 607 50.31 35.76 5.63
CA LYS C 607 48.88 35.78 6.00
C LYS C 607 48.77 35.32 7.45
N ASP C 608 48.08 36.10 8.28
CA ASP C 608 47.64 35.73 9.64
C ASP C 608 48.85 35.54 10.57
N VAL C 609 49.94 36.24 10.31
CA VAL C 609 51.06 36.36 11.28
C VAL C 609 51.22 37.85 11.59
N MET C 610 51.57 38.19 12.81
CA MET C 610 51.88 39.61 13.12
C MET C 610 53.26 39.67 13.77
N MET C 611 53.97 40.76 13.52
CA MET C 611 55.14 41.15 14.33
C MET C 611 55.09 42.66 14.57
N LYS C 612 55.43 43.03 15.78
CA LYS C 612 55.62 44.43 16.23
C LYS C 612 56.91 44.43 17.09
N SER C 613 57.76 45.47 16.98
CA SER C 613 59.06 45.49 17.71
C SER C 613 59.04 46.60 18.76
N PHE C 614 59.86 46.47 19.79
CA PHE C 614 60.04 47.49 20.85
C PHE C 614 61.48 47.46 21.36
N LYS C 615 61.82 48.49 22.13
CA LYS C 615 63.14 48.62 22.80
C LYS C 615 62.90 48.75 24.31
N SER C 616 63.86 48.26 25.09
CA SER C 616 63.94 48.57 26.54
C SER C 616 65.40 48.86 26.89
N ASN C 617 65.66 50.11 27.29
CA ASN C 617 67.00 50.73 27.44
C ASN C 617 68.01 50.20 26.41
N GLY C 618 67.90 50.56 25.12
CA GLY C 618 68.95 50.19 24.13
C GLY C 618 68.81 48.77 23.54
N THR C 619 68.25 47.79 24.24
CA THR C 619 68.03 46.43 23.69
C THR C 619 66.71 46.38 22.85
N MET C 620 66.78 45.77 21.66
CA MET C 620 65.62 45.62 20.77
C MET C 620 64.99 44.24 21.00
N TYR C 621 63.65 44.21 20.95
CA TYR C 621 62.83 42.99 21.04
C TYR C 621 61.79 43.00 19.91
N SER C 622 61.31 41.82 19.57
CA SER C 622 60.19 41.63 18.63
C SER C 622 59.16 40.69 19.26
N LEU C 623 57.89 41.05 19.12
CA LEU C 623 56.71 40.18 19.39
C LEU C 623 56.23 39.58 18.09
N ILE C 624 56.13 38.25 18.01
CA ILE C 624 55.57 37.51 16.84
C ILE C 624 54.42 36.65 17.36
N ILE C 625 53.26 36.69 16.66
CA ILE C 625 52.12 35.78 16.93
C ILE C 625 51.69 35.15 15.60
N ASN C 626 51.52 33.84 15.61
CA ASN C 626 51.04 33.05 14.46
C ASN C 626 49.55 32.76 14.69
N LYS C 627 48.67 33.33 13.86
CA LYS C 627 47.19 33.13 13.95
C LYS C 627 46.73 32.22 12.81
N SER C 628 47.65 31.65 12.03
CA SER C 628 47.29 30.75 10.92
C SER C 628 47.07 29.35 11.49
N ALA C 629 46.56 28.45 10.67
CA ALA C 629 46.19 27.08 11.11
C ALA C 629 47.45 26.19 11.14
N SER C 630 48.59 26.69 10.67
CA SER C 630 49.81 25.90 10.38
C SER C 630 51.06 26.51 11.02
N VAL C 631 52.04 25.68 11.29
CA VAL C 631 53.40 26.09 11.71
C VAL C 631 53.94 26.98 10.57
N GLN C 632 54.45 28.16 10.93
CA GLN C 632 55.07 29.09 9.95
C GLN C 632 56.55 29.23 10.26
N THR C 633 57.39 29.30 9.21
CA THR C 633 58.79 29.75 9.28
C THR C 633 58.86 31.17 8.71
N VAL C 634 59.06 32.13 9.59
CA VAL C 634 59.05 33.59 9.27
C VAL C 634 60.50 34.06 9.19
N ASP C 635 60.94 34.50 8.01
CA ASP C 635 62.31 35.03 7.79
C ASP C 635 62.29 36.51 8.19
N ILE C 636 62.91 36.89 9.30
CA ILE C 636 62.97 38.30 9.81
C ILE C 636 64.23 38.97 9.26
N VAL C 637 64.06 40.11 8.62
CA VAL C 637 65.13 40.94 7.98
C VAL C 637 64.96 42.37 8.52
N GLY C 638 66.00 43.19 8.38
CA GLY C 638 66.03 44.56 8.93
C GLY C 638 66.47 44.57 10.37
N GLY C 639 66.80 45.75 10.88
CA GLY C 639 67.53 45.96 12.15
C GLY C 639 68.88 45.24 12.12
N LYS C 640 69.39 44.91 13.32
CA LYS C 640 70.67 44.20 13.51
C LYS C 640 70.46 43.15 14.59
N GLY C 641 71.32 42.15 14.62
CA GLY C 641 71.45 41.25 15.78
C GLY C 641 71.08 39.83 15.43
N LYS C 642 71.32 38.91 16.36
CA LYS C 642 70.92 37.50 16.23
C LYS C 642 69.70 37.30 17.14
N ALA C 643 68.72 36.53 16.66
CA ALA C 643 67.46 36.26 17.37
C ALA C 643 67.76 35.32 18.55
N PHE C 644 67.38 35.71 19.77
CA PHE C 644 67.34 34.82 20.96
C PHE C 644 65.89 34.83 21.48
N ILE C 645 65.28 33.65 21.54
CA ILE C 645 63.89 33.45 22.06
C ILE C 645 63.89 33.61 23.58
N LEU C 646 63.27 34.68 24.06
CA LEU C 646 63.12 35.00 25.49
C LEU C 646 61.79 34.50 26.03
N PHE C 647 60.75 34.48 25.20
CA PHE C 647 59.39 34.00 25.58
C PHE C 647 58.81 33.21 24.41
N ALA C 648 58.31 32.01 24.69
CA ALA C 648 57.55 31.20 23.71
C ALA C 648 56.69 30.21 24.48
N ASN C 649 55.38 30.20 24.27
CA ASN C 649 54.47 29.28 25.00
C ASN C 649 54.30 27.96 24.24
N LYS C 650 54.93 27.72 23.08
CA LYS C 650 54.79 26.41 22.37
C LYS C 650 56.11 25.96 21.72
N ASN C 651 57.24 26.24 22.35
CA ASN C 651 58.58 25.71 21.93
C ASN C 651 58.91 26.17 20.50
N ALA C 652 58.64 27.43 20.16
CA ALA C 652 59.23 28.06 18.97
C ALA C 652 60.76 27.82 18.99
N HIS C 653 61.40 27.72 17.83
CA HIS C 653 62.87 27.79 17.69
C HIS C 653 63.21 28.73 16.55
N SER C 654 64.42 29.29 16.55
CA SER C 654 64.99 30.03 15.40
C SER C 654 66.30 29.40 14.94
N THR C 655 66.56 29.53 13.65
CA THR C 655 67.81 29.15 12.95
C THR C 655 68.24 30.39 12.20
N ALA C 656 69.34 31.03 12.63
CA ALA C 656 69.67 32.39 12.18
C ALA C 656 68.45 33.27 12.48
N ASN C 657 67.91 34.00 11.50
CA ASN C 657 66.81 34.94 11.79
C ASN C 657 65.50 34.41 11.18
N LYS C 658 65.40 33.08 11.00
CA LYS C 658 64.16 32.36 10.60
C LYS C 658 63.48 31.83 11.86
N LEU C 659 62.30 32.34 12.21
CA LEU C 659 61.53 31.87 13.41
C LEU C 659 60.48 30.85 12.97
N THR C 660 60.53 29.64 13.52
CA THR C 660 59.51 28.57 13.38
C THR C 660 58.56 28.70 14.57
N ILE C 661 57.30 29.04 14.29
CA ILE C 661 56.30 29.44 15.33
C ILE C 661 55.00 28.68 15.08
N SER C 662 54.40 28.15 16.16
CA SER C 662 53.24 27.22 16.09
C SER C 662 51.94 28.03 16.06
N PRO C 663 50.82 27.45 15.55
CA PRO C 663 49.51 28.10 15.63
C PRO C 663 49.21 28.59 17.05
N GLU C 664 48.81 29.86 17.14
CA GLU C 664 48.34 30.50 18.42
C GLU C 664 49.52 30.79 19.37
N GLU C 665 50.75 30.48 18.96
CA GLU C 665 51.94 30.70 19.79
C GLU C 665 52.28 32.20 19.78
N THR C 666 52.61 32.75 20.94
CA THR C 666 53.19 34.09 21.13
C THR C 666 54.68 33.95 21.39
N VAL C 667 55.52 34.71 20.68
CA VAL C 667 57.00 34.63 20.82
C VAL C 667 57.56 36.04 21.10
N ILE C 668 58.43 36.16 22.10
CA ILE C 668 59.31 37.36 22.26
C ILE C 668 60.73 36.96 21.87
N ILE C 669 61.25 37.64 20.85
CA ILE C 669 62.66 37.59 20.43
C ILE C 669 63.40 38.78 21.05
N LYS C 670 64.56 38.49 21.67
CA LYS C 670 65.60 39.48 22.05
C LYS C 670 66.69 39.49 20.97
N TRP C 671 67.00 40.64 20.43
CA TRP C 671 68.08 40.84 19.41
C TRP C 671 69.40 41.08 20.16
N LYS C 672 70.42 40.23 19.96
CA LYS C 672 71.73 40.28 20.68
C LYS C 672 72.79 41.11 19.92
N ALA D 22 -29.56 19.61 30.04
CA ALA D 22 -28.40 20.14 29.21
C ALA D 22 -27.19 19.20 29.31
N GLU D 23 -26.62 18.78 28.18
CA GLU D 23 -25.55 17.76 28.11
C GLU D 23 -24.23 18.42 28.55
N ARG D 24 -23.59 17.88 29.58
CA ARG D 24 -22.30 18.37 30.15
C ARG D 24 -21.20 17.45 29.66
N ILE D 25 -20.07 18.02 29.22
CA ILE D 25 -18.95 17.21 28.66
C ILE D 25 -18.27 16.53 29.85
N SER D 26 -17.70 15.36 29.65
CA SER D 26 -16.99 14.59 30.70
C SER D 26 -15.88 13.80 30.00
N LYS D 27 -15.05 13.12 30.76
CA LYS D 27 -13.96 12.27 30.23
C LYS D 27 -14.54 11.01 29.58
N GLN D 28 -15.86 10.80 29.67
CA GLN D 28 -16.55 9.62 29.07
C GLN D 28 -17.32 10.05 27.81
N SER D 29 -17.35 11.35 27.47
CA SER D 29 -18.16 11.82 26.33
C SER D 29 -17.64 11.17 25.04
N THR D 30 -18.53 10.95 24.09
CA THR D 30 -18.16 10.50 22.73
C THR D 30 -17.42 11.65 22.06
N PRO D 31 -16.19 11.45 21.56
CA PRO D 31 -15.47 12.53 20.89
C PRO D 31 -16.23 12.87 19.59
N PHE D 32 -16.08 14.12 19.14
CA PHE D 32 -16.70 14.62 17.89
C PHE D 32 -15.64 15.28 17.02
N VAL D 33 -15.94 15.32 15.72
CA VAL D 33 -15.30 16.21 14.72
C VAL D 33 -16.30 17.33 14.45
N GLY D 34 -15.81 18.56 14.30
CA GLY D 34 -16.66 19.74 14.07
C GLY D 34 -15.91 20.80 13.31
N ALA D 35 -16.52 21.97 13.18
CA ALA D 35 -15.94 23.04 12.36
C ALA D 35 -16.61 24.36 12.71
N GLN D 36 -15.85 25.44 12.59
CA GLN D 36 -16.37 26.80 12.74
C GLN D 36 -17.40 26.97 11.63
N ILE D 37 -18.56 27.53 11.94
CA ILE D 37 -19.51 28.04 10.92
C ILE D 37 -19.38 29.56 11.02
N PHE D 38 -18.83 30.17 9.99
CA PHE D 38 -18.56 31.62 9.97
C PHE D 38 -19.80 32.37 9.51
N ILE D 39 -20.38 33.13 10.41
CA ILE D 39 -21.62 33.93 10.23
C ILE D 39 -21.27 35.42 10.23
N GLU D 40 -21.67 36.12 9.17
CA GLU D 40 -21.56 37.59 9.02
C GLU D 40 -22.73 38.02 8.14
N PRO D 41 -23.13 39.29 8.20
CA PRO D 41 -24.21 39.79 7.36
C PRO D 41 -23.82 39.69 5.88
N GLY D 42 -24.84 39.58 5.05
CA GLY D 42 -24.70 39.37 3.59
C GLY D 42 -25.00 37.94 3.20
N GLN D 43 -24.74 36.98 4.06
CA GLN D 43 -25.02 35.56 3.79
C GLN D 43 -26.53 35.37 3.59
N THR D 44 -26.93 34.42 2.73
CA THR D 44 -28.35 34.02 2.52
C THR D 44 -28.68 32.79 3.37
N GLN D 45 -29.96 32.69 3.76
CA GLN D 45 -30.57 31.47 4.34
C GLN D 45 -30.08 30.23 3.56
N GLU D 46 -30.08 30.29 2.23
CA GLU D 46 -29.78 29.14 1.34
C GLU D 46 -28.32 28.73 1.56
N GLN D 47 -27.36 29.67 1.56
CA GLN D 47 -25.93 29.26 1.70
C GLN D 47 -25.72 28.70 3.12
N ILE D 48 -26.38 29.25 4.15
CA ILE D 48 -26.15 28.78 5.54
C ILE D 48 -26.67 27.34 5.65
N GLU D 49 -27.87 27.06 5.13
CA GLU D 49 -28.47 25.71 5.15
C GLU D 49 -27.54 24.74 4.43
N GLN D 50 -27.00 25.15 3.30
CA GLN D 50 -26.07 24.33 2.47
C GLN D 50 -24.87 23.92 3.35
N TRP D 51 -24.35 24.83 4.20
CA TRP D 51 -23.19 24.54 5.10
C TRP D 51 -23.60 23.49 6.14
N PHE D 52 -24.67 23.74 6.90
CA PHE D 52 -25.11 22.84 8.01
C PHE D 52 -25.47 21.46 7.44
N LYS D 53 -26.10 21.41 6.27
CA LYS D 53 -26.48 20.13 5.63
C LYS D 53 -25.21 19.35 5.29
N LEU D 54 -24.22 20.00 4.66
CA LEU D 54 -22.97 19.28 4.29
C LEU D 54 -22.18 18.91 5.57
N LEU D 55 -22.23 19.76 6.60
CA LEU D 55 -21.55 19.50 7.88
C LEU D 55 -22.11 18.21 8.48
N ALA D 56 -23.43 18.09 8.58
CA ALA D 56 -24.15 16.86 9.05
C ALA D 56 -23.79 15.64 8.19
N GLU D 57 -23.75 15.77 6.87
CA GLU D 57 -23.38 14.63 5.96
C GLU D 57 -21.91 14.24 6.10
N SER D 58 -21.08 15.13 6.68
CA SER D 58 -19.60 14.91 6.84
C SER D 58 -19.30 14.29 8.21
N ASN D 59 -20.34 13.81 8.93
CA ASN D 59 -20.22 13.07 10.20
C ASN D 59 -19.67 14.02 11.27
N MET D 60 -19.92 15.33 11.13
CA MET D 60 -19.63 16.33 12.17
C MET D 60 -20.90 16.58 12.97
N THR D 61 -20.78 16.70 14.27
CA THR D 61 -21.84 16.78 15.29
C THR D 61 -21.91 18.22 15.82
N THR D 62 -20.85 19.00 15.63
CA THR D 62 -20.59 20.25 16.39
C THR D 62 -20.06 21.33 15.47
N CYS D 63 -20.51 22.55 15.70
CA CYS D 63 -19.99 23.74 15.03
C CYS D 63 -19.59 24.73 16.12
N ARG D 64 -18.82 25.73 15.74
CA ARG D 64 -18.47 26.84 16.65
C ARG D 64 -18.83 28.12 15.94
N ILE D 65 -19.36 29.07 16.68
CA ILE D 65 -19.84 30.34 16.05
C ILE D 65 -19.33 31.52 16.85
N ARG D 66 -18.71 32.45 16.15
CA ARG D 66 -18.29 33.76 16.70
C ARG D 66 -19.51 34.65 16.84
N MET D 67 -19.94 34.89 18.08
CA MET D 67 -21.16 35.68 18.37
C MET D 67 -20.82 37.18 18.29
N PHE D 68 -20.37 37.64 17.12
CA PHE D 68 -19.89 39.05 16.93
C PHE D 68 -20.88 40.06 17.51
N GLY D 69 -20.46 40.78 18.53
CA GLY D 69 -21.14 42.01 19.03
C GLY D 69 -21.45 42.99 17.91
N LYS D 70 -20.53 43.14 16.94
CA LYS D 70 -20.71 44.11 15.84
C LYS D 70 -22.01 43.77 15.09
N TYR D 71 -22.33 42.49 14.90
CA TYR D 71 -23.40 42.07 13.96
C TYR D 71 -24.71 41.82 14.73
N MET D 72 -24.79 42.27 15.98
CA MET D 72 -26.01 42.21 16.83
C MET D 72 -26.35 43.61 17.34
N LYS D 73 -25.38 44.49 17.48
CA LYS D 73 -25.62 45.86 18.02
C LYS D 73 -26.33 46.65 16.92
N THR D 74 -27.42 47.34 17.29
CA THR D 74 -28.21 48.25 16.41
C THR D 74 -27.76 49.69 16.69
N PRO D 75 -27.99 50.65 15.77
CA PRO D 75 -27.64 52.06 16.02
C PRO D 75 -27.95 52.61 17.43
N SER D 76 -29.10 52.25 18.04
CA SER D 76 -29.53 52.76 19.36
C SER D 76 -28.80 52.07 20.52
N GLY D 77 -27.99 51.04 20.26
CA GLY D 77 -27.26 50.28 21.30
C GLY D 77 -28.01 49.04 21.76
N THR D 78 -29.29 48.86 21.42
CA THR D 78 -30.05 47.62 21.75
C THR D 78 -29.46 46.45 20.94
N TYR D 79 -29.82 45.21 21.30
CA TYR D 79 -29.32 43.97 20.67
C TYR D 79 -30.40 43.40 19.76
N ASP D 80 -30.04 43.08 18.52
CA ASP D 80 -30.88 42.31 17.56
C ASP D 80 -30.16 41.00 17.25
N PHE D 81 -30.80 39.88 17.56
CA PHE D 81 -30.18 38.52 17.57
C PHE D 81 -30.43 37.79 16.25
N THR D 82 -31.09 38.45 15.28
CA THR D 82 -31.73 37.73 14.13
C THR D 82 -30.67 36.97 13.36
N LEU D 83 -29.52 37.56 13.09
CA LEU D 83 -28.51 36.94 12.21
C LEU D 83 -28.05 35.62 12.85
N PHE D 84 -27.93 35.58 14.17
CA PHE D 84 -27.42 34.38 14.89
C PHE D 84 -28.57 33.42 15.20
N ASP D 85 -29.80 33.95 15.40
CA ASP D 85 -31.02 33.10 15.51
C ASP D 85 -31.09 32.19 14.27
N ARG D 86 -31.01 32.79 13.10
CA ARG D 86 -31.04 32.09 11.80
C ARG D 86 -30.05 30.90 11.82
N ALA D 87 -28.81 31.14 12.23
CA ALA D 87 -27.74 30.11 12.25
C ALA D 87 -28.01 29.04 13.32
N PHE D 88 -28.41 29.43 14.53
CA PHE D 88 -28.71 28.47 15.61
C PHE D 88 -29.88 27.55 15.21
N LYS D 89 -30.90 28.11 14.59
CA LYS D 89 -32.10 27.35 14.13
C LYS D 89 -31.70 26.36 13.03
N LEU D 90 -30.84 26.76 12.09
CA LEU D 90 -30.39 25.81 11.04
C LEU D 90 -29.50 24.73 11.67
N ALA D 91 -28.65 25.09 12.64
CA ALA D 91 -27.85 24.09 13.38
C ALA D 91 -28.81 23.08 14.02
N ASP D 92 -29.84 23.57 14.71
CA ASP D 92 -30.82 22.74 15.46
C ASP D 92 -31.52 21.77 14.50
N LYS D 93 -31.98 22.28 13.37
CA LYS D 93 -32.64 21.46 12.32
C LYS D 93 -31.74 20.30 11.90
N TYR D 94 -30.41 20.45 11.88
CA TYR D 94 -29.50 19.40 11.38
C TYR D 94 -28.86 18.65 12.58
N HIS D 95 -29.38 18.88 13.79
CA HIS D 95 -28.98 18.19 15.05
C HIS D 95 -27.52 18.50 15.35
N ILE D 96 -27.09 19.74 15.08
CA ILE D 96 -25.68 20.18 15.28
C ILE D 96 -25.66 21.04 16.54
N LYS D 97 -24.78 20.70 17.47
CA LYS D 97 -24.62 21.52 18.70
C LYS D 97 -23.61 22.66 18.42
N VAL D 98 -23.72 23.71 19.20
CA VAL D 98 -22.99 24.99 18.97
C VAL D 98 -22.09 25.29 20.16
N TYR D 99 -20.81 25.49 19.89
CA TYR D 99 -19.87 26.23 20.81
C TYR D 99 -20.03 27.72 20.48
N ALA D 100 -20.61 28.50 21.38
CA ALA D 100 -20.82 29.96 21.15
C ALA D 100 -19.70 30.76 21.76
N THR D 101 -18.92 31.47 20.96
CA THR D 101 -17.78 32.28 21.45
C THR D 101 -18.27 33.69 21.78
N LEU D 102 -18.08 34.11 23.02
CA LEU D 102 -18.34 35.50 23.45
C LEU D 102 -17.29 36.40 22.79
N PHE D 103 -17.75 37.27 21.91
CA PHE D 103 -16.90 38.08 21.02
C PHE D 103 -17.53 39.44 20.91
N PRO D 104 -17.30 40.33 21.90
CA PRO D 104 -17.91 41.66 21.89
C PRO D 104 -17.45 42.49 20.70
N ASP D 105 -18.14 43.62 20.51
CA ASP D 105 -17.85 44.55 19.39
C ASP D 105 -16.35 44.85 19.42
N THR D 106 -15.72 44.87 18.25
CA THR D 106 -14.29 45.18 18.04
C THR D 106 -14.14 45.56 16.57
N GLU D 107 -13.04 46.19 16.20
CA GLU D 107 -12.84 46.63 14.79
C GLU D 107 -12.97 45.44 13.86
N PHE D 108 -13.53 45.68 12.69
CA PHE D 108 -13.68 44.69 11.60
C PHE D 108 -12.28 44.10 11.27
N THR D 109 -11.22 44.93 11.35
CA THR D 109 -9.82 44.49 11.04
C THR D 109 -9.20 43.68 12.20
N ASP D 110 -9.83 43.60 13.36
CA ASP D 110 -9.34 42.84 14.53
C ASP D 110 -9.76 41.38 14.40
N VAL D 111 -8.90 40.56 13.81
CA VAL D 111 -9.24 39.15 13.48
C VAL D 111 -9.49 38.36 14.77
N GLY D 112 -8.59 38.47 15.76
CA GLY D 112 -8.53 37.50 16.90
C GLY D 112 -9.39 37.93 18.08
N GLY D 113 -9.71 39.23 18.18
CA GLY D 113 -10.47 39.82 19.29
C GLY D 113 -9.53 40.40 20.34
N PHE D 114 -10.03 41.38 21.09
CA PHE D 114 -9.29 42.03 22.19
C PHE D 114 -9.19 41.01 23.34
N LYS D 115 -8.11 41.10 24.11
CA LYS D 115 -7.70 40.11 25.13
C LYS D 115 -8.06 40.62 26.53
N PHE D 116 -8.28 41.92 26.69
CA PHE D 116 -8.67 42.59 27.95
C PHE D 116 -9.49 43.82 27.64
N PRO D 117 -10.37 44.27 28.55
CA PRO D 117 -11.07 45.53 28.34
C PRO D 117 -10.09 46.70 28.19
N HIS D 118 -10.44 47.72 27.40
CA HIS D 118 -9.62 48.92 27.07
C HIS D 118 -9.69 49.91 28.25
N SER D 119 -10.83 49.95 28.94
CA SER D 119 -11.22 50.96 29.93
C SER D 119 -12.36 50.40 30.79
N ARG D 120 -12.68 51.06 31.90
CA ARG D 120 -13.83 50.71 32.78
C ARG D 120 -15.09 50.83 31.95
N GLU D 121 -15.22 51.88 31.14
CA GLU D 121 -16.39 52.10 30.25
C GLU D 121 -16.53 50.85 29.34
N HIS D 122 -15.44 50.40 28.73
CA HIS D 122 -15.44 49.23 27.82
C HIS D 122 -15.87 47.97 28.60
N GLN D 123 -15.39 47.80 29.84
CA GLN D 123 -15.79 46.64 30.69
C GLN D 123 -17.31 46.61 30.83
N LYS D 124 -17.96 47.76 31.00
CA LYS D 124 -19.44 47.82 31.20
C LYS D 124 -20.12 47.44 29.90
N GLU D 125 -19.55 47.80 28.75
CA GLU D 125 -20.06 47.39 27.43
C GLU D 125 -19.97 45.87 27.34
N VAL D 126 -18.88 45.29 27.84
CA VAL D 126 -18.70 43.81 27.79
C VAL D 126 -19.74 43.17 28.69
N GLU D 127 -19.98 43.71 29.89
CA GLU D 127 -21.01 43.22 30.86
C GLU D 127 -22.35 43.16 30.13
N ASP D 128 -22.72 44.27 29.50
CA ASP D 128 -24.01 44.45 28.78
C ASP D 128 -24.09 43.43 27.64
N TYR D 129 -23.00 43.24 26.88
CA TYR D 129 -22.93 42.27 25.76
C TYR D 129 -23.20 40.87 26.30
N ILE D 130 -22.59 40.51 27.41
CA ILE D 130 -22.71 39.12 27.95
C ILE D 130 -24.14 38.92 28.44
N LYS D 131 -24.69 39.89 29.18
CA LYS D 131 -26.08 39.79 29.69
C LYS D 131 -27.01 39.47 28.52
N ASN D 132 -26.97 40.28 27.47
CA ASN D 132 -27.88 40.18 26.30
C ASN D 132 -27.65 38.85 25.60
N VAL D 133 -26.40 38.52 25.27
CA VAL D 133 -26.11 37.35 24.39
C VAL D 133 -26.39 36.05 25.14
N VAL D 134 -25.97 35.96 26.40
CA VAL D 134 -26.11 34.69 27.18
C VAL D 134 -27.58 34.48 27.56
N SER D 135 -28.28 35.52 28.02
CA SER D 135 -29.72 35.46 28.38
C SER D 135 -30.48 34.91 27.18
N HIS D 136 -30.19 35.39 25.97
CA HIS D 136 -30.93 34.97 24.75
C HIS D 136 -30.50 33.56 24.32
N PHE D 137 -29.22 33.32 24.03
CA PHE D 137 -28.81 32.09 23.31
C PHE D 137 -28.72 30.88 24.27
N SER D 138 -28.70 31.08 25.61
CA SER D 138 -28.77 29.97 26.59
C SER D 138 -30.08 29.20 26.42
N GLN D 139 -31.11 29.81 25.84
CA GLN D 139 -32.45 29.21 25.64
C GLN D 139 -32.43 28.22 24.49
N TYR D 140 -31.43 28.18 23.61
CA TYR D 140 -31.37 27.17 22.52
C TYR D 140 -30.93 25.83 23.10
N LYS D 141 -31.66 24.76 22.77
CA LYS D 141 -31.42 23.38 23.26
C LYS D 141 -30.13 22.85 22.66
N ASN D 142 -29.66 23.39 21.52
CA ASN D 142 -28.49 22.82 20.82
C ASN D 142 -27.21 23.58 21.23
N LEU D 143 -27.25 24.50 22.19
CA LEU D 143 -26.03 25.16 22.74
C LEU D 143 -25.24 24.14 23.59
N ALA D 144 -23.98 23.86 23.23
CA ALA D 144 -23.13 22.89 23.94
C ALA D 144 -22.19 23.56 24.95
N ALA D 145 -21.77 24.81 24.70
CA ALA D 145 -20.71 25.48 25.48
C ALA D 145 -20.63 26.97 25.16
N TRP D 146 -20.25 27.75 26.15
CA TRP D 146 -19.78 29.15 25.97
C TRP D 146 -18.26 29.12 25.92
N VAL D 147 -17.69 29.68 24.87
CA VAL D 147 -16.23 29.96 24.83
C VAL D 147 -16.07 31.39 25.38
N LEU D 148 -15.42 31.51 26.54
CA LEU D 148 -15.45 32.73 27.37
C LEU D 148 -14.87 33.91 26.60
N ILE D 149 -13.84 33.63 25.81
CA ILE D 149 -13.06 34.62 25.02
C ILE D 149 -12.32 33.83 23.94
N ASN D 150 -12.24 34.38 22.74
CA ASN D 150 -11.43 33.71 21.68
C ASN D 150 -9.95 33.94 22.00
N GLU D 151 -9.19 32.86 22.08
CA GLU D 151 -7.70 32.93 22.10
C GLU D 151 -7.21 33.93 23.14
N PRO D 152 -7.39 33.64 24.46
CA PRO D 152 -6.85 34.51 25.49
C PRO D 152 -5.32 34.59 25.36
N GLY D 153 -4.78 35.76 25.68
CA GLY D 153 -3.34 35.98 25.64
C GLY D 153 -2.88 36.60 24.35
N THR D 154 -1.86 37.46 24.43
CA THR D 154 -1.21 38.07 23.25
C THR D 154 0.25 38.31 23.59
N PRO D 155 1.15 38.25 22.58
CA PRO D 155 2.54 38.72 22.74
C PRO D 155 2.62 40.18 23.24
N ASN D 156 1.81 41.06 22.67
CA ASN D 156 1.84 42.55 22.89
C ASN D 156 0.71 42.98 23.83
N LEU D 157 0.90 42.80 25.12
CA LEU D 157 -0.12 43.14 26.14
C LEU D 157 -0.24 44.65 26.24
N PRO D 158 -1.45 45.19 26.43
CA PRO D 158 -1.62 46.64 26.29
C PRO D 158 -1.34 47.42 27.60
N PHE D 159 -0.06 47.50 28.01
CA PHE D 159 0.36 48.21 29.25
C PHE D 159 0.11 49.73 29.16
N ASN D 160 -0.10 50.24 27.95
CA ASN D 160 -0.42 51.67 27.64
C ASN D 160 -1.87 52.03 27.99
N GLU D 161 -2.82 51.10 27.84
CA GLU D 161 -4.27 51.36 28.01
C GLU D 161 -4.53 51.60 29.50
N PRO D 162 -5.45 52.54 29.84
CA PRO D 162 -5.66 52.93 31.24
C PRO D 162 -6.02 51.76 32.18
N PHE D 163 -6.89 50.87 31.71
CA PHE D 163 -7.51 49.77 32.47
C PHE D 163 -6.35 48.86 32.98
N THR D 164 -5.49 48.40 32.06
CA THR D 164 -4.38 47.49 32.36
C THR D 164 -3.34 48.21 33.25
N LYS D 165 -3.04 49.47 32.96
CA LYS D 165 -2.00 50.25 33.64
C LYS D 165 -2.42 50.44 35.11
N GLU D 166 -3.68 50.72 35.36
CA GLU D 166 -4.22 50.91 36.73
C GLU D 166 -4.13 49.59 37.49
N ARG D 167 -4.53 48.49 36.83
CA ARG D 167 -4.56 47.17 37.48
C ARG D 167 -3.12 46.75 37.89
N PHE D 168 -2.15 47.00 37.02
CA PHE D 168 -0.72 46.68 37.23
C PHE D 168 -0.21 47.48 38.44
N SER D 169 -0.51 48.77 38.50
CA SER D 169 -0.15 49.66 39.63
C SER D 169 -0.72 49.11 40.92
N ASP D 170 -2.03 48.81 40.97
CA ASP D 170 -2.68 48.22 42.18
C ASP D 170 -1.98 46.91 42.56
N TRP D 171 -1.74 46.04 41.58
CA TRP D 171 -1.10 44.72 41.82
C TRP D 171 0.26 44.92 42.49
N LYS D 172 1.10 45.85 42.01
CA LYS D 172 2.47 46.09 42.54
C LYS D 172 2.40 46.57 43.98
N LYS D 173 1.46 47.47 44.28
CA LYS D 173 1.27 48.02 45.64
C LYS D 173 0.85 46.91 46.60
N GLU D 174 0.11 45.88 46.15
CA GLU D 174 -0.36 44.78 47.04
C GLU D 174 0.64 43.63 47.10
N HIS D 175 1.75 43.70 46.37
CA HIS D 175 2.82 42.67 46.43
C HIS D 175 4.09 43.34 46.92
N ASN D 176 4.53 43.06 48.14
CA ASN D 176 5.76 43.67 48.69
C ASN D 176 6.97 42.92 48.12
N PHE D 177 7.74 43.54 47.24
CA PHE D 177 8.97 42.94 46.70
C PHE D 177 10.15 43.72 47.27
N SER D 178 11.22 43.02 47.55
CA SER D 178 12.49 43.63 47.98
C SER D 178 13.47 43.53 46.82
N GLU D 179 14.44 44.44 46.75
CA GLU D 179 15.49 44.44 45.70
C GLU D 179 16.60 43.41 46.04
N TYR D 180 16.55 42.75 47.21
CA TYR D 180 17.58 41.77 47.64
C TYR D 180 16.91 40.49 48.16
N ASN D 181 17.57 39.35 48.06
CA ASN D 181 17.04 38.07 48.60
C ASN D 181 17.48 37.95 50.08
N GLU D 182 17.13 36.85 50.72
CA GLU D 182 17.41 36.61 52.15
C GLU D 182 18.93 36.68 52.34
N LYS D 183 19.75 36.09 51.46
CA LYS D 183 21.23 36.10 51.58
C LYS D 183 21.83 37.51 51.34
N GLY D 184 21.06 38.48 50.83
CA GLY D 184 21.51 39.87 50.58
C GLY D 184 21.79 40.20 49.11
N TYR D 185 21.81 39.20 48.22
CA TYR D 185 22.14 39.38 46.78
C TYR D 185 21.05 40.17 46.07
N PRO D 186 21.41 40.98 45.06
CA PRO D 186 20.40 41.64 44.22
C PRO D 186 19.50 40.59 43.54
N VAL D 187 18.26 40.96 43.26
CA VAL D 187 17.28 40.08 42.58
C VAL D 187 16.52 40.83 41.49
N LEU D 188 15.93 40.11 40.54
CA LEU D 188 14.80 40.57 39.69
C LEU D 188 13.52 39.94 40.24
N ASN D 189 12.39 40.62 40.18
CA ASN D 189 11.14 40.10 40.78
C ASN D 189 10.08 39.78 39.70
N PHE D 190 10.29 40.17 38.44
CA PHE D 190 9.41 39.77 37.31
C PHE D 190 7.96 40.17 37.62
N GLU D 191 7.81 41.40 38.06
CA GLU D 191 6.50 41.97 38.45
C GLU D 191 5.55 41.91 37.24
N LYS D 192 6.05 42.29 36.06
CA LYS D 192 5.24 42.33 34.82
C LYS D 192 4.71 40.90 34.57
N GLU D 193 5.59 39.91 34.54
CA GLU D 193 5.23 38.52 34.17
C GLU D 193 4.23 37.96 35.18
N ASN D 194 4.46 38.18 36.47
CA ASN D 194 3.60 37.61 37.53
C ASN D 194 2.24 38.30 37.49
N PHE D 195 2.22 39.61 37.33
CA PHE D 195 0.95 40.36 37.13
C PHE D 195 0.18 39.79 35.93
N ILE D 196 0.87 39.56 34.80
CA ILE D 196 0.19 39.11 33.55
C ILE D 196 -0.51 37.78 33.81
N ILE D 197 0.13 36.85 34.54
CA ILE D 197 -0.51 35.57 34.95
C ILE D 197 -1.82 35.87 35.69
N ASP D 198 -1.76 36.74 36.70
CA ASP D 198 -2.90 37.01 37.62
C ASP D 198 -3.99 37.77 36.84
N TYR D 199 -3.59 38.57 35.85
CA TYR D 199 -4.50 39.39 35.03
C TYR D 199 -5.34 38.48 34.11
N HIS D 200 -4.70 37.51 33.48
CA HIS D 200 -5.40 36.47 32.67
C HIS D 200 -6.35 35.70 33.60
N ASN D 201 -5.85 35.22 34.72
CA ASN D 201 -6.68 34.54 35.77
C ASN D 201 -7.90 35.43 36.06
N TRP D 202 -7.70 36.72 36.32
CA TRP D 202 -8.81 37.62 36.75
C TRP D 202 -9.82 37.78 35.60
N TYR D 203 -9.40 38.07 34.39
CA TYR D 203 -10.35 38.41 33.30
C TYR D 203 -11.14 37.14 32.92
N LEU D 204 -10.49 35.99 32.79
CA LEU D 204 -11.21 34.77 32.37
C LEU D 204 -12.19 34.36 33.48
N ASN D 205 -11.79 34.48 34.74
CA ASN D 205 -12.65 34.18 35.92
C ASN D 205 -13.83 35.14 35.92
N TRP D 206 -13.58 36.41 35.62
CA TRP D 206 -14.63 37.45 35.62
C TRP D 206 -15.63 37.17 34.48
N LEU D 207 -15.14 36.78 33.31
CA LEU D 207 -15.99 36.37 32.16
C LEU D 207 -16.85 35.18 32.59
N ALA D 208 -16.28 34.17 33.24
CA ALA D 208 -17.01 32.97 33.72
C ALA D 208 -18.13 33.40 34.67
N ASN D 209 -17.82 34.30 35.63
CA ASN D 209 -18.83 34.76 36.61
C ASN D 209 -19.90 35.55 35.88
N GLN D 210 -19.55 36.35 34.87
CA GLN D 210 -20.56 37.13 34.11
C GLN D 210 -21.51 36.14 33.41
N VAL D 211 -21.00 35.12 32.75
CA VAL D 211 -21.86 34.11 32.07
C VAL D 211 -22.77 33.47 33.14
N ARG D 212 -22.20 33.11 34.31
CA ARG D 212 -22.89 32.32 35.35
C ARG D 212 -24.05 33.16 35.95
N LEU D 213 -24.01 34.49 35.90
CA LEU D 213 -25.15 35.32 36.35
C LEU D 213 -26.42 34.95 35.55
N TYR D 214 -26.28 34.42 34.33
CA TYR D 214 -27.43 34.25 33.41
C TYR D 214 -27.55 32.79 32.96
N ASP D 215 -26.52 31.96 33.10
CA ASP D 215 -26.59 30.57 32.61
C ASP D 215 -25.66 29.71 33.47
N LYS D 216 -26.24 28.83 34.30
CA LYS D 216 -25.51 27.88 35.17
C LYS D 216 -25.53 26.48 34.55
N GLN D 217 -26.15 26.35 33.36
CA GLN D 217 -26.48 25.04 32.73
C GLN D 217 -25.39 24.62 31.75
N HIS D 218 -24.76 25.54 31.01
CA HIS D 218 -23.87 25.16 29.88
C HIS D 218 -22.40 25.17 30.28
N ASP D 219 -21.64 24.26 29.72
CA ASP D 219 -20.15 24.15 29.82
C ASP D 219 -19.47 25.49 29.49
N LEU D 220 -18.45 25.84 30.28
CA LEU D 220 -17.54 26.98 30.01
C LEU D 220 -16.23 26.42 29.46
N HIS D 221 -15.75 27.06 28.39
CA HIS D 221 -14.61 26.59 27.56
C HIS D 221 -13.75 27.80 27.21
N VAL D 222 -12.47 27.55 26.92
CA VAL D 222 -11.57 28.63 26.41
C VAL D 222 -10.43 27.99 25.62
N ASN D 223 -9.90 28.70 24.62
CA ASN D 223 -8.88 28.14 23.66
C ASN D 223 -7.57 28.91 23.76
N PRO D 224 -6.66 28.58 24.70
CA PRO D 224 -5.30 29.13 24.67
C PRO D 224 -4.64 28.77 23.34
N HIS D 225 -3.69 29.60 22.91
CA HIS D 225 -3.16 29.47 21.53
C HIS D 225 -1.66 29.73 21.48
N ASN D 226 -1.03 29.35 20.38
CA ASN D 226 0.39 29.63 20.17
C ASN D 226 1.13 29.21 21.45
N VAL D 227 0.87 27.99 21.92
CA VAL D 227 1.25 27.58 23.29
C VAL D 227 2.75 27.46 23.43
N PHE D 228 3.50 27.21 22.36
CA PHE D 228 4.98 27.09 22.49
C PHE D 228 5.62 28.48 22.74
N LYS D 229 4.88 29.57 22.57
CA LYS D 229 5.38 30.94 22.88
C LYS D 229 4.61 31.52 24.06
N LEU D 230 3.32 31.26 24.22
CA LEU D 230 2.46 32.02 25.16
C LEU D 230 2.17 31.22 26.43
N SER D 231 2.77 30.05 26.60
CA SER D 231 2.59 29.19 27.81
C SER D 231 2.91 29.99 29.08
N GLY D 232 3.76 31.03 28.98
CA GLY D 232 4.18 31.88 30.10
C GLY D 232 3.11 32.85 30.52
N LEU D 233 2.00 32.92 29.78
CA LEU D 233 0.81 33.75 30.10
C LEU D 233 -0.24 32.94 30.86
N TYR D 234 -0.11 31.63 30.86
CA TYR D 234 -1.22 30.68 31.12
C TYR D 234 -0.99 29.91 32.43
N ASP D 235 -1.88 30.13 33.39
CA ASP D 235 -1.96 29.38 34.67
C ASP D 235 -3.12 28.36 34.59
N PHE D 236 -2.90 27.20 33.98
CA PHE D 236 -4.03 26.28 33.65
C PHE D 236 -4.63 25.74 34.96
N PRO D 237 -3.83 25.42 36.00
CA PRO D 237 -4.40 24.96 37.26
C PRO D 237 -5.43 25.97 37.82
N THR D 238 -5.18 27.26 37.81
CA THR D 238 -6.20 28.22 38.29
C THR D 238 -7.42 28.21 37.37
N TRP D 239 -7.23 28.10 36.06
CA TRP D 239 -8.36 28.14 35.08
C TRP D 239 -9.35 27.01 35.34
N ARG D 240 -8.87 25.84 35.79
CA ARG D 240 -9.71 24.67 36.14
C ARG D 240 -10.80 25.09 37.13
N THR D 241 -10.54 26.06 38.00
CA THR D 241 -11.50 26.44 39.04
C THR D 241 -12.77 27.00 38.41
N PHE D 242 -12.77 27.48 37.17
CA PHE D 242 -13.98 28.13 36.59
C PHE D 242 -14.35 27.53 35.23
N LEU D 243 -13.59 26.59 34.66
CA LEU D 243 -13.94 25.98 33.35
C LEU D 243 -14.60 24.61 33.57
N ASN D 244 -15.32 24.13 32.58
CA ASN D 244 -15.77 22.72 32.48
C ASN D 244 -14.87 21.98 31.51
N SER D 245 -14.22 22.66 30.57
CA SER D 245 -13.27 22.00 29.64
C SER D 245 -12.22 23.01 29.19
N LEU D 246 -11.03 22.52 28.91
CA LEU D 246 -9.95 23.34 28.34
C LEU D 246 -9.87 23.06 26.85
N GLY D 247 -9.65 24.13 26.09
CA GLY D 247 -9.52 24.08 24.63
C GLY D 247 -8.11 24.43 24.19
N GLY D 248 -8.00 24.81 22.92
CA GLY D 248 -6.75 25.14 22.24
C GLY D 248 -6.98 25.46 20.78
N SER D 249 -6.24 26.44 20.29
CA SER D 249 -5.98 26.62 18.84
C SER D 249 -4.62 26.02 18.56
N ALA D 250 -4.57 25.07 17.64
CA ALA D 250 -3.30 24.43 17.18
C ALA D 250 -3.26 24.49 15.66
N HIS D 251 -2.81 25.61 15.12
CA HIS D 251 -2.78 25.85 13.66
C HIS D 251 -1.38 25.66 13.12
N ALA D 252 -1.24 24.77 12.15
CA ALA D 252 0.02 24.53 11.41
C ALA D 252 0.63 25.85 10.90
N SER D 253 -0.17 26.85 10.56
CA SER D 253 0.34 28.05 9.84
C SER D 253 0.67 29.16 10.84
N TRP D 254 0.26 29.04 12.10
CA TRP D 254 0.53 30.10 13.10
C TRP D 254 1.43 29.61 14.25
N HIS D 255 1.37 28.33 14.65
CA HIS D 255 1.82 27.95 16.01
C HIS D 255 2.99 27.00 16.00
N PHE D 256 3.40 26.51 14.85
CA PHE D 256 4.38 25.39 14.73
C PHE D 256 5.64 25.88 14.02
N GLY D 257 5.94 27.18 14.12
CA GLY D 257 7.18 27.78 13.62
C GLY D 257 8.43 27.04 14.11
N TYR D 258 8.39 26.45 15.29
CA TYR D 258 9.61 25.77 15.81
C TYR D 258 9.88 24.47 15.08
N PHE D 259 9.01 24.04 14.18
CA PHE D 259 9.16 22.74 13.50
C PHE D 259 9.11 22.87 11.99
N PRO D 260 9.77 21.99 11.22
CA PRO D 260 9.41 21.86 9.81
C PRO D 260 8.05 21.09 9.67
N ARG D 261 7.46 21.19 8.49
CA ARG D 261 6.14 20.64 8.16
C ARG D 261 6.13 19.13 8.41
N LYS D 262 7.19 18.41 8.05
CA LYS D 262 7.26 16.95 8.21
C LYS D 262 7.20 16.58 9.70
N ALA D 263 7.34 17.52 10.64
CA ALA D 263 7.30 17.22 12.10
C ALA D 263 6.09 17.88 12.76
N TYR D 264 5.10 18.27 11.96
CA TYR D 264 3.86 18.88 12.54
C TYR D 264 3.10 17.79 13.31
N THR D 265 3.37 16.52 13.04
CA THR D 265 2.91 15.36 13.89
C THR D 265 3.37 15.56 15.32
N VAL D 266 4.68 15.78 15.46
CA VAL D 266 5.33 15.99 16.78
C VAL D 266 4.82 17.28 17.41
N ALA D 267 4.66 18.34 16.62
CA ALA D 267 4.14 19.61 17.12
C ALA D 267 2.73 19.43 17.68
N MET D 268 1.88 18.71 16.96
CA MET D 268 0.47 18.55 17.38
C MET D 268 0.41 17.65 18.62
N SER D 269 1.25 16.63 18.65
CA SER D 269 1.33 15.72 19.82
C SER D 269 1.75 16.52 21.03
N ALA D 270 2.77 17.35 20.92
CA ALA D 270 3.21 18.19 22.07
C ALA D 270 2.12 19.21 22.45
N ASN D 271 1.47 19.82 21.46
CA ASN D 271 0.40 20.81 21.72
C ASN D 271 -0.72 20.09 22.49
N ALA D 272 -1.06 18.87 22.07
CA ALA D 272 -2.14 18.09 22.69
C ALA D 272 -1.74 17.71 24.12
N GLU D 273 -0.49 17.28 24.31
CA GLU D 273 0.00 16.90 25.65
C GLU D 273 -0.05 18.10 26.57
N LEU D 274 0.31 19.27 26.04
CA LEU D 274 0.45 20.49 26.87
C LEU D 274 -0.95 20.86 27.35
N ILE D 275 -1.95 20.77 26.47
CA ILE D 275 -3.33 21.16 26.86
C ILE D 275 -3.88 20.14 27.85
N ARG D 276 -3.68 18.85 27.55
CA ARG D 276 -4.08 17.73 28.41
C ARG D 276 -3.52 17.95 29.81
N SER D 277 -2.23 18.27 29.90
CA SER D 277 -1.62 18.60 31.21
C SER D 277 -2.37 19.77 31.88
N GLY D 278 -2.62 20.83 31.13
CA GLY D 278 -3.30 22.01 31.68
C GLY D 278 -4.70 21.62 32.15
N ALA D 279 -5.35 20.70 31.43
CA ALA D 279 -6.74 20.31 31.71
C ALA D 279 -6.82 19.62 33.08
N GLY D 280 -5.82 18.83 33.44
CA GLY D 280 -5.83 18.07 34.71
C GLY D 280 -7.02 17.12 34.74
N GLU D 281 -7.96 17.31 35.68
CA GLU D 281 -9.14 16.45 35.85
C GLU D 281 -10.20 16.80 34.80
N LEU D 282 -10.17 18.01 34.25
CA LEU D 282 -11.16 18.45 33.24
C LEU D 282 -10.91 17.73 31.93
N PRO D 283 -11.96 17.45 31.14
CA PRO D 283 -11.80 17.06 29.75
C PRO D 283 -11.27 18.24 28.93
N TRP D 284 -10.62 17.91 27.81
CA TRP D 284 -10.11 18.93 26.86
C TRP D 284 -10.48 18.50 25.45
N LEU D 285 -10.45 19.46 24.54
CA LEU D 285 -10.64 19.24 23.08
C LEU D 285 -9.90 20.37 22.36
N MET D 286 -9.58 20.16 21.09
CA MET D 286 -8.89 21.18 20.29
C MET D 286 -9.96 22.04 19.62
N THR D 287 -10.14 23.25 20.13
CA THR D 287 -11.19 24.21 19.67
C THR D 287 -10.93 24.68 18.26
N GLU D 288 -9.66 24.73 17.81
CA GLU D 288 -9.33 25.13 16.41
C GLU D 288 -8.19 24.29 15.87
N LEU D 289 -8.35 23.73 14.67
CA LEU D 289 -7.30 23.09 13.85
C LEU D 289 -7.39 23.72 12.48
N GLN D 290 -6.31 23.73 11.69
CA GLN D 290 -6.34 24.43 10.37
C GLN D 290 -7.15 23.55 9.40
N GLY D 291 -8.26 24.10 8.90
CA GLY D 291 -9.18 23.40 7.97
C GLY D 291 -8.89 23.65 6.49
N GLY D 292 -8.03 24.61 6.17
CA GLY D 292 -7.92 25.04 4.76
C GLY D 292 -6.75 25.96 4.50
N ASN D 293 -6.83 26.61 3.33
CA ASN D 293 -5.66 27.16 2.61
C ASN D 293 -5.33 28.55 3.16
N ASN D 294 -4.04 28.84 3.33
CA ASN D 294 -3.55 30.23 3.50
C ASN D 294 -3.31 30.80 2.10
N LEU D 295 -3.97 31.91 1.78
CA LEU D 295 -3.64 32.71 0.59
C LEU D 295 -2.60 33.76 1.00
N TYR D 296 -3.05 34.80 1.71
CA TYR D 296 -2.24 35.90 2.26
C TYR D 296 -1.99 35.71 3.77
N SER D 297 -2.78 34.91 4.50
CA SER D 297 -2.70 34.79 5.97
C SER D 297 -1.65 33.76 6.39
N GLY D 298 -1.39 33.70 7.71
CA GLY D 298 -0.48 32.68 8.29
C GLY D 298 0.97 33.15 8.29
N ALA D 299 1.79 32.64 9.23
CA ALA D 299 3.24 32.88 9.28
C ALA D 299 3.95 31.80 8.47
N ASN D 300 3.46 30.55 8.54
CA ASN D 300 4.06 29.40 7.81
C ASN D 300 2.99 28.83 6.91
N PRO D 301 2.63 29.52 5.80
CA PRO D 301 1.38 29.22 5.09
C PRO D 301 1.40 27.78 4.51
N LEU D 302 0.23 27.15 4.48
CA LEU D 302 0.08 25.83 3.82
C LEU D 302 -1.41 25.64 3.46
N CYS D 303 -1.64 24.59 2.74
CA CYS D 303 -2.97 23.96 2.58
C CYS D 303 -2.78 22.56 3.12
N PRO D 304 -3.38 22.24 4.28
CA PRO D 304 -3.26 20.90 4.83
C PRO D 304 -3.63 19.84 3.78
N THR D 305 -2.87 18.76 3.73
CA THR D 305 -3.25 17.55 2.95
C THR D 305 -4.37 16.84 3.69
N ALA D 306 -5.14 16.05 2.95
CA ALA D 306 -6.07 15.05 3.52
C ALA D 306 -5.34 14.20 4.55
N GLU D 307 -4.10 13.80 4.25
CA GLU D 307 -3.31 12.93 5.14
C GLU D 307 -3.02 13.63 6.46
N GLU D 308 -2.75 14.96 6.44
CA GLU D 308 -2.47 15.77 7.64
C GLU D 308 -3.74 15.91 8.47
N ILE D 309 -4.90 16.06 7.84
CA ILE D 309 -6.20 16.18 8.58
C ILE D 309 -6.40 14.90 9.41
N ILE D 310 -6.16 13.73 8.80
CA ILE D 310 -6.31 12.41 9.48
C ILE D 310 -5.27 12.33 10.61
N GLN D 311 -4.00 12.64 10.30
CA GLN D 311 -2.90 12.64 11.32
C GLN D 311 -3.31 13.50 12.52
N TRP D 312 -3.79 14.72 12.31
CA TRP D 312 -4.04 15.64 13.43
C TRP D 312 -5.18 15.10 14.31
N LEU D 313 -6.25 14.62 13.68
CA LEU D 313 -7.44 14.16 14.46
C LEU D 313 -7.04 12.93 15.31
N TRP D 314 -6.29 11.99 14.75
CA TRP D 314 -5.88 10.77 15.51
C TRP D 314 -4.92 11.15 16.66
N ILE D 315 -3.95 12.03 16.41
CA ILE D 315 -3.01 12.44 17.50
C ILE D 315 -3.85 13.02 18.64
N ASN D 316 -4.81 13.90 18.37
CA ASN D 316 -5.58 14.61 19.42
C ASN D 316 -6.43 13.59 20.19
N PHE D 317 -7.14 12.70 19.49
CA PHE D 317 -8.02 11.70 20.14
C PHE D 317 -7.18 10.75 20.98
N ALA D 318 -6.01 10.34 20.47
CA ALA D 318 -5.07 9.45 21.20
C ALA D 318 -4.53 10.16 22.45
N THR D 319 -4.65 11.49 22.52
CA THR D 319 -4.14 12.33 23.65
C THR D 319 -5.35 12.82 24.47
N GLU D 320 -6.49 12.12 24.35
CA GLU D 320 -7.70 12.26 25.19
C GLU D 320 -8.60 13.42 24.76
N ALA D 321 -8.38 13.99 23.58
CA ALA D 321 -9.23 15.10 23.09
C ALA D 321 -10.65 14.56 22.97
N LYS D 322 -11.62 15.34 23.44
CA LYS D 322 -13.06 15.00 23.31
C LYS D 322 -13.63 15.63 22.03
N GLY D 323 -12.75 16.26 21.22
CA GLY D 323 -13.19 16.97 20.03
C GLY D 323 -12.05 17.55 19.23
N GLY D 324 -12.31 17.74 17.96
CA GLY D 324 -11.46 18.48 17.02
C GLY D 324 -12.35 19.37 16.19
N ILE D 325 -12.23 20.69 16.32
CA ILE D 325 -13.03 21.68 15.55
C ILE D 325 -12.09 22.39 14.57
N PHE D 326 -12.42 22.35 13.28
CA PHE D 326 -11.58 22.96 12.22
C PHE D 326 -12.00 24.42 12.03
N TRP D 327 -11.02 25.31 12.06
CA TRP D 327 -11.18 26.67 11.52
C TRP D 327 -10.77 26.58 10.05
N SER D 328 -11.72 26.60 9.13
CA SER D 328 -13.14 26.86 9.33
C SER D 328 -13.93 26.00 8.31
N PHE D 329 -15.22 25.82 8.54
CA PHE D 329 -16.03 25.05 7.56
C PHE D 329 -16.13 25.87 6.27
N ASN D 330 -16.64 27.08 6.42
CA ASN D 330 -16.79 28.10 5.36
C ASN D 330 -15.84 29.28 5.67
N ALA D 331 -15.58 30.13 4.70
CA ALA D 331 -14.64 31.24 4.73
C ALA D 331 -15.36 32.56 5.04
N ARG D 332 -14.62 33.47 5.65
CA ARG D 332 -14.90 34.93 5.68
C ARG D 332 -14.96 35.38 4.23
N SER D 333 -15.62 36.50 3.96
CA SER D 333 -15.83 36.98 2.57
C SER D 333 -15.00 38.23 2.26
N THR D 334 -14.66 39.01 3.27
CA THR D 334 -14.05 40.37 3.06
C THR D 334 -12.73 40.53 3.82
N ALA D 335 -11.74 41.05 3.13
CA ALA D 335 -10.44 41.51 3.70
C ALA D 335 -9.70 40.31 4.33
N ALA D 336 -9.26 40.42 5.58
CA ALA D 336 -8.38 39.40 6.18
C ALA D 336 -9.06 38.04 6.08
N GLU D 337 -8.36 37.10 5.43
CA GLU D 337 -8.72 35.65 5.36
C GLU D 337 -9.97 35.45 4.50
N ALA D 338 -10.33 36.41 3.63
CA ALA D 338 -11.43 36.23 2.65
C ALA D 338 -11.15 35.01 1.76
N GLY D 339 -12.03 34.00 1.81
CA GLY D 339 -11.89 32.76 1.01
C GLY D 339 -10.71 31.91 1.45
N GLU D 340 -10.27 32.10 2.71
CA GLU D 340 -9.14 31.33 3.27
C GLU D 340 -9.70 30.42 4.38
N TRP D 341 -8.96 29.35 4.66
CA TRP D 341 -9.09 28.48 5.85
C TRP D 341 -10.21 27.44 5.69
N ALA D 342 -10.98 27.46 4.60
CA ALA D 342 -12.26 26.70 4.55
C ALA D 342 -12.02 25.25 4.14
N MET D 343 -12.81 24.36 4.73
CA MET D 343 -12.83 22.91 4.41
C MET D 343 -13.65 22.71 3.14
N ILE D 344 -14.62 23.59 2.89
CA ILE D 344 -15.45 23.49 1.66
C ILE D 344 -14.79 24.35 0.59
N ASN D 345 -15.00 24.00 -0.67
CA ASN D 345 -14.46 24.74 -1.84
C ASN D 345 -15.40 25.92 -2.14
N PHE D 346 -15.12 26.66 -3.20
CA PHE D 346 -15.87 27.91 -3.47
C PHE D 346 -17.30 27.62 -3.99
N LYS D 347 -17.61 26.37 -4.30
CA LYS D 347 -18.96 25.89 -4.69
C LYS D 347 -19.64 25.26 -3.48
N ASN D 348 -19.07 25.39 -2.28
CA ASN D 348 -19.69 24.87 -1.04
C ASN D 348 -19.76 23.34 -1.07
N LYS D 349 -18.88 22.68 -1.82
CA LYS D 349 -18.71 21.21 -1.77
C LYS D 349 -17.43 20.85 -1.02
N SER D 350 -17.28 19.57 -0.69
CA SER D 350 -16.18 18.99 0.09
C SER D 350 -14.84 19.08 -0.64
N SER D 351 -13.83 19.68 -0.03
CA SER D 351 -12.40 19.48 -0.39
C SER D 351 -11.96 18.09 0.06
N ASP D 352 -10.80 17.61 -0.37
CA ASP D 352 -10.23 16.33 0.12
C ASP D 352 -10.06 16.41 1.65
N ARG D 353 -9.99 17.61 2.22
CA ARG D 353 -9.79 17.79 3.68
C ARG D 353 -11.10 17.45 4.41
N LEU D 354 -12.25 17.88 3.90
CA LEU D 354 -13.54 17.59 4.54
C LEU D 354 -13.84 16.08 4.40
N ILE D 355 -13.56 15.50 3.23
CA ILE D 355 -13.72 14.04 2.98
C ILE D 355 -12.87 13.27 3.98
N ALA D 356 -11.63 13.71 4.24
CA ALA D 356 -10.75 13.04 5.22
C ALA D 356 -11.36 13.16 6.63
N ALA D 357 -11.73 14.35 7.04
CA ALA D 357 -12.33 14.58 8.36
C ALA D 357 -13.58 13.69 8.52
N ALA D 358 -14.38 13.55 7.48
CA ALA D 358 -15.63 12.77 7.49
C ALA D 358 -15.30 11.31 7.80
N THR D 359 -14.20 10.73 7.28
CA THR D 359 -13.79 9.35 7.57
C THR D 359 -13.59 9.20 9.06
N ILE D 360 -13.11 10.22 9.75
CA ILE D 360 -12.85 10.08 11.21
C ILE D 360 -14.16 10.18 12.00
N GLY D 361 -15.05 11.10 11.67
CA GLY D 361 -16.40 11.18 12.28
C GLY D 361 -17.14 9.85 12.15
N LYS D 362 -17.00 9.20 10.99
CA LYS D 362 -17.62 7.89 10.65
C LYS D 362 -16.95 6.80 11.50
N PHE D 363 -15.62 6.79 11.58
CA PHE D 363 -14.91 5.82 12.44
C PHE D 363 -15.44 5.93 13.88
N ILE D 364 -15.63 7.13 14.38
CA ILE D 364 -16.14 7.34 15.77
C ILE D 364 -17.50 6.64 15.91
N THR D 365 -18.47 6.92 15.03
CA THR D 365 -19.87 6.45 15.20
C THR D 365 -19.91 4.91 15.07
N GLU D 366 -18.93 4.32 14.39
CA GLU D 366 -18.76 2.84 14.23
C GLU D 366 -17.93 2.22 15.36
N ASN D 367 -17.29 3.01 16.23
CA ASN D 367 -16.43 2.49 17.33
C ASN D 367 -16.71 3.29 18.60
N VAL D 368 -17.98 3.52 18.94
CA VAL D 368 -18.40 4.52 19.98
C VAL D 368 -17.70 4.19 21.31
N LYS D 369 -17.69 2.93 21.72
CA LYS D 369 -17.25 2.58 23.10
C LYS D 369 -15.72 2.80 23.18
N MET D 370 -14.95 2.26 22.22
CA MET D 370 -13.50 2.47 22.13
C MET D 370 -13.19 3.99 22.18
N MET D 371 -13.80 4.78 21.29
CA MET D 371 -13.43 6.20 21.12
C MET D 371 -13.91 7.07 22.30
N SER D 372 -14.90 6.63 23.07
CA SER D 372 -15.50 7.44 24.18
C SER D 372 -14.68 7.31 25.47
N ASN D 373 -13.74 6.36 25.57
CA ASN D 373 -13.10 6.02 26.87
C ASN D 373 -11.57 6.06 26.73
N ILE D 374 -11.05 6.76 25.73
CA ILE D 374 -9.58 6.81 25.49
C ILE D 374 -8.89 7.41 26.70
N LYS D 375 -7.85 6.73 27.18
CA LYS D 375 -6.92 7.16 28.25
C LYS D 375 -5.51 6.95 27.67
N THR D 376 -4.73 8.03 27.61
CA THR D 376 -3.36 7.96 27.04
C THR D 376 -2.59 7.00 27.91
N LEU D 377 -1.78 6.14 27.31
CA LEU D 377 -0.91 5.22 28.06
C LEU D 377 0.33 6.02 28.46
N ASN D 378 0.30 6.56 29.70
CA ASN D 378 1.44 7.35 30.26
C ASN D 378 2.62 6.40 30.39
N SER D 379 3.71 6.66 29.67
CA SER D 379 4.96 5.88 29.77
C SER D 379 5.56 6.03 31.17
N GLY D 380 5.17 7.09 31.88
CA GLY D 380 5.83 7.55 33.12
C GLY D 380 6.89 8.63 32.85
N ILE D 381 7.23 8.94 31.59
CA ILE D 381 8.12 10.07 31.23
C ILE D 381 7.30 11.36 31.20
N SER D 382 7.71 12.34 32.00
CA SER D 382 7.16 13.70 32.00
C SER D 382 8.28 14.70 31.62
N ILE D 383 8.10 15.43 30.51
CA ILE D 383 8.98 16.54 30.08
C ILE D 383 8.39 17.82 30.67
N LEU D 384 9.10 18.48 31.57
CA LEU D 384 8.51 19.64 32.29
C LEU D 384 9.14 20.95 31.79
N TYR D 385 8.31 21.96 31.66
CA TYR D 385 8.72 23.34 31.33
C TYR D 385 8.22 24.20 32.48
N ASN D 386 8.77 25.39 32.73
CA ASN D 386 8.12 26.29 33.73
C ASN D 386 8.10 27.72 33.21
N HIS D 387 7.07 28.46 33.64
CA HIS D 387 6.93 29.88 33.29
C HIS D 387 8.27 30.58 33.50
N GLU D 388 8.93 30.32 34.64
CA GLU D 388 10.03 31.18 35.13
C GLU D 388 11.24 31.02 34.23
N SER D 389 11.48 29.86 33.66
CA SER D 389 12.62 29.63 32.73
C SER D 389 12.42 30.50 31.49
N MET D 390 11.16 30.63 31.03
CA MET D 390 10.82 31.46 29.86
C MET D 390 11.01 32.94 30.23
N TRP D 391 10.62 33.32 31.43
CA TRP D 391 10.69 34.72 31.93
C TRP D 391 12.16 35.13 32.10
N VAL D 392 12.96 34.24 32.67
CA VAL D 392 14.40 34.55 32.88
C VAL D 392 15.07 34.61 31.49
N GLU D 393 14.76 33.67 30.60
CA GLU D 393 15.33 33.68 29.24
C GLU D 393 15.05 35.02 28.55
N ALA D 394 13.84 35.56 28.71
CA ALA D 394 13.46 36.81 28.04
C ALA D 394 14.34 37.97 28.56
N ALA D 395 14.61 38.02 29.87
CA ALA D 395 15.48 39.05 30.46
C ALA D 395 16.94 38.85 30.00
N GLN D 396 17.45 37.63 29.92
CA GLN D 396 18.88 37.34 29.63
C GLN D 396 19.21 37.50 28.15
N THR D 397 18.31 37.13 27.24
CA THR D 397 18.62 37.15 25.79
C THR D 397 18.29 38.55 25.28
N ARG D 398 17.65 39.39 26.13
CA ARG D 398 17.16 40.77 25.88
C ARG D 398 16.34 40.78 24.58
N GLY D 399 15.70 39.64 24.25
CA GLY D 399 14.71 39.51 23.18
C GLY D 399 15.27 39.20 21.79
N LYS D 400 16.49 38.66 21.65
CA LYS D 400 17.02 38.17 20.32
C LYS D 400 16.11 37.00 19.82
N LEU D 401 16.01 36.75 18.50
CA LEU D 401 14.83 36.05 17.90
C LEU D 401 15.03 34.62 17.34
N ASN D 402 16.04 34.33 16.51
CA ASN D 402 16.36 32.90 16.14
C ASN D 402 15.46 31.97 16.99
N ASN D 404 17.64 28.90 18.94
CA ASN D 404 19.05 29.24 19.28
C ASN D 404 19.14 29.57 20.79
N GLY D 405 20.16 29.08 21.47
CA GLY D 405 20.26 29.19 22.94
C GLY D 405 20.25 30.64 23.39
N ARG D 406 20.79 31.54 22.58
CA ARG D 406 20.89 32.99 22.90
C ARG D 406 19.66 33.73 22.36
N SER D 407 18.54 33.06 22.18
CA SER D 407 17.29 33.70 21.71
C SER D 407 16.08 33.25 22.52
N ILE D 408 15.01 34.03 22.44
CA ILE D 408 13.65 33.68 22.94
C ILE D 408 13.27 32.33 22.32
N GLY D 409 12.93 31.34 23.13
CA GLY D 409 12.35 30.06 22.65
C GLY D 409 13.23 28.84 22.89
N ALA D 410 14.49 28.99 23.24
CA ALA D 410 15.37 27.84 23.53
C ALA D 410 14.80 27.02 24.70
N VAL D 411 14.21 27.68 25.70
CA VAL D 411 13.64 26.94 26.87
C VAL D 411 12.40 26.13 26.49
N MET D 412 11.80 26.38 25.32
CA MET D 412 10.70 25.52 24.80
C MET D 412 11.24 24.59 23.74
N CYS D 413 12.14 25.04 22.87
CA CYS D 413 12.67 24.15 21.80
C CYS D 413 13.46 23.00 22.40
N SER D 414 14.15 23.20 23.55
CA SER D 414 14.94 22.12 24.20
C SER D 414 14.00 20.99 24.61
N PRO D 415 13.00 21.21 25.48
CA PRO D 415 12.13 20.10 25.87
C PRO D 415 11.33 19.52 24.68
N LEU D 416 11.01 20.34 23.69
CA LEU D 416 10.34 19.86 22.45
C LEU D 416 11.28 18.93 21.69
N SER D 417 12.59 19.13 21.75
CA SER D 417 13.55 18.26 21.06
C SER D 417 13.58 16.90 21.77
N TYR D 418 13.59 16.88 23.10
CA TYR D 418 13.49 15.60 23.83
C TYR D 418 12.18 14.91 23.43
N PHE D 419 11.11 15.69 23.34
CA PHE D 419 9.78 15.16 22.98
C PHE D 419 9.84 14.50 21.61
N GLU D 420 10.47 15.16 20.65
CA GLU D 420 10.62 14.60 19.30
C GLU D 420 11.48 13.32 19.35
N ALA D 421 12.58 13.31 20.09
CA ALA D 421 13.47 12.14 20.21
C ALA D 421 12.66 10.94 20.72
N LEU D 422 11.80 11.15 21.72
CA LEU D 422 10.96 10.08 22.31
C LEU D 422 9.90 9.63 21.31
N SER D 423 9.28 10.57 20.58
CA SER D 423 8.31 10.25 19.52
C SER D 423 8.95 9.34 18.48
N GLU D 424 10.19 9.63 18.10
CA GLU D 424 10.91 8.84 17.07
C GLU D 424 11.41 7.52 17.69
N THR D 425 11.15 7.31 18.97
CA THR D 425 11.38 6.01 19.64
C THR D 425 10.05 5.30 19.91
N GLY D 426 8.93 5.94 19.60
CA GLY D 426 7.57 5.39 19.76
C GLY D 426 7.09 5.40 21.20
N LEU D 427 7.66 6.28 22.01
CA LEU D 427 7.36 6.42 23.45
C LEU D 427 6.53 7.69 23.69
N GLN D 428 5.42 7.54 24.40
CA GLN D 428 4.62 8.66 24.91
C GLN D 428 5.48 9.43 25.90
N ALA D 429 5.25 10.75 25.96
CA ALA D 429 5.80 11.62 27.00
C ALA D 429 4.78 12.68 27.36
N ASN D 430 4.61 12.94 28.65
CA ASN D 430 3.81 14.11 29.05
C ASN D 430 4.66 15.35 28.72
N PHE D 431 3.96 16.46 28.53
CA PHE D 431 4.55 17.80 28.38
C PHE D 431 3.74 18.71 29.28
N LYS D 432 4.36 19.14 30.38
CA LYS D 432 3.63 19.73 31.52
C LYS D 432 4.39 20.93 32.07
N GLU D 433 3.64 21.96 32.46
CA GLU D 433 4.16 23.01 33.35
C GLU D 433 4.47 22.33 34.70
N ILE D 434 5.57 22.72 35.36
CA ILE D 434 6.10 22.04 36.58
C ILE D 434 5.00 22.00 37.68
N LYS D 435 4.16 23.03 37.80
CA LYS D 435 3.06 23.11 38.79
C LYS D 435 1.93 22.11 38.47
N GLU D 436 1.94 21.52 37.28
CA GLU D 436 0.90 20.54 36.86
C GLU D 436 1.40 19.13 37.23
N PHE D 437 2.71 18.99 37.57
CA PHE D 437 3.27 17.68 37.97
C PHE D 437 2.89 17.43 39.44
N ASP D 438 2.42 16.22 39.74
CA ASP D 438 1.98 15.86 41.12
C ASP D 438 3.22 15.38 41.89
N PHE D 439 3.75 16.24 42.76
CA PHE D 439 4.98 15.96 43.58
C PHE D 439 4.63 15.38 44.96
N SER D 440 3.36 15.09 45.25
CA SER D 440 2.86 14.68 46.58
C SER D 440 2.84 13.14 46.75
N LEU D 441 3.17 12.31 45.76
CA LEU D 441 3.12 10.82 45.91
C LEU D 441 4.28 10.29 46.80
N ASN D 442 4.14 9.06 47.28
CA ASN D 442 5.09 8.37 48.20
C ASN D 442 6.09 7.52 47.40
N ASP D 443 5.77 7.22 46.16
CA ASP D 443 6.60 6.33 45.32
C ASP D 443 6.64 6.91 43.91
N TYR D 444 7.84 6.96 43.31
CA TYR D 444 8.10 7.44 41.93
C TYR D 444 9.00 6.44 41.22
N THR D 445 9.06 5.21 41.73
CA THR D 445 9.77 4.08 41.05
C THR D 445 9.27 4.08 39.60
N ASP D 446 10.17 3.92 38.64
CA ASP D 446 9.72 3.82 37.22
C ASP D 446 9.01 5.10 36.69
N GLN D 447 9.12 6.26 37.36
CA GLN D 447 8.68 7.57 36.75
C GLN D 447 9.95 8.35 36.38
N VAL D 448 9.91 9.14 35.30
CA VAL D 448 11.06 9.91 34.75
C VAL D 448 10.63 11.36 34.53
N ILE D 449 11.40 12.30 35.06
CA ILE D 449 11.29 13.76 34.73
C ILE D 449 12.49 14.15 33.87
N ILE D 450 12.20 14.79 32.73
CA ILE D 450 13.22 15.47 31.88
C ILE D 450 13.07 16.97 32.09
N LEU D 451 14.14 17.60 32.59
CA LEU D 451 14.31 19.07 32.65
C LEU D 451 15.42 19.47 31.67
N SER D 452 15.00 19.84 30.46
CA SER D 452 15.91 20.17 29.34
C SER D 452 15.99 21.69 29.21
N HIS D 453 17.10 22.28 29.64
CA HIS D 453 17.35 23.74 29.55
C HIS D 453 16.20 24.48 30.23
N GLN D 454 15.76 24.01 31.37
CA GLN D 454 14.85 24.79 32.24
C GLN D 454 15.72 25.65 33.15
N ILE D 455 16.08 26.84 32.66
CA ILE D 455 17.23 27.60 33.24
C ILE D 455 16.88 28.19 34.62
N ALA D 456 15.60 28.25 35.00
CA ALA D 456 15.15 28.80 36.30
C ALA D 456 14.47 27.71 37.14
N LEU D 457 15.04 27.42 38.31
CA LEU D 457 14.48 26.54 39.36
C LEU D 457 14.69 27.19 40.73
N ASP D 458 13.64 27.27 41.55
CA ASP D 458 13.77 27.82 42.92
C ASP D 458 13.92 26.69 43.94
N ASN D 459 14.23 27.09 45.17
CA ASN D 459 14.42 26.19 46.34
C ASN D 459 13.23 25.24 46.50
N LYS D 460 12.03 25.78 46.48
CA LYS D 460 10.76 25.03 46.68
C LYS D 460 10.66 23.88 45.65
N VAL D 461 10.93 24.16 44.37
CA VAL D 461 10.86 23.12 43.32
C VAL D 461 12.02 22.14 43.45
N ILE D 462 13.21 22.59 43.83
CA ILE D 462 14.39 21.68 44.04
C ILE D 462 14.06 20.68 45.17
N LYS D 463 13.41 21.13 46.25
CA LYS D 463 12.95 20.22 47.34
C LYS D 463 12.03 19.17 46.71
N GLN D 464 11.07 19.60 45.90
CA GLN D 464 10.10 18.66 45.25
C GLN D 464 10.87 17.68 44.37
N LEU D 465 11.90 18.13 43.66
CA LEU D 465 12.70 17.21 42.80
C LEU D 465 13.53 16.24 43.67
N GLU D 466 14.10 16.71 44.78
CA GLU D 466 14.85 15.86 45.75
C GLU D 466 13.93 14.74 46.22
N SER D 467 12.72 15.09 46.64
CA SER D 467 11.67 14.14 47.13
C SER D 467 11.37 13.13 46.02
N PHE D 468 11.17 13.60 44.78
CA PHE D 468 10.84 12.74 43.61
C PHE D 468 11.96 11.72 43.38
N VAL D 469 13.21 12.15 43.41
CA VAL D 469 14.34 11.21 43.13
C VAL D 469 14.51 10.26 44.32
N GLU D 470 14.49 10.77 45.55
CA GLU D 470 14.67 9.97 46.81
C GLU D 470 13.73 8.76 46.75
N LYS D 471 12.48 9.04 46.35
CA LYS D 471 11.37 8.06 46.32
C LYS D 471 11.39 7.23 45.03
N GLY D 472 12.52 7.19 44.29
CA GLY D 472 12.71 6.26 43.15
C GLY D 472 12.67 6.91 41.78
N GLY D 473 12.37 8.21 41.66
CA GLY D 473 12.31 8.94 40.38
C GLY D 473 13.65 8.94 39.63
N THR D 474 13.64 8.87 38.29
CA THR D 474 14.80 9.19 37.41
C THR D 474 14.67 10.64 36.93
N LEU D 475 15.70 11.46 37.13
CA LEU D 475 15.73 12.88 36.68
C LEU D 475 16.84 12.99 35.61
N ILE D 476 16.47 13.41 34.42
CA ILE D 476 17.40 13.72 33.30
C ILE D 476 17.40 15.25 33.12
N ALA D 477 18.57 15.87 33.22
CA ALA D 477 18.75 17.34 33.13
C ALA D 477 19.88 17.65 32.16
N ASP D 478 19.60 18.50 31.16
CA ASP D 478 20.63 18.92 30.18
C ASP D 478 20.54 20.44 30.00
N GLY D 479 21.49 20.99 29.27
CA GLY D 479 21.58 22.45 29.04
C GLY D 479 21.80 23.16 30.36
N LEU D 480 21.33 24.38 30.46
CA LEU D 480 21.59 25.24 31.65
C LEU D 480 20.46 25.04 32.66
N THR D 481 19.86 23.86 32.72
CA THR D 481 18.83 23.61 33.76
C THR D 481 19.43 24.00 35.13
N GLY D 482 18.67 24.79 35.89
CA GLY D 482 19.02 25.16 37.27
C GLY D 482 20.10 26.23 37.42
N TYR D 483 20.52 26.90 36.34
CA TYR D 483 21.58 27.95 36.39
C TYR D 483 21.10 29.13 37.21
N TYR D 484 19.84 29.48 37.11
CA TYR D 484 19.22 30.62 37.82
C TYR D 484 18.15 30.08 38.77
N ASP D 485 17.74 30.92 39.71
CA ASP D 485 16.50 30.76 40.50
C ASP D 485 15.42 31.66 39.85
N TYR D 486 14.29 31.82 40.53
CA TYR D 486 13.08 32.50 40.02
C TYR D 486 13.28 34.01 40.08
N GLN D 487 14.41 34.46 40.66
CA GLN D 487 14.75 35.91 40.73
C GLN D 487 15.97 36.21 39.83
N ALA D 488 16.31 35.33 38.92
CA ALA D 488 17.43 35.48 37.97
C ALA D 488 18.75 35.56 38.73
N HIS D 489 18.76 35.12 39.99
CA HIS D 489 20.01 34.95 40.79
C HIS D 489 20.61 33.58 40.46
N SER D 490 21.88 33.50 40.09
CA SER D 490 22.55 32.24 39.74
C SER D 490 23.19 31.66 41.00
N THR D 491 22.65 30.54 41.50
CA THR D 491 23.23 29.84 42.65
C THR D 491 24.46 29.11 42.13
N VAL D 492 24.62 28.99 40.80
CA VAL D 492 25.88 28.44 40.23
C VAL D 492 27.02 29.35 40.71
N VAL D 493 26.76 30.65 40.85
CA VAL D 493 27.78 31.62 41.31
C VAL D 493 27.82 31.65 42.85
N SER D 494 26.68 31.82 43.52
CA SER D 494 26.59 32.08 44.98
C SER D 494 26.71 30.80 45.82
N GLY D 495 26.45 29.61 45.28
CA GLY D 495 26.38 28.33 46.04
C GLY D 495 25.27 27.44 45.51
N PHE D 496 25.63 26.42 44.73
CA PHE D 496 24.73 25.73 43.74
C PHE D 496 23.62 24.99 44.45
N ALA D 497 22.35 25.35 44.24
CA ALA D 497 21.21 24.83 45.03
C ALA D 497 20.91 23.38 44.66
N LEU D 498 21.40 22.92 43.50
CA LEU D 498 21.21 21.53 43.04
C LEU D 498 22.46 20.68 43.35
N GLU D 499 23.43 21.18 44.10
CA GLU D 499 24.65 20.37 44.40
C GLU D 499 24.25 19.07 45.11
N ASN D 500 23.37 19.17 46.11
CA ASN D 500 22.89 18.02 46.91
C ASN D 500 22.28 16.97 45.96
N LEU D 501 21.33 17.37 45.11
CA LEU D 501 20.60 16.42 44.24
C LEU D 501 21.52 15.88 43.15
N PHE D 502 22.41 16.71 42.59
CA PHE D 502 23.22 16.34 41.42
C PHE D 502 24.51 15.65 41.88
N GLY D 503 24.85 15.72 43.16
CA GLY D 503 26.12 15.19 43.73
C GLY D 503 27.33 15.73 42.99
N SER D 504 27.26 16.98 42.56
CA SER D 504 28.25 17.58 41.63
C SER D 504 28.02 19.09 41.57
N TYR D 505 28.96 19.76 40.94
CA TYR D 505 29.08 21.24 40.93
C TYR D 505 29.51 21.65 39.52
N PRO D 506 28.93 22.68 38.91
CA PRO D 506 29.45 23.20 37.64
C PRO D 506 30.84 23.79 37.85
N ILE D 507 31.73 23.66 36.87
CA ILE D 507 33.07 24.29 36.87
C ILE D 507 33.02 25.49 35.91
N GLU D 508 32.78 25.24 34.61
CA GLU D 508 32.55 26.35 33.66
C GLU D 508 31.68 25.96 32.48
N TYR D 509 31.13 27.00 31.84
CA TYR D 509 30.60 27.00 30.46
C TYR D 509 31.63 27.68 29.55
N LYS D 510 31.87 27.10 28.39
CA LYS D 510 32.67 27.72 27.31
C LYS D 510 31.81 27.71 26.05
N ILE D 511 31.50 28.89 25.54
CA ILE D 511 30.77 29.03 24.26
C ILE D 511 31.61 28.39 23.14
N LYS D 512 30.95 27.66 22.24
CA LYS D 512 31.49 26.95 21.06
C LYS D 512 30.68 27.39 19.81
N GLU D 513 30.80 26.70 18.68
CA GLU D 513 29.93 26.89 17.49
C GLU D 513 28.48 26.49 17.85
N ASN D 514 27.53 26.80 16.97
CA ASN D 514 26.08 26.47 17.10
C ASN D 514 25.92 24.95 17.26
N LEU D 515 26.77 24.18 16.60
CA LEU D 515 26.80 22.71 16.65
C LEU D 515 28.24 22.24 16.93
N PHE D 516 28.43 21.45 17.97
CA PHE D 516 29.73 20.79 18.25
C PHE D 516 29.42 19.38 18.75
N SER D 517 30.46 18.58 18.93
CA SER D 517 30.40 17.17 19.39
C SER D 517 30.98 17.08 20.81
N LEU D 518 30.25 16.48 21.75
CA LEU D 518 30.78 15.91 22.99
C LEU D 518 31.31 14.51 22.68
N ASP D 519 32.64 14.34 22.72
CA ASP D 519 33.32 13.05 22.41
C ASP D 519 33.63 12.33 23.74
N PHE D 520 32.81 11.36 24.15
CA PHE D 520 33.00 10.66 25.43
C PHE D 520 34.27 9.79 25.35
N GLU D 521 34.92 9.57 26.50
CA GLU D 521 36.10 8.68 26.72
C GLU D 521 35.75 7.23 26.28
N LYS D 522 34.64 6.71 26.80
CA LYS D 522 34.14 5.34 26.62
C LYS D 522 33.63 5.18 25.17
N ASP D 523 34.21 4.23 24.41
CA ASP D 523 33.67 3.70 23.13
C ASP D 523 33.77 4.71 21.98
N ASN D 524 34.55 5.78 22.14
CA ASN D 524 34.73 6.87 21.14
C ASN D 524 33.37 7.42 20.62
N TYR D 525 32.38 7.57 21.50
CA TYR D 525 30.93 7.85 21.23
C TYR D 525 30.69 9.36 21.30
N LYS D 526 29.72 9.86 20.55
CA LYS D 526 29.62 11.27 20.09
C LYS D 526 28.19 11.79 20.21
N LEU D 527 27.95 12.82 21.02
CA LEU D 527 26.63 13.50 21.19
C LEU D 527 26.68 14.91 20.56
N PRO D 528 25.75 15.23 19.65
CA PRO D 528 25.63 16.61 19.18
C PRO D 528 25.21 17.52 20.35
N ALA D 529 25.82 18.70 20.43
CA ALA D 529 25.59 19.71 21.47
C ALA D 529 25.53 21.10 20.84
N HIS D 530 24.76 21.98 21.44
CA HIS D 530 24.49 23.33 20.89
C HIS D 530 25.14 24.38 21.77
N LEU D 531 26.07 25.15 21.20
CA LEU D 531 26.45 26.52 21.64
C LEU D 531 27.39 26.52 22.87
N TRP D 532 27.05 25.86 23.98
CA TRP D 532 27.84 25.95 25.23
C TRP D 532 28.29 24.56 25.71
N LYS D 533 29.59 24.39 26.00
CA LYS D 533 30.11 23.15 26.62
C LYS D 533 30.20 23.36 28.14
N GLY D 534 29.46 22.56 28.89
CA GLY D 534 29.47 22.57 30.35
C GLY D 534 30.47 21.55 30.87
N THR D 535 31.28 21.93 31.85
CA THR D 535 32.16 21.02 32.63
C THR D 535 31.76 21.09 34.11
N ILE D 536 31.98 20.00 34.83
CA ILE D 536 31.51 19.83 36.23
C ILE D 536 32.62 19.18 37.03
N GLU D 537 32.46 19.20 38.35
CA GLU D 537 33.25 18.39 39.32
C GLU D 537 32.25 17.58 40.13
N THR D 538 32.47 16.29 40.25
CA THR D 538 31.62 15.37 41.04
C THR D 538 32.16 15.31 42.48
N SER D 539 31.26 15.31 43.47
CA SER D 539 31.54 14.84 44.85
C SER D 539 30.94 13.44 44.96
N LYS D 540 29.64 13.29 45.18
CA LYS D 540 28.98 11.96 45.34
C LYS D 540 28.69 11.29 44.00
N ALA D 541 28.51 12.02 42.91
CA ALA D 541 28.05 11.45 41.62
C ALA D 541 29.22 10.74 40.96
N THR D 542 28.95 9.82 40.06
CA THR D 542 29.97 9.14 39.23
C THR D 542 30.24 10.04 38.03
N PRO D 543 31.48 10.54 37.85
CA PRO D 543 31.80 11.38 36.69
C PRO D 543 31.78 10.62 35.36
N ILE D 544 31.38 11.30 34.28
CA ILE D 544 31.55 10.82 32.88
C ILE D 544 32.48 11.77 32.14
N MET D 545 33.56 11.24 31.57
CA MET D 545 34.69 12.06 31.03
C MET D 545 34.64 12.12 29.50
N ASP D 546 35.17 13.18 28.88
CA ASP D 546 35.33 13.28 27.41
C ASP D 546 36.78 12.98 27.05
N LYS D 547 37.10 12.91 25.75
CA LYS D 547 38.43 12.60 25.19
C LYS D 547 39.44 13.68 25.54
N GLU D 548 39.04 14.83 26.08
CA GLU D 548 40.00 15.89 26.47
C GLU D 548 40.28 15.80 27.96
N GLY D 549 39.73 14.79 28.64
CA GLY D 549 39.92 14.57 30.09
C GLY D 549 39.10 15.52 30.93
N GLU D 550 38.04 16.13 30.42
CA GLU D 550 37.16 17.01 31.20
C GLU D 550 35.89 16.24 31.54
N CYS D 551 35.30 16.56 32.67
CA CYS D 551 34.07 15.93 33.15
C CYS D 551 32.82 16.68 32.59
N ILE D 552 32.04 16.02 31.73
CA ILE D 552 30.94 16.67 30.95
C ILE D 552 29.56 16.17 31.40
N ALA D 553 29.49 15.17 32.26
CA ALA D 553 28.20 14.61 32.73
C ALA D 553 28.44 13.73 33.97
N CYS D 554 27.38 13.38 34.67
CA CYS D 554 27.47 12.49 35.85
C CYS D 554 26.14 11.75 36.09
N ILE D 555 26.21 10.63 36.81
CA ILE D 555 25.03 9.92 37.34
C ILE D 555 25.14 9.92 38.86
N ASN D 556 24.15 10.46 39.53
CA ASN D 556 24.08 10.52 41.00
C ASN D 556 22.98 9.58 41.42
N GLN D 557 23.34 8.57 42.23
CA GLN D 557 22.37 7.72 42.96
C GLN D 557 21.89 8.56 44.14
N TYR D 558 20.59 8.83 44.26
CA TYR D 558 20.06 9.70 45.33
C TYR D 558 18.81 9.04 45.91
N GLY D 559 18.93 8.53 47.15
CA GLY D 559 17.93 7.61 47.74
C GLY D 559 17.69 6.47 46.79
N LYS D 560 16.43 6.17 46.46
CA LYS D 560 16.10 5.04 45.56
C LYS D 560 16.28 5.46 44.08
N GLY D 561 16.34 6.75 43.78
CA GLY D 561 16.30 7.25 42.38
C GLY D 561 17.69 7.55 41.86
N LYS D 562 17.77 8.03 40.62
CA LYS D 562 19.03 8.50 40.02
C LYS D 562 18.82 9.81 39.24
N VAL D 563 19.92 10.52 39.06
CA VAL D 563 20.00 11.80 38.32
C VAL D 563 21.05 11.61 37.24
N PHE D 564 20.69 11.93 36.00
CA PHE D 564 21.64 12.07 34.89
C PHE D 564 21.72 13.55 34.55
N TRP D 565 22.90 14.12 34.71
CA TRP D 565 23.14 15.56 34.45
C TRP D 565 24.20 15.70 33.39
N ILE D 566 23.85 16.41 32.31
CA ILE D 566 24.81 16.81 31.23
C ILE D 566 24.57 18.28 30.93
N PRO D 567 25.41 19.18 31.48
CA PRO D 567 25.14 20.62 31.40
C PRO D 567 25.40 21.27 30.04
N SER D 568 25.82 20.53 29.01
CA SER D 568 25.76 21.01 27.60
C SER D 568 24.35 20.83 27.04
N PRO D 569 23.84 21.70 26.17
CA PRO D 569 22.52 21.49 25.57
C PRO D 569 22.54 20.41 24.47
N ILE D 570 22.21 19.17 24.82
CA ILE D 570 22.26 18.03 23.86
C ILE D 570 20.93 17.93 23.16
N ALA D 571 19.83 18.33 23.81
CA ALA D 571 18.52 18.35 23.15
C ALA D 571 18.58 19.39 21.99
N LEU D 572 19.07 20.60 22.30
CA LEU D 572 19.19 21.63 21.26
C LEU D 572 20.26 21.19 20.24
N GLY D 573 21.24 20.40 20.65
CA GLY D 573 22.26 19.92 19.70
C GLY D 573 21.65 18.96 18.70
N ALA D 574 20.79 18.06 19.15
CA ALA D 574 19.99 17.18 18.28
C ALA D 574 19.16 18.06 17.32
N ARG D 575 18.47 19.07 17.82
CA ARG D 575 17.61 19.97 16.99
C ARG D 575 18.47 20.65 15.91
N GLU D 576 19.60 21.27 16.31
CA GLU D 576 20.49 21.96 15.39
C GLU D 576 21.07 20.96 14.37
N SER D 577 21.33 19.73 14.76
CA SER D 577 21.91 18.73 13.81
C SER D 577 20.78 18.02 13.01
N LYS D 578 19.51 18.28 13.31
CA LYS D 578 18.33 17.63 12.67
C LYS D 578 18.46 16.11 12.77
N ASP D 579 18.99 15.62 13.88
CA ASP D 579 19.23 14.17 14.11
C ASP D 579 19.01 13.88 15.59
N PHE D 580 17.90 13.21 15.92
CA PHE D 580 17.53 12.91 17.33
C PHE D 580 17.96 11.49 17.73
N SER D 581 18.71 10.79 16.87
CA SER D 581 19.04 9.35 17.04
C SER D 581 19.88 9.16 18.29
N GLU D 582 20.92 9.97 18.48
CA GLU D 582 21.82 9.79 19.66
C GLU D 582 21.06 10.16 20.93
N LEU D 583 20.25 11.21 20.93
CA LEU D 583 19.48 11.60 22.13
C LEU D 583 18.49 10.46 22.46
N SER D 584 17.90 9.84 21.44
CA SER D 584 16.99 8.67 21.58
C SER D 584 17.73 7.54 22.31
N LYS D 585 18.85 7.06 21.74
CA LYS D 585 19.65 5.96 22.32
C LYS D 585 20.01 6.28 23.78
N LEU D 586 20.51 7.47 24.05
CA LEU D 586 20.95 7.84 25.41
C LEU D 586 19.76 7.82 26.37
N THR D 587 18.64 8.44 26.00
CA THR D 587 17.45 8.55 26.91
C THR D 587 16.96 7.10 27.25
N VAL D 588 16.87 6.25 26.23
CA VAL D 588 16.39 4.84 26.33
C VAL D 588 17.27 4.10 27.34
N SER D 589 18.60 4.19 27.19
CA SER D 589 19.65 3.68 28.11
C SER D 589 19.36 4.04 29.57
N LEU D 590 18.68 5.16 29.83
CA LEU D 590 18.55 5.72 31.21
C LEU D 590 17.17 5.37 31.77
N LEU D 591 16.29 4.80 30.96
CA LEU D 591 14.88 4.58 31.40
C LEU D 591 14.85 3.34 32.27
N PRO D 592 14.02 3.33 33.34
CA PRO D 592 13.75 2.12 34.09
C PRO D 592 13.25 1.01 33.15
N ASN D 593 13.76 -0.21 33.33
CA ASN D 593 13.39 -1.42 32.56
C ASN D 593 11.86 -1.51 32.48
N LYS D 594 11.10 -1.22 33.56
CA LYS D 594 9.63 -1.36 33.57
C LYS D 594 8.99 -0.54 32.42
N ILE D 595 9.48 0.68 32.14
CA ILE D 595 8.89 1.53 31.07
C ILE D 595 9.03 0.80 29.73
N LEU D 596 10.19 0.25 29.42
CA LEU D 596 10.44 -0.44 28.14
C LEU D 596 9.65 -1.77 28.05
N ASN D 597 9.45 -2.48 29.17
CA ASN D 597 8.74 -3.80 29.15
C ASN D 597 7.23 -3.60 29.04
N ASP D 598 6.67 -2.58 29.68
CA ASP D 598 5.19 -2.36 29.78
C ASP D 598 4.64 -1.52 28.62
N ASN D 599 5.46 -0.71 27.94
CA ASN D 599 4.96 0.25 26.92
C ASN D 599 5.42 -0.20 25.54
N PRO D 600 4.51 -0.31 24.56
CA PRO D 600 4.94 -0.50 23.19
C PRO D 600 5.81 0.69 22.76
N HIS D 601 6.91 0.40 22.07
CA HIS D 601 7.86 1.39 21.53
C HIS D 601 8.60 0.74 20.36
N PHE D 602 9.48 1.49 19.69
CA PHE D 602 10.24 0.98 18.53
C PHE D 602 11.49 0.25 19.04
N ASP D 603 11.90 -0.80 18.33
CA ASP D 603 13.08 -1.62 18.64
C ASP D 603 14.30 -0.69 18.61
N LYS D 604 14.23 0.41 17.86
CA LYS D 604 15.31 1.41 17.74
C LYS D 604 14.71 2.73 17.26
N HIS D 605 15.55 3.76 17.14
CA HIS D 605 15.12 5.09 16.70
C HIS D 605 14.72 5.01 15.22
N TYR D 606 13.59 5.63 14.86
CA TYR D 606 13.14 5.81 13.45
C TYR D 606 12.99 7.29 13.15
N LYS D 607 13.81 7.77 12.23
CA LYS D 607 13.73 9.18 11.81
C LYS D 607 12.36 9.40 11.17
N ASP D 608 11.62 10.42 11.64
CA ASP D 608 10.39 10.93 11.04
C ASP D 608 9.27 9.88 11.12
N VAL D 609 9.28 9.00 12.12
CA VAL D 609 8.10 8.15 12.46
C VAL D 609 7.69 8.47 13.88
N MET D 610 6.42 8.44 14.19
CA MET D 610 5.97 8.61 15.58
C MET D 610 5.05 7.46 15.97
N MET D 611 5.11 7.07 17.24
CA MET D 611 4.06 6.22 17.85
C MET D 611 3.72 6.77 19.24
N LYS D 612 2.46 6.74 19.57
CA LYS D 612 1.89 7.03 20.90
C LYS D 612 0.85 5.92 21.18
N SER D 613 0.74 5.43 22.42
CA SER D 613 -0.21 4.36 22.76
C SER D 613 -1.28 4.90 23.70
N PHE D 614 -2.43 4.24 23.71
CA PHE D 614 -3.55 4.56 24.62
C PHE D 614 -4.29 3.27 24.98
N LYS D 615 -5.17 3.38 25.98
CA LYS D 615 -6.08 2.32 26.41
C LYS D 615 -7.52 2.82 26.30
N SER D 616 -8.45 1.92 26.03
CA SER D 616 -9.90 2.16 26.18
C SER D 616 -10.53 0.90 26.78
N ASN D 617 -11.13 1.04 27.95
CA ASN D 617 -11.38 -0.02 28.97
C ASN D 617 -10.05 -0.75 29.17
N GLY D 618 -9.99 -2.07 29.07
CA GLY D 618 -8.72 -2.79 29.32
C GLY D 618 -7.85 -2.90 28.06
N THR D 619 -8.37 -2.48 26.90
CA THR D 619 -7.73 -2.77 25.59
C THR D 619 -6.68 -1.69 25.27
N MET D 620 -5.51 -2.13 24.80
CA MET D 620 -4.39 -1.25 24.45
C MET D 620 -4.42 -1.03 22.94
N TYR D 621 -4.14 0.21 22.53
CA TYR D 621 -4.01 0.64 21.11
C TYR D 621 -2.71 1.42 20.94
N SER D 622 -2.23 1.42 19.72
CA SER D 622 -1.09 2.25 19.30
C SER D 622 -1.46 3.02 18.04
N LEU D 623 -1.12 4.33 18.04
CA LEU D 623 -1.13 5.22 16.86
C LEU D 623 0.27 5.29 16.28
N ILE D 624 0.45 4.96 15.01
CA ILE D 624 1.74 5.11 14.27
C ILE D 624 1.50 6.01 13.06
N ILE D 625 2.39 6.98 12.83
CA ILE D 625 2.38 7.86 11.63
C ILE D 625 3.78 7.88 11.05
N ASN D 626 3.91 7.63 9.77
CA ASN D 626 5.19 7.68 9.01
C ASN D 626 5.23 9.03 8.28
N LYS D 627 6.17 9.90 8.63
CA LYS D 627 6.37 11.24 8.01
C LYS D 627 7.62 11.22 7.13
N SER D 628 8.23 10.07 6.91
CA SER D 628 9.43 9.99 6.06
C SER D 628 8.98 9.87 4.59
N ALA D 629 9.94 9.98 3.67
CA ALA D 629 9.64 9.95 2.24
C ALA D 629 9.52 8.50 1.75
N SER D 630 9.78 7.51 2.60
CA SER D 630 9.80 6.08 2.17
C SER D 630 8.95 5.19 3.09
N VAL D 631 8.53 4.07 2.54
CA VAL D 631 7.86 2.96 3.27
C VAL D 631 8.82 2.57 4.40
N GLN D 632 8.32 2.49 5.62
CA GLN D 632 9.10 2.08 6.81
C GLN D 632 8.56 0.75 7.33
N THR D 633 9.46 -0.13 7.76
CA THR D 633 9.13 -1.32 8.57
C THR D 633 9.56 -1.07 10.01
N VAL D 634 8.59 -0.84 10.89
CA VAL D 634 8.77 -0.46 12.32
C VAL D 634 8.56 -1.71 13.17
N ASP D 635 9.60 -2.17 13.86
CA ASP D 635 9.54 -3.34 14.78
C ASP D 635 9.05 -2.82 16.13
N ILE D 636 7.83 -3.13 16.54
CA ILE D 636 7.22 -2.70 17.83
C ILE D 636 7.50 -3.78 18.88
N VAL D 637 8.08 -3.39 20.00
CA VAL D 637 8.37 -4.26 21.17
C VAL D 637 7.72 -3.61 22.38
N GLY D 638 7.58 -4.37 23.47
CA GLY D 638 7.02 -3.90 24.75
C GLY D 638 5.51 -4.05 24.75
N GLY D 639 4.91 -3.91 25.92
CA GLY D 639 3.53 -4.33 26.23
C GLY D 639 3.31 -5.82 25.95
N LYS D 640 2.05 -6.18 25.75
CA LYS D 640 1.61 -7.57 25.42
C LYS D 640 0.59 -7.49 24.26
N GLY D 641 0.43 -8.57 23.53
CA GLY D 641 -0.68 -8.73 22.57
C GLY D 641 -0.17 -8.85 21.15
N LYS D 642 -1.08 -9.21 20.27
CA LYS D 642 -0.79 -9.42 18.83
C LYS D 642 -1.47 -8.24 18.12
N ALA D 643 -0.83 -7.73 17.07
CA ALA D 643 -1.33 -6.55 16.32
C ALA D 643 -2.55 -6.93 15.49
N PHE D 644 -3.66 -6.22 15.66
CA PHE D 644 -4.77 -6.14 14.67
C PHE D 644 -4.89 -4.69 14.19
N ILE D 645 -4.67 -4.48 12.89
CA ILE D 645 -4.73 -3.15 12.22
C ILE D 645 -6.21 -2.78 12.10
N LEU D 646 -6.66 -1.80 12.87
CA LEU D 646 -8.07 -1.35 12.99
C LEU D 646 -8.30 -0.12 12.09
N PHE D 647 -7.26 0.70 11.89
CA PHE D 647 -7.30 1.90 11.00
C PHE D 647 -6.00 1.99 10.24
N ALA D 648 -6.05 2.15 8.94
CA ALA D 648 -4.85 2.33 8.10
C ALA D 648 -5.25 2.89 6.75
N ASN D 649 -5.02 4.20 6.51
CA ASN D 649 -5.58 4.87 5.33
C ASN D 649 -4.72 4.59 4.10
N LYS D 650 -3.66 3.78 4.18
CA LYS D 650 -2.92 3.35 2.95
C LYS D 650 -2.59 1.84 3.00
N ASN D 651 -3.42 1.02 3.66
CA ASN D 651 -3.27 -0.47 3.64
C ASN D 651 -1.89 -0.91 4.16
N ALA D 652 -1.45 -0.31 5.25
CA ALA D 652 -0.39 -0.86 6.09
C ALA D 652 -0.72 -2.34 6.37
N HIS D 653 0.32 -3.16 6.51
CA HIS D 653 0.22 -4.58 6.95
C HIS D 653 1.28 -4.82 8.03
N SER D 654 1.05 -5.81 8.89
CA SER D 654 2.06 -6.25 9.88
C SER D 654 2.32 -7.75 9.75
N THR D 655 3.56 -8.13 10.03
CA THR D 655 4.10 -9.50 10.05
C THR D 655 4.72 -9.66 11.42
N ALA D 656 4.11 -10.48 12.29
CA ALA D 656 4.37 -10.48 13.75
C ALA D 656 4.14 -9.03 14.20
N ASN D 657 5.09 -8.41 14.89
CA ASN D 657 4.86 -7.04 15.43
C ASN D 657 5.73 -6.03 14.63
N LYS D 658 6.07 -6.35 13.38
CA LYS D 658 6.76 -5.48 12.40
C LYS D 658 5.69 -4.82 11.49
N LEU D 659 5.47 -3.52 11.61
CA LEU D 659 4.46 -2.75 10.86
C LEU D 659 5.13 -2.10 9.64
N THR D 660 4.64 -2.42 8.44
CA THR D 660 5.04 -1.79 7.15
C THR D 660 4.03 -0.69 6.89
N ILE D 661 4.49 0.57 6.91
CA ILE D 661 3.60 1.78 6.89
C ILE D 661 4.12 2.73 5.82
N SER D 662 3.20 3.30 5.04
CA SER D 662 3.51 4.11 3.84
C SER D 662 3.73 5.57 4.26
N PRO D 663 4.45 6.37 3.43
CA PRO D 663 4.57 7.82 3.68
C PRO D 663 3.22 8.46 3.93
N GLU D 664 3.09 9.20 5.03
CA GLU D 664 1.91 10.03 5.36
C GLU D 664 0.77 9.18 5.91
N GLU D 665 0.96 7.86 5.99
CA GLU D 665 -0.09 6.94 6.48
C GLU D 665 -0.23 7.09 7.99
N THR D 666 -1.46 7.12 8.47
CA THR D 666 -1.83 6.99 9.91
C THR D 666 -2.34 5.57 10.15
N VAL D 667 -1.85 4.89 11.18
CA VAL D 667 -2.24 3.49 11.52
C VAL D 667 -2.70 3.41 12.98
N ILE D 668 -3.85 2.78 13.23
CA ILE D 668 -4.28 2.37 14.60
C ILE D 668 -4.18 0.86 14.67
N ILE D 669 -3.34 0.41 15.59
CA ILE D 669 -3.19 -1.02 15.98
C ILE D 669 -4.02 -1.22 17.26
N LYS D 670 -4.85 -2.26 17.28
CA LYS D 670 -5.47 -2.85 18.48
C LYS D 670 -4.65 -4.06 18.92
N TRP D 671 -4.20 -4.08 20.17
CA TRP D 671 -3.41 -5.20 20.76
C TRP D 671 -4.42 -6.22 21.35
N LYS D 672 -4.50 -7.44 20.81
CA LYS D 672 -5.52 -8.49 21.16
C LYS D 672 -5.03 -9.46 22.27
N PRO E 21 9.78 -55.12 39.51
CA PRO E 21 10.98 -54.49 38.86
C PRO E 21 10.88 -54.49 37.33
N ALA E 22 10.50 -53.34 36.74
CA ALA E 22 10.29 -53.19 35.28
C ALA E 22 11.61 -53.38 34.54
N GLU E 23 11.65 -54.20 33.50
CA GLU E 23 12.74 -54.08 32.50
C GLU E 23 12.46 -52.88 31.59
N ARG E 24 13.41 -51.96 31.47
CA ARG E 24 13.41 -50.80 30.55
C ARG E 24 14.11 -51.15 29.24
N ILE E 25 13.52 -50.79 28.11
CA ILE E 25 14.09 -51.11 26.79
C ILE E 25 15.27 -50.16 26.58
N SER E 26 16.26 -50.58 25.83
CA SER E 26 17.42 -49.75 25.44
C SER E 26 17.85 -50.17 24.05
N LYS E 27 18.79 -49.45 23.46
CA LYS E 27 19.38 -49.77 22.14
C LYS E 27 20.23 -51.05 22.23
N GLN E 28 20.43 -51.61 23.44
CA GLN E 28 21.19 -52.87 23.65
C GLN E 28 20.24 -54.04 23.96
N SER E 29 18.93 -53.81 24.07
CA SER E 29 17.97 -54.87 24.45
C SER E 29 18.05 -55.99 23.41
N THR E 30 17.81 -57.22 23.86
CA THR E 30 17.66 -58.37 22.96
C THR E 30 16.32 -58.16 22.22
N PRO E 31 16.31 -58.16 20.88
CA PRO E 31 15.07 -57.98 20.14
C PRO E 31 14.16 -59.19 20.37
N PHE E 32 12.86 -58.98 20.29
CA PHE E 32 11.85 -60.05 20.46
C PHE E 32 10.87 -60.07 19.27
N VAL E 33 10.29 -61.25 19.08
CA VAL E 33 9.07 -61.51 18.28
C VAL E 33 7.92 -61.68 19.27
N GLY E 34 6.76 -61.10 18.97
CA GLY E 34 5.57 -61.16 19.83
C GLY E 34 4.30 -61.01 19.03
N ALA E 35 3.15 -60.92 19.72
CA ALA E 35 1.86 -60.89 19.05
C ALA E 35 0.80 -60.36 19.98
N GLN E 36 -0.22 -59.72 19.39
CA GLN E 36 -1.38 -59.25 20.14
C GLN E 36 -2.05 -60.49 20.72
N ILE E 37 -2.47 -60.45 21.97
CA ILE E 37 -3.36 -61.47 22.56
C ILE E 37 -4.68 -60.74 22.73
N PHE E 38 -5.67 -61.14 21.92
CA PHE E 38 -6.96 -60.44 21.87
C PHE E 38 -7.88 -61.01 22.95
N ILE E 39 -8.19 -60.16 23.91
CA ILE E 39 -9.01 -60.50 25.10
C ILE E 39 -10.35 -59.75 24.99
N GLU E 40 -11.44 -60.50 25.10
CA GLU E 40 -12.81 -59.99 25.15
C GLU E 40 -13.61 -60.98 25.96
N PRO E 41 -14.74 -60.57 26.55
CA PRO E 41 -15.58 -61.47 27.31
C PRO E 41 -16.13 -62.57 26.40
N GLY E 42 -16.41 -63.72 27.02
CA GLY E 42 -16.89 -64.95 26.36
C GLY E 42 -15.78 -65.97 26.21
N GLN E 43 -14.52 -65.54 26.10
CA GLN E 43 -13.38 -66.48 26.04
C GLN E 43 -13.31 -67.27 27.36
N THR E 44 -12.82 -68.52 27.30
CA THR E 44 -12.61 -69.39 28.49
C THR E 44 -11.14 -69.34 28.92
N GLN E 45 -10.90 -69.55 30.22
CA GLN E 45 -9.58 -69.81 30.82
C GLN E 45 -8.80 -70.78 29.91
N GLU E 46 -9.44 -71.86 29.46
CA GLU E 46 -8.80 -72.95 28.68
C GLU E 46 -8.28 -72.38 27.35
N GLN E 47 -9.10 -71.62 26.60
CA GLN E 47 -8.64 -71.11 25.28
C GLN E 47 -7.52 -70.09 25.50
N ILE E 48 -7.58 -69.27 26.55
CA ILE E 48 -6.53 -68.22 26.77
C ILE E 48 -5.21 -68.92 27.09
N GLU E 49 -5.22 -69.92 27.96
CA GLU E 49 -4.01 -70.70 28.33
C GLU E 49 -3.42 -71.33 27.08
N GLN E 50 -4.27 -71.90 26.22
CA GLN E 50 -3.86 -72.53 24.94
C GLN E 50 -3.06 -71.50 24.11
N TRP E 51 -3.50 -70.23 24.08
CA TRP E 51 -2.84 -69.15 23.30
C TRP E 51 -1.45 -68.89 23.91
N PHE E 52 -1.37 -68.58 25.20
CA PHE E 52 -0.09 -68.25 25.87
C PHE E 52 0.89 -69.39 25.77
N LYS E 53 0.41 -70.62 25.92
CA LYS E 53 1.28 -71.82 25.84
C LYS E 53 1.88 -71.92 24.44
N LEU E 54 1.07 -71.77 23.40
CA LEU E 54 1.58 -71.89 22.00
C LEU E 54 2.47 -70.67 21.69
N LEU E 55 2.17 -69.50 22.25
CA LEU E 55 2.96 -68.27 22.02
C LEU E 55 4.38 -68.53 22.56
N ALA E 56 4.49 -69.02 23.81
CA ALA E 56 5.77 -69.42 24.44
C ALA E 56 6.51 -70.46 23.60
N GLU E 57 5.82 -71.51 23.10
CA GLU E 57 6.47 -72.57 22.28
C GLU E 57 6.90 -72.03 20.90
N SER E 58 6.38 -70.89 20.47
CA SER E 58 6.69 -70.27 19.16
C SER E 58 7.85 -69.25 19.30
N ASN E 59 8.56 -69.28 20.44
CA ASN E 59 9.79 -68.48 20.67
C ASN E 59 9.43 -66.99 20.70
N MET E 60 8.20 -66.66 21.08
CA MET E 60 7.73 -65.28 21.33
C MET E 60 7.83 -65.05 22.84
N THR E 61 8.30 -63.87 23.22
CA THR E 61 8.56 -63.48 24.62
C THR E 61 7.54 -62.45 25.06
N THR E 62 6.80 -61.87 24.13
CA THR E 62 6.03 -60.62 24.36
C THR E 62 4.65 -60.73 23.69
N CYS E 63 3.66 -60.21 24.36
CA CYS E 63 2.29 -60.06 23.84
C CYS E 63 1.90 -58.60 24.03
N ARG E 64 0.90 -58.17 23.29
CA ARG E 64 0.31 -56.84 23.48
C ARG E 64 -1.18 -57.05 23.75
N ILE E 65 -1.74 -56.28 24.66
CA ILE E 65 -3.16 -56.48 25.06
C ILE E 65 -3.87 -55.14 25.05
N ARG E 66 -5.01 -55.08 24.36
CA ARG E 66 -5.92 -53.93 24.36
C ARG E 66 -6.69 -53.94 25.67
N MET E 67 -6.40 -52.97 26.54
CA MET E 67 -7.00 -52.88 27.90
C MET E 67 -8.36 -52.21 27.79
N PHE E 68 -9.30 -52.81 27.04
CA PHE E 68 -10.62 -52.23 26.74
C PHE E 68 -11.31 -51.74 28.01
N GLY E 69 -11.53 -50.43 28.08
CA GLY E 69 -12.39 -49.81 29.11
C GLY E 69 -13.77 -50.46 29.13
N LYS E 70 -14.31 -50.78 27.94
CA LYS E 70 -15.68 -51.36 27.84
C LYS E 70 -15.74 -52.64 28.69
N TYR E 71 -14.68 -53.44 28.73
CA TYR E 71 -14.74 -54.82 29.31
C TYR E 71 -14.18 -54.83 30.73
N MET E 72 -14.04 -53.66 31.34
CA MET E 72 -13.62 -53.47 32.76
C MET E 72 -14.67 -52.63 33.47
N LYS E 73 -15.40 -51.76 32.77
CA LYS E 73 -16.45 -50.90 33.36
C LYS E 73 -17.61 -51.81 33.77
N THR E 74 -18.10 -51.62 34.99
CA THR E 74 -19.28 -52.31 35.57
C THR E 74 -20.47 -51.36 35.48
N PRO E 75 -21.73 -51.87 35.57
CA PRO E 75 -22.92 -51.02 35.63
C PRO E 75 -22.81 -49.71 36.46
N SER E 76 -22.20 -49.77 37.65
CA SER E 76 -22.11 -48.64 38.60
C SER E 76 -21.00 -47.64 38.20
N GLY E 77 -20.20 -47.94 37.18
CA GLY E 77 -19.08 -47.07 36.75
C GLY E 77 -17.74 -47.46 37.37
N THR E 78 -17.70 -48.29 38.42
CA THR E 78 -16.44 -48.79 39.01
C THR E 78 -15.70 -49.68 38.00
N TYR E 79 -14.44 -50.01 38.26
CA TYR E 79 -13.59 -50.86 37.39
C TYR E 79 -13.49 -52.25 37.99
N ASP E 80 -13.72 -53.27 37.17
CA ASP E 80 -13.49 -54.70 37.49
C ASP E 80 -12.44 -55.22 36.52
N PHE E 81 -11.31 -55.66 37.07
CA PHE E 81 -10.07 -55.96 36.31
C PHE E 81 -10.00 -57.46 35.96
N THR E 82 -11.00 -58.25 36.34
CA THR E 82 -10.95 -59.73 36.34
C THR E 82 -10.51 -60.26 34.98
N LEU E 83 -11.14 -59.77 33.94
CA LEU E 83 -10.96 -60.31 32.57
C LEU E 83 -9.48 -60.16 32.19
N PHE E 84 -8.86 -59.05 32.56
CA PHE E 84 -7.47 -58.73 32.18
C PHE E 84 -6.50 -59.33 33.20
N ASP E 85 -6.90 -59.44 34.48
CA ASP E 85 -6.12 -60.17 35.51
C ASP E 85 -5.85 -61.58 34.99
N ARG E 86 -6.90 -62.27 34.56
CA ARG E 86 -6.86 -63.65 34.02
C ARG E 86 -5.74 -63.74 32.98
N ALA E 87 -5.73 -62.81 32.02
CA ALA E 87 -4.76 -62.79 30.89
C ALA E 87 -3.34 -62.46 31.37
N PHE E 88 -3.18 -61.46 32.23
CA PHE E 88 -1.84 -61.08 32.78
C PHE E 88 -1.23 -62.26 33.55
N LYS E 89 -2.04 -62.94 34.35
CA LYS E 89 -1.58 -64.11 35.18
C LYS E 89 -1.17 -65.26 34.26
N LEU E 90 -1.92 -65.53 33.19
CA LEU E 90 -1.53 -66.60 32.26
C LEU E 90 -0.26 -66.18 31.50
N ALA E 91 -0.13 -64.92 31.13
CA ALA E 91 1.11 -64.42 30.50
C ALA E 91 2.28 -64.69 31.46
N ASP E 92 2.12 -64.33 32.73
CA ASP E 92 3.19 -64.43 33.75
C ASP E 92 3.61 -65.90 33.89
N LYS E 93 2.62 -66.81 34.00
CA LYS E 93 2.88 -68.26 34.10
C LYS E 93 3.77 -68.74 32.95
N TYR E 94 3.66 -68.18 31.75
CA TYR E 94 4.40 -68.67 30.55
C TYR E 94 5.61 -67.75 30.28
N HIS E 95 5.92 -66.85 31.21
CA HIS E 95 7.11 -65.95 31.20
C HIS E 95 6.99 -64.98 30.01
N ILE E 96 5.78 -64.53 29.73
CA ILE E 96 5.47 -63.59 28.60
C ILE E 96 5.27 -62.20 29.19
N LYS E 97 6.00 -61.22 28.67
CA LYS E 97 5.78 -59.80 29.10
C LYS E 97 4.68 -59.18 28.22
N VAL E 98 4.05 -58.14 28.74
CA VAL E 98 2.83 -57.52 28.19
C VAL E 98 3.12 -56.05 27.85
N TYR E 99 2.85 -55.65 26.62
CA TYR E 99 2.60 -54.24 26.23
C TYR E 99 1.11 -53.98 26.46
N ALA E 100 0.75 -53.16 27.44
CA ALA E 100 -0.66 -52.86 27.77
C ALA E 100 -1.07 -51.56 27.06
N THR E 101 -2.07 -51.61 26.16
CA THR E 101 -2.53 -50.42 25.44
C THR E 101 -3.65 -49.76 26.21
N LEU E 102 -3.49 -48.48 26.55
CA LEU E 102 -4.57 -47.67 27.15
C LEU E 102 -5.63 -47.44 26.08
N PHE E 103 -6.81 -47.98 26.35
CA PHE E 103 -7.93 -48.03 25.35
C PHE E 103 -9.22 -47.82 26.11
N PRO E 104 -9.56 -46.56 26.40
CA PRO E 104 -10.76 -46.28 27.20
C PRO E 104 -12.03 -46.72 26.43
N ASP E 105 -13.15 -46.69 27.15
CA ASP E 105 -14.45 -47.12 26.59
C ASP E 105 -14.69 -46.39 25.27
N THR E 106 -15.18 -47.10 24.27
CA THR E 106 -15.52 -46.61 22.91
C THR E 106 -16.54 -47.58 22.31
N GLU E 107 -17.22 -47.17 21.24
CA GLU E 107 -18.31 -48.06 20.75
C GLU E 107 -17.65 -49.33 20.19
N PHE E 108 -18.38 -50.42 20.29
CA PHE E 108 -17.97 -51.78 19.87
C PHE E 108 -17.52 -51.75 18.40
N THR E 109 -18.16 -50.93 17.57
CA THR E 109 -17.86 -50.85 16.10
C THR E 109 -16.63 -49.99 15.83
N ASP E 110 -16.07 -49.29 16.84
CA ASP E 110 -14.84 -48.45 16.69
C ASP E 110 -13.60 -49.37 16.83
N VAL E 111 -13.07 -49.81 15.72
CA VAL E 111 -11.96 -50.80 15.71
C VAL E 111 -10.68 -50.15 16.27
N GLY E 112 -10.34 -48.94 15.82
CA GLY E 112 -9.01 -48.32 16.03
C GLY E 112 -8.88 -47.57 17.36
N GLY E 113 -10.00 -47.11 17.91
CA GLY E 113 -10.07 -46.25 19.10
C GLY E 113 -10.12 -44.78 18.70
N PHE E 114 -10.71 -43.95 19.54
CA PHE E 114 -10.80 -42.49 19.37
C PHE E 114 -9.41 -41.91 19.55
N LYS E 115 -9.15 -40.81 18.83
CA LYS E 115 -7.78 -40.24 18.70
C LYS E 115 -7.63 -39.03 19.63
N PHE E 116 -8.76 -38.44 20.07
CA PHE E 116 -8.77 -37.32 21.03
C PHE E 116 -10.04 -37.40 21.85
N PRO E 117 -10.09 -36.84 23.05
CA PRO E 117 -11.34 -36.82 23.83
C PRO E 117 -12.42 -36.06 23.05
N HIS E 118 -13.69 -36.42 23.27
CA HIS E 118 -14.89 -35.88 22.58
C HIS E 118 -15.26 -34.55 23.22
N SER E 119 -15.04 -34.43 24.53
CA SER E 119 -15.55 -33.34 25.41
C SER E 119 -14.71 -33.29 26.68
N ARG E 120 -14.82 -32.22 27.46
CA ARG E 120 -14.19 -32.08 28.80
C ARG E 120 -14.65 -33.26 29.67
N GLU E 121 -15.94 -33.57 29.66
CA GLU E 121 -16.50 -34.69 30.44
C GLU E 121 -15.81 -35.99 30.01
N HIS E 122 -15.64 -36.21 28.72
CA HIS E 122 -14.97 -37.44 28.20
C HIS E 122 -13.51 -37.46 28.68
N GLN E 123 -12.81 -36.32 28.66
CA GLN E 123 -11.41 -36.24 29.17
C GLN E 123 -11.35 -36.74 30.62
N LYS E 124 -12.33 -36.39 31.45
CA LYS E 124 -12.33 -36.78 32.89
C LYS E 124 -12.54 -38.29 32.98
N GLU E 125 -13.34 -38.88 32.09
CA GLU E 125 -13.53 -40.35 32.04
C GLU E 125 -12.19 -40.97 31.66
N VAL E 126 -11.44 -40.35 30.75
CA VAL E 126 -10.13 -40.92 30.33
C VAL E 126 -9.17 -40.84 31.53
N GLU E 127 -9.15 -39.72 32.26
CA GLU E 127 -8.31 -39.52 33.47
C GLU E 127 -8.58 -40.68 34.44
N ASP E 128 -9.87 -40.90 34.71
CA ASP E 128 -10.35 -41.90 35.69
C ASP E 128 -9.96 -43.31 35.21
N TYR E 129 -10.11 -43.58 33.90
CA TYR E 129 -9.72 -44.88 33.29
C TYR E 129 -8.21 -45.10 33.52
N ILE E 130 -7.39 -44.10 33.30
CA ILE E 130 -5.90 -44.26 33.38
C ILE E 130 -5.53 -44.51 34.85
N LYS E 131 -6.10 -43.74 35.77
CA LYS E 131 -5.81 -43.88 37.21
C LYS E 131 -6.07 -45.34 37.60
N ASN E 132 -7.27 -45.86 37.32
CA ASN E 132 -7.69 -47.21 37.71
C ASN E 132 -6.80 -48.25 37.05
N VAL E 133 -6.63 -48.18 35.74
CA VAL E 133 -5.97 -49.29 34.99
C VAL E 133 -4.47 -49.27 35.28
N VAL E 134 -3.83 -48.11 35.34
CA VAL E 134 -2.35 -48.01 35.54
C VAL E 134 -2.01 -48.37 37.01
N SER E 135 -2.77 -47.86 37.98
CA SER E 135 -2.57 -48.14 39.43
C SER E 135 -2.62 -49.65 39.60
N HIS E 136 -3.58 -50.34 38.97
CA HIS E 136 -3.75 -51.81 39.14
C HIS E 136 -2.67 -52.58 38.37
N PHE E 137 -2.55 -52.40 37.06
CA PHE E 137 -1.73 -53.30 36.22
C PHE E 137 -0.23 -52.97 36.30
N SER E 138 0.17 -51.79 36.78
CA SER E 138 1.60 -51.44 37.03
C SER E 138 2.21 -52.41 38.07
N GLN E 139 1.37 -53.03 38.89
CA GLN E 139 1.79 -54.00 39.94
C GLN E 139 2.19 -55.34 39.34
N TYR E 140 1.87 -55.68 38.09
CA TYR E 140 2.29 -56.98 37.51
C TYR E 140 3.76 -56.90 37.13
N LYS E 141 4.57 -57.89 37.51
CA LYS E 141 6.02 -57.88 37.20
C LYS E 141 6.26 -58.15 35.72
N ASN E 142 5.25 -58.66 34.99
CA ASN E 142 5.45 -59.02 33.56
C ASN E 142 4.94 -57.88 32.66
N LEU E 143 4.55 -56.72 33.20
CA LEU E 143 4.24 -55.52 32.38
C LEU E 143 5.53 -54.94 31.82
N ALA E 144 5.68 -54.87 30.50
CA ALA E 144 6.88 -54.31 29.84
C ALA E 144 6.71 -52.83 29.46
N ALA E 145 5.47 -52.38 29.17
CA ALA E 145 5.25 -51.02 28.57
C ALA E 145 3.77 -50.66 28.57
N TRP E 146 3.50 -49.38 28.70
CA TRP E 146 2.20 -48.74 28.43
C TRP E 146 2.25 -48.21 27.01
N VAL E 147 1.30 -48.63 26.17
CA VAL E 147 1.07 -47.98 24.86
C VAL E 147 0.03 -46.89 25.12
N LEU E 148 0.45 -45.63 24.99
CA LEU E 148 -0.31 -44.47 25.54
C LEU E 148 -1.69 -44.38 24.89
N ILE E 149 -1.73 -44.69 23.61
CA ILE E 149 -2.97 -44.63 22.76
C ILE E 149 -2.74 -45.55 21.56
N ASN E 150 -3.74 -46.27 21.13
CA ASN E 150 -3.59 -47.10 19.90
C ASN E 150 -3.62 -46.17 18.69
N GLU E 151 -2.59 -46.26 17.86
CA GLU E 151 -2.62 -45.63 16.51
C GLU E 151 -3.03 -44.16 16.60
N PRO E 152 -2.20 -43.28 17.21
CA PRO E 152 -2.52 -41.85 17.22
C PRO E 152 -2.61 -41.34 15.76
N GLY E 153 -3.46 -40.36 15.57
CA GLY E 153 -3.67 -39.76 14.26
C GLY E 153 -4.84 -40.37 13.51
N THR E 154 -5.57 -39.52 12.80
CA THR E 154 -6.63 -39.89 11.84
C THR E 154 -6.62 -38.89 10.70
N PRO E 155 -6.94 -39.33 9.45
CA PRO E 155 -7.14 -38.40 8.33
C PRO E 155 -8.24 -37.33 8.63
N ASN E 156 -9.34 -37.77 9.25
CA ASN E 156 -10.58 -37.00 9.48
C ASN E 156 -10.66 -36.59 10.94
N LEU E 157 -9.98 -35.52 11.29
CA LEU E 157 -9.90 -35.04 12.68
C LEU E 157 -11.24 -34.45 13.07
N PRO E 158 -11.72 -34.65 14.31
CA PRO E 158 -13.09 -34.28 14.65
C PRO E 158 -13.26 -32.81 15.07
N PHE E 159 -13.07 -31.87 14.14
CA PHE E 159 -13.19 -30.40 14.34
C PHE E 159 -14.60 -29.99 14.82
N ASN E 160 -15.60 -30.85 14.61
CA ASN E 160 -17.04 -30.62 14.99
C ASN E 160 -17.26 -30.85 16.50
N GLU E 161 -16.53 -31.77 17.13
CA GLU E 161 -16.76 -32.16 18.54
C GLU E 161 -16.29 -31.01 19.43
N PRO E 162 -16.98 -30.74 20.57
CA PRO E 162 -16.69 -29.55 21.38
C PRO E 162 -15.22 -29.44 21.85
N PHE E 163 -14.62 -30.56 22.28
CA PHE E 163 -13.27 -30.56 22.87
C PHE E 163 -12.25 -30.04 21.83
N THR E 164 -12.25 -30.62 20.63
CA THR E 164 -11.32 -30.25 19.56
C THR E 164 -11.61 -28.83 19.08
N LYS E 165 -12.87 -28.44 18.98
CA LYS E 165 -13.28 -27.11 18.46
C LYS E 165 -12.79 -26.03 19.41
N GLU E 166 -12.92 -26.25 20.71
CA GLU E 166 -12.45 -25.30 21.75
C GLU E 166 -10.92 -25.20 21.66
N ARG E 167 -10.22 -26.32 21.51
CA ARG E 167 -8.74 -26.32 21.48
C ARG E 167 -8.25 -25.56 20.26
N PHE E 168 -8.88 -25.75 19.09
CA PHE E 168 -8.50 -25.09 17.82
C PHE E 168 -8.71 -23.58 17.98
N SER E 169 -9.86 -23.17 18.52
CA SER E 169 -10.19 -21.75 18.81
C SER E 169 -9.10 -21.14 19.72
N ASP E 170 -8.80 -21.77 20.87
CA ASP E 170 -7.75 -21.28 21.81
C ASP E 170 -6.40 -21.19 21.09
N TRP E 171 -6.03 -22.22 20.33
CA TRP E 171 -4.76 -22.23 19.59
C TRP E 171 -4.68 -21.01 18.64
N LYS E 172 -5.76 -20.70 17.90
CA LYS E 172 -5.78 -19.58 16.92
C LYS E 172 -5.60 -18.25 17.64
N LYS E 173 -6.27 -18.09 18.77
CA LYS E 173 -6.17 -16.88 19.64
C LYS E 173 -4.74 -16.70 20.14
N GLU E 174 -3.98 -17.76 20.39
CA GLU E 174 -2.59 -17.65 20.92
C GLU E 174 -1.56 -17.61 19.79
N HIS E 175 -1.96 -17.69 18.54
CA HIS E 175 -1.05 -17.55 17.37
C HIS E 175 -1.37 -16.23 16.61
N ASN E 176 -0.42 -15.80 15.80
CA ASN E 176 -0.43 -14.41 15.30
C ASN E 176 -0.04 -14.54 13.85
N PHE E 177 -1.03 -14.62 12.99
CA PHE E 177 -0.83 -14.82 11.52
C PHE E 177 -1.30 -13.58 10.80
N SER E 178 -0.69 -13.25 9.69
CA SER E 178 -1.10 -12.08 8.87
C SER E 178 -1.51 -12.64 7.51
N GLU E 179 -2.24 -11.87 6.68
CA GLU E 179 -2.64 -12.31 5.33
C GLU E 179 -1.54 -12.07 4.30
N TYR E 180 -0.45 -11.39 4.67
CA TYR E 180 0.65 -11.01 3.74
C TYR E 180 2.00 -11.32 4.40
N ASN E 181 3.04 -11.60 3.61
CA ASN E 181 4.40 -11.84 4.13
C ASN E 181 5.10 -10.46 4.25
N GLU E 182 6.37 -10.46 4.66
CA GLU E 182 7.09 -9.20 4.95
C GLU E 182 7.13 -8.37 3.66
N LYS E 183 7.38 -8.99 2.50
CA LYS E 183 7.47 -8.28 1.22
C LYS E 183 6.11 -7.77 0.74
N GLY E 184 4.99 -8.19 1.33
CA GLY E 184 3.62 -7.72 1.00
C GLY E 184 2.78 -8.72 0.20
N TYR E 185 3.37 -9.82 -0.27
CA TYR E 185 2.65 -10.86 -1.09
C TYR E 185 1.63 -11.59 -0.22
N PRO E 186 0.48 -11.99 -0.78
CA PRO E 186 -0.48 -12.80 -0.03
C PRO E 186 0.15 -14.13 0.37
N VAL E 187 -0.32 -14.69 1.48
CA VAL E 187 0.15 -15.99 2.01
C VAL E 187 -1.01 -16.89 2.41
N LEU E 188 -0.76 -18.19 2.49
CA LEU E 188 -1.57 -19.18 3.26
C LEU E 188 -0.80 -19.48 4.55
N ASN E 189 -1.49 -19.74 5.66
CA ASN E 189 -0.81 -19.91 6.97
C ASN E 189 -0.97 -21.33 7.51
N PHE E 190 -1.83 -22.17 6.95
CA PHE E 190 -1.94 -23.60 7.33
C PHE E 190 -2.19 -23.71 8.83
N GLU E 191 -3.12 -22.92 9.33
CA GLU E 191 -3.49 -22.90 10.77
C GLU E 191 -3.94 -24.31 11.20
N LYS E 192 -4.79 -24.94 10.39
CA LYS E 192 -5.39 -26.25 10.68
C LYS E 192 -4.22 -27.25 10.84
N GLU E 193 -3.31 -27.32 9.85
CA GLU E 193 -2.24 -28.32 9.84
C GLU E 193 -1.31 -28.11 11.03
N ASN E 194 -0.96 -26.87 11.36
CA ASN E 194 0.00 -26.54 12.45
C ASN E 194 -0.69 -26.85 13.78
N PHE E 195 -1.94 -26.49 13.96
CA PHE E 195 -2.71 -26.88 15.15
C PHE E 195 -2.71 -28.42 15.31
N ILE E 196 -2.95 -29.16 14.24
CA ILE E 196 -3.08 -30.65 14.32
C ILE E 196 -1.77 -31.24 14.87
N ILE E 197 -0.61 -30.75 14.40
CA ILE E 197 0.72 -31.15 14.93
C ILE E 197 0.73 -30.92 16.46
N ASP E 198 0.37 -29.72 16.89
CA ASP E 198 0.47 -29.30 18.30
C ASP E 198 -0.52 -30.09 19.15
N TYR E 199 -1.66 -30.45 18.56
CA TYR E 199 -2.77 -31.14 19.25
C TYR E 199 -2.34 -32.59 19.53
N HIS E 200 -1.71 -33.24 18.56
CA HIS E 200 -1.16 -34.61 18.75
C HIS E 200 -0.09 -34.54 19.83
N ASN E 201 0.87 -33.62 19.69
CA ASN E 201 1.91 -33.37 20.74
C ASN E 201 1.20 -33.25 22.10
N TRP E 202 0.17 -32.42 22.21
CA TRP E 202 -0.47 -32.14 23.51
C TRP E 202 -1.12 -33.41 24.07
N TYR E 203 -1.92 -34.13 23.30
CA TYR E 203 -2.72 -35.26 23.85
C TYR E 203 -1.77 -36.40 24.23
N LEU E 204 -0.78 -36.72 23.40
CA LEU E 204 0.12 -37.86 23.73
C LEU E 204 0.94 -37.49 24.97
N ASN E 205 1.40 -36.23 25.08
CA ASN E 205 2.15 -35.73 26.25
C ASN E 205 1.26 -35.80 27.48
N TRP E 206 -0.02 -35.43 27.34
CA TRP E 206 -0.97 -35.44 28.47
C TRP E 206 -1.20 -36.87 28.93
N LEU E 207 -1.34 -37.82 28.00
CA LEU E 207 -1.50 -39.26 28.33
C LEU E 207 -0.25 -39.71 29.10
N ALA E 208 0.96 -39.36 28.63
CA ALA E 208 2.22 -39.74 29.29
C ALA E 208 2.24 -39.21 30.72
N ASN E 209 1.84 -37.95 30.92
CA ASN E 209 1.84 -37.33 32.26
C ASN E 209 0.79 -38.02 33.12
N GLN E 210 -0.36 -38.40 32.55
CA GLN E 210 -1.40 -39.09 33.35
C GLN E 210 -0.82 -40.45 33.83
N VAL E 211 -0.17 -41.21 32.96
CA VAL E 211 0.42 -42.51 33.35
C VAL E 211 1.46 -42.25 34.47
N ARG E 212 2.30 -41.21 34.30
CA ARG E 212 3.45 -40.90 35.21
C ARG E 212 2.92 -40.51 36.59
N LEU E 213 1.70 -40.04 36.75
CA LEU E 213 1.11 -39.77 38.09
C LEU E 213 1.09 -41.06 38.90
N TYR E 214 1.06 -42.23 38.26
CA TYR E 214 0.81 -43.51 38.98
C TYR E 214 1.93 -44.51 38.72
N ASP E 215 2.75 -44.33 37.68
CA ASP E 215 3.78 -45.32 37.35
C ASP E 215 4.96 -44.58 36.71
N LYS E 216 6.08 -44.53 37.42
CA LYS E 216 7.35 -43.89 36.95
C LYS E 216 8.32 -44.99 36.53
N GLN E 217 7.92 -46.26 36.62
CA GLN E 217 8.79 -47.43 36.40
C GLN E 217 8.77 -47.92 34.93
N HIS E 218 7.61 -47.97 34.27
CA HIS E 218 7.47 -48.72 32.99
C HIS E 218 7.64 -47.80 31.77
N ASP E 219 8.25 -48.34 30.72
CA ASP E 219 8.36 -47.74 29.37
C ASP E 219 6.99 -47.22 28.86
N LEU E 220 7.03 -46.03 28.25
CA LEU E 220 5.93 -45.42 27.49
C LEU E 220 6.25 -45.60 26.01
N HIS E 221 5.23 -46.04 25.28
CA HIS E 221 5.31 -46.47 23.86
C HIS E 221 4.09 -45.93 23.12
N VAL E 222 4.23 -45.75 21.82
CA VAL E 222 3.07 -45.33 20.98
C VAL E 222 3.33 -45.81 19.55
N ASN E 223 2.25 -46.12 18.80
CA ASN E 223 2.37 -46.74 17.45
C ASN E 223 1.75 -45.82 16.39
N PRO E 224 2.50 -44.86 15.83
CA PRO E 224 2.03 -44.12 14.65
C PRO E 224 1.77 -45.09 13.51
N HIS E 225 0.87 -44.73 12.61
CA HIS E 225 0.35 -45.69 11.60
C HIS E 225 0.13 -45.01 10.25
N ASN E 226 0.01 -45.82 9.22
CA ASN E 226 -0.29 -45.31 7.86
C ASN E 226 0.68 -44.15 7.58
N VAL E 227 1.96 -44.35 7.85
CA VAL E 227 2.95 -43.25 7.95
C VAL E 227 3.15 -42.57 6.59
N PHE E 228 2.98 -43.25 5.46
CA PHE E 228 3.21 -42.57 4.14
C PHE E 228 2.06 -41.58 3.85
N LYS E 229 0.96 -41.60 4.61
CA LYS E 229 -0.10 -40.59 4.49
C LYS E 229 -0.17 -39.69 5.72
N LEU E 230 0.08 -40.20 6.92
CA LEU E 230 -0.23 -39.44 8.18
C LEU E 230 1.05 -38.81 8.78
N SER E 231 2.20 -38.92 8.12
N SER E 231 2.20 -38.95 8.10
CA SER E 231 3.46 -38.32 8.59
CA SER E 231 3.51 -38.29 8.36
C SER E 231 3.33 -36.83 8.83
C SER E 231 3.33 -36.84 8.79
N GLY E 232 2.35 -36.16 8.18
CA GLY E 232 2.09 -34.72 8.36
C GLY E 232 1.38 -34.41 9.64
N LEU E 233 0.98 -35.42 10.41
CA LEU E 233 0.32 -35.29 11.74
C LEU E 233 1.39 -35.41 12.85
N TYR E 234 2.58 -35.92 12.50
CA TYR E 234 3.51 -36.54 13.48
C TYR E 234 4.78 -35.67 13.65
N ASP E 235 4.95 -35.13 14.85
CA ASP E 235 6.22 -34.44 15.29
C ASP E 235 7.05 -35.38 16.18
N PHE E 236 7.82 -36.28 15.57
CA PHE E 236 8.46 -37.36 16.36
C PHE E 236 9.51 -36.76 17.29
N PRO E 237 10.29 -35.72 16.91
CA PRO E 237 11.25 -35.08 17.83
C PRO E 237 10.56 -34.65 19.13
N THR E 238 9.40 -34.03 19.09
CA THR E 238 8.71 -33.63 20.36
C THR E 238 8.30 -34.88 21.13
N TRP E 239 7.85 -35.94 20.46
CA TRP E 239 7.33 -37.16 21.15
C TRP E 239 8.44 -37.82 21.97
N ARG E 240 9.69 -37.74 21.51
CA ARG E 240 10.88 -38.27 22.23
C ARG E 240 10.93 -37.71 23.65
N THR E 241 10.45 -36.51 23.89
CA THR E 241 10.55 -35.86 25.20
C THR E 241 9.74 -36.66 26.22
N PHE E 242 8.76 -37.48 25.84
CA PHE E 242 7.92 -38.16 26.85
C PHE E 242 7.83 -39.68 26.60
N LEU E 243 8.42 -40.21 25.53
CA LEU E 243 8.41 -41.67 25.25
C LEU E 243 9.72 -42.30 25.69
N ASN E 244 9.68 -43.61 25.97
CA ASN E 244 10.91 -44.43 26.14
C ASN E 244 11.18 -45.19 24.86
N SER E 245 10.17 -45.48 24.05
CA SER E 245 10.37 -46.14 22.73
C SER E 245 9.31 -45.66 21.75
N LEU E 246 9.68 -45.58 20.49
CA LEU E 246 8.75 -45.26 19.40
C LEU E 246 8.32 -46.58 18.74
N GLY E 247 7.03 -46.67 18.41
CA GLY E 247 6.45 -47.85 17.76
C GLY E 247 5.98 -47.51 16.37
N GLY E 248 5.07 -48.36 15.87
CA GLY E 248 4.50 -48.27 14.51
C GLY E 248 3.59 -49.44 14.26
N SER E 249 2.49 -49.16 13.56
CA SER E 249 1.69 -50.15 12.78
C SER E 249 2.17 -50.07 11.34
N ALA E 250 2.67 -51.18 10.80
CA ALA E 250 3.07 -51.31 9.40
C ALA E 250 2.35 -52.54 8.79
N HIS E 251 1.10 -52.35 8.37
CA HIS E 251 0.23 -53.43 7.87
C HIS E 251 0.20 -53.44 6.35
N ALA E 252 0.55 -54.58 5.75
CA ALA E 252 0.51 -54.78 4.28
C ALA E 252 -0.86 -54.41 3.70
N SER E 253 -1.95 -54.60 4.47
CA SER E 253 -3.32 -54.48 3.93
C SER E 253 -3.86 -53.09 4.15
N TRP E 254 -3.19 -52.24 4.94
CA TRP E 254 -3.73 -50.88 5.25
C TRP E 254 -2.79 -49.79 4.74
N HIS E 255 -1.46 -49.98 4.75
CA HIS E 255 -0.53 -48.82 4.79
C HIS E 255 0.35 -48.77 3.55
N PHE E 256 0.31 -49.77 2.67
CA PHE E 256 1.30 -49.96 1.59
C PHE E 256 0.64 -49.81 0.22
N GLY E 257 -0.49 -49.08 0.16
CA GLY E 257 -1.22 -48.79 -1.09
C GLY E 257 -0.32 -48.19 -2.16
N TYR E 258 0.73 -47.46 -1.78
CA TYR E 258 1.60 -46.80 -2.77
C TYR E 258 2.49 -47.83 -3.45
N PHE E 259 2.47 -49.09 -3.05
CA PHE E 259 3.35 -50.13 -3.63
C PHE E 259 2.56 -51.34 -4.12
N PRO E 260 3.06 -52.07 -5.13
CA PRO E 260 2.56 -53.42 -5.36
C PRO E 260 3.12 -54.40 -4.31
N ARG E 261 2.49 -55.56 -4.20
CA ARG E 261 2.82 -56.58 -3.17
C ARG E 261 4.30 -57.00 -3.30
N LYS E 262 4.81 -57.15 -4.51
CA LYS E 262 6.20 -57.59 -4.74
C LYS E 262 7.19 -56.54 -4.18
N ALA E 263 6.74 -55.32 -3.81
CA ALA E 263 7.64 -54.26 -3.29
C ALA E 263 7.28 -53.94 -1.83
N TYR E 264 6.55 -54.82 -1.15
CA TYR E 264 6.21 -54.60 0.28
C TYR E 264 7.50 -54.71 1.11
N THR E 265 8.56 -55.31 0.57
CA THR E 265 9.93 -55.28 1.13
C THR E 265 10.38 -53.84 1.25
N VAL E 266 10.28 -53.09 0.17
CA VAL E 266 10.68 -51.66 0.08
C VAL E 266 9.76 -50.82 0.95
N ALA E 267 8.48 -51.12 0.98
CA ALA E 267 7.52 -50.40 1.83
C ALA E 267 7.91 -50.61 3.30
N MET E 268 8.24 -51.81 3.70
CA MET E 268 8.54 -52.12 5.12
C MET E 268 9.88 -51.46 5.49
N SER E 269 10.84 -51.51 4.57
CA SER E 269 12.16 -50.89 4.77
C SER E 269 11.98 -49.39 4.98
N ALA E 270 11.20 -48.73 4.13
CA ALA E 270 10.94 -47.28 4.26
C ALA E 270 10.16 -46.99 5.56
N ASN E 271 9.18 -47.81 5.89
CA ASN E 271 8.35 -47.61 7.10
C ASN E 271 9.31 -47.72 8.31
N ALA E 272 10.23 -48.68 8.28
CA ALA E 272 11.19 -48.92 9.38
C ALA E 272 12.15 -47.72 9.45
N GLU E 273 12.64 -47.25 8.32
CA GLU E 273 13.57 -46.11 8.30
C GLU E 273 12.86 -44.87 8.84
N LEU E 274 11.59 -44.70 8.49
CA LEU E 274 10.82 -43.48 8.86
C LEU E 274 10.66 -43.50 10.38
N ILE E 275 10.37 -44.65 10.96
CA ILE E 275 10.15 -44.75 12.44
C ILE E 275 11.52 -44.57 13.15
N ARG E 276 12.54 -45.25 12.66
CA ARG E 276 13.92 -45.14 13.19
C ARG E 276 14.34 -43.67 13.19
N SER E 277 14.11 -42.94 12.10
CA SER E 277 14.39 -41.48 12.06
C SER E 277 13.60 -40.78 13.16
N GLY E 278 12.31 -41.06 13.27
CA GLY E 278 11.50 -40.41 14.30
C GLY E 278 12.00 -40.76 15.69
N ALA E 279 12.50 -41.97 15.88
CA ALA E 279 12.97 -42.47 17.19
C ALA E 279 14.19 -41.64 17.66
N GLY E 280 15.08 -41.24 16.75
CA GLY E 280 16.33 -40.52 17.11
C GLY E 280 17.15 -41.36 18.08
N GLU E 281 17.34 -40.89 19.31
CA GLU E 281 18.19 -41.59 20.32
C GLU E 281 17.36 -42.68 21.00
N LEU E 282 16.02 -42.62 20.95
CA LEU E 282 15.16 -43.67 21.55
C LEU E 282 15.27 -44.95 20.74
N PRO E 283 15.16 -46.12 21.39
CA PRO E 283 14.96 -47.36 20.67
C PRO E 283 13.53 -47.39 20.06
N TRP E 284 13.35 -48.18 19.02
CA TRP E 284 12.03 -48.36 18.34
C TRP E 284 11.80 -49.84 18.10
N LEU E 285 10.53 -50.18 17.90
CA LEU E 285 10.09 -51.55 17.50
C LEU E 285 8.79 -51.41 16.73
N MET E 286 8.45 -52.41 15.92
CA MET E 286 7.17 -52.38 15.16
C MET E 286 6.07 -52.98 16.03
N THR E 287 5.22 -52.14 16.58
CA THR E 287 4.14 -52.54 17.52
C THR E 287 3.08 -53.42 16.84
N GLU E 288 2.86 -53.24 15.53
CA GLU E 288 1.89 -54.07 14.75
C GLU E 288 2.45 -54.40 13.38
N LEU E 289 2.51 -55.69 13.05
CA LEU E 289 2.72 -56.22 11.68
C LEU E 289 1.52 -57.13 11.38
N GLN E 290 1.21 -57.34 10.11
CA GLN E 290 0.00 -58.15 9.73
C GLN E 290 0.30 -59.63 9.97
N GLY E 291 -0.43 -60.25 10.90
CA GLY E 291 -0.20 -61.66 11.30
C GLY E 291 -1.05 -62.68 10.53
N GLY E 292 -2.01 -62.22 9.75
CA GLY E 292 -3.00 -63.14 9.18
C GLY E 292 -3.90 -62.52 8.14
N ASN E 293 -4.99 -63.23 7.90
CA ASN E 293 -5.81 -63.15 6.67
C ASN E 293 -6.78 -61.99 6.77
N ASN E 294 -6.95 -61.26 5.67
CA ASN E 294 -8.11 -60.36 5.47
C ASN E 294 -9.22 -61.19 4.83
N LEU E 295 -10.37 -61.21 5.48
CA LEU E 295 -11.62 -61.72 4.85
C LEU E 295 -12.34 -60.51 4.20
N TYR E 296 -13.00 -59.70 5.02
CA TYR E 296 -13.70 -58.45 4.66
C TYR E 296 -12.88 -57.20 4.98
N SER E 297 -11.86 -57.27 5.86
CA SER E 297 -11.10 -56.06 6.31
C SER E 297 -9.97 -55.75 5.30
N GLY E 298 -9.35 -54.61 5.49
CA GLY E 298 -8.15 -54.21 4.73
C GLY E 298 -8.53 -53.43 3.47
N ALA E 299 -7.67 -52.51 3.01
CA ALA E 299 -7.80 -51.80 1.72
C ALA E 299 -7.14 -52.64 0.63
N ASN E 300 -6.01 -53.28 0.91
CA ASN E 300 -5.27 -54.12 -0.06
C ASN E 300 -5.17 -55.52 0.53
N PRO E 301 -6.28 -56.29 0.59
CA PRO E 301 -6.33 -57.49 1.42
C PRO E 301 -5.32 -58.56 0.97
N LEU E 302 -4.78 -59.29 1.94
CA LEU E 302 -3.94 -60.46 1.66
C LEU E 302 -3.96 -61.41 2.85
N CYS E 303 -3.39 -62.59 2.65
CA CYS E 303 -2.89 -63.45 3.73
C CYS E 303 -1.38 -63.49 3.52
N PRO E 304 -0.60 -62.89 4.44
CA PRO E 304 0.85 -62.91 4.30
C PRO E 304 1.33 -64.37 4.11
N THR E 305 2.29 -64.56 3.23
CA THR E 305 3.03 -65.84 3.12
C THR E 305 3.98 -65.98 4.32
N ALA E 306 4.34 -67.22 4.63
CA ALA E 306 5.47 -67.54 5.55
C ALA E 306 6.69 -66.73 5.13
N GLU E 307 6.95 -66.67 3.84
CA GLU E 307 8.13 -65.97 3.28
C GLU E 307 8.09 -64.48 3.62
N GLU E 308 6.91 -63.86 3.57
CA GLU E 308 6.69 -62.41 3.85
C GLU E 308 6.91 -62.16 5.35
N ILE E 309 6.46 -63.06 6.22
CA ILE E 309 6.64 -62.91 7.69
C ILE E 309 8.15 -62.82 7.99
N ILE E 310 8.93 -63.70 7.38
CA ILE E 310 10.42 -63.76 7.56
C ILE E 310 11.02 -62.46 6.98
N GLN E 311 10.63 -62.07 5.77
CA GLN E 311 11.08 -60.83 5.13
C GLN E 311 10.84 -59.65 6.07
N TRP E 312 9.64 -59.51 6.63
CA TRP E 312 9.30 -58.28 7.39
C TRP E 312 10.12 -58.23 8.68
N LEU E 313 10.26 -59.36 9.37
CA LEU E 313 10.98 -59.40 10.67
C LEU E 313 12.44 -59.04 10.44
N TRP E 314 13.08 -59.61 9.43
CA TRP E 314 14.50 -59.33 9.14
C TRP E 314 14.69 -57.86 8.72
N ILE E 315 13.83 -57.31 7.87
CA ILE E 315 13.94 -55.87 7.44
C ILE E 315 13.92 -55.01 8.70
N ASN E 316 12.98 -55.26 9.62
CA ASN E 316 12.79 -54.42 10.81
C ASN E 316 14.06 -54.53 11.71
N PHE E 317 14.54 -55.75 12.01
CA PHE E 317 15.70 -55.99 12.88
C PHE E 317 16.94 -55.36 12.27
N ALA E 318 17.11 -55.46 10.94
CA ALA E 318 18.23 -54.85 10.21
C ALA E 318 18.17 -53.33 10.27
N THR E 319 17.02 -52.77 10.62
CA THR E 319 16.77 -51.30 10.71
C THR E 319 16.64 -50.91 12.18
N GLU E 320 17.17 -51.76 13.08
CA GLU E 320 17.39 -51.48 14.53
C GLU E 320 16.13 -51.73 15.35
N ALA E 321 15.10 -52.36 14.80
CA ALA E 321 13.89 -52.65 15.58
C ALA E 321 14.27 -53.53 16.77
N LYS E 322 13.75 -53.23 17.93
CA LYS E 322 13.97 -54.04 19.15
C LYS E 322 12.82 -55.03 19.31
N GLY E 323 11.93 -55.12 18.31
CA GLY E 323 10.74 -55.97 18.41
C GLY E 323 9.93 -55.95 17.15
N GLY E 324 9.22 -57.05 16.90
CA GLY E 324 8.11 -57.16 15.94
C GLY E 324 6.95 -57.83 16.64
N ILE E 325 5.83 -57.13 16.80
CA ILE E 325 4.58 -57.67 17.37
C ILE E 325 3.53 -57.82 16.24
N PHE E 326 2.98 -59.02 16.07
CA PHE E 326 1.99 -59.33 15.01
C PHE E 326 0.59 -59.03 15.55
N TRP E 327 -0.17 -58.25 14.78
CA TRP E 327 -1.64 -58.21 14.92
C TRP E 327 -2.16 -59.28 14.00
N SER E 328 -2.62 -60.42 14.53
CA SER E 328 -2.81 -60.72 15.95
C SER E 328 -2.53 -62.21 16.16
N PHE E 329 -2.31 -62.62 17.39
CA PHE E 329 -2.04 -64.05 17.68
C PHE E 329 -3.33 -64.83 17.39
N ASN E 330 -4.38 -64.42 18.11
CA ASN E 330 -5.75 -64.96 18.03
C ASN E 330 -6.66 -63.89 17.44
N ALA E 331 -7.85 -64.25 16.98
CA ALA E 331 -8.79 -63.36 16.25
C ALA E 331 -9.89 -62.83 17.18
N ARG E 332 -10.43 -61.67 16.83
CA ARG E 332 -11.72 -61.17 17.38
C ARG E 332 -12.78 -62.22 16.98
N SER E 333 -13.91 -62.27 17.66
CA SER E 333 -14.98 -63.27 17.43
C SER E 333 -16.22 -62.63 16.76
N THR E 334 -16.44 -61.32 16.88
CA THR E 334 -17.72 -60.69 16.48
C THR E 334 -17.50 -59.51 15.53
N ALA E 335 -18.27 -59.49 14.42
CA ALA E 335 -18.41 -58.34 13.49
C ALA E 335 -17.04 -58.02 12.88
N ALA E 336 -16.59 -56.77 12.94
CA ALA E 336 -15.37 -56.36 12.20
C ALA E 336 -14.19 -57.24 12.63
N GLU E 337 -13.59 -57.87 11.64
CA GLU E 337 -12.34 -58.66 11.73
C GLU E 337 -12.56 -59.96 12.52
N ALA E 338 -13.79 -60.41 12.74
CA ALA E 338 -14.10 -61.75 13.33
C ALA E 338 -13.37 -62.83 12.51
N GLY E 339 -12.46 -63.57 13.17
CA GLY E 339 -11.71 -64.65 12.54
C GLY E 339 -10.73 -64.16 11.51
N GLU E 340 -10.34 -62.90 11.60
CA GLU E 340 -9.35 -62.30 10.68
C GLU E 340 -8.08 -61.98 11.47
N TRP E 341 -6.95 -61.91 10.75
CA TRP E 341 -5.65 -61.32 11.17
C TRP E 341 -4.83 -62.31 11.99
N ALA E 342 -5.34 -63.51 12.31
CA ALA E 342 -4.72 -64.37 13.34
C ALA E 342 -3.59 -65.20 12.76
N MET E 343 -2.55 -65.39 13.58
CA MET E 343 -1.40 -66.25 13.25
C MET E 343 -1.79 -67.72 13.50
N ILE E 344 -2.68 -67.95 14.46
CA ILE E 344 -3.15 -69.32 14.76
C ILE E 344 -4.40 -69.58 13.91
N ASN E 345 -4.64 -70.84 13.61
CA ASN E 345 -5.80 -71.27 12.80
C ASN E 345 -7.00 -71.42 13.74
N PHE E 346 -8.14 -71.87 13.23
CA PHE E 346 -9.40 -71.86 14.02
C PHE E 346 -9.40 -73.01 15.04
N LYS E 347 -8.42 -73.93 14.97
CA LYS E 347 -8.20 -74.98 16.00
C LYS E 347 -7.09 -74.55 16.96
N ASN E 348 -6.67 -73.28 16.92
CA ASN E 348 -5.68 -72.72 17.87
C ASN E 348 -4.32 -73.41 17.67
N LYS E 349 -4.02 -73.89 16.48
CA LYS E 349 -2.68 -74.40 16.10
C LYS E 349 -2.00 -73.41 15.17
N SER E 350 -0.70 -73.62 14.95
CA SER E 350 0.19 -72.76 14.15
C SER E 350 -0.18 -72.78 12.68
N SER E 351 -0.43 -71.62 12.08
CA SER E 351 -0.37 -71.41 10.61
C SER E 351 1.09 -71.46 10.15
N ASP E 352 1.35 -71.52 8.86
CA ASP E 352 2.73 -71.46 8.33
C ASP E 352 3.34 -70.10 8.71
N ARG E 353 2.50 -69.11 9.02
CA ARG E 353 3.00 -67.76 9.42
C ARG E 353 3.59 -67.83 10.84
N LEU E 354 2.96 -68.54 11.77
CA LEU E 354 3.44 -68.65 13.16
C LEU E 354 4.72 -69.51 13.18
N ILE E 355 4.76 -70.59 12.40
CA ILE E 355 5.95 -71.47 12.21
C ILE E 355 7.09 -70.60 11.69
N ALA E 356 6.84 -69.71 10.71
CA ALA E 356 7.89 -68.83 10.16
C ALA E 356 8.37 -67.86 11.26
N ALA E 357 7.46 -67.18 11.95
CA ALA E 357 7.82 -66.25 13.02
C ALA E 357 8.67 -66.99 14.09
N ALA E 358 8.32 -68.24 14.40
CA ALA E 358 9.01 -69.05 15.43
C ALA E 358 10.47 -69.25 15.02
N THR E 359 10.79 -69.46 13.74
CA THR E 359 12.18 -69.63 13.26
C THR E 359 12.97 -68.37 13.62
N ILE E 360 12.34 -67.19 13.61
CA ILE E 360 13.10 -65.94 13.89
C ILE E 360 13.34 -65.79 15.39
N GLY E 361 12.34 -66.04 16.23
CA GLY E 361 12.50 -66.03 17.70
C GLY E 361 13.63 -66.98 18.13
N LYS E 362 13.71 -68.14 17.49
CA LYS E 362 14.73 -69.18 17.77
C LYS E 362 16.10 -68.68 17.30
N PHE E 363 16.19 -68.09 16.10
CA PHE E 363 17.46 -67.50 15.61
C PHE E 363 17.96 -66.48 16.64
N ILE E 364 17.07 -65.64 17.17
CA ILE E 364 17.51 -64.61 18.15
C ILE E 364 18.15 -65.32 19.36
N THR E 365 17.48 -66.31 19.98
CA THR E 365 17.96 -66.92 21.26
C THR E 365 19.29 -67.64 21.02
N GLU E 366 19.58 -68.05 19.79
CA GLU E 366 20.83 -68.72 19.36
C GLU E 366 21.91 -67.71 18.92
N ASN E 367 21.58 -66.43 18.75
CA ASN E 367 22.55 -65.40 18.29
C ASN E 367 22.35 -64.13 19.13
N VAL E 368 22.26 -64.25 20.45
CA VAL E 368 21.79 -63.15 21.36
C VAL E 368 22.68 -61.92 21.16
N LYS E 369 24.00 -62.11 21.10
CA LYS E 369 24.94 -60.96 21.13
C LYS E 369 24.80 -60.18 19.83
N MET E 370 24.89 -60.88 18.70
CA MET E 370 24.72 -60.27 17.35
C MET E 370 23.38 -59.48 17.31
N MET E 371 22.28 -60.13 17.65
CA MET E 371 20.91 -59.54 17.46
C MET E 371 20.67 -58.40 18.45
N SER E 372 21.37 -58.35 19.59
CA SER E 372 21.11 -57.34 20.64
C SER E 372 21.80 -56.00 20.33
N ASN E 373 22.74 -55.95 19.38
CA ASN E 373 23.61 -54.77 19.20
C ASN E 373 23.59 -54.27 17.75
N ILE E 374 22.53 -54.58 17.02
CA ILE E 374 22.40 -54.19 15.59
C ILE E 374 22.42 -52.66 15.50
N LYS E 375 23.24 -52.16 14.61
CA LYS E 375 23.30 -50.75 14.17
C LYS E 375 23.27 -50.76 12.65
N THR E 376 22.29 -50.06 12.07
CA THR E 376 22.15 -50.00 10.60
C THR E 376 23.43 -49.37 10.09
N LEU E 377 24.00 -49.91 9.01
CA LEU E 377 25.12 -49.28 8.29
C LEU E 377 24.55 -48.18 7.42
N ASN E 378 24.57 -46.95 7.96
CA ASN E 378 24.17 -45.70 7.27
C ASN E 378 25.14 -45.53 6.10
N SER E 379 24.65 -45.55 4.87
CA SER E 379 25.42 -45.27 3.66
C SER E 379 25.91 -43.83 3.66
N GLY E 380 25.27 -42.97 4.44
CA GLY E 380 25.39 -41.49 4.31
C GLY E 380 24.33 -40.85 3.42
N ILE E 381 23.48 -41.64 2.76
CA ILE E 381 22.33 -41.11 1.95
C ILE E 381 21.12 -40.90 2.88
N SER E 382 20.61 -39.68 2.93
CA SER E 382 19.36 -39.35 3.63
C SER E 382 18.33 -38.80 2.64
N ILE E 383 17.21 -39.50 2.49
CA ILE E 383 16.02 -39.04 1.69
C ILE E 383 15.09 -38.27 2.64
N LEU E 384 14.87 -36.99 2.42
CA LEU E 384 14.14 -36.14 3.38
C LEU E 384 12.78 -35.77 2.80
N TYR E 385 11.77 -35.79 3.67
CA TYR E 385 10.39 -35.32 3.39
C TYR E 385 10.13 -34.22 4.38
N ASN E 386 9.17 -33.32 4.14
CA ASN E 386 8.77 -32.38 5.21
C ASN E 386 7.25 -32.27 5.26
N HIS E 387 6.73 -32.04 6.47
CA HIS E 387 5.30 -31.77 6.71
C HIS E 387 4.79 -30.76 5.66
N GLU E 388 5.54 -29.68 5.41
CA GLU E 388 4.97 -28.51 4.73
C GLU E 388 4.79 -28.81 3.24
N SER E 389 5.62 -29.65 2.65
CA SER E 389 5.46 -30.07 1.23
C SER E 389 4.13 -30.86 1.09
N MET E 390 3.78 -31.65 2.08
CA MET E 390 2.53 -32.45 2.11
C MET E 390 1.36 -31.49 2.28
N TRP E 391 1.51 -30.46 3.12
CA TRP E 391 0.43 -29.49 3.41
C TRP E 391 0.20 -28.61 2.20
N VAL E 392 1.26 -28.17 1.54
CA VAL E 392 1.13 -27.29 0.35
C VAL E 392 0.49 -28.14 -0.76
N GLU E 393 0.96 -29.37 -0.93
CA GLU E 393 0.38 -30.28 -1.94
C GLU E 393 -1.13 -30.40 -1.74
N ALA E 394 -1.59 -30.54 -0.50
CA ALA E 394 -3.02 -30.74 -0.22
C ALA E 394 -3.81 -29.49 -0.67
N ALA E 395 -3.30 -28.27 -0.43
CA ALA E 395 -3.99 -27.03 -0.89
C ALA E 395 -3.93 -26.91 -2.42
N GLN E 396 -2.83 -27.27 -3.09
CA GLN E 396 -2.65 -27.05 -4.55
C GLN E 396 -3.41 -28.10 -5.38
N THR E 397 -3.51 -29.35 -4.93
CA THR E 397 -4.17 -30.42 -5.69
C THR E 397 -5.66 -30.42 -5.36
N ARG E 398 -6.06 -29.58 -4.39
CA ARG E 398 -7.34 -29.50 -3.63
C ARG E 398 -7.99 -30.89 -3.49
N GLY E 399 -7.14 -31.88 -3.21
CA GLY E 399 -7.54 -33.21 -2.71
C GLY E 399 -7.87 -34.25 -3.78
N LYS E 400 -7.45 -34.10 -5.05
CA LYS E 400 -7.48 -35.18 -6.09
C LYS E 400 -6.63 -36.38 -5.62
N LEU E 401 -6.92 -37.64 -6.01
CA LEU E 401 -6.46 -38.84 -5.24
C LEU E 401 -5.66 -39.81 -6.16
N ASN E 402 -4.57 -40.40 -5.59
CA ASN E 402 -3.55 -41.26 -6.25
C ASN E 402 -2.45 -41.70 -5.26
N ASN E 404 0.36 -39.77 -8.56
CA ASN E 404 0.22 -38.79 -9.68
C ASN E 404 0.60 -37.39 -9.16
N GLY E 405 1.38 -36.63 -9.92
CA GLY E 405 1.90 -35.33 -9.47
C GLY E 405 0.79 -34.37 -9.07
N ARG E 406 -0.36 -34.45 -9.73
CA ARG E 406 -1.50 -33.52 -9.48
C ARG E 406 -2.45 -34.14 -8.44
N SER E 407 -1.96 -35.04 -7.59
CA SER E 407 -2.80 -35.64 -6.53
C SER E 407 -2.08 -35.67 -5.19
N ILE E 408 -2.86 -35.83 -4.10
CA ILE E 408 -2.35 -36.09 -2.73
C ILE E 408 -1.42 -37.30 -2.81
N GLY E 409 -0.20 -37.18 -2.33
CA GLY E 409 0.72 -38.31 -2.12
C GLY E 409 1.96 -38.30 -3.01
N ALA E 410 2.01 -37.47 -4.04
CA ALA E 410 3.18 -37.37 -4.91
C ALA E 410 4.42 -36.95 -4.08
N VAL E 411 4.25 -36.10 -3.07
CA VAL E 411 5.41 -35.63 -2.24
C VAL E 411 5.95 -36.75 -1.37
N MET E 412 5.20 -37.85 -1.18
CA MET E 412 5.71 -39.05 -0.48
C MET E 412 6.10 -40.11 -1.51
N CYS E 413 5.35 -40.29 -2.58
CA CYS E 413 5.69 -41.31 -3.60
C CYS E 413 7.01 -40.96 -4.28
N SER E 414 7.33 -39.67 -4.44
CA SER E 414 8.60 -39.25 -5.09
C SER E 414 9.79 -39.75 -4.25
N PRO E 415 9.94 -39.35 -2.97
CA PRO E 415 11.10 -39.82 -2.20
C PRO E 415 11.07 -41.35 -2.01
N LEU E 416 9.86 -41.97 -1.95
CA LEU E 416 9.77 -43.44 -1.85
C LEU E 416 10.32 -44.10 -3.13
N SER E 417 10.20 -43.43 -4.27
CA SER E 417 10.75 -43.96 -5.54
C SER E 417 12.28 -43.93 -5.50
N TYR E 418 12.86 -42.84 -5.02
CA TYR E 418 14.33 -42.78 -4.84
C TYR E 418 14.74 -43.93 -3.90
N PHE E 419 13.96 -44.10 -2.83
CA PHE E 419 14.24 -45.13 -1.82
C PHE E 419 14.27 -46.51 -2.49
N GLU E 420 13.29 -46.78 -3.33
CA GLU E 420 13.21 -48.06 -4.05
C GLU E 420 14.40 -48.20 -5.01
N ALA E 421 14.75 -47.15 -5.76
CA ALA E 421 15.90 -47.18 -6.70
C ALA E 421 17.17 -47.58 -5.95
N LEU E 422 17.38 -47.02 -4.74
CA LEU E 422 18.57 -47.32 -3.92
C LEU E 422 18.49 -48.76 -3.38
N SER E 423 17.31 -49.22 -2.96
CA SER E 423 17.09 -50.61 -2.50
C SER E 423 17.50 -51.58 -3.60
N GLU E 424 17.13 -51.28 -4.83
CA GLU E 424 17.41 -52.17 -5.99
C GLU E 424 18.86 -52.01 -6.42
N THR E 425 19.62 -51.14 -5.75
CA THR E 425 21.10 -51.01 -5.93
C THR E 425 21.81 -51.64 -4.72
N GLY E 426 21.07 -52.08 -3.69
CA GLY E 426 21.59 -52.71 -2.46
C GLY E 426 22.20 -51.69 -1.52
N LEU E 427 21.79 -50.42 -1.63
CA LEU E 427 22.27 -49.29 -0.80
C LEU E 427 21.21 -48.90 0.24
N GLN E 428 21.61 -48.83 1.50
CA GLN E 428 20.78 -48.26 2.59
C GLN E 428 20.52 -46.80 2.25
N ALA E 429 19.37 -46.28 2.70
CA ALA E 429 19.08 -44.83 2.71
C ALA E 429 18.22 -44.53 3.94
N ASN E 430 18.53 -43.44 4.62
CA ASN E 430 17.62 -42.96 5.67
C ASN E 430 16.38 -42.39 4.95
N PHE E 431 15.27 -42.36 5.67
CA PHE E 431 14.03 -41.70 5.26
C PHE E 431 13.53 -40.90 6.44
N LYS E 432 13.61 -39.59 6.35
CA LYS E 432 13.58 -38.69 7.54
C LYS E 432 12.78 -37.43 7.23
N GLU E 433 12.02 -36.98 8.20
CA GLU E 433 11.47 -35.61 8.22
C GLU E 433 12.68 -34.65 8.32
N ILE E 434 12.62 -33.51 7.65
CA ILE E 434 13.76 -32.56 7.53
C ILE E 434 14.24 -32.13 8.93
N LYS E 435 13.34 -31.93 9.91
CA LYS E 435 13.73 -31.51 11.29
C LYS E 435 14.40 -32.66 12.05
N GLU E 436 14.40 -33.88 11.52
CA GLU E 436 15.09 -35.04 12.14
C GLU E 436 16.53 -35.11 11.63
N PHE E 437 16.84 -34.35 10.57
CA PHE E 437 18.22 -34.32 10.02
C PHE E 437 19.07 -33.36 10.88
N ASP E 438 20.25 -33.80 11.25
CA ASP E 438 21.18 -32.98 12.09
C ASP E 438 21.97 -32.05 11.15
N PHE E 439 21.59 -30.78 11.11
CA PHE E 439 22.19 -29.71 10.28
C PHE E 439 23.30 -28.96 11.04
N SER E 440 23.68 -29.37 12.25
CA SER E 440 24.61 -28.64 13.16
C SER E 440 26.08 -29.07 12.96
N LEU E 441 26.42 -30.07 12.14
CA LEU E 441 27.82 -30.59 12.05
C LEU E 441 28.70 -29.62 11.24
N ASN E 442 30.02 -29.78 11.35
CA ASN E 442 31.05 -28.93 10.70
C ASN E 442 31.49 -29.56 9.38
N ASP E 443 31.22 -30.84 9.18
CA ASP E 443 31.69 -31.59 8.00
C ASP E 443 30.55 -32.51 7.53
N TYR E 444 30.29 -32.52 6.21
CA TYR E 444 29.26 -33.36 5.54
C TYR E 444 29.89 -33.99 4.30
N THR E 445 31.22 -34.05 4.23
CA THR E 445 31.94 -34.80 3.18
C THR E 445 31.33 -36.20 3.11
N ASP E 446 31.08 -36.70 1.93
CA ASP E 446 30.54 -38.08 1.77
C ASP E 446 29.13 -38.27 2.40
N GLN E 447 28.39 -37.19 2.71
CA GLN E 447 26.94 -37.31 3.08
C GLN E 447 26.10 -36.79 1.89
N VAL E 448 24.92 -37.38 1.65
CA VAL E 448 24.04 -37.06 0.49
C VAL E 448 22.63 -36.83 1.03
N ILE E 449 22.02 -35.71 0.67
CA ILE E 449 20.58 -35.43 0.90
C ILE E 449 19.88 -35.48 -0.46
N ILE E 450 18.78 -36.26 -0.51
CA ILE E 450 17.86 -36.29 -1.68
C ILE E 450 16.58 -35.58 -1.24
N LEU E 451 16.26 -34.50 -1.95
CA LEU E 451 14.98 -33.76 -1.85
C LEU E 451 14.21 -33.96 -3.17
N SER E 452 13.33 -34.96 -3.18
CA SER E 452 12.59 -35.40 -4.38
C SER E 452 11.17 -34.86 -4.27
N HIS E 453 10.87 -33.81 -5.03
CA HIS E 453 9.52 -33.21 -5.09
C HIS E 453 9.09 -32.79 -3.69
N GLN E 454 10.02 -32.21 -2.93
CA GLN E 454 9.67 -31.53 -1.68
C GLN E 454 9.32 -30.09 -2.05
N ILE E 455 8.07 -29.86 -2.38
CA ILE E 455 7.61 -28.64 -3.12
C ILE E 455 7.65 -27.41 -2.22
N ALA E 456 7.71 -27.58 -0.90
CA ALA E 456 7.73 -26.47 0.07
C ALA E 456 9.04 -26.48 0.87
N LEU E 457 9.83 -25.40 0.74
CA LEU E 457 11.06 -25.11 1.54
C LEU E 457 11.04 -23.61 1.91
N ASP E 458 11.30 -23.29 3.17
CA ASP E 458 11.40 -21.89 3.63
C ASP E 458 12.87 -21.45 3.70
N ASN E 459 13.06 -20.15 3.94
CA ASN E 459 14.41 -19.49 4.03
C ASN E 459 15.31 -20.23 5.03
N LYS E 460 14.79 -20.51 6.21
CA LYS E 460 15.51 -21.16 7.34
C LYS E 460 16.06 -22.51 6.87
N VAL E 461 15.26 -23.34 6.19
CA VAL E 461 15.73 -24.67 5.74
C VAL E 461 16.72 -24.53 4.58
N ILE E 462 16.52 -23.55 3.70
CA ILE E 462 17.48 -23.29 2.59
C ILE E 462 18.86 -22.91 3.19
N LYS E 463 18.89 -22.08 4.23
CA LYS E 463 20.16 -21.74 4.93
C LYS E 463 20.80 -23.04 5.42
N GLN E 464 20.02 -23.93 6.05
CA GLN E 464 20.55 -25.21 6.56
C GLN E 464 21.12 -26.04 5.41
N LEU E 465 20.46 -26.03 4.27
CA LEU E 465 20.94 -26.81 3.09
C LEU E 465 22.20 -26.15 2.50
N GLU E 466 22.26 -24.80 2.46
CA GLU E 466 23.47 -24.06 1.98
C GLU E 466 24.66 -24.49 2.84
N SER E 467 24.49 -24.48 4.16
CA SER E 467 25.51 -24.89 5.16
C SER E 467 25.93 -26.34 4.87
N PHE E 468 24.97 -27.25 4.68
CA PHE E 468 25.23 -28.69 4.43
C PHE E 468 26.11 -28.85 3.17
N VAL E 469 25.78 -28.17 2.09
CA VAL E 469 26.54 -28.32 0.82
C VAL E 469 27.93 -27.66 0.98
N GLU E 470 27.99 -26.44 1.54
CA GLU E 470 29.24 -25.65 1.73
C GLU E 470 30.29 -26.57 2.37
N LYS E 471 29.85 -27.31 3.40
CA LYS E 471 30.68 -28.16 4.26
C LYS E 471 30.89 -29.55 3.65
N GLY E 472 30.64 -29.72 2.34
CA GLY E 472 30.99 -30.96 1.63
C GLY E 472 29.81 -31.84 1.24
N GLY E 473 28.58 -31.51 1.65
CA GLY E 473 27.36 -32.31 1.33
C GLY E 473 27.09 -32.39 -0.18
N THR E 474 26.59 -33.52 -0.69
CA THR E 474 25.94 -33.65 -2.02
C THR E 474 24.42 -33.51 -1.87
N LEU E 475 23.81 -32.57 -2.60
CA LEU E 475 22.35 -32.35 -2.64
C LEU E 475 21.80 -32.77 -4.00
N ILE E 476 20.89 -33.74 -4.01
CA ILE E 476 20.14 -34.16 -5.24
C ILE E 476 18.68 -33.71 -5.08
N ALA E 477 18.20 -32.90 -6.02
CA ALA E 477 16.86 -32.29 -5.97
C ALA E 477 16.21 -32.52 -7.35
N ASP E 478 15.01 -33.12 -7.35
CA ASP E 478 14.22 -33.34 -8.58
C ASP E 478 12.77 -32.93 -8.32
N GLY E 479 11.97 -32.95 -9.40
CA GLY E 479 10.58 -32.52 -9.34
C GLY E 479 10.50 -31.07 -8.94
N LEU E 480 9.40 -30.68 -8.30
CA LEU E 480 9.16 -29.25 -8.02
C LEU E 480 9.76 -28.90 -6.64
N THR E 481 10.84 -29.57 -6.21
CA THR E 481 11.52 -29.18 -4.95
C THR E 481 11.76 -27.67 -4.93
N GLY E 482 11.32 -27.00 -3.87
CA GLY E 482 11.53 -25.58 -3.59
C GLY E 482 10.67 -24.63 -4.40
N TYR E 483 9.62 -25.10 -5.08
CA TYR E 483 8.75 -24.22 -5.90
C TYR E 483 8.00 -23.23 -5.02
N TYR E 484 7.60 -23.68 -3.83
CA TYR E 484 6.83 -22.87 -2.87
C TYR E 484 7.66 -22.73 -1.59
N ASP E 485 7.29 -21.78 -0.76
CA ASP E 485 7.75 -21.67 0.64
C ASP E 485 6.66 -22.25 1.54
N TYR E 486 6.77 -22.08 2.86
CA TYR E 486 5.89 -22.74 3.85
C TYR E 486 4.53 -22.02 3.89
N GLN E 487 4.40 -20.92 3.15
CA GLN E 487 3.12 -20.15 3.05
C GLN E 487 2.49 -20.30 1.66
N ALA E 488 2.94 -21.29 0.88
CA ALA E 488 2.45 -21.57 -0.48
C ALA E 488 2.72 -20.37 -1.40
N HIS E 489 3.62 -19.47 -1.01
CA HIS E 489 4.14 -18.39 -1.88
C HIS E 489 5.26 -18.96 -2.74
N SER E 490 5.21 -18.78 -4.06
CA SER E 490 6.26 -19.33 -4.96
C SER E 490 7.35 -18.27 -5.17
N THR E 491 8.55 -18.52 -4.64
CA THR E 491 9.70 -17.62 -4.85
C THR E 491 10.17 -17.86 -6.28
N VAL E 492 9.74 -18.93 -6.93
CA VAL E 492 10.04 -19.13 -8.38
C VAL E 492 9.44 -17.93 -9.14
N VAL E 493 8.34 -17.40 -8.65
CA VAL E 493 7.65 -16.23 -9.29
C VAL E 493 8.26 -14.94 -8.75
N SER E 494 8.35 -14.76 -7.43
CA SER E 494 8.74 -13.48 -6.79
C SER E 494 10.26 -13.24 -6.80
N GLY E 495 11.11 -14.27 -6.92
CA GLY E 495 12.57 -14.18 -6.73
C GLY E 495 13.12 -15.41 -6.01
N PHE E 496 13.74 -16.32 -6.77
CA PHE E 496 13.93 -17.75 -6.40
C PHE E 496 14.89 -17.89 -5.21
N ALA E 497 14.42 -18.46 -4.09
CA ALA E 497 15.19 -18.49 -2.81
C ALA E 497 16.34 -19.50 -2.91
N LEU E 498 16.29 -20.44 -3.85
CA LEU E 498 17.36 -21.45 -4.05
C LEU E 498 18.31 -21.02 -5.17
N GLU E 499 18.20 -19.80 -5.70
CA GLU E 499 19.11 -19.38 -6.81
C GLU E 499 20.59 -19.50 -6.39
N ASN E 500 20.91 -19.01 -5.20
CA ASN E 500 22.29 -18.99 -4.67
C ASN E 500 22.80 -20.45 -4.61
N LEU E 501 22.02 -21.35 -3.98
CA LEU E 501 22.48 -22.75 -3.76
C LEU E 501 22.55 -23.50 -5.10
N PHE E 502 21.59 -23.27 -6.01
CA PHE E 502 21.45 -24.07 -7.25
C PHE E 502 22.33 -23.47 -8.35
N GLY E 503 22.80 -22.23 -8.18
CA GLY E 503 23.59 -21.51 -9.21
C GLY E 503 22.85 -21.41 -10.52
N SER E 504 21.54 -21.27 -10.45
CA SER E 504 20.62 -21.40 -11.61
C SER E 504 19.22 -20.95 -11.19
N TYR E 505 18.35 -20.78 -12.18
CA TYR E 505 17.02 -20.17 -12.06
C TYR E 505 16.05 -20.95 -12.94
N PRO E 506 14.84 -21.30 -12.46
CA PRO E 506 13.85 -21.93 -13.32
C PRO E 506 13.42 -20.97 -14.45
N ILE E 507 13.14 -21.47 -15.64
CA ILE E 507 12.61 -20.68 -16.78
C ILE E 507 11.12 -21.00 -16.94
N GLU E 508 10.80 -22.27 -17.23
CA GLU E 508 9.40 -22.73 -17.44
C GLU E 508 9.21 -24.17 -16.93
N TYR E 509 7.98 -24.48 -16.50
CA TYR E 509 7.38 -25.83 -16.52
C TYR E 509 6.40 -25.91 -17.70
N LYS E 510 6.47 -27.02 -18.42
CA LYS E 510 5.49 -27.38 -19.47
C LYS E 510 4.93 -28.76 -19.11
N ILE E 511 3.62 -28.82 -18.88
CA ILE E 511 2.92 -30.11 -18.65
C ILE E 511 3.06 -30.95 -19.92
N LYS E 512 3.31 -32.25 -19.76
CA LYS E 512 3.45 -33.28 -20.84
C LYS E 512 2.48 -34.43 -20.55
N GLU E 513 2.66 -35.59 -21.15
CA GLU E 513 1.93 -36.83 -20.79
C GLU E 513 2.38 -37.29 -19.37
N ASN E 514 1.68 -38.26 -18.78
CA ASN E 514 2.01 -38.86 -17.45
C ASN E 514 3.45 -39.40 -17.47
N LEU E 515 3.90 -39.91 -18.61
CA LEU E 515 5.26 -40.46 -18.79
C LEU E 515 5.88 -39.86 -20.05
N PHE E 516 7.07 -39.28 -19.95
CA PHE E 516 7.86 -38.79 -21.11
C PHE E 516 9.34 -39.04 -20.79
N SER E 517 10.22 -38.79 -21.75
CA SER E 517 11.67 -39.07 -21.66
C SER E 517 12.46 -37.76 -21.65
N LEU E 518 13.35 -37.55 -20.69
CA LEU E 518 14.41 -36.52 -20.74
C LEU E 518 15.65 -37.13 -21.38
N ASP E 519 15.95 -36.76 -22.61
CA ASP E 519 17.09 -37.34 -23.39
C ASP E 519 18.28 -36.37 -23.29
N PHE E 520 19.28 -36.66 -22.47
CA PHE E 520 20.48 -35.79 -22.37
C PHE E 520 21.26 -35.90 -23.70
N GLU E 521 22.05 -34.92 -24.14
CA GLU E 521 22.99 -35.22 -25.26
C GLU E 521 24.22 -35.95 -24.71
N LYS E 522 24.96 -35.30 -23.80
CA LYS E 522 26.25 -35.78 -23.25
C LYS E 522 25.93 -36.78 -22.13
N ASP E 523 26.69 -37.88 -22.05
CA ASP E 523 26.48 -39.06 -21.16
C ASP E 523 25.20 -39.83 -21.56
N ASN E 524 24.47 -39.36 -22.59
CA ASN E 524 23.47 -40.12 -23.36
C ASN E 524 22.29 -40.64 -22.50
N TYR E 525 22.19 -40.41 -21.17
CA TYR E 525 21.03 -40.80 -20.32
C TYR E 525 19.69 -40.51 -21.04
N LYS E 526 18.73 -41.41 -20.79
CA LYS E 526 17.29 -41.19 -21.11
C LYS E 526 16.50 -41.50 -19.83
N LEU E 527 16.16 -40.47 -19.09
CA LEU E 527 15.43 -40.61 -17.80
C LEU E 527 13.95 -40.57 -18.06
N PRO E 528 13.17 -41.59 -17.61
CA PRO E 528 11.73 -41.45 -17.50
C PRO E 528 11.40 -40.29 -16.55
N ALA E 529 10.42 -39.47 -16.93
CA ALA E 529 9.96 -38.27 -16.21
C ALA E 529 8.44 -38.24 -16.22
N HIS E 530 7.86 -37.70 -15.15
CA HIS E 530 6.41 -37.71 -14.92
C HIS E 530 5.87 -36.28 -15.04
N LEU E 531 4.96 -36.07 -15.99
CA LEU E 531 3.95 -34.99 -15.97
C LEU E 531 4.50 -33.63 -16.42
N TRP E 532 5.56 -33.11 -15.79
CA TRP E 532 6.04 -31.73 -16.05
C TRP E 532 7.51 -31.71 -16.48
N LYS E 533 7.83 -31.01 -17.55
CA LYS E 533 9.22 -30.78 -18.01
C LYS E 533 9.67 -29.40 -17.51
N GLY E 534 10.70 -29.39 -16.65
CA GLY E 534 11.30 -28.16 -16.13
C GLY E 534 12.49 -27.74 -16.98
N THR E 535 12.57 -26.46 -17.34
CA THR E 535 13.75 -25.86 -17.99
C THR E 535 14.31 -24.75 -17.09
N ILE E 536 15.61 -24.53 -17.17
CA ILE E 536 16.35 -23.60 -16.26
C ILE E 536 17.30 -22.76 -17.08
N GLU E 537 17.86 -21.73 -16.44
CA GLU E 537 19.02 -20.93 -16.91
C GLU E 537 20.09 -21.00 -15.82
N THR E 538 21.31 -21.37 -16.16
CA THR E 538 22.46 -21.43 -15.22
C THR E 538 23.15 -20.07 -15.18
N SER E 539 23.56 -19.61 -13.99
CA SER E 539 24.58 -18.55 -13.81
C SER E 539 25.90 -19.25 -13.43
N LYS E 540 26.08 -19.66 -12.19
CA LYS E 540 27.33 -20.32 -11.71
C LYS E 540 27.35 -21.81 -12.04
N ALA E 541 26.22 -22.49 -12.16
CA ALA E 541 26.18 -23.97 -12.29
C ALA E 541 26.58 -24.35 -13.71
N THR E 542 27.05 -25.58 -13.91
CA THR E 542 27.29 -26.15 -15.25
C THR E 542 25.96 -26.63 -15.81
N PRO E 543 25.47 -26.11 -16.95
CA PRO E 543 24.21 -26.57 -17.55
C PRO E 543 24.32 -27.99 -18.10
N ILE E 544 23.24 -28.76 -18.00
CA ILE E 544 23.07 -30.05 -18.73
C ILE E 544 21.92 -29.85 -19.72
N MET E 545 22.22 -30.13 -20.99
CA MET E 545 21.30 -29.86 -22.13
C MET E 545 20.65 -31.18 -22.55
N ASP E 546 19.42 -31.11 -23.06
CA ASP E 546 18.75 -32.28 -23.68
C ASP E 546 18.93 -32.20 -25.20
N LYS E 547 18.48 -33.24 -25.90
CA LYS E 547 18.63 -33.36 -27.36
C LYS E 547 17.80 -32.31 -28.10
N GLU E 548 16.96 -31.54 -27.45
CA GLU E 548 16.18 -30.46 -28.11
C GLU E 548 16.88 -29.12 -27.87
N GLY E 549 18.05 -29.12 -27.25
CA GLY E 549 18.83 -27.89 -26.94
C GLY E 549 18.20 -27.04 -25.83
N GLU E 550 17.44 -27.64 -24.93
CA GLU E 550 16.90 -26.93 -23.74
C GLU E 550 17.73 -27.35 -22.53
N CYS E 551 17.88 -26.46 -21.57
CA CYS E 551 18.62 -26.75 -20.32
C CYS E 551 17.68 -27.37 -19.26
N ILE E 552 17.88 -28.64 -18.92
CA ILE E 552 16.91 -29.43 -18.08
C ILE E 552 17.51 -29.78 -16.71
N ALA E 553 18.80 -29.52 -16.49
CA ALA E 553 19.46 -29.88 -15.22
C ALA E 553 20.80 -29.14 -15.11
N CYS E 554 21.38 -29.16 -13.92
CA CYS E 554 22.69 -28.51 -13.68
C CYS E 554 23.40 -29.13 -12.48
N ILE E 555 24.73 -29.00 -12.45
CA ILE E 555 25.58 -29.34 -11.29
C ILE E 555 26.23 -28.03 -10.84
N ASN E 556 25.99 -27.65 -9.59
CA ASN E 556 26.60 -26.45 -9.00
C ASN E 556 27.60 -26.92 -7.97
N GLN E 557 28.87 -26.55 -8.13
CA GLN E 557 29.92 -26.70 -7.08
C GLN E 557 29.65 -25.59 -6.07
N TYR E 558 29.40 -25.91 -4.80
CA TYR E 558 29.05 -24.89 -3.79
C TYR E 558 29.85 -25.16 -2.53
N GLY E 559 30.85 -24.30 -2.25
CA GLY E 559 31.90 -24.55 -1.25
C GLY E 559 32.54 -25.90 -1.54
N LYS E 560 32.63 -26.79 -0.56
CA LYS E 560 33.24 -28.12 -0.75
C LYS E 560 32.26 -29.11 -1.39
N GLY E 561 30.95 -28.80 -1.41
CA GLY E 561 29.92 -29.76 -1.83
C GLY E 561 29.48 -29.54 -3.26
N LYS E 562 28.49 -30.32 -3.71
CA LYS E 562 27.85 -30.12 -5.04
C LYS E 562 26.32 -30.32 -4.93
N VAL E 563 25.64 -29.72 -5.89
CA VAL E 563 24.16 -29.78 -6.05
C VAL E 563 23.88 -30.32 -7.44
N PHE E 564 23.07 -31.35 -7.53
CA PHE E 564 22.46 -31.82 -8.80
C PHE E 564 20.98 -31.47 -8.75
N TRP E 565 20.55 -30.64 -9.68
CA TRP E 565 19.17 -30.15 -9.77
C TRP E 565 18.61 -30.54 -11.14
N ILE E 566 17.50 -31.26 -11.12
CA ILE E 566 16.73 -31.61 -12.35
C ILE E 566 15.24 -31.40 -12.03
N PRO E 567 14.69 -30.25 -12.44
CA PRO E 567 13.36 -29.84 -12.00
C PRO E 567 12.18 -30.60 -12.64
N SER E 568 12.40 -31.57 -13.50
CA SER E 568 11.36 -32.56 -13.93
C SER E 568 11.29 -33.69 -12.89
N PRO E 569 10.11 -34.27 -12.62
CA PRO E 569 10.01 -35.36 -11.66
C PRO E 569 10.51 -36.69 -12.21
N ILE E 570 11.78 -37.03 -11.97
CA ILE E 570 12.38 -38.27 -12.52
C ILE E 570 12.13 -39.43 -11.55
N ALA E 571 11.98 -39.16 -10.27
CA ALA E 571 11.63 -40.20 -9.29
C ALA E 571 10.22 -40.70 -9.63
N LEU E 572 9.28 -39.78 -9.78
CA LEU E 572 7.89 -40.16 -10.15
C LEU E 572 7.88 -40.78 -11.55
N GLY E 573 8.81 -40.37 -12.42
CA GLY E 573 8.89 -40.96 -13.76
C GLY E 573 9.28 -42.43 -13.69
N ALA E 574 10.29 -42.74 -12.87
CA ALA E 574 10.69 -44.14 -12.61
C ALA E 574 9.47 -44.91 -12.06
N ARG E 575 8.75 -44.34 -11.09
CA ARG E 575 7.57 -45.01 -10.49
C ARG E 575 6.50 -45.30 -11.56
N GLU E 576 6.14 -44.28 -12.34
CA GLU E 576 5.13 -44.37 -13.40
C GLU E 576 5.60 -45.39 -14.45
N SER E 577 6.89 -45.47 -14.75
CA SER E 577 7.37 -46.44 -15.77
C SER E 577 7.61 -47.83 -15.14
N LYS E 578 7.50 -47.98 -13.82
CA LYS E 578 7.83 -49.23 -13.09
C LYS E 578 9.25 -49.71 -13.42
N ASP E 579 10.17 -48.79 -13.63
CA ASP E 579 11.57 -49.09 -13.99
C ASP E 579 12.49 -48.11 -13.25
N PHE E 580 13.18 -48.58 -12.21
CA PHE E 580 14.07 -47.71 -11.37
C PHE E 580 15.53 -47.79 -11.85
N SER E 581 15.81 -48.47 -12.96
CA SER E 581 17.19 -48.79 -13.39
C SER E 581 17.92 -47.49 -13.73
N GLU E 582 17.34 -46.61 -14.53
CA GLU E 582 17.98 -45.34 -14.91
C GLU E 582 18.16 -44.44 -13.69
N LEU E 583 17.18 -44.34 -12.79
CA LEU E 583 17.32 -43.50 -11.58
C LEU E 583 18.47 -44.04 -10.71
N SER E 584 18.59 -45.37 -10.63
CA SER E 584 19.69 -46.08 -9.92
C SER E 584 21.04 -45.62 -10.50
N LYS E 585 21.26 -45.86 -11.80
CA LYS E 585 22.53 -45.51 -12.51
C LYS E 585 22.85 -44.03 -12.28
N LEU E 586 21.89 -43.13 -12.47
CA LEU E 586 22.15 -41.68 -12.34
C LEU E 586 22.56 -41.35 -10.90
N THR E 587 21.82 -41.82 -9.90
CA THR E 587 22.09 -41.52 -8.47
C THR E 587 23.51 -42.02 -8.11
N VAL E 588 23.85 -43.26 -8.50
CA VAL E 588 25.16 -43.92 -8.27
C VAL E 588 26.29 -43.02 -8.81
N SER E 589 26.17 -42.57 -10.06
CA SER E 589 27.13 -41.66 -10.72
C SER E 589 27.32 -40.36 -9.94
N LEU E 590 26.40 -39.96 -9.04
CA LEU E 590 26.47 -38.66 -8.31
C LEU E 590 26.99 -38.89 -6.89
N LEU E 591 27.14 -40.14 -6.46
CA LEU E 591 27.51 -40.44 -5.07
C LEU E 591 29.02 -40.24 -4.90
N PRO E 592 29.45 -39.73 -3.72
CA PRO E 592 30.85 -39.77 -3.31
C PRO E 592 31.41 -41.20 -3.43
N ASN E 593 32.60 -41.31 -4.00
CA ASN E 593 33.36 -42.58 -4.14
C ASN E 593 33.34 -43.34 -2.80
N LYS E 594 33.51 -42.64 -1.67
CA LYS E 594 33.61 -43.28 -0.35
C LYS E 594 32.38 -44.16 -0.07
N ILE E 595 31.17 -43.71 -0.44
CA ILE E 595 29.93 -44.49 -0.15
C ILE E 595 30.03 -45.84 -0.87
N LEU E 596 30.40 -45.85 -2.15
CA LEU E 596 30.50 -47.10 -2.95
C LEU E 596 31.65 -48.01 -2.47
N ASN E 597 32.77 -47.46 -1.98
CA ASN E 597 33.95 -48.27 -1.54
C ASN E 597 33.67 -48.92 -0.17
N ASP E 598 33.03 -48.18 0.74
CA ASP E 598 32.85 -48.61 2.16
C ASP E 598 31.59 -49.46 2.37
N ASN E 599 30.57 -49.34 1.51
CA ASN E 599 29.25 -50.00 1.74
C ASN E 599 29.08 -51.15 0.75
N PRO E 600 28.72 -52.36 1.23
CA PRO E 600 28.30 -53.41 0.30
C PRO E 600 27.06 -52.92 -0.48
N HIS E 601 27.06 -53.16 -1.78
CA HIS E 601 25.98 -52.79 -2.72
C HIS E 601 26.04 -53.75 -3.91
N PHE E 602 25.12 -53.64 -4.85
CA PHE E 602 25.11 -54.54 -6.04
C PHE E 602 26.03 -53.96 -7.11
N ASP E 603 26.68 -54.82 -7.87
CA ASP E 603 27.61 -54.46 -8.99
C ASP E 603 26.80 -53.63 -10.00
N LYS E 604 25.49 -53.80 -10.04
CA LYS E 604 24.57 -53.04 -10.95
C LYS E 604 23.16 -53.10 -10.36
N HIS E 605 22.22 -52.42 -11.00
CA HIS E 605 20.81 -52.39 -10.54
C HIS E 605 20.20 -53.78 -10.73
N TYR E 606 19.46 -54.27 -9.74
CA TYR E 606 18.68 -55.52 -9.82
C TYR E 606 17.20 -55.23 -9.55
N LYS E 607 16.38 -55.45 -10.58
CA LYS E 607 14.93 -55.26 -10.44
C LYS E 607 14.41 -56.24 -9.38
N ASP E 608 13.68 -55.72 -8.40
CA ASP E 608 12.88 -56.51 -7.42
C ASP E 608 13.80 -57.30 -6.49
N VAL E 609 15.01 -56.83 -6.25
CA VAL E 609 15.91 -57.37 -5.20
C VAL E 609 16.22 -56.21 -4.26
N MET E 610 16.36 -56.49 -2.97
CA MET E 610 16.81 -55.44 -2.03
C MET E 610 17.98 -55.96 -1.23
N MET E 611 18.88 -55.06 -0.87
CA MET E 611 19.89 -55.32 0.17
C MET E 611 20.02 -54.09 1.05
N LYS E 612 20.20 -54.35 2.33
CA LYS E 612 20.48 -53.34 3.38
C LYS E 612 21.53 -53.97 4.28
N SER E 613 22.51 -53.19 4.76
CA SER E 613 23.61 -53.74 5.59
C SER E 613 23.53 -53.17 7.00
N PHE E 614 24.05 -53.90 7.95
CA PHE E 614 24.13 -53.48 9.37
C PHE E 614 25.43 -54.02 10.00
N LYS E 615 25.73 -53.50 11.18
CA LYS E 615 26.88 -53.96 12.01
C LYS E 615 26.36 -54.40 13.39
N SER E 616 27.04 -55.37 13.99
CA SER E 616 26.87 -55.71 15.41
C SER E 616 28.24 -55.98 16.01
N ASN E 617 28.61 -55.14 16.98
CA ASN E 617 29.96 -55.02 17.58
C ASN E 617 31.08 -55.28 16.56
N GLY E 618 31.33 -54.38 15.60
CA GLY E 618 32.49 -54.52 14.69
C GLY E 618 32.24 -55.43 13.48
N THR E 619 31.41 -56.48 13.57
CA THR E 619 31.10 -57.38 12.43
C THR E 619 30.00 -56.78 11.52
N MET E 620 30.22 -56.85 10.21
CA MET E 620 29.25 -56.37 9.20
C MET E 620 28.40 -57.54 8.72
N TYR E 621 27.11 -57.25 8.50
CA TYR E 621 26.11 -58.18 7.93
C TYR E 621 25.37 -57.46 6.80
N SER E 622 24.82 -58.28 5.92
CA SER E 622 23.91 -57.83 4.84
C SER E 622 22.64 -58.68 4.84
N LEU E 623 21.50 -58.00 4.70
CA LEU E 623 20.17 -58.61 4.44
C LEU E 623 19.89 -58.49 2.95
N ILE E 624 19.62 -59.63 2.28
CA ILE E 624 19.23 -59.66 0.85
C ILE E 624 17.88 -60.38 0.75
N ILE E 625 16.95 -59.80 -0.02
CA ILE E 625 15.64 -60.43 -0.31
C ILE E 625 15.41 -60.36 -1.82
N ASN E 626 15.07 -61.49 -2.41
CA ASN E 626 14.74 -61.60 -3.85
C ASN E 626 13.21 -61.63 -3.98
N LYS E 627 12.62 -60.59 -4.60
CA LYS E 627 11.16 -60.48 -4.79
C LYS E 627 10.84 -60.71 -6.27
N SER E 628 11.81 -61.09 -7.09
CA SER E 628 11.56 -61.40 -8.52
C SER E 628 11.03 -62.83 -8.63
N ALA E 629 10.54 -63.20 -9.81
CA ALA E 629 9.90 -64.50 -10.06
C ALA E 629 10.99 -65.56 -10.33
N SER E 630 12.27 -65.18 -10.42
CA SER E 630 13.35 -66.12 -10.77
C SER E 630 14.53 -66.06 -9.79
N VAL E 631 15.30 -67.14 -9.76
CA VAL E 631 16.59 -67.25 -9.03
C VAL E 631 17.47 -66.13 -9.58
N GLN E 632 18.07 -65.33 -8.70
CA GLN E 632 19.01 -64.24 -9.06
C GLN E 632 20.40 -64.60 -8.55
N THR E 633 21.42 -64.27 -9.34
CA THR E 633 22.84 -64.22 -8.87
C THR E 633 23.23 -62.75 -8.71
N VAL E 634 23.37 -62.31 -7.46
CA VAL E 634 23.69 -60.90 -7.12
C VAL E 634 25.18 -60.80 -6.79
N ASP E 635 25.92 -60.03 -7.58
CA ASP E 635 27.36 -59.75 -7.34
C ASP E 635 27.42 -58.60 -6.32
N ILE E 636 27.85 -58.88 -5.08
CA ILE E 636 27.99 -57.84 -4.02
C ILE E 636 29.43 -57.31 -4.04
N VAL E 637 29.59 -56.00 -4.13
CA VAL E 637 30.90 -55.29 -4.12
C VAL E 637 30.83 -54.23 -3.03
N GLY E 638 31.98 -53.73 -2.61
CA GLY E 638 32.10 -52.69 -1.58
C GLY E 638 32.18 -53.35 -0.22
N GLY E 639 32.57 -52.56 0.79
CA GLY E 639 33.05 -53.07 2.09
C GLY E 639 34.22 -54.05 1.93
N LYS E 640 34.44 -54.89 2.94
CA LYS E 640 35.52 -55.90 2.98
C LYS E 640 34.94 -57.22 3.52
N GLY E 641 35.60 -58.34 3.22
CA GLY E 641 35.33 -59.64 3.86
C GLY E 641 34.74 -60.63 2.88
N LYS E 642 34.66 -61.89 3.30
CA LYS E 642 34.15 -63.00 2.48
C LYS E 642 32.77 -63.33 3.04
N ALA E 643 31.82 -63.65 2.14
CA ALA E 643 30.42 -63.92 2.49
C ALA E 643 30.34 -65.28 3.20
N PHE E 644 29.77 -65.31 4.40
CA PHE E 644 29.27 -66.54 5.06
C PHE E 644 27.77 -66.37 5.29
N ILE E 645 26.99 -67.27 4.69
CA ILE E 645 25.50 -67.33 4.81
C ILE E 645 25.15 -67.80 6.21
N LEU E 646 24.62 -66.91 7.03
CA LEU E 646 24.23 -67.14 8.43
C LEU E 646 22.74 -67.48 8.53
N PHE E 647 21.92 -66.95 7.64
CA PHE E 647 20.45 -67.23 7.58
C PHE E 647 20.04 -67.32 6.11
N ALA E 648 19.33 -68.36 5.74
CA ALA E 648 18.69 -68.51 4.42
C ALA E 648 17.55 -69.53 4.53
N ASN E 649 16.34 -69.13 4.15
CA ASN E 649 15.16 -70.02 4.28
C ASN E 649 14.96 -70.85 3.00
N LYS E 650 15.80 -70.73 1.96
CA LYS E 650 15.64 -71.57 0.74
C LYS E 650 17.00 -72.00 0.16
N ASN E 651 17.98 -72.28 1.01
CA ASN E 651 19.28 -72.88 0.56
C ASN E 651 20.00 -71.99 -0.45
N ALA E 652 19.99 -70.66 -0.25
CA ALA E 652 20.91 -69.76 -0.95
C ALA E 652 22.34 -70.31 -0.78
N HIS E 653 23.19 -70.08 -1.78
CA HIS E 653 24.65 -70.34 -1.69
C HIS E 653 25.37 -69.15 -2.30
N SER E 654 26.62 -68.94 -1.91
CA SER E 654 27.54 -67.94 -2.52
C SER E 654 28.82 -68.63 -3.03
N THR E 655 29.39 -68.04 -4.07
CA THR E 655 30.73 -68.35 -4.62
C THR E 655 31.43 -67.00 -4.69
N ALA E 656 32.48 -66.83 -3.90
CA ALA E 656 33.10 -65.50 -3.69
C ALA E 656 31.97 -64.62 -3.15
N ASN E 657 31.74 -63.44 -3.73
CA ASN E 657 30.74 -62.51 -3.16
C ASN E 657 29.54 -62.43 -4.13
N LYS E 658 29.30 -63.50 -4.90
CA LYS E 658 28.12 -63.69 -5.78
C LYS E 658 27.11 -64.55 -5.02
N LEU E 659 25.96 -63.98 -4.64
CA LEU E 659 24.90 -64.70 -3.90
C LEU E 659 23.82 -65.19 -4.89
N THR E 660 23.58 -66.49 -4.92
CA THR E 660 22.48 -67.14 -5.66
C THR E 660 21.32 -67.29 -4.67
N ILE E 661 20.21 -66.58 -4.93
CA ILE E 661 19.09 -66.40 -3.97
C ILE E 661 17.77 -66.68 -4.70
N SER E 662 16.90 -67.45 -4.07
CA SER E 662 15.64 -67.96 -4.68
C SER E 662 14.52 -66.93 -4.52
N PRO E 663 13.46 -67.00 -5.37
CA PRO E 663 12.27 -66.17 -5.19
C PRO E 663 11.75 -66.22 -3.75
N GLU E 664 11.53 -65.05 -3.16
CA GLU E 664 10.89 -64.86 -1.83
C GLU E 664 11.87 -65.25 -0.70
N GLU E 665 13.10 -65.65 -1.04
CA GLU E 665 14.10 -66.06 -0.02
C GLU E 665 14.65 -64.81 0.67
N THR E 666 14.79 -64.90 1.98
CA THR E 666 15.51 -63.91 2.82
C THR E 666 16.88 -64.49 3.18
N VAL E 667 17.95 -63.72 2.98
CA VAL E 667 19.33 -64.17 3.29
C VAL E 667 20.00 -63.18 4.24
N ILE E 668 20.64 -63.69 5.29
CA ILE E 668 21.62 -62.91 6.09
C ILE E 668 23.03 -63.42 5.76
N ILE E 669 23.85 -62.51 5.24
CA ILE E 669 25.31 -62.73 5.04
C ILE E 669 26.06 -62.09 6.22
N LYS E 670 26.98 -62.86 6.81
CA LYS E 670 28.04 -62.35 7.73
C LYS E 670 29.33 -62.17 6.91
N TRP E 671 29.91 -60.98 6.96
CA TRP E 671 31.20 -60.66 6.28
C TRP E 671 32.33 -61.03 7.25
N LYS E 672 33.16 -62.03 6.90
CA LYS E 672 34.30 -62.52 7.73
C LYS E 672 35.61 -61.74 7.45
N ALA F 22 -68.14 -60.39 -6.70
CA ALA F 22 -66.73 -59.97 -7.07
C ALA F 22 -65.82 -61.20 -7.16
N GLU F 23 -65.17 -61.40 -8.32
CA GLU F 23 -64.46 -62.66 -8.64
C GLU F 23 -63.10 -62.67 -7.93
N ARG F 24 -62.85 -63.66 -7.07
CA ARG F 24 -61.64 -63.80 -6.23
C ARG F 24 -60.65 -64.76 -6.87
N ILE F 25 -59.36 -64.40 -6.86
CA ILE F 25 -58.31 -65.19 -7.56
C ILE F 25 -58.08 -66.44 -6.71
N SER F 26 -57.67 -67.53 -7.31
CA SER F 26 -57.24 -68.76 -6.61
C SER F 26 -56.11 -69.42 -7.40
N LYS F 27 -55.53 -70.49 -6.87
CA LYS F 27 -54.47 -71.27 -7.55
C LYS F 27 -55.02 -71.99 -8.80
N GLN F 28 -56.35 -71.98 -8.99
CA GLN F 28 -57.03 -72.63 -10.15
C GLN F 28 -57.49 -71.59 -11.17
N SER F 29 -57.28 -70.29 -10.92
CA SER F 29 -57.77 -69.23 -11.85
C SER F 29 -57.10 -69.40 -13.22
N THR F 30 -57.78 -69.02 -14.27
CA THR F 30 -57.22 -68.95 -15.63
C THR F 30 -56.20 -67.83 -15.65
N PRO F 31 -54.93 -68.09 -16.03
CA PRO F 31 -53.93 -67.04 -16.05
C PRO F 31 -54.30 -66.02 -17.14
N PHE F 32 -53.87 -64.79 -16.98
CA PHE F 32 -54.09 -63.71 -17.96
C PHE F 32 -52.76 -63.01 -18.32
N VAL F 33 -52.75 -62.42 -19.49
CA VAL F 33 -51.80 -61.38 -19.94
C VAL F 33 -52.55 -60.05 -19.84
N GLY F 34 -51.86 -59.00 -19.36
CA GLY F 34 -52.44 -57.67 -19.19
C GLY F 34 -51.38 -56.59 -19.31
N ALA F 35 -51.77 -55.36 -19.01
CA ALA F 35 -50.87 -54.21 -19.18
C ALA F 35 -51.41 -53.02 -18.40
N GLN F 36 -50.48 -52.19 -17.93
CA GLN F 36 -50.82 -50.92 -17.27
C GLN F 36 -51.53 -50.10 -18.33
N ILE F 37 -52.63 -49.46 -17.93
CA ILE F 37 -53.26 -48.39 -18.74
C ILE F 37 -52.91 -47.11 -17.99
N PHE F 38 -52.09 -46.28 -18.60
CA PHE F 38 -51.57 -45.06 -17.95
C PHE F 38 -52.56 -43.92 -18.20
N ILE F 39 -53.19 -43.47 -17.13
CA ILE F 39 -54.23 -42.41 -17.13
C ILE F 39 -53.67 -41.17 -16.45
N GLU F 40 -53.74 -40.03 -17.15
CA GLU F 40 -53.41 -38.69 -16.63
C GLU F 40 -54.29 -37.70 -17.38
N PRO F 41 -54.52 -36.50 -16.81
CA PRO F 41 -55.31 -35.49 -17.49
C PRO F 41 -54.62 -35.07 -18.80
N GLY F 42 -55.45 -34.61 -19.74
CA GLY F 42 -55.05 -34.20 -21.09
C GLY F 42 -55.40 -35.25 -22.13
N GLN F 43 -55.38 -36.54 -21.78
CA GLN F 43 -55.77 -37.62 -22.71
C GLN F 43 -57.24 -37.44 -23.12
N THR F 44 -57.59 -37.83 -24.35
CA THR F 44 -58.98 -37.73 -24.89
C THR F 44 -59.71 -39.08 -24.74
N GLN F 45 -61.04 -39.02 -24.62
CA GLN F 45 -61.95 -40.19 -24.71
C GLN F 45 -61.50 -41.10 -25.86
N GLU F 46 -61.19 -40.52 -27.01
CA GLU F 46 -60.84 -41.27 -28.26
C GLU F 46 -59.55 -42.05 -28.02
N GLN F 47 -58.49 -41.44 -27.47
CA GLN F 47 -57.19 -42.17 -27.30
C GLN F 47 -57.41 -43.29 -26.26
N ILE F 48 -58.20 -43.06 -25.20
CA ILE F 48 -58.36 -44.09 -24.14
C ILE F 48 -59.10 -45.29 -24.74
N GLU F 49 -60.19 -45.06 -25.50
CA GLU F 49 -60.96 -46.13 -26.15
C GLU F 49 -60.05 -46.91 -27.09
N GLN F 50 -59.22 -46.21 -27.86
CA GLN F 50 -58.25 -46.83 -28.81
C GLN F 50 -57.35 -47.82 -28.05
N TRP F 51 -56.92 -47.47 -26.82
CA TRP F 51 -56.04 -48.34 -25.99
C TRP F 51 -56.83 -49.59 -25.57
N PHE F 52 -57.98 -49.43 -24.93
CA PHE F 52 -58.79 -50.57 -24.42
C PHE F 52 -59.20 -51.48 -25.56
N LYS F 53 -59.55 -50.91 -26.71
CA LYS F 53 -59.97 -51.71 -27.90
C LYS F 53 -58.79 -52.56 -28.37
N LEU F 54 -57.60 -51.98 -28.49
CA LEU F 54 -56.40 -52.74 -28.97
C LEU F 54 -55.97 -53.73 -27.88
N LEU F 55 -56.13 -53.39 -26.62
CA LEU F 55 -55.78 -54.28 -25.48
C LEU F 55 -56.66 -55.55 -25.59
N ALA F 56 -57.97 -55.39 -25.72
CA ALA F 56 -58.94 -56.50 -25.93
C ALA F 56 -58.58 -57.31 -27.19
N GLU F 57 -58.23 -56.68 -28.32
CA GLU F 57 -57.88 -57.42 -29.56
C GLU F 57 -56.54 -58.14 -29.43
N SER F 58 -55.71 -57.78 -28.43
CA SER F 58 -54.38 -58.38 -28.19
C SER F 58 -54.50 -59.52 -27.15
N ASN F 59 -55.73 -59.99 -26.88
CA ASN F 59 -56.01 -61.17 -26.04
C ASN F 59 -55.58 -60.89 -24.59
N MET F 60 -55.59 -59.64 -24.16
CA MET F 60 -55.38 -59.24 -22.76
C MET F 60 -56.75 -59.06 -22.10
N THR F 61 -56.92 -59.53 -20.88
CA THR F 61 -58.19 -59.52 -20.11
C THR F 61 -58.12 -58.51 -18.98
N THR F 62 -56.93 -58.01 -18.66
CA THR F 62 -56.65 -57.26 -17.40
C THR F 62 -55.77 -56.06 -17.68
N CYS F 63 -56.07 -54.97 -17.00
CA CYS F 63 -55.26 -53.74 -17.03
C CYS F 63 -54.96 -53.39 -15.57
N ARG F 64 -53.98 -52.53 -15.37
CA ARG F 64 -53.67 -52.00 -14.04
C ARG F 64 -53.68 -50.49 -14.16
N ILE F 65 -54.21 -49.81 -13.16
CA ILE F 65 -54.36 -48.33 -13.25
C ILE F 65 -53.86 -47.71 -11.96
N ARG F 66 -52.97 -46.71 -12.12
CA ARG F 66 -52.48 -45.89 -11.01
C ARG F 66 -53.56 -44.89 -10.65
N MET F 67 -54.17 -45.05 -9.48
CA MET F 67 -55.29 -44.20 -9.02
C MET F 67 -54.71 -42.92 -8.40
N PHE F 68 -53.95 -42.14 -9.19
CA PHE F 68 -53.27 -40.92 -8.71
C PHE F 68 -54.20 -40.03 -7.88
N GLY F 69 -53.93 -39.89 -6.60
CA GLY F 69 -54.51 -38.84 -5.73
C GLY F 69 -54.39 -37.45 -6.34
N LYS F 70 -53.26 -37.13 -7.00
CA LYS F 70 -53.04 -35.79 -7.59
C LYS F 70 -54.18 -35.51 -8.59
N TYR F 71 -54.63 -36.48 -9.35
CA TYR F 71 -55.53 -36.26 -10.52
C TYR F 71 -57.00 -36.47 -10.11
N MET F 72 -57.29 -36.57 -8.82
CA MET F 72 -58.65 -36.69 -8.26
C MET F 72 -58.88 -35.59 -7.22
N LYS F 73 -57.83 -35.10 -6.56
CA LYS F 73 -57.99 -34.05 -5.53
C LYS F 73 -58.28 -32.74 -6.27
N THR F 74 -59.29 -32.01 -5.80
CA THR F 74 -59.70 -30.67 -6.32
C THR F 74 -59.12 -29.62 -5.41
N PRO F 75 -58.96 -28.35 -5.86
CA PRO F 75 -58.46 -27.28 -4.99
C PRO F 75 -59.05 -27.22 -3.56
N SER F 76 -60.34 -27.49 -3.37
CA SER F 76 -61.04 -27.41 -2.06
C SER F 76 -60.74 -28.64 -1.17
N GLY F 77 -60.04 -29.66 -1.69
CA GLY F 77 -59.72 -30.89 -0.94
C GLY F 77 -60.70 -32.02 -1.19
N THR F 78 -61.88 -31.75 -1.78
CA THR F 78 -62.86 -32.82 -2.13
C THR F 78 -62.27 -33.71 -3.24
N TYR F 79 -62.87 -34.89 -3.46
CA TYR F 79 -62.41 -35.86 -4.49
C TYR F 79 -63.35 -35.80 -5.68
N ASP F 80 -62.79 -35.67 -6.89
CA ASP F 80 -63.50 -35.79 -8.18
C ASP F 80 -62.93 -37.01 -8.92
N PHE F 81 -63.78 -37.99 -9.21
CA PHE F 81 -63.40 -39.32 -9.70
C PHE F 81 -63.48 -39.39 -11.24
N THR F 82 -63.84 -38.27 -11.89
CA THR F 82 -64.25 -38.26 -13.32
C THR F 82 -63.17 -38.93 -14.17
N LEU F 83 -61.91 -38.55 -13.98
CA LEU F 83 -60.83 -38.96 -14.89
C LEU F 83 -60.74 -40.48 -14.87
N PHE F 84 -60.93 -41.09 -13.71
CA PHE F 84 -60.77 -42.56 -13.52
C PHE F 84 -62.08 -43.27 -13.83
N ASP F 85 -63.22 -42.62 -13.57
CA ASP F 85 -64.56 -43.12 -14.01
C ASP F 85 -64.49 -43.42 -15.52
N ARG F 86 -64.07 -42.43 -16.29
CA ARG F 86 -63.95 -42.52 -17.77
C ARG F 86 -63.21 -43.81 -18.14
N ALA F 87 -62.04 -44.04 -17.51
CA ALA F 87 -61.18 -45.20 -17.82
C ALA F 87 -61.81 -46.53 -17.35
N PHE F 88 -62.38 -46.57 -16.15
CA PHE F 88 -63.04 -47.79 -15.62
C PHE F 88 -64.21 -48.20 -16.53
N LYS F 89 -65.00 -47.22 -16.97
CA LYS F 89 -66.18 -47.45 -17.85
C LYS F 89 -65.70 -47.99 -19.20
N LEU F 90 -64.62 -47.44 -19.78
CA LEU F 90 -64.12 -47.97 -21.07
C LEU F 90 -63.54 -49.37 -20.86
N ALA F 91 -62.88 -49.63 -19.74
CA ALA F 91 -62.40 -50.99 -19.40
C ALA F 91 -63.60 -51.94 -19.39
N ASP F 92 -64.66 -51.54 -18.69
CA ASP F 92 -65.91 -52.37 -18.52
C ASP F 92 -66.51 -52.69 -19.89
N LYS F 93 -66.64 -51.67 -20.74
CA LYS F 93 -67.18 -51.81 -22.12
C LYS F 93 -66.39 -52.89 -22.88
N TYR F 94 -65.09 -53.04 -22.66
CA TYR F 94 -64.25 -53.99 -23.45
C TYR F 94 -64.01 -55.26 -22.64
N HIS F 95 -64.73 -55.43 -21.52
CA HIS F 95 -64.73 -56.65 -20.66
C HIS F 95 -63.32 -56.82 -20.07
N ILE F 96 -62.68 -55.71 -19.70
CA ILE F 96 -61.31 -55.70 -19.12
C ILE F 96 -61.46 -55.46 -17.61
N LYS F 97 -60.89 -56.33 -16.80
CA LYS F 97 -60.86 -56.10 -15.32
C LYS F 97 -59.63 -55.22 -14.96
N VAL F 98 -59.73 -54.57 -13.81
CA VAL F 98 -58.80 -53.52 -13.37
C VAL F 98 -58.13 -53.93 -12.05
N TYR F 99 -56.80 -53.92 -12.01
CA TYR F 99 -56.00 -53.86 -10.76
C TYR F 99 -55.85 -52.37 -10.43
N ALA F 100 -56.47 -51.88 -9.36
CA ALA F 100 -56.44 -50.46 -8.98
C ALA F 100 -55.36 -50.24 -7.92
N THR F 101 -54.33 -49.44 -8.23
CA THR F 101 -53.22 -49.22 -7.29
C THR F 101 -53.52 -47.98 -6.45
N LEU F 102 -53.54 -48.14 -5.13
CA LEU F 102 -53.66 -47.02 -4.18
C LEU F 102 -52.37 -46.19 -4.26
N PHE F 103 -52.50 -44.96 -4.73
CA PHE F 103 -51.37 -44.06 -5.05
C PHE F 103 -51.76 -42.66 -4.66
N PRO F 104 -51.64 -42.31 -3.36
CA PRO F 104 -52.04 -40.99 -2.88
C PRO F 104 -51.23 -39.85 -3.53
N ASP F 105 -51.68 -38.63 -3.31
CA ASP F 105 -51.02 -37.41 -3.85
C ASP F 105 -49.52 -37.49 -3.49
N THR F 106 -48.66 -37.15 -4.43
CA THR F 106 -47.18 -37.14 -4.33
C THR F 106 -46.66 -36.24 -5.45
N GLU F 107 -45.41 -35.82 -5.38
CA GLU F 107 -44.84 -34.93 -6.41
C GLU F 107 -44.98 -35.57 -7.79
N PHE F 108 -45.20 -34.74 -8.79
CA PHE F 108 -45.21 -35.14 -10.21
C PHE F 108 -43.86 -35.80 -10.58
N THR F 109 -42.75 -35.39 -9.98
CA THR F 109 -41.40 -35.99 -10.23
C THR F 109 -41.21 -37.34 -9.51
N ASP F 110 -42.11 -37.72 -8.61
CA ASP F 110 -42.02 -38.98 -7.84
C ASP F 110 -42.59 -40.14 -8.68
N VAL F 111 -41.73 -40.86 -9.40
CA VAL F 111 -42.20 -41.90 -10.36
C VAL F 111 -42.86 -43.06 -9.60
N GLY F 112 -42.21 -43.58 -8.54
CA GLY F 112 -42.52 -44.89 -7.92
C GLY F 112 -43.56 -44.78 -6.82
N GLY F 113 -43.70 -43.60 -6.21
CA GLY F 113 -44.58 -43.36 -5.07
C GLY F 113 -43.83 -43.45 -3.76
N PHE F 114 -44.33 -42.77 -2.73
CA PHE F 114 -43.74 -42.80 -1.37
C PHE F 114 -44.05 -44.17 -0.78
N LYS F 115 -43.15 -44.64 0.11
CA LYS F 115 -43.14 -46.02 0.63
C LYS F 115 -43.71 -46.08 2.04
N PHE F 116 -43.77 -44.94 2.73
CA PHE F 116 -44.32 -44.77 4.09
C PHE F 116 -44.85 -43.35 4.23
N PRO F 117 -45.81 -43.08 5.12
CA PRO F 117 -46.24 -41.71 5.35
C PRO F 117 -45.08 -40.83 5.83
N HIS F 118 -45.09 -39.53 5.52
CA HIS F 118 -44.06 -38.52 5.84
C HIS F 118 -44.20 -38.11 7.31
N SER F 119 -45.44 -38.06 7.81
CA SER F 119 -45.85 -37.45 9.10
C SER F 119 -47.21 -38.02 9.51
N ARG F 120 -47.61 -37.80 10.76
CA ARG F 120 -48.97 -38.18 11.27
C ARG F 120 -50.02 -37.49 10.41
N GLU F 121 -49.81 -36.19 10.11
CA GLU F 121 -50.73 -35.38 9.26
C GLU F 121 -50.86 -36.11 7.90
N HIS F 122 -49.75 -36.53 7.30
CA HIS F 122 -49.76 -37.21 5.98
C HIS F 122 -50.51 -38.53 6.10
N GLN F 123 -50.34 -39.29 7.19
CA GLN F 123 -51.07 -40.56 7.38
C GLN F 123 -52.58 -40.30 7.30
N LYS F 124 -53.06 -39.20 7.86
CA LYS F 124 -54.52 -38.89 7.88
C LYS F 124 -54.98 -38.55 6.47
N GLU F 125 -54.14 -37.90 5.68
CA GLU F 125 -54.41 -37.63 4.24
C GLU F 125 -54.53 -38.98 3.54
N VAL F 126 -53.68 -39.95 3.88
CA VAL F 126 -53.72 -41.27 3.20
C VAL F 126 -55.02 -41.97 3.60
N GLU F 127 -55.41 -41.92 4.88
CA GLU F 127 -56.70 -42.49 5.40
C GLU F 127 -57.84 -41.95 4.55
N ASP F 128 -57.88 -40.63 4.43
CA ASP F 128 -58.93 -39.88 3.70
C ASP F 128 -58.93 -40.32 2.22
N TYR F 129 -57.75 -40.44 1.61
CA TYR F 129 -57.60 -40.87 0.19
C TYR F 129 -58.21 -42.27 0.03
N ILE F 130 -57.91 -43.17 0.96
CA ILE F 130 -58.37 -44.59 0.83
C ILE F 130 -59.90 -44.62 0.97
N LYS F 131 -60.43 -43.93 1.97
CA LYS F 131 -61.91 -43.88 2.21
C LYS F 131 -62.59 -43.48 0.90
N ASN F 132 -62.18 -42.35 0.33
CA ASN F 132 -62.80 -41.76 -0.89
C ASN F 132 -62.65 -42.74 -2.07
N VAL F 133 -61.43 -43.21 -2.33
CA VAL F 133 -61.14 -43.96 -3.59
C VAL F 133 -61.77 -45.35 -3.51
N VAL F 134 -61.67 -46.02 -2.37
CA VAL F 134 -62.14 -47.43 -2.23
C VAL F 134 -63.69 -47.43 -2.19
N SER F 135 -64.30 -46.52 -1.43
CA SER F 135 -65.78 -46.39 -1.33
C SER F 135 -66.34 -46.23 -2.74
N HIS F 136 -65.72 -45.40 -3.58
CA HIS F 136 -66.23 -45.13 -4.95
C HIS F 136 -65.94 -46.31 -5.89
N PHE F 137 -64.68 -46.71 -6.07
CA PHE F 137 -64.30 -47.64 -7.17
C PHE F 137 -64.62 -49.11 -6.80
N SER F 138 -64.85 -49.45 -5.54
CA SER F 138 -65.33 -50.81 -5.13
C SER F 138 -66.67 -51.14 -5.78
N GLN F 139 -67.43 -50.12 -6.19
CA GLN F 139 -68.76 -50.27 -6.81
C GLN F 139 -68.64 -50.69 -8.28
N TYR F 140 -67.48 -50.60 -8.93
CA TYR F 140 -67.33 -51.09 -10.34
C TYR F 140 -67.24 -52.61 -10.34
N LYS F 141 -68.03 -53.27 -11.19
CA LYS F 141 -68.06 -54.76 -11.25
C LYS F 141 -66.81 -55.27 -11.93
N ASN F 142 -66.04 -54.45 -12.64
CA ASN F 142 -64.83 -54.92 -13.36
C ASN F 142 -63.56 -54.71 -12.50
N LEU F 143 -63.68 -54.28 -11.23
CA LEU F 143 -62.52 -54.17 -10.29
C LEU F 143 -62.10 -55.58 -9.88
N ALA F 144 -60.85 -55.96 -10.16
CA ALA F 144 -60.35 -57.32 -9.84
C ALA F 144 -59.55 -57.33 -8.53
N ALA F 145 -58.90 -56.23 -8.17
CA ALA F 145 -57.93 -56.18 -7.04
C ALA F 145 -57.59 -54.74 -6.66
N TRP F 146 -57.35 -54.53 -5.37
CA TRP F 146 -56.63 -53.34 -4.86
C TRP F 146 -55.15 -53.69 -4.74
N VAL F 147 -54.28 -52.91 -5.37
CA VAL F 147 -52.83 -52.97 -5.10
C VAL F 147 -52.58 -51.97 -3.96
N LEU F 148 -52.21 -52.46 -2.79
CA LEU F 148 -52.23 -51.69 -1.52
C LEU F 148 -51.27 -50.51 -1.63
N ILE F 149 -50.15 -50.73 -2.31
CA ILE F 149 -49.07 -49.70 -2.47
C ILE F 149 -48.25 -50.11 -3.68
N ASN F 150 -47.82 -49.15 -4.50
CA ASN F 150 -46.94 -49.51 -5.63
C ASN F 150 -45.54 -49.78 -5.07
N GLU F 151 -44.99 -50.95 -5.36
CA GLU F 151 -43.54 -51.22 -5.12
C GLU F 151 -43.17 -50.87 -3.67
N PRO F 152 -43.68 -51.62 -2.66
CA PRO F 152 -43.25 -51.41 -1.27
C PRO F 152 -41.73 -51.62 -1.17
N GLY F 153 -41.12 -50.86 -0.27
CA GLY F 153 -39.67 -50.95 -0.02
C GLY F 153 -38.90 -49.95 -0.86
N THR F 154 -37.83 -49.46 -0.27
CA THR F 154 -36.83 -48.60 -0.93
C THR F 154 -35.47 -48.90 -0.30
N PRO F 155 -34.38 -48.81 -1.11
CA PRO F 155 -33.03 -48.91 -0.55
C PRO F 155 -32.76 -47.80 0.50
N ASN F 156 -33.23 -46.57 0.23
CA ASN F 156 -32.97 -45.34 1.05
C ASN F 156 -34.21 -45.01 1.89
N LEU F 157 -34.39 -45.71 3.00
CA LEU F 157 -35.56 -45.51 3.88
C LEU F 157 -35.45 -44.16 4.57
N PRO F 158 -36.56 -43.44 4.75
CA PRO F 158 -36.47 -42.06 5.21
C PRO F 158 -36.40 -41.93 6.74
N PHE F 159 -35.29 -42.34 7.36
CA PHE F 159 -35.04 -42.26 8.83
C PHE F 159 -35.03 -40.81 9.33
N ASN F 160 -34.83 -39.84 8.43
CA ASN F 160 -34.83 -38.37 8.70
C ASN F 160 -36.28 -37.82 8.88
N GLU F 161 -37.27 -38.36 8.18
CA GLU F 161 -38.64 -37.77 8.19
C GLU F 161 -39.33 -38.17 9.49
N PRO F 162 -40.16 -37.26 10.07
CA PRO F 162 -40.65 -37.42 11.44
C PRO F 162 -41.38 -38.74 11.71
N PHE F 163 -42.23 -39.18 10.79
CA PHE F 163 -43.08 -40.37 11.01
C PHE F 163 -42.21 -41.61 11.25
N THR F 164 -41.26 -41.87 10.35
CA THR F 164 -40.35 -43.03 10.43
C THR F 164 -39.43 -42.90 11.66
N LYS F 165 -38.93 -41.70 11.95
CA LYS F 165 -37.98 -41.47 13.07
C LYS F 165 -38.68 -41.76 14.40
N GLU F 166 -39.92 -41.33 14.54
CA GLU F 166 -40.75 -41.57 15.74
C GLU F 166 -40.98 -43.08 15.88
N ARG F 167 -41.35 -43.75 14.79
CA ARG F 167 -41.70 -45.19 14.84
C ARG F 167 -40.47 -46.00 15.25
N PHE F 168 -39.29 -45.67 14.72
CA PHE F 168 -38.02 -46.38 15.02
C PHE F 168 -37.71 -46.19 16.50
N SER F 169 -37.80 -44.96 17.01
CA SER F 169 -37.62 -44.63 18.45
C SER F 169 -38.54 -45.50 19.31
N ASP F 170 -39.85 -45.49 19.05
CA ASP F 170 -40.85 -46.31 19.79
C ASP F 170 -40.48 -47.79 19.72
N TRP F 171 -40.14 -48.29 18.53
CA TRP F 171 -39.77 -49.71 18.34
C TRP F 171 -38.59 -50.08 19.24
N LYS F 172 -37.56 -49.23 19.32
CA LYS F 172 -36.33 -49.49 20.11
C LYS F 172 -36.67 -49.54 21.59
N LYS F 173 -37.52 -48.62 22.05
CA LYS F 173 -38.00 -48.55 23.46
C LYS F 173 -38.74 -49.84 23.82
N GLU F 174 -39.46 -50.47 22.89
CA GLU F 174 -40.28 -51.67 23.20
C GLU F 174 -39.48 -52.95 22.95
N HIS F 175 -38.24 -52.89 22.49
CA HIS F 175 -37.38 -54.08 22.28
C HIS F 175 -36.12 -53.92 23.13
N ASN F 176 -35.97 -54.65 24.23
CA ASN F 176 -34.70 -54.61 25.00
C ASN F 176 -33.71 -55.60 24.36
N PHE F 177 -32.53 -55.13 23.99
CA PHE F 177 -31.42 -55.96 23.47
C PHE F 177 -30.28 -55.96 24.49
N SER F 178 -29.42 -56.95 24.48
CA SER F 178 -28.19 -56.96 25.30
C SER F 178 -26.99 -56.83 24.35
N GLU F 179 -25.88 -56.27 24.82
CA GLU F 179 -24.62 -56.10 24.03
C GLU F 179 -23.81 -57.41 24.03
N TYR F 180 -24.23 -58.45 24.76
CA TYR F 180 -23.47 -59.74 24.86
C TYR F 180 -24.43 -60.92 24.69
N ASN F 181 -23.96 -62.05 24.18
CA ASN F 181 -24.77 -63.29 24.09
C ASN F 181 -24.66 -64.05 25.41
N GLU F 182 -25.33 -65.20 25.49
CA GLU F 182 -25.39 -66.04 26.71
C GLU F 182 -23.96 -66.39 27.13
N LYS F 183 -23.09 -66.74 26.19
CA LYS F 183 -21.69 -67.15 26.49
C LYS F 183 -20.83 -65.96 26.93
N GLY F 184 -21.28 -64.71 26.76
CA GLY F 184 -20.58 -63.49 27.21
C GLY F 184 -19.97 -62.68 26.05
N TYR F 185 -19.94 -63.22 24.83
CA TYR F 185 -19.27 -62.56 23.65
C TYR F 185 -20.06 -61.32 23.22
N PRO F 186 -19.38 -60.26 22.75
CA PRO F 186 -20.06 -59.11 22.17
C PRO F 186 -20.90 -59.55 20.96
N VAL F 187 -21.96 -58.82 20.70
CA VAL F 187 -22.96 -59.11 19.64
C VAL F 187 -23.33 -57.82 18.90
N LEU F 188 -23.79 -57.95 17.66
CA LEU F 188 -24.62 -56.94 16.94
C LEU F 188 -26.06 -57.41 16.97
N ASN F 189 -27.04 -56.51 17.04
CA ASN F 189 -28.47 -56.91 17.20
C ASN F 189 -29.29 -56.50 15.97
N PHE F 190 -28.77 -55.69 15.05
CA PHE F 190 -29.43 -55.36 13.77
C PHE F 190 -30.81 -54.74 14.06
N GLU F 191 -30.84 -53.78 14.96
CA GLU F 191 -32.07 -53.05 15.36
C GLU F 191 -32.70 -52.38 14.12
N LYS F 192 -31.90 -51.73 13.30
CA LYS F 192 -32.37 -51.00 12.08
C LYS F 192 -33.07 -52.02 11.16
N GLU F 193 -32.38 -53.12 10.86
CA GLU F 193 -32.87 -54.13 9.88
C GLU F 193 -34.17 -54.76 10.40
N ASN F 194 -34.22 -55.08 11.68
CA ASN F 194 -35.39 -55.78 12.30
C ASN F 194 -36.56 -54.80 12.36
N PHE F 195 -36.32 -53.57 12.75
CA PHE F 195 -37.36 -52.52 12.69
C PHE F 195 -37.91 -52.39 11.26
N ILE F 196 -37.03 -52.35 10.25
CA ILE F 196 -37.46 -52.12 8.83
C ILE F 196 -38.42 -53.24 8.41
N ILE F 197 -38.12 -54.50 8.76
CA ILE F 197 -39.02 -55.65 8.49
C ILE F 197 -40.39 -55.36 9.13
N ASP F 198 -40.41 -54.98 10.41
CA ASP F 198 -41.67 -54.82 11.19
C ASP F 198 -42.44 -53.60 10.66
N TYR F 199 -41.71 -52.59 10.16
CA TYR F 199 -42.30 -51.33 9.64
C TYR F 199 -43.03 -51.61 8.32
N HIS F 200 -42.41 -52.39 7.43
CA HIS F 200 -43.06 -52.84 6.17
C HIS F 200 -44.29 -53.65 6.54
N ASN F 201 -44.13 -54.66 7.41
CA ASN F 201 -45.28 -55.47 7.92
C ASN F 201 -46.39 -54.53 8.39
N TRP F 202 -46.06 -53.53 9.21
CA TRP F 202 -47.07 -52.65 9.82
C TRP F 202 -47.78 -51.83 8.74
N TYR F 203 -47.06 -51.18 7.83
CA TYR F 203 -47.69 -50.24 6.88
C TYR F 203 -48.55 -51.03 5.90
N LEU F 204 -48.07 -52.16 5.37
CA LEU F 204 -48.85 -52.93 4.39
C LEU F 204 -50.12 -53.48 5.07
N ASN F 205 -49.99 -53.96 6.31
CA ASN F 205 -51.13 -54.50 7.11
C ASN F 205 -52.11 -53.34 7.37
N TRP F 206 -51.62 -52.15 7.69
CA TRP F 206 -52.46 -50.97 7.98
C TRP F 206 -53.21 -50.55 6.72
N LEU F 207 -52.56 -50.56 5.56
CA LEU F 207 -53.20 -50.27 4.26
C LEU F 207 -54.32 -51.29 4.03
N ALA F 208 -54.05 -52.58 4.24
CA ALA F 208 -55.05 -53.66 4.07
C ALA F 208 -56.26 -53.38 4.98
N ASN F 209 -56.04 -53.03 6.24
CA ASN F 209 -57.13 -52.76 7.21
C ASN F 209 -57.90 -51.52 6.77
N GLN F 210 -57.22 -50.50 6.24
CA GLN F 210 -57.90 -49.27 5.77
C GLN F 210 -58.83 -49.64 4.60
N VAL F 211 -58.35 -50.42 3.63
CA VAL F 211 -59.20 -50.87 2.49
C VAL F 211 -60.40 -51.65 3.06
N ARG F 212 -60.15 -52.55 4.01
CA ARG F 212 -61.15 -53.52 4.55
C ARG F 212 -62.26 -52.75 5.29
N LEU F 213 -62.01 -51.55 5.81
CA LEU F 213 -63.07 -50.70 6.42
C LEU F 213 -64.18 -50.44 5.38
N TYR F 214 -63.88 -50.46 4.08
CA TYR F 214 -64.81 -50.01 3.03
C TYR F 214 -65.06 -51.08 1.98
N ASP F 215 -64.25 -52.12 1.90
CA ASP F 215 -64.41 -53.15 0.84
C ASP F 215 -63.81 -54.46 1.37
N LYS F 216 -64.67 -55.44 1.64
CA LYS F 216 -64.29 -56.80 2.10
C LYS F 216 -64.41 -57.77 0.93
N GLN F 217 -64.75 -57.29 -0.27
CA GLN F 217 -65.15 -58.11 -1.43
C GLN F 217 -63.95 -58.39 -2.36
N HIS F 218 -63.05 -57.42 -2.55
CA HIS F 218 -62.02 -57.52 -3.61
C HIS F 218 -60.67 -57.99 -3.05
N ASP F 219 -59.96 -58.76 -3.87
CA ASP F 219 -58.56 -59.21 -3.65
C ASP F 219 -57.63 -58.05 -3.27
N LEU F 220 -56.76 -58.27 -2.28
CA LEU F 220 -55.66 -57.37 -1.92
C LEU F 220 -54.35 -57.95 -2.48
N HIS F 221 -53.56 -57.09 -3.09
CA HIS F 221 -52.37 -57.43 -3.89
C HIS F 221 -51.27 -56.41 -3.59
N VAL F 222 -50.01 -56.81 -3.79
CA VAL F 222 -48.87 -55.88 -3.64
C VAL F 222 -47.69 -56.41 -4.47
N ASN F 223 -46.83 -55.50 -4.98
CA ASN F 223 -45.75 -55.83 -5.94
C ASN F 223 -44.38 -55.49 -5.36
N PRO F 224 -43.75 -56.38 -4.55
CA PRO F 224 -42.36 -56.20 -4.15
C PRO F 224 -41.48 -56.15 -5.40
N HIS F 225 -40.35 -55.48 -5.29
CA HIS F 225 -39.55 -55.12 -6.49
C HIS F 225 -38.06 -55.23 -6.21
N ASN F 226 -37.28 -55.30 -7.28
CA ASN F 226 -35.81 -55.29 -7.15
C ASN F 226 -35.44 -56.34 -6.08
N VAL F 227 -35.99 -57.54 -6.21
CA VAL F 227 -36.01 -58.53 -5.08
C VAL F 227 -34.60 -59.04 -4.81
N PHE F 228 -33.67 -59.03 -5.77
CA PHE F 228 -32.31 -59.52 -5.51
C PHE F 228 -31.53 -58.55 -4.60
N LYS F 229 -32.02 -57.34 -4.40
CA LYS F 229 -31.41 -56.35 -3.47
C LYS F 229 -32.32 -56.11 -2.26
N LEU F 230 -33.65 -56.11 -2.41
CA LEU F 230 -34.59 -55.60 -1.37
C LEU F 230 -35.25 -56.77 -0.62
N SER F 231 -34.87 -58.00 -0.89
CA SER F 231 -35.44 -59.20 -0.21
C SER F 231 -35.28 -59.08 1.32
N GLY F 232 -34.29 -58.31 1.80
CA GLY F 232 -34.04 -58.14 3.24
C GLY F 232 -34.99 -57.15 3.88
N LEU F 233 -35.88 -56.53 3.09
CA LEU F 233 -36.98 -55.66 3.56
C LEU F 233 -38.28 -56.47 3.75
N TYR F 234 -38.33 -57.66 3.18
CA TYR F 234 -39.60 -58.35 2.84
C TYR F 234 -39.79 -59.62 3.70
N ASP F 235 -40.82 -59.59 4.55
CA ASP F 235 -41.28 -60.76 5.35
C ASP F 235 -42.57 -61.33 4.68
N PHE F 236 -42.41 -62.14 3.66
CA PHE F 236 -43.55 -62.57 2.82
C PHE F 236 -44.51 -63.42 3.68
N PRO F 237 -44.02 -64.34 4.55
CA PRO F 237 -44.92 -65.13 5.41
C PRO F 237 -45.86 -64.22 6.21
N THR F 238 -45.42 -63.12 6.79
CA THR F 238 -46.36 -62.22 7.52
C THR F 238 -47.34 -61.58 6.53
N TRP F 239 -46.89 -61.21 5.33
CA TRP F 239 -47.76 -60.52 4.33
C TRP F 239 -48.96 -61.40 3.94
N ARG F 240 -48.76 -62.72 3.89
CA ARG F 240 -49.82 -63.71 3.57
C ARG F 240 -51.02 -63.50 4.48
N THR F 241 -50.81 -63.06 5.73
CA THR F 241 -51.93 -62.94 6.70
C THR F 241 -52.92 -61.88 6.22
N PHE F 242 -52.58 -60.94 5.32
CA PHE F 242 -53.53 -59.87 4.94
C PHE F 242 -53.68 -59.76 3.40
N LEU F 243 -52.96 -60.54 2.61
CA LEU F 243 -53.08 -60.47 1.12
C LEU F 243 -53.95 -61.60 0.61
N ASN F 244 -54.53 -61.44 -0.58
CA ASN F 244 -55.15 -62.55 -1.33
C ASN F 244 -54.19 -63.02 -2.42
N SER F 245 -53.28 -62.17 -2.88
CA SER F 245 -52.26 -62.62 -3.88
C SER F 245 -50.97 -61.82 -3.70
N LEU F 246 -49.84 -62.43 -3.99
CA LEU F 246 -48.55 -61.72 -4.01
C LEU F 246 -48.19 -61.39 -5.45
N GLY F 247 -47.67 -60.20 -5.65
CA GLY F 247 -47.22 -59.69 -6.94
C GLY F 247 -45.71 -59.52 -6.98
N GLY F 248 -45.25 -58.70 -7.91
CA GLY F 248 -43.83 -58.43 -8.20
C GLY F 248 -43.70 -57.51 -9.40
N SER F 249 -42.74 -56.60 -9.34
CA SER F 249 -42.15 -55.92 -10.50
C SER F 249 -40.84 -56.65 -10.82
N ALA F 250 -40.74 -57.16 -12.04
CA ALA F 250 -39.51 -57.81 -12.55
C ALA F 250 -39.13 -57.16 -13.88
N HIS F 251 -38.43 -56.02 -13.80
CA HIS F 251 -38.05 -55.21 -14.98
C HIS F 251 -36.62 -55.50 -15.40
N ALA F 252 -36.42 -55.90 -16.66
CA ALA F 252 -35.10 -56.14 -17.24
C ALA F 252 -34.19 -54.92 -17.06
N SER F 253 -34.74 -53.69 -17.05
CA SER F 253 -33.90 -52.47 -17.07
C SER F 253 -33.62 -51.97 -15.64
N TRP F 254 -34.30 -52.49 -14.62
CA TRP F 254 -34.11 -52.03 -13.23
C TRP F 254 -33.55 -53.14 -12.32
N HIS F 255 -33.90 -54.42 -12.53
CA HIS F 255 -33.81 -55.42 -11.42
C HIS F 255 -32.80 -56.53 -11.68
N PHE F 256 -32.22 -56.58 -12.87
CA PHE F 256 -31.43 -57.75 -13.33
C PHE F 256 -29.96 -57.36 -13.53
N GLY F 257 -29.51 -56.32 -12.85
CA GLY F 257 -28.09 -55.85 -12.91
C GLY F 257 -27.09 -56.96 -12.59
N TYR F 258 -27.48 -57.96 -11.80
CA TYR F 258 -26.54 -59.05 -11.45
C TYR F 258 -26.34 -59.98 -12.64
N PHE F 259 -27.03 -59.80 -13.76
CA PHE F 259 -26.95 -60.72 -14.93
C PHE F 259 -26.65 -59.97 -16.21
N PRO F 260 -25.99 -60.61 -17.19
CA PRO F 260 -26.02 -60.08 -18.56
C PRO F 260 -27.41 -60.37 -19.22
N ARG F 261 -27.70 -59.65 -20.29
CA ARG F 261 -28.99 -59.71 -20.99
C ARG F 261 -29.30 -61.15 -21.43
N LYS F 262 -28.29 -61.88 -21.92
CA LYS F 262 -28.47 -63.27 -22.39
C LYS F 262 -28.94 -64.17 -21.24
N ALA F 263 -28.86 -63.74 -19.97
CA ALA F 263 -29.27 -64.58 -18.82
C ALA F 263 -30.49 -63.99 -18.11
N TYR F 264 -31.23 -63.10 -18.78
CA TYR F 264 -32.46 -62.52 -18.17
C TYR F 264 -33.52 -63.62 -18.07
N THR F 265 -33.37 -64.73 -18.80
CA THR F 265 -34.17 -65.98 -18.62
C THR F 265 -34.01 -66.47 -17.19
N VAL F 266 -32.76 -66.63 -16.77
CA VAL F 266 -32.36 -67.11 -15.43
C VAL F 266 -32.83 -66.10 -14.37
N ALA F 267 -32.64 -64.80 -14.65
CA ALA F 267 -33.06 -63.75 -13.72
C ALA F 267 -34.58 -63.82 -13.49
N MET F 268 -35.35 -63.98 -14.55
CA MET F 268 -36.83 -63.96 -14.45
C MET F 268 -37.28 -65.26 -13.75
N SER F 269 -36.63 -66.37 -14.05
CA SER F 269 -36.93 -67.67 -13.40
C SER F 269 -36.70 -67.56 -11.90
N ALA F 270 -35.55 -67.00 -11.49
CA ALA F 270 -35.26 -66.82 -10.05
C ALA F 270 -36.25 -65.83 -9.43
N ASN F 271 -36.56 -64.75 -10.12
CA ASN F 271 -37.49 -63.70 -9.58
C ASN F 271 -38.85 -64.38 -9.38
N ALA F 272 -39.27 -65.21 -10.32
CA ALA F 272 -40.57 -65.93 -10.25
C ALA F 272 -40.54 -66.92 -9.09
N GLU F 273 -39.45 -67.66 -8.96
CA GLU F 273 -39.35 -68.67 -7.86
C GLU F 273 -39.40 -67.95 -6.52
N LEU F 274 -38.76 -66.79 -6.44
CA LEU F 274 -38.62 -66.06 -5.15
C LEU F 274 -40.03 -65.58 -4.76
N ILE F 275 -40.81 -65.09 -5.73
CA ILE F 275 -42.17 -64.56 -5.41
C ILE F 275 -43.08 -65.76 -5.07
N ARG F 276 -43.00 -66.81 -5.86
CA ARG F 276 -43.76 -68.07 -5.62
C ARG F 276 -43.50 -68.54 -4.19
N SER F 277 -42.22 -68.61 -3.78
CA SER F 277 -41.88 -69.02 -2.39
C SER F 277 -42.56 -68.06 -1.41
N GLY F 278 -42.46 -66.76 -1.64
CA GLY F 278 -43.06 -65.77 -0.73
C GLY F 278 -44.55 -65.95 -0.67
N ALA F 279 -45.16 -66.32 -1.79
CA ALA F 279 -46.64 -66.45 -1.89
C ALA F 279 -47.13 -67.58 -0.98
N GLY F 280 -46.37 -68.68 -0.85
CA GLY F 280 -46.76 -69.87 -0.05
C GLY F 280 -48.09 -70.40 -0.49
N GLU F 281 -49.15 -70.32 0.34
CA GLU F 281 -50.48 -70.89 -0.01
C GLU F 281 -51.22 -69.93 -0.97
N LEU F 282 -50.87 -68.64 -0.98
CA LEU F 282 -51.50 -67.64 -1.86
C LEU F 282 -51.09 -67.87 -3.31
N PRO F 283 -51.98 -67.56 -4.27
CA PRO F 283 -51.57 -67.46 -5.65
C PRO F 283 -50.70 -66.20 -5.85
N TRP F 284 -49.89 -66.21 -6.90
CA TRP F 284 -49.05 -65.05 -7.26
C TRP F 284 -49.16 -64.76 -8.75
N LEU F 285 -48.78 -63.53 -9.13
CA LEU F 285 -48.66 -63.11 -10.54
C LEU F 285 -47.62 -62.00 -10.62
N MET F 286 -47.07 -61.77 -11.80
CA MET F 286 -46.07 -60.70 -11.99
C MET F 286 -46.82 -59.40 -12.34
N THR F 287 -46.93 -58.49 -11.37
CA THR F 287 -47.69 -57.22 -11.50
C THR F 287 -47.07 -56.30 -12.54
N GLU F 288 -45.74 -56.34 -12.72
CA GLU F 288 -45.05 -55.51 -13.74
C GLU F 288 -43.96 -56.28 -14.44
N LEU F 289 -43.97 -56.30 -15.78
CA LEU F 289 -42.87 -56.75 -16.66
C LEU F 289 -42.57 -55.61 -17.63
N GLN F 290 -41.38 -55.55 -18.20
CA GLN F 290 -40.99 -54.39 -19.06
C GLN F 290 -41.67 -54.55 -20.42
N GLY F 291 -42.55 -53.62 -20.77
CA GLY F 291 -43.32 -53.66 -22.04
C GLY F 291 -42.67 -52.93 -23.22
N GLY F 292 -41.62 -52.16 -22.99
CA GLY F 292 -41.13 -51.24 -24.02
C GLY F 292 -39.80 -50.59 -23.68
N ASN F 293 -39.52 -49.52 -24.41
CA ASN F 293 -38.17 -48.99 -24.67
C ASN F 293 -37.77 -48.07 -23.52
N ASN F 294 -36.51 -48.17 -23.09
CA ASN F 294 -35.85 -47.12 -22.28
C ASN F 294 -35.23 -46.11 -23.23
N LEU F 295 -35.62 -44.85 -23.08
CA LEU F 295 -34.95 -43.73 -23.77
C LEU F 295 -33.88 -43.16 -22.81
N TYR F 296 -34.31 -42.43 -21.79
CA TYR F 296 -33.49 -41.87 -20.68
C TYR F 296 -33.61 -42.71 -19.41
N SER F 297 -34.65 -43.53 -19.22
CA SER F 297 -34.91 -44.26 -17.94
C SER F 297 -34.13 -45.57 -17.88
N GLY F 298 -34.15 -46.21 -16.71
CA GLY F 298 -33.59 -47.57 -16.54
C GLY F 298 -32.12 -47.52 -16.15
N ALA F 299 -31.63 -48.54 -15.43
CA ALA F 299 -30.21 -48.69 -15.05
C ALA F 299 -29.51 -49.49 -16.15
N ASN F 300 -30.18 -50.52 -16.67
CA ASN F 300 -29.62 -51.37 -17.75
C ASN F 300 -30.56 -51.27 -18.94
N PRO F 301 -30.54 -50.14 -19.68
CA PRO F 301 -31.64 -49.85 -20.60
C PRO F 301 -31.73 -50.86 -21.75
N LEU F 302 -32.95 -51.14 -22.19
CA LEU F 302 -33.16 -51.99 -23.38
C LEU F 302 -34.52 -51.66 -23.99
N CYS F 303 -34.74 -52.21 -25.19
CA CYS F 303 -36.07 -52.43 -25.74
C CYS F 303 -36.21 -53.94 -25.83
N PRO F 304 -37.08 -54.55 -25.02
CA PRO F 304 -37.27 -56.00 -25.08
C PRO F 304 -37.55 -56.42 -26.55
N THR F 305 -36.94 -57.53 -26.98
CA THR F 305 -37.34 -58.22 -28.23
C THR F 305 -38.71 -58.87 -28.03
N ALA F 306 -39.41 -59.09 -29.14
CA ALA F 306 -40.59 -59.97 -29.21
C ALA F 306 -40.25 -61.30 -28.54
N GLU F 307 -39.06 -61.83 -28.82
CA GLU F 307 -38.61 -63.15 -28.31
C GLU F 307 -38.56 -63.13 -26.79
N GLU F 308 -38.08 -62.01 -26.19
CA GLU F 308 -37.93 -61.85 -24.72
C GLU F 308 -39.32 -61.76 -24.09
N ILE F 309 -40.28 -61.09 -24.74
CA ILE F 309 -41.66 -60.98 -24.18
C ILE F 309 -42.23 -62.40 -23.99
N ILE F 310 -42.05 -63.25 -24.98
CA ILE F 310 -42.58 -64.64 -24.99
C ILE F 310 -41.81 -65.44 -23.92
N GLN F 311 -40.48 -65.33 -23.88
CA GLN F 311 -39.64 -65.96 -22.84
C GLN F 311 -40.17 -65.60 -21.45
N TRP F 312 -40.41 -64.33 -21.17
CA TRP F 312 -40.73 -63.92 -19.78
C TRP F 312 -42.11 -64.45 -19.40
N LEU F 313 -43.08 -64.38 -20.30
CA LEU F 313 -44.47 -64.84 -19.99
C LEU F 313 -44.45 -66.34 -19.70
N TRP F 314 -43.77 -67.14 -20.53
CA TRP F 314 -43.73 -68.61 -20.33
C TRP F 314 -43.00 -68.94 -19.02
N ILE F 315 -41.87 -68.29 -18.71
CA ILE F 315 -41.13 -68.56 -17.45
C ILE F 315 -42.10 -68.35 -16.27
N ASN F 316 -42.84 -67.24 -16.27
CA ASN F 316 -43.71 -66.88 -15.13
C ASN F 316 -44.84 -67.94 -15.01
N PHE F 317 -45.52 -68.28 -16.11
CA PHE F 317 -46.65 -69.24 -16.12
C PHE F 317 -46.16 -70.62 -15.68
N ALA F 318 -44.97 -71.02 -16.13
CA ALA F 318 -44.34 -72.31 -15.75
C ALA F 318 -43.99 -72.32 -14.24
N THR F 319 -43.93 -71.15 -13.61
CA THR F 319 -43.58 -70.97 -12.18
C THR F 319 -44.88 -70.61 -11.42
N GLU F 320 -46.05 -70.93 -12.01
CA GLU F 320 -47.40 -70.89 -11.37
C GLU F 320 -48.01 -69.47 -11.37
N ALA F 321 -47.44 -68.53 -12.13
CA ALA F 321 -47.98 -67.17 -12.19
C ALA F 321 -49.42 -67.24 -12.69
N LYS F 322 -50.31 -66.48 -12.07
CA LYS F 322 -51.72 -66.37 -12.49
C LYS F 322 -51.87 -65.18 -13.45
N GLY F 323 -50.77 -64.52 -13.79
CA GLY F 323 -50.83 -63.30 -14.58
C GLY F 323 -49.46 -62.74 -14.90
N GLY F 324 -49.36 -62.05 -16.02
CA GLY F 324 -48.26 -61.17 -16.40
C GLY F 324 -48.82 -59.84 -16.86
N ILE F 325 -48.54 -58.76 -16.15
CA ILE F 325 -48.97 -57.37 -16.51
C ILE F 325 -47.75 -56.57 -16.96
N PHE F 326 -47.77 -56.01 -18.17
CA PHE F 326 -46.66 -55.22 -18.74
C PHE F 326 -46.81 -53.76 -18.31
N TRP F 327 -45.74 -53.20 -17.76
CA TRP F 327 -45.55 -51.74 -17.70
C TRP F 327 -44.85 -51.35 -19.00
N SER F 328 -45.55 -50.75 -19.95
CA SER F 328 -46.93 -50.28 -19.86
C SER F 328 -47.58 -50.42 -21.23
N PHE F 329 -48.91 -50.38 -21.28
CA PHE F 329 -49.60 -50.49 -22.58
C PHE F 329 -49.26 -49.25 -23.40
N ASN F 330 -49.62 -48.10 -22.82
CA ASN F 330 -49.40 -46.74 -23.37
C ASN F 330 -48.36 -46.02 -22.50
N ALA F 331 -47.79 -44.93 -23.00
CA ALA F 331 -46.70 -44.17 -22.35
C ALA F 331 -47.25 -42.97 -21.57
N ARG F 332 -46.54 -42.59 -20.51
CA ARG F 332 -46.61 -41.25 -19.89
C ARG F 332 -46.29 -40.23 -20.98
N SER F 333 -46.74 -38.99 -20.84
CA SER F 333 -46.56 -37.97 -21.90
C SER F 333 -45.52 -36.92 -21.51
N THR F 334 -45.28 -36.71 -20.21
CA THR F 334 -44.43 -35.56 -19.76
C THR F 334 -43.29 -36.02 -18.84
N ALA F 335 -42.08 -35.49 -19.09
CA ALA F 335 -40.90 -35.63 -18.20
C ALA F 335 -40.53 -37.10 -18.01
N ALA F 336 -40.44 -37.62 -16.79
CA ALA F 336 -39.80 -38.94 -16.57
C ALA F 336 -40.61 -39.98 -17.33
N GLU F 337 -39.92 -40.72 -18.20
CA GLU F 337 -40.47 -41.87 -18.96
C GLU F 337 -41.53 -41.42 -20.00
N ALA F 338 -41.58 -40.13 -20.38
CA ALA F 338 -42.43 -39.65 -21.49
C ALA F 338 -42.11 -40.43 -22.76
N GLY F 339 -43.10 -41.16 -23.29
CA GLY F 339 -42.93 -41.97 -24.53
C GLY F 339 -42.01 -43.16 -24.33
N GLU F 340 -41.87 -43.59 -23.08
CA GLU F 340 -41.04 -44.78 -22.76
C GLU F 340 -41.95 -45.89 -22.24
N TRP F 341 -41.47 -47.13 -22.36
CA TRP F 341 -41.98 -48.35 -21.69
C TRP F 341 -43.18 -48.96 -22.44
N ALA F 342 -43.69 -48.34 -23.51
CA ALA F 342 -45.03 -48.69 -24.05
C ALA F 342 -44.92 -49.85 -25.02
N MET F 343 -45.94 -50.70 -24.99
CA MET F 343 -46.09 -51.84 -25.91
C MET F 343 -46.61 -51.32 -27.26
N ILE F 344 -47.37 -50.23 -27.23
CA ILE F 344 -47.93 -49.64 -28.47
C ILE F 344 -46.95 -48.58 -28.95
N ASN F 345 -46.93 -48.35 -30.26
CA ASN F 345 -46.03 -47.36 -30.90
C ASN F 345 -46.69 -45.97 -30.79
N PHE F 346 -46.09 -44.95 -31.37
CA PHE F 346 -46.56 -43.56 -31.17
C PHE F 346 -47.85 -43.30 -31.97
N LYS F 347 -48.24 -44.21 -32.86
CA LYS F 347 -49.54 -44.15 -33.59
C LYS F 347 -50.57 -45.05 -32.88
N ASN F 348 -50.27 -45.52 -31.68
CA ASN F 348 -51.21 -46.31 -30.85
C ASN F 348 -51.52 -47.65 -31.51
N LYS F 349 -50.63 -48.16 -32.37
CA LYS F 349 -50.71 -49.51 -32.96
C LYS F 349 -49.68 -50.45 -32.30
N SER F 350 -49.77 -51.73 -32.62
CA SER F 350 -48.96 -52.81 -31.99
C SER F 350 -47.47 -52.71 -32.38
N SER F 351 -46.58 -52.70 -31.42
CA SER F 351 -45.15 -53.05 -31.63
C SER F 351 -45.05 -54.58 -31.80
N ASP F 352 -43.91 -55.10 -32.23
CA ASP F 352 -43.65 -56.57 -32.28
C ASP F 352 -43.82 -57.14 -30.87
N ARG F 353 -43.69 -56.32 -29.83
CA ARG F 353 -43.79 -56.79 -28.42
C ARG F 353 -45.27 -57.10 -28.10
N LEU F 354 -46.19 -56.25 -28.52
CA LEU F 354 -47.63 -56.47 -28.25
C LEU F 354 -48.13 -57.67 -29.08
N ILE F 355 -47.68 -57.80 -30.34
CA ILE F 355 -48.00 -58.96 -31.22
C ILE F 355 -47.53 -60.25 -30.52
N ALA F 356 -46.32 -60.24 -29.94
CA ALA F 356 -45.79 -61.41 -29.23
C ALA F 356 -46.67 -61.71 -28.01
N ALA F 357 -46.94 -60.72 -27.17
CA ALA F 357 -47.78 -60.90 -25.97
C ALA F 357 -49.15 -61.48 -26.39
N ALA F 358 -49.71 -61.00 -27.51
CA ALA F 358 -51.04 -61.41 -28.01
C ALA F 358 -51.03 -62.93 -28.29
N THR F 359 -49.94 -63.50 -28.84
CA THR F 359 -49.85 -64.96 -29.11
C THR F 359 -50.02 -65.71 -27.81
N ILE F 360 -49.57 -65.17 -26.70
CA ILE F 360 -49.65 -65.92 -25.40
C ILE F 360 -51.08 -65.83 -24.84
N GLY F 361 -51.73 -64.68 -24.88
CA GLY F 361 -53.12 -64.53 -24.45
C GLY F 361 -54.02 -65.48 -25.23
N LYS F 362 -53.75 -65.64 -26.54
CA LYS F 362 -54.48 -66.53 -27.48
C LYS F 362 -54.21 -67.98 -27.06
N PHE F 363 -52.95 -68.35 -26.83
CA PHE F 363 -52.61 -69.72 -26.38
C PHE F 363 -53.40 -70.04 -25.13
N ILE F 364 -53.50 -69.12 -24.17
CA ILE F 364 -54.25 -69.39 -22.91
C ILE F 364 -55.70 -69.74 -23.27
N THR F 365 -56.40 -68.89 -24.05
CA THR F 365 -57.88 -69.06 -24.27
C THR F 365 -58.12 -70.37 -25.04
N GLU F 366 -57.13 -70.87 -25.79
CA GLU F 366 -57.18 -72.14 -26.58
C GLU F 366 -56.74 -73.34 -25.74
N ASN F 367 -56.19 -73.16 -24.55
CA ASN F 367 -55.70 -74.28 -23.70
C ASN F 367 -56.11 -74.01 -22.25
N VAL F 368 -57.37 -73.61 -22.00
CA VAL F 368 -57.82 -73.06 -20.69
C VAL F 368 -57.50 -74.04 -19.58
N LYS F 369 -57.76 -75.33 -19.77
CA LYS F 369 -57.70 -76.30 -18.65
C LYS F 369 -56.23 -76.49 -18.26
N MET F 370 -55.36 -76.76 -19.24
CA MET F 370 -53.90 -76.90 -19.02
C MET F 370 -53.38 -75.66 -18.29
N MET F 371 -53.63 -74.47 -18.82
CA MET F 371 -52.99 -73.21 -18.32
C MET F 371 -53.57 -72.81 -16.96
N SER F 372 -54.77 -73.27 -16.58
CA SER F 372 -55.43 -72.84 -15.32
C SER F 372 -54.92 -73.65 -14.13
N ASN F 373 -54.21 -74.76 -14.33
CA ASN F 373 -53.90 -75.74 -13.25
C ASN F 373 -52.40 -76.01 -13.19
N ILE F 374 -51.57 -75.12 -13.72
CA ILE F 374 -50.09 -75.30 -13.72
C ILE F 374 -49.62 -75.39 -12.27
N LYS F 375 -48.81 -76.41 -12.01
CA LYS F 375 -48.06 -76.66 -10.77
C LYS F 375 -46.62 -76.92 -11.20
N THR F 376 -45.67 -76.20 -10.62
CA THR F 376 -44.24 -76.37 -10.96
C THR F 376 -43.88 -77.80 -10.55
N LEU F 377 -43.12 -78.50 -11.37
CA LEU F 377 -42.57 -79.83 -11.00
C LEU F 377 -41.33 -79.60 -10.15
N ASN F 378 -41.53 -79.61 -8.82
CA ASN F 378 -40.45 -79.39 -7.81
C ASN F 378 -39.48 -80.57 -7.96
N SER F 379 -38.24 -80.30 -8.33
CA SER F 379 -37.16 -81.29 -8.42
C SER F 379 -36.84 -81.84 -7.03
N GLY F 380 -37.24 -81.11 -5.98
CA GLY F 380 -36.77 -81.32 -4.60
C GLY F 380 -35.54 -80.47 -4.22
N ILE F 381 -34.94 -79.76 -5.17
CA ILE F 381 -33.77 -78.85 -4.92
C ILE F 381 -34.32 -77.50 -4.46
N SER F 382 -33.93 -77.05 -3.27
CA SER F 382 -34.28 -75.73 -2.72
C SER F 382 -32.99 -74.94 -2.45
N ILE F 383 -32.82 -73.82 -3.15
CA ILE F 383 -31.71 -72.83 -2.90
C ILE F 383 -32.23 -71.82 -1.90
N LEU F 384 -31.66 -71.76 -0.71
CA LEU F 384 -32.21 -70.90 0.35
C LEU F 384 -31.29 -69.70 0.57
N TYR F 385 -31.91 -68.52 0.72
CA TYR F 385 -31.26 -67.26 1.12
C TYR F 385 -31.85 -66.86 2.45
N ASN F 386 -31.18 -66.07 3.28
CA ASN F 386 -31.86 -65.52 4.49
C ASN F 386 -31.57 -64.03 4.64
N HIS F 387 -32.53 -63.33 5.24
CA HIS F 387 -32.38 -61.91 5.58
C HIS F 387 -31.02 -61.69 6.26
N GLU F 388 -30.67 -62.55 7.21
CA GLU F 388 -29.60 -62.24 8.17
C GLU F 388 -28.25 -62.31 7.46
N SER F 389 -28.08 -63.19 6.47
CA SER F 389 -26.83 -63.26 5.68
C SER F 389 -26.61 -61.91 4.95
N MET F 390 -27.68 -61.30 4.46
CA MET F 390 -27.64 -60.03 3.73
C MET F 390 -27.32 -58.91 4.74
N TRP F 391 -27.89 -58.98 5.94
CA TRP F 391 -27.70 -57.94 6.98
C TRP F 391 -26.26 -58.01 7.50
N VAL F 392 -25.74 -59.22 7.73
CA VAL F 392 -24.36 -59.36 8.25
C VAL F 392 -23.40 -58.91 7.14
N GLU F 393 -23.66 -59.30 5.88
CA GLU F 393 -22.81 -58.86 4.75
C GLU F 393 -22.73 -57.33 4.71
N ALA F 394 -23.83 -56.62 4.95
CA ALA F 394 -23.87 -55.16 4.86
C ALA F 394 -22.97 -54.58 5.94
N ALA F 395 -22.96 -55.15 7.17
CA ALA F 395 -22.07 -54.67 8.24
C ALA F 395 -20.60 -54.99 7.93
N GLN F 396 -20.29 -56.15 7.38
CA GLN F 396 -18.89 -56.61 7.17
C GLN F 396 -18.24 -55.93 5.96
N THR F 397 -18.97 -55.68 4.88
CA THR F 397 -18.39 -55.12 3.62
C THR F 397 -18.40 -53.61 3.73
N ARG F 398 -19.04 -53.08 4.80
CA ARG F 398 -19.25 -51.64 5.11
C ARG F 398 -19.79 -50.91 3.86
N GLY F 399 -20.50 -51.64 2.97
CA GLY F 399 -21.27 -51.07 1.85
C GLY F 399 -20.49 -50.87 0.54
N LYS F 400 -19.31 -51.51 0.33
CA LYS F 400 -18.62 -51.57 -0.99
C LYS F 400 -19.55 -52.21 -2.05
N LEU F 401 -19.40 -51.86 -3.35
CA LEU F 401 -20.43 -52.12 -4.41
C LEU F 401 -19.92 -53.06 -5.53
N GLY F 403 -21.46 -58.08 -6.93
CA GLY F 403 -21.38 -59.47 -6.39
C GLY F 403 -19.96 -60.06 -6.33
N ASN F 404 -18.94 -59.20 -6.20
CA ASN F 404 -17.62 -59.51 -5.58
C ASN F 404 -17.85 -59.89 -4.11
N GLY F 405 -17.09 -60.85 -3.59
CA GLY F 405 -17.33 -61.39 -2.23
C GLY F 405 -17.23 -60.30 -1.17
N ARG F 406 -16.41 -59.29 -1.40
CA ARG F 406 -16.17 -58.18 -0.44
C ARG F 406 -17.13 -57.02 -0.71
N SER F 407 -18.26 -57.27 -1.38
CA SER F 407 -19.26 -56.21 -1.65
C SER F 407 -20.68 -56.68 -1.34
N ILE F 408 -21.59 -55.70 -1.19
CA ILE F 408 -23.05 -55.91 -1.06
C ILE F 408 -23.49 -56.75 -2.27
N GLY F 409 -24.14 -57.89 -2.04
CA GLY F 409 -24.83 -58.67 -3.09
C GLY F 409 -24.21 -60.04 -3.32
N ALA F 410 -23.04 -60.33 -2.77
CA ALA F 410 -22.42 -61.67 -2.93
C ALA F 410 -23.35 -62.72 -2.33
N VAL F 411 -24.04 -62.42 -1.22
CA VAL F 411 -24.94 -63.42 -0.57
C VAL F 411 -26.17 -63.71 -1.43
N MET F 412 -26.48 -62.88 -2.43
CA MET F 412 -27.55 -63.19 -3.41
C MET F 412 -26.93 -63.68 -4.71
N CYS F 413 -25.83 -63.13 -5.18
CA CYS F 413 -25.19 -63.59 -6.44
C CYS F 413 -24.72 -65.04 -6.30
N SER F 414 -24.31 -65.48 -5.10
CA SER F 414 -23.84 -66.88 -4.89
C SER F 414 -25.00 -67.85 -5.15
N PRO F 415 -26.14 -67.77 -4.42
CA PRO F 415 -27.25 -68.71 -4.67
C PRO F 415 -27.81 -68.55 -6.09
N LEU F 416 -27.79 -67.35 -6.65
CA LEU F 416 -28.25 -67.13 -8.06
C LEU F 416 -27.33 -67.88 -9.02
N SER F 417 -26.05 -68.02 -8.70
CA SER F 417 -25.10 -68.74 -9.57
C SER F 417 -25.41 -70.23 -9.52
N TYR F 418 -25.70 -70.79 -8.34
CA TYR F 418 -26.14 -72.20 -8.26
C TYR F 418 -27.42 -72.37 -9.10
N PHE F 419 -28.32 -71.40 -8.98
CA PHE F 419 -29.60 -71.42 -9.70
C PHE F 419 -29.33 -71.46 -11.20
N GLU F 420 -28.43 -70.64 -11.68
CA GLU F 420 -28.08 -70.61 -13.13
C GLU F 420 -27.45 -71.95 -13.53
N ALA F 421 -26.54 -72.50 -12.72
CA ALA F 421 -25.87 -73.79 -13.04
C ALA F 421 -26.94 -74.88 -13.22
N LEU F 422 -27.96 -74.90 -12.36
CA LEU F 422 -29.05 -75.89 -12.42
C LEU F 422 -29.94 -75.62 -13.65
N SER F 423 -30.22 -74.36 -13.97
CA SER F 423 -30.97 -73.97 -15.18
C SER F 423 -30.25 -74.52 -16.41
N GLU F 424 -28.94 -74.39 -16.46
CA GLU F 424 -28.13 -74.85 -17.63
C GLU F 424 -27.98 -76.37 -17.59
N THR F 425 -28.57 -77.03 -16.59
CA THR F 425 -28.68 -78.51 -16.52
C THR F 425 -30.11 -78.94 -16.78
N GLY F 426 -31.03 -77.98 -16.93
CA GLY F 426 -32.47 -78.22 -17.22
C GLY F 426 -33.22 -78.69 -15.98
N LEU F 427 -32.71 -78.36 -14.79
CA LEU F 427 -33.34 -78.71 -13.50
C LEU F 427 -34.03 -77.49 -12.88
N GLN F 428 -35.29 -77.65 -12.51
CA GLN F 428 -36.04 -76.72 -11.62
C GLN F 428 -35.28 -76.65 -10.30
N ALA F 429 -35.32 -75.48 -9.66
CA ALA F 429 -34.87 -75.30 -8.28
C ALA F 429 -35.75 -74.26 -7.61
N ASN F 430 -36.15 -74.52 -6.38
CA ASN F 430 -36.82 -73.45 -5.60
C ASN F 430 -35.75 -72.41 -5.23
N PHE F 431 -36.19 -71.18 -5.01
CA PHE F 431 -35.37 -70.06 -4.48
C PHE F 431 -36.24 -69.41 -3.41
N LYS F 432 -35.84 -69.57 -2.16
CA LYS F 432 -36.72 -69.35 -0.99
C LYS F 432 -35.93 -68.69 0.14
N GLU F 433 -36.58 -67.78 0.85
CA GLU F 433 -36.11 -67.34 2.20
C GLU F 433 -36.21 -68.54 3.13
N ILE F 434 -35.26 -68.73 4.01
CA ILE F 434 -35.11 -69.96 4.86
C ILE F 434 -36.41 -70.17 5.68
N LYS F 435 -37.07 -69.12 6.17
CA LYS F 435 -38.35 -69.23 6.94
C LYS F 435 -39.51 -69.72 6.06
N GLU F 436 -39.34 -69.73 4.73
CA GLU F 436 -40.39 -70.20 3.79
C GLU F 436 -40.19 -71.70 3.55
N PHE F 437 -39.05 -72.26 3.95
CA PHE F 437 -38.80 -73.72 3.81
C PHE F 437 -39.52 -74.45 4.96
N ASP F 438 -40.22 -75.52 4.64
CA ASP F 438 -40.96 -76.32 5.66
C ASP F 438 -40.01 -77.34 6.28
N PHE F 439 -39.55 -77.09 7.51
CA PHE F 439 -38.60 -77.96 8.25
C PHE F 439 -39.33 -78.96 9.17
N SER F 440 -40.66 -79.06 9.13
CA SER F 440 -41.48 -79.86 10.07
C SER F 440 -41.73 -81.29 9.56
N LEU F 441 -41.32 -81.71 8.36
CA LEU F 441 -41.64 -83.05 7.79
C LEU F 441 -40.80 -84.14 8.49
N ASN F 442 -41.25 -85.41 8.36
CA ASN F 442 -40.62 -86.60 9.01
C ASN F 442 -39.62 -87.28 8.05
N ASP F 443 -39.65 -86.93 6.79
CA ASP F 443 -38.80 -87.55 5.75
C ASP F 443 -38.39 -86.45 4.77
N TYR F 444 -37.12 -86.43 4.38
CA TYR F 444 -36.51 -85.50 3.39
C TYR F 444 -35.62 -86.31 2.44
N THR F 445 -35.84 -87.62 2.35
CA THR F 445 -35.18 -88.50 1.35
C THR F 445 -35.31 -87.79 0.00
N ASP F 446 -34.26 -87.74 -0.80
CA ASP F 446 -34.38 -87.16 -2.16
C ASP F 446 -34.80 -85.65 -2.15
N GLN F 447 -34.66 -84.93 -1.04
CA GLN F 447 -34.76 -83.43 -1.06
C GLN F 447 -33.33 -82.87 -0.88
N VAL F 448 -33.03 -81.72 -1.47
CA VAL F 448 -31.68 -81.07 -1.46
C VAL F 448 -31.85 -79.63 -1.04
N ILE F 449 -31.08 -79.18 -0.05
CA ILE F 449 -30.91 -77.75 0.30
C ILE F 449 -29.51 -77.32 -0.14
N ILE F 450 -29.44 -76.22 -0.88
CA ILE F 450 -28.17 -75.53 -1.22
C ILE F 450 -28.16 -74.23 -0.41
N LEU F 451 -27.13 -74.11 0.43
CA LEU F 451 -26.76 -72.88 1.16
C LEU F 451 -25.42 -72.39 0.59
N SER F 452 -25.50 -71.48 -0.37
CA SER F 452 -24.34 -70.95 -1.11
C SER F 452 -24.01 -69.57 -0.53
N HIS F 453 -22.95 -69.49 0.27
CA HIS F 453 -22.47 -68.22 0.86
C HIS F 453 -23.60 -67.57 1.64
N GLN F 454 -24.35 -68.37 2.39
CA GLN F 454 -25.31 -67.83 3.39
C GLN F 454 -24.53 -67.66 4.69
N ILE F 455 -23.89 -66.49 4.84
CA ILE F 455 -22.78 -66.32 5.83
C ILE F 455 -23.34 -66.28 7.26
N ALA F 456 -24.65 -66.07 7.45
CA ALA F 456 -25.27 -66.03 8.79
C ALA F 456 -26.29 -67.16 8.96
N LEU F 457 -26.04 -68.04 9.94
CA LEU F 457 -26.96 -69.12 10.42
C LEU F 457 -26.93 -69.17 11.95
N ASP F 458 -28.07 -69.18 12.61
CA ASP F 458 -28.14 -69.29 14.08
C ASP F 458 -28.39 -70.76 14.51
N ASN F 459 -28.33 -70.98 15.82
CA ASN F 459 -28.48 -72.32 16.47
C ASN F 459 -29.81 -72.96 16.05
N LYS F 460 -30.89 -72.20 16.12
CA LYS F 460 -32.27 -72.65 15.80
C LYS F 460 -32.29 -73.21 14.36
N VAL F 461 -31.73 -72.50 13.39
CA VAL F 461 -31.73 -72.96 11.96
C VAL F 461 -30.80 -74.17 11.81
N ILE F 462 -29.66 -74.21 12.50
CA ILE F 462 -28.72 -75.35 12.42
C ILE F 462 -29.43 -76.62 12.94
N LYS F 463 -30.21 -76.53 14.03
CA LYS F 463 -31.04 -77.66 14.54
C LYS F 463 -31.94 -78.12 13.39
N GLN F 464 -32.65 -77.19 12.74
CA GLN F 464 -33.56 -77.51 11.63
C GLN F 464 -32.79 -78.19 10.51
N LEU F 465 -31.57 -77.77 10.20
CA LEU F 465 -30.75 -78.40 9.15
C LEU F 465 -30.28 -79.80 9.59
N GLU F 466 -29.92 -79.98 10.86
CA GLU F 466 -29.51 -81.30 11.43
C GLU F 466 -30.69 -82.28 11.23
N SER F 467 -31.89 -81.85 11.61
CA SER F 467 -33.15 -82.62 11.46
C SER F 467 -33.35 -82.98 9.98
N PHE F 468 -33.19 -82.02 9.08
CA PHE F 468 -33.40 -82.20 7.62
C PHE F 468 -32.43 -83.27 7.10
N VAL F 469 -31.15 -83.21 7.46
CA VAL F 469 -30.16 -84.18 6.96
C VAL F 469 -30.39 -85.55 7.61
N GLU F 470 -30.61 -85.61 8.91
CA GLU F 470 -30.83 -86.86 9.69
C GLU F 470 -31.92 -87.68 8.99
N LYS F 471 -32.99 -86.99 8.58
CA LYS F 471 -34.20 -87.58 7.98
C LYS F 471 -34.01 -87.75 6.46
N GLY F 472 -32.79 -87.75 5.94
CA GLY F 472 -32.49 -88.13 4.55
C GLY F 472 -32.12 -86.99 3.61
N GLY F 473 -32.17 -85.74 4.07
CA GLY F 473 -31.86 -84.55 3.24
C GLY F 473 -30.41 -84.56 2.76
N THR F 474 -30.13 -84.09 1.53
CA THR F 474 -28.78 -83.69 1.06
C THR F 474 -28.59 -82.17 1.30
N LEU F 475 -27.50 -81.79 1.99
CA LEU F 475 -27.14 -80.38 2.21
C LEU F 475 -25.84 -80.08 1.45
N ILE F 476 -25.89 -79.12 0.54
CA ILE F 476 -24.71 -78.59 -0.20
C ILE F 476 -24.45 -77.17 0.32
N ALA F 477 -23.25 -76.93 0.83
CA ALA F 477 -22.82 -75.64 1.40
C ALA F 477 -21.48 -75.26 0.78
N ASP F 478 -21.39 -74.04 0.25
CA ASP F 478 -20.13 -73.49 -0.30
C ASP F 478 -19.97 -72.05 0.21
N GLY F 479 -18.81 -71.46 -0.08
CA GLY F 479 -18.46 -70.11 0.38
C GLY F 479 -18.47 -70.09 1.89
N LEU F 480 -18.76 -68.92 2.47
CA LEU F 480 -18.61 -68.72 3.91
C LEU F 480 -19.92 -69.07 4.61
N THR F 481 -20.73 -69.99 4.06
CA THR F 481 -21.98 -70.42 4.74
C THR F 481 -21.65 -70.78 6.20
N GLY F 482 -22.40 -70.20 7.13
CA GLY F 482 -22.29 -70.55 8.56
C GLY F 482 -21.13 -69.89 9.31
N TYR F 483 -20.41 -68.94 8.70
CA TYR F 483 -19.25 -68.30 9.33
C TYR F 483 -19.70 -67.46 10.53
N TYR F 484 -20.84 -66.83 10.43
CA TYR F 484 -21.40 -65.96 11.49
C TYR F 484 -22.73 -66.56 11.95
N ASP F 485 -23.19 -66.12 13.11
CA ASP F 485 -24.59 -66.33 13.57
C ASP F 485 -25.37 -65.05 13.28
N TYR F 486 -26.60 -64.92 13.78
CA TYR F 486 -27.53 -63.82 13.44
C TYR F 486 -27.13 -62.56 14.21
N GLN F 487 -26.14 -62.65 15.10
CA GLN F 487 -25.59 -61.48 15.85
C GLN F 487 -24.18 -61.12 15.33
N ALA F 488 -23.79 -61.60 14.15
CA ALA F 488 -22.48 -61.36 13.52
C ALA F 488 -21.36 -61.92 14.40
N HIS F 489 -21.68 -62.82 15.32
CA HIS F 489 -20.66 -63.56 16.13
C HIS F 489 -20.22 -64.78 15.33
N SER F 490 -18.92 -64.98 15.13
CA SER F 490 -18.39 -66.12 14.34
C SER F 490 -18.12 -67.30 15.28
N THR F 491 -18.91 -68.37 15.15
CA THR F 491 -18.70 -69.60 15.94
C THR F 491 -17.51 -70.30 15.31
N VAL F 492 -17.11 -69.92 14.09
CA VAL F 492 -15.82 -70.45 13.51
C VAL F 492 -14.69 -70.11 14.48
N VAL F 493 -14.80 -68.97 15.16
CA VAL F 493 -13.75 -68.50 16.12
C VAL F 493 -14.03 -69.11 17.50
N SER F 494 -15.24 -68.97 18.02
CA SER F 494 -15.57 -69.30 19.45
C SER F 494 -15.84 -70.82 19.64
N GLY F 495 -16.17 -71.60 18.60
CA GLY F 495 -16.58 -73.02 18.68
C GLY F 495 -17.67 -73.35 17.67
N PHE F 496 -17.30 -73.99 16.56
CA PHE F 496 -18.07 -74.00 15.28
C PHE F 496 -19.41 -74.73 15.44
N ALA F 497 -20.54 -74.04 15.23
CA ALA F 497 -21.89 -74.56 15.54
C ALA F 497 -22.29 -75.63 14.52
N LEU F 498 -21.65 -75.66 13.34
CA LEU F 498 -21.92 -76.65 12.29
C LEU F 498 -20.92 -77.82 12.35
N GLU F 499 -20.08 -77.92 13.36
CA GLU F 499 -19.08 -79.03 13.43
C GLU F 499 -19.80 -80.38 13.42
N ASN F 500 -20.84 -80.52 14.25
CA ASN F 500 -21.60 -81.80 14.41
C ASN F 500 -22.18 -82.15 13.02
N LEU F 501 -22.87 -81.21 12.34
CA LEU F 501 -23.51 -81.52 11.05
C LEU F 501 -22.48 -81.77 9.95
N PHE F 502 -21.38 -81.03 9.93
CA PHE F 502 -20.39 -81.04 8.82
C PHE F 502 -19.37 -82.15 9.06
N GLY F 503 -19.28 -82.67 10.29
CA GLY F 503 -18.28 -83.68 10.70
C GLY F 503 -16.87 -83.21 10.43
N SER F 504 -16.64 -81.92 10.63
CA SER F 504 -15.39 -81.22 10.20
C SER F 504 -15.37 -79.80 10.76
N TYR F 505 -14.25 -79.15 10.62
CA TYR F 505 -13.90 -77.88 11.31
C TYR F 505 -13.09 -77.03 10.35
N PRO F 506 -13.41 -75.71 10.18
CA PRO F 506 -12.56 -74.84 9.36
C PRO F 506 -11.17 -74.68 9.98
N ILE F 507 -10.11 -74.63 9.18
CA ILE F 507 -8.75 -74.31 9.70
C ILE F 507 -8.39 -72.87 9.32
N GLU F 508 -8.36 -72.56 8.03
CA GLU F 508 -7.99 -71.19 7.54
C GLU F 508 -8.84 -70.79 6.32
N TYR F 509 -9.11 -69.50 6.18
CA TYR F 509 -9.34 -68.82 4.86
C TYR F 509 -8.08 -68.03 4.49
N LYS F 510 -7.70 -68.13 3.23
CA LYS F 510 -6.61 -67.33 2.65
C LYS F 510 -7.17 -66.62 1.43
N ILE F 511 -7.16 -65.29 1.45
CA ILE F 511 -7.57 -64.49 0.27
C ILE F 511 -6.60 -64.78 -0.88
N LYS F 512 -7.13 -64.92 -2.09
CA LYS F 512 -6.43 -65.20 -3.39
C LYS F 512 -6.86 -64.15 -4.41
N GLU F 513 -6.58 -64.37 -5.69
CA GLU F 513 -7.12 -63.58 -6.81
C GLU F 513 -8.67 -63.67 -6.88
N ASN F 514 -9.30 -62.79 -7.66
CA ASN F 514 -10.78 -62.79 -7.89
C ASN F 514 -11.22 -64.16 -8.44
N LEU F 515 -10.36 -64.78 -9.24
CA LEU F 515 -10.59 -66.10 -9.84
C LEU F 515 -9.37 -66.99 -9.60
N PHE F 516 -9.55 -68.16 -9.00
CA PHE F 516 -8.47 -69.18 -8.90
C PHE F 516 -9.12 -70.55 -9.08
N SER F 517 -8.30 -71.59 -9.16
CA SER F 517 -8.75 -72.99 -9.43
C SER F 517 -8.53 -73.86 -8.19
N LEU F 518 -9.56 -74.55 -7.70
CA LEU F 518 -9.42 -75.70 -6.78
C LEU F 518 -9.28 -76.95 -7.64
N ASP F 519 -8.09 -77.54 -7.72
CA ASP F 519 -7.83 -78.77 -8.53
C ASP F 519 -7.88 -79.95 -7.54
N PHE F 520 -8.94 -80.77 -7.59
CA PHE F 520 -9.02 -81.96 -6.69
C PHE F 520 -7.90 -82.95 -7.07
N GLU F 521 -7.39 -83.68 -6.06
CA GLU F 521 -6.29 -84.69 -6.15
C GLU F 521 -6.74 -85.83 -7.08
N LYS F 522 -7.92 -86.38 -6.82
CA LYS F 522 -8.67 -87.27 -7.75
C LYS F 522 -9.14 -86.44 -8.96
N ASP F 523 -8.35 -86.46 -10.05
CA ASP F 523 -8.24 -85.42 -11.12
C ASP F 523 -9.49 -85.43 -12.02
N ASN F 524 -10.66 -85.68 -11.42
CA ASN F 524 -12.00 -85.29 -11.98
C ASN F 524 -11.94 -83.75 -12.15
N TYR F 525 -12.02 -83.02 -11.03
CA TYR F 525 -12.57 -81.62 -11.01
C TYR F 525 -11.43 -80.60 -10.89
N LYS F 526 -11.62 -79.50 -11.64
CA LYS F 526 -10.94 -78.20 -11.45
C LYS F 526 -12.03 -77.14 -11.38
N LEU F 527 -12.44 -76.80 -10.17
CA LEU F 527 -13.55 -75.86 -9.91
C LEU F 527 -12.99 -74.45 -9.88
N PRO F 528 -13.56 -73.53 -10.70
CA PRO F 528 -13.33 -72.10 -10.49
C PRO F 528 -13.84 -71.70 -9.11
N ALA F 529 -13.08 -70.87 -8.41
CA ALA F 529 -13.35 -70.37 -7.03
C ALA F 529 -13.04 -68.89 -6.99
N HIS F 530 -13.79 -68.17 -6.16
CA HIS F 530 -13.71 -66.68 -6.08
C HIS F 530 -13.12 -66.29 -4.75
N LEU F 531 -11.98 -65.60 -4.79
CA LEU F 531 -11.50 -64.66 -3.72
C LEU F 531 -10.84 -65.39 -2.53
N TRP F 532 -11.50 -66.36 -1.89
CA TRP F 532 -11.02 -66.98 -0.63
C TRP F 532 -10.89 -68.50 -0.78
N LYS F 533 -9.75 -69.05 -0.41
CA LYS F 533 -9.58 -70.53 -0.35
C LYS F 533 -9.77 -70.97 1.11
N GLY F 534 -10.76 -71.81 1.33
CA GLY F 534 -11.06 -72.39 2.65
C GLY F 534 -10.39 -73.73 2.79
N THR F 535 -9.78 -73.99 3.93
CA THR F 535 -9.19 -75.31 4.29
C THR F 535 -9.85 -75.79 5.59
N ILE F 536 -9.96 -77.10 5.76
CA ILE F 536 -10.74 -77.73 6.87
C ILE F 536 -9.95 -78.90 7.42
N GLU F 537 -10.42 -79.42 8.56
CA GLU F 537 -9.98 -80.69 9.15
C GLU F 537 -11.23 -81.53 9.39
N THR F 538 -11.23 -82.78 8.93
CA THR F 538 -12.37 -83.72 9.09
C THR F 538 -12.18 -84.50 10.38
N SER F 539 -13.27 -84.73 11.12
CA SER F 539 -13.36 -85.78 12.16
C SER F 539 -14.17 -86.94 11.55
N LYS F 540 -15.51 -86.85 11.52
CA LYS F 540 -16.37 -87.95 10.99
C LYS F 540 -16.48 -87.89 9.46
N ALA F 541 -16.33 -86.74 8.82
CA ALA F 541 -16.55 -86.58 7.37
C ALA F 541 -15.39 -87.22 6.60
N THR F 542 -15.61 -87.59 5.36
CA THR F 542 -14.55 -88.05 4.42
C THR F 542 -13.89 -86.81 3.83
N PRO F 543 -12.57 -86.59 4.04
CA PRO F 543 -11.88 -85.45 3.45
C PRO F 543 -11.76 -85.55 1.93
N ILE F 544 -11.82 -84.40 1.24
CA ILE F 544 -11.43 -84.27 -0.19
C ILE F 544 -10.22 -83.35 -0.26
N MET F 545 -9.16 -83.84 -0.89
CA MET F 545 -7.84 -83.15 -0.97
C MET F 545 -7.68 -82.47 -2.32
N ASP F 546 -6.93 -81.37 -2.39
CA ASP F 546 -6.55 -80.74 -3.69
C ASP F 546 -5.12 -81.16 -4.04
N LYS F 547 -4.65 -80.78 -5.22
CA LYS F 547 -3.30 -81.11 -5.75
C LYS F 547 -2.21 -80.41 -4.96
N GLU F 548 -2.52 -79.52 -4.02
CA GLU F 548 -1.48 -78.92 -3.16
C GLU F 548 -1.42 -79.65 -1.83
N GLY F 549 -2.18 -80.73 -1.67
CA GLY F 549 -2.25 -81.55 -0.44
C GLY F 549 -2.99 -80.87 0.71
N GLU F 550 -3.88 -79.92 0.42
CA GLU F 550 -4.71 -79.26 1.45
C GLU F 550 -6.11 -79.87 1.39
N CYS F 551 -6.79 -79.95 2.53
CA CYS F 551 -8.17 -80.45 2.62
C CYS F 551 -9.18 -79.30 2.38
N ILE F 552 -9.90 -79.34 1.25
CA ILE F 552 -10.69 -78.19 0.73
C ILE F 552 -12.19 -78.49 0.74
N ALA F 553 -12.60 -79.73 1.01
CA ALA F 553 -14.03 -80.10 1.02
C ALA F 553 -14.20 -81.45 1.74
N CYS F 554 -15.44 -81.80 2.06
CA CYS F 554 -15.74 -83.09 2.70
C CYS F 554 -17.20 -83.51 2.44
N ILE F 555 -17.44 -84.82 2.56
CA ILE F 555 -18.80 -85.41 2.56
C ILE F 555 -19.01 -86.08 3.91
N ASN F 556 -20.03 -85.64 4.63
CA ASN F 556 -20.38 -86.21 5.94
C ASN F 556 -21.70 -86.97 5.77
N GLN F 557 -21.67 -88.26 6.07
CA GLN F 557 -22.90 -89.08 6.23
C GLN F 557 -23.51 -88.72 7.58
N TYR F 558 -24.75 -88.25 7.64
CA TYR F 558 -25.35 -87.79 8.92
C TYR F 558 -26.79 -88.30 8.98
N GLY F 559 -27.03 -89.29 9.87
CA GLY F 559 -28.26 -90.09 9.88
C GLY F 559 -28.47 -90.67 8.48
N LYS F 560 -29.65 -90.49 7.89
CA LYS F 560 -29.97 -91.02 6.54
C LYS F 560 -29.40 -90.10 5.45
N GLY F 561 -29.06 -88.85 5.78
CA GLY F 561 -28.70 -87.83 4.78
C GLY F 561 -27.21 -87.68 4.60
N LYS F 562 -26.79 -86.76 3.73
CA LYS F 562 -25.38 -86.40 3.56
C LYS F 562 -25.22 -84.88 3.44
N VAL F 563 -24.01 -84.43 3.74
CA VAL F 563 -23.57 -83.01 3.66
C VAL F 563 -22.36 -82.97 2.74
N PHE F 564 -22.39 -82.09 1.75
CA PHE F 564 -21.21 -81.72 0.95
C PHE F 564 -20.86 -80.27 1.34
N TRP F 565 -19.67 -80.09 1.88
CA TRP F 565 -19.16 -78.77 2.33
C TRP F 565 -17.87 -78.47 1.59
N ILE F 566 -17.85 -77.32 0.92
CA ILE F 566 -16.64 -76.77 0.27
C ILE F 566 -16.58 -75.28 0.60
N PRO F 567 -15.78 -74.90 1.63
CA PRO F 567 -15.82 -73.55 2.16
C PRO F 567 -15.18 -72.45 1.28
N SER F 568 -14.66 -72.77 0.11
CA SER F 568 -14.32 -71.77 -0.94
C SER F 568 -15.59 -71.41 -1.73
N PRO F 569 -15.74 -70.15 -2.19
CA PRO F 569 -16.92 -69.80 -2.99
C PRO F 569 -16.82 -70.31 -4.44
N ILE F 570 -17.42 -71.47 -4.72
CA ILE F 570 -17.32 -72.07 -6.08
C ILE F 570 -18.49 -71.56 -6.92
N ALA F 571 -19.61 -71.22 -6.31
CA ALA F 571 -20.73 -70.61 -7.05
C ALA F 571 -20.26 -69.25 -7.57
N LEU F 572 -19.69 -68.42 -6.69
CA LEU F 572 -19.16 -67.11 -7.15
C LEU F 572 -18.00 -67.31 -8.13
N GLY F 573 -17.26 -68.41 -7.99
CA GLY F 573 -16.16 -68.67 -8.93
C GLY F 573 -16.70 -68.95 -10.34
N ALA F 574 -17.75 -69.74 -10.43
CA ALA F 574 -18.47 -69.98 -11.70
C ALA F 574 -18.93 -68.63 -12.27
N ARG F 575 -19.55 -67.79 -11.44
CA ARG F 575 -20.05 -66.47 -11.90
C ARG F 575 -18.90 -65.61 -12.44
N GLU F 576 -17.84 -65.48 -11.67
CA GLU F 576 -16.65 -64.67 -12.04
C GLU F 576 -16.02 -65.26 -13.30
N SER F 577 -16.03 -66.57 -13.50
CA SER F 577 -15.40 -67.16 -14.72
C SER F 577 -16.40 -67.19 -15.88
N LYS F 578 -17.67 -66.83 -15.67
CA LYS F 578 -18.76 -66.94 -16.70
C LYS F 578 -18.78 -68.36 -17.29
N ASP F 579 -18.61 -69.36 -16.44
CA ASP F 579 -18.64 -70.79 -16.85
C ASP F 579 -19.24 -71.59 -15.70
N PHE F 580 -20.47 -72.06 -15.84
CA PHE F 580 -21.18 -72.83 -14.78
C PHE F 580 -21.05 -74.35 -15.01
N SER F 581 -20.24 -74.78 -15.99
CA SER F 581 -20.18 -76.19 -16.43
C SER F 581 -19.68 -77.06 -15.27
N GLU F 582 -18.59 -76.69 -14.61
CA GLU F 582 -18.00 -77.52 -13.53
C GLU F 582 -18.96 -77.52 -12.34
N LEU F 583 -19.58 -76.38 -11.97
CA LEU F 583 -20.55 -76.37 -10.85
C LEU F 583 -21.74 -77.30 -11.19
N SER F 584 -22.19 -77.29 -12.44
CA SER F 584 -23.26 -78.19 -12.94
C SER F 584 -22.86 -79.65 -12.71
N LYS F 585 -21.73 -80.09 -13.28
CA LYS F 585 -21.22 -81.48 -13.16
C LYS F 585 -21.15 -81.89 -11.68
N LEU F 586 -20.55 -81.05 -10.84
CA LEU F 586 -20.35 -81.38 -9.41
C LEU F 586 -21.72 -81.52 -8.72
N THR F 587 -22.63 -80.57 -8.91
CA THR F 587 -23.96 -80.58 -8.25
C THR F 587 -24.72 -81.86 -8.65
N VAL F 588 -24.73 -82.19 -9.94
CA VAL F 588 -25.42 -83.37 -10.52
C VAL F 588 -24.89 -84.63 -9.81
N SER F 589 -23.57 -84.78 -9.74
CA SER F 589 -22.88 -85.91 -9.05
C SER F 589 -23.33 -86.02 -7.58
N LEU F 590 -23.89 -84.99 -6.95
CA LEU F 590 -24.24 -85.00 -5.52
C LEU F 590 -25.74 -85.23 -5.32
N LEU F 591 -26.51 -85.22 -6.40
CA LEU F 591 -27.98 -85.28 -6.27
C LEU F 591 -28.39 -86.74 -6.04
N PRO F 592 -29.43 -86.97 -5.20
CA PRO F 592 -30.07 -88.28 -5.11
C PRO F 592 -30.50 -88.77 -6.50
N ASN F 593 -30.21 -90.04 -6.80
CA ASN F 593 -30.62 -90.70 -8.06
C ASN F 593 -32.08 -90.42 -8.37
N LYS F 594 -32.97 -90.44 -7.39
CA LYS F 594 -34.43 -90.26 -7.66
C LYS F 594 -34.69 -88.93 -8.35
N ILE F 595 -33.99 -87.84 -8.00
CA ILE F 595 -34.22 -86.52 -8.67
C ILE F 595 -33.92 -86.65 -10.17
N LEU F 596 -32.80 -87.26 -10.53
CA LEU F 596 -32.40 -87.38 -11.96
C LEU F 596 -33.31 -88.38 -12.71
N ASN F 597 -33.83 -89.43 -12.06
CA ASN F 597 -34.70 -90.44 -12.73
C ASN F 597 -36.11 -89.89 -12.95
N ASP F 598 -36.66 -89.13 -12.00
CA ASP F 598 -38.07 -88.65 -12.02
C ASP F 598 -38.23 -87.33 -12.78
N ASN F 599 -37.19 -86.50 -12.90
CA ASN F 599 -37.32 -85.12 -13.46
C ASN F 599 -36.64 -85.05 -14.81
N PRO F 600 -37.32 -84.54 -15.86
CA PRO F 600 -36.65 -84.24 -17.11
C PRO F 600 -35.53 -83.20 -16.84
N HIS F 601 -34.36 -83.44 -17.44
CA HIS F 601 -33.16 -82.58 -17.35
C HIS F 601 -32.30 -82.83 -18.58
N PHE F 602 -31.20 -82.12 -18.74
CA PHE F 602 -30.32 -82.27 -19.91
C PHE F 602 -29.34 -83.41 -19.65
N ASP F 603 -28.97 -84.15 -20.71
CA ASP F 603 -28.00 -85.27 -20.67
C ASP F 603 -26.68 -84.72 -20.14
N LYS F 604 -26.43 -83.44 -20.31
CA LYS F 604 -25.19 -82.75 -19.82
C LYS F 604 -25.46 -81.26 -19.70
N HIS F 605 -24.48 -80.50 -19.22
CA HIS F 605 -24.58 -79.04 -19.09
C HIS F 605 -24.65 -78.41 -20.49
N TYR F 606 -25.56 -77.46 -20.67
CA TYR F 606 -25.64 -76.63 -21.91
C TYR F 606 -25.51 -75.15 -21.54
N LYS F 607 -24.45 -74.53 -22.03
CA LYS F 607 -24.23 -73.09 -21.81
C LYS F 607 -25.40 -72.33 -22.44
N ASP F 608 -26.01 -71.43 -21.67
CA ASP F 608 -27.00 -70.44 -22.16
C ASP F 608 -28.29 -71.12 -22.70
N VAL F 609 -28.63 -72.31 -22.19
CA VAL F 609 -29.95 -72.94 -22.42
C VAL F 609 -30.60 -73.12 -21.06
N MET F 610 -31.90 -72.93 -20.97
CA MET F 610 -32.61 -73.26 -19.72
C MET F 610 -33.74 -74.24 -19.99
N MET F 611 -34.03 -75.08 -19.02
CA MET F 611 -35.28 -75.86 -18.99
C MET F 611 -35.80 -75.87 -17.56
N LYS F 612 -37.11 -75.74 -17.44
CA LYS F 612 -37.89 -75.87 -16.18
C LYS F 612 -39.14 -76.70 -16.54
N SER F 613 -39.58 -77.60 -15.67
CA SER F 613 -40.72 -78.50 -15.95
C SER F 613 -41.88 -78.16 -15.01
N PHE F 614 -43.10 -78.44 -15.46
CA PHE F 614 -44.34 -78.25 -14.68
C PHE F 614 -45.36 -79.34 -15.02
N LYS F 615 -46.43 -79.43 -14.24
CA LYS F 615 -47.56 -80.38 -14.41
C LYS F 615 -48.87 -79.59 -14.49
N SER F 616 -49.87 -80.14 -15.16
CA SER F 616 -51.26 -79.66 -15.16
C SER F 616 -52.20 -80.86 -15.29
N ASN F 617 -53.05 -81.07 -14.27
CA ASN F 617 -53.97 -82.22 -14.13
C ASN F 617 -53.36 -83.52 -14.68
N GLY F 618 -52.36 -84.10 -14.03
CA GLY F 618 -51.82 -85.44 -14.39
C GLY F 618 -51.04 -85.59 -15.73
N THR F 619 -50.67 -84.41 -16.33
CA THR F 619 -49.74 -84.33 -17.50
C THR F 619 -48.49 -83.49 -17.15
N MET F 620 -47.32 -83.94 -17.60
CA MET F 620 -46.04 -83.20 -17.42
C MET F 620 -45.74 -82.39 -18.68
N TYR F 621 -45.18 -81.19 -18.48
CA TYR F 621 -44.69 -80.26 -19.54
C TYR F 621 -43.27 -79.77 -19.19
N SER F 622 -42.54 -79.34 -20.20
CA SER F 622 -41.22 -78.71 -20.06
C SER F 622 -41.16 -77.41 -20.89
N LEU F 623 -40.62 -76.36 -20.28
CA LEU F 623 -40.23 -75.08 -20.95
C LEU F 623 -38.74 -75.12 -21.26
N ILE F 624 -38.37 -74.93 -22.51
CA ILE F 624 -36.95 -74.83 -22.95
C ILE F 624 -36.75 -73.48 -23.65
N ILE F 625 -35.69 -72.76 -23.32
CA ILE F 625 -35.30 -71.49 -24.01
C ILE F 625 -33.82 -71.57 -24.37
N ASN F 626 -33.50 -71.25 -25.61
CA ASN F 626 -32.10 -71.22 -26.11
C ASN F 626 -31.67 -69.76 -26.15
N LYS F 627 -30.70 -69.37 -25.32
CA LYS F 627 -30.17 -67.99 -25.26
C LYS F 627 -28.77 -67.95 -25.88
N SER F 628 -28.31 -69.05 -26.48
CA SER F 628 -26.98 -69.08 -27.13
C SER F 628 -27.11 -68.52 -28.56
N ALA F 629 -25.99 -68.31 -29.22
CA ALA F 629 -25.92 -67.68 -30.55
C ALA F 629 -26.18 -68.74 -31.62
N SER F 630 -26.32 -70.01 -31.27
CA SER F 630 -26.41 -71.12 -32.25
C SER F 630 -27.62 -72.03 -31.96
N VAL F 631 -28.08 -72.71 -33.01
CA VAL F 631 -29.09 -73.79 -32.91
C VAL F 631 -28.49 -74.85 -31.98
N GLN F 632 -29.24 -75.29 -30.98
CA GLN F 632 -28.79 -76.32 -30.01
C GLN F 632 -29.66 -77.57 -30.17
N THR F 633 -29.04 -78.74 -30.11
CA THR F 633 -29.72 -80.04 -29.99
C THR F 633 -29.59 -80.53 -28.56
N VAL F 634 -30.67 -80.46 -27.80
CA VAL F 634 -30.70 -80.72 -26.33
C VAL F 634 -31.30 -82.10 -26.10
N ASP F 635 -30.50 -83.03 -25.57
CA ASP F 635 -30.94 -84.42 -25.28
C ASP F 635 -31.59 -84.39 -23.90
N ILE F 636 -32.91 -84.54 -23.81
CA ILE F 636 -33.66 -84.52 -22.52
C ILE F 636 -33.79 -85.97 -22.02
N VAL F 637 -33.38 -86.22 -20.79
CA VAL F 637 -33.45 -87.54 -20.12
C VAL F 637 -34.18 -87.33 -18.79
N GLY F 638 -34.64 -88.42 -18.18
CA GLY F 638 -35.42 -88.40 -16.93
C GLY F 638 -36.89 -88.18 -17.20
N GLY F 639 -37.72 -88.40 -16.18
CA GLY F 639 -39.18 -88.57 -16.32
C GLY F 639 -39.54 -89.70 -17.28
N LYS F 640 -40.75 -89.64 -17.81
CA LYS F 640 -41.33 -90.64 -18.75
C LYS F 640 -42.05 -89.88 -19.85
N GLY F 641 -42.17 -90.50 -21.01
CA GLY F 641 -43.05 -90.00 -22.09
C GLY F 641 -42.24 -89.61 -23.30
N LYS F 642 -42.94 -89.39 -24.41
CA LYS F 642 -42.35 -88.92 -25.68
C LYS F 642 -42.70 -87.44 -25.81
N ALA F 643 -41.75 -86.67 -26.35
CA ALA F 643 -41.86 -85.21 -26.48
C ALA F 643 -42.86 -84.87 -27.59
N PHE F 644 -43.90 -84.09 -27.31
CA PHE F 644 -44.75 -83.43 -28.32
C PHE F 644 -44.63 -81.92 -28.14
N ILE F 645 -44.15 -81.23 -29.18
CA ILE F 645 -44.02 -79.75 -29.21
C ILE F 645 -45.40 -79.11 -29.27
N LEU F 646 -45.80 -78.47 -28.19
CA LEU F 646 -47.11 -77.81 -28.02
C LEU F 646 -46.99 -76.31 -28.32
N PHE F 647 -45.82 -75.72 -28.06
CA PHE F 647 -45.52 -74.30 -28.35
C PHE F 647 -44.09 -74.20 -28.86
N ALA F 648 -43.87 -73.48 -29.96
CA ALA F 648 -42.52 -73.14 -30.45
C ALA F 648 -42.67 -71.94 -31.39
N ASN F 649 -41.96 -70.84 -31.11
CA ASN F 649 -42.10 -69.60 -31.93
C ASN F 649 -41.08 -69.61 -33.08
N LYS F 650 -40.23 -70.63 -33.26
CA LYS F 650 -39.26 -70.64 -34.40
C LYS F 650 -39.10 -72.05 -34.99
N ASN F 651 -40.17 -72.85 -35.03
CA ASN F 651 -40.15 -74.16 -35.75
C ASN F 651 -39.12 -75.12 -35.16
N ALA F 652 -38.98 -75.15 -33.83
CA ALA F 652 -38.29 -76.25 -33.14
C ALA F 652 -38.87 -77.58 -33.62
N HIS F 653 -38.06 -78.62 -33.68
CA HIS F 653 -38.50 -80.02 -33.92
C HIS F 653 -37.77 -80.94 -32.94
N SER F 654 -38.36 -82.09 -32.61
CA SER F 654 -37.70 -83.14 -31.80
C SER F 654 -37.71 -84.47 -32.56
N THR F 655 -36.69 -85.27 -32.30
CA THR F 655 -36.49 -86.64 -32.77
C THR F 655 -36.23 -87.45 -31.50
N ALA F 656 -37.17 -88.31 -31.12
CA ALA F 656 -37.20 -88.94 -29.78
C ALA F 656 -37.18 -87.77 -28.78
N ASN F 657 -36.26 -87.76 -27.82
CA ASN F 657 -36.28 -86.73 -26.75
C ASN F 657 -35.11 -85.76 -26.96
N LYS F 658 -34.61 -85.64 -28.19
CA LYS F 658 -33.58 -84.67 -28.64
C LYS F 658 -34.32 -83.47 -29.27
N LEU F 659 -34.30 -82.31 -28.63
CA LEU F 659 -34.98 -81.08 -29.12
C LEU F 659 -33.96 -80.19 -29.83
N THR F 660 -34.21 -79.86 -31.09
CA THR F 660 -33.46 -78.87 -31.90
C THR F 660 -34.19 -77.54 -31.74
N ILE F 661 -33.54 -76.55 -31.12
CA ILE F 661 -34.16 -75.26 -30.72
C ILE F 661 -33.27 -74.10 -31.19
N SER F 662 -33.89 -73.09 -31.79
CA SER F 662 -33.18 -71.96 -32.45
C SER F 662 -32.81 -70.87 -31.43
N PRO F 663 -31.81 -70.00 -31.73
CA PRO F 663 -31.51 -68.84 -30.88
C PRO F 663 -32.76 -68.04 -30.55
N GLU F 664 -32.97 -67.78 -29.26
CA GLU F 664 -34.06 -66.91 -28.71
C GLU F 664 -35.41 -67.62 -28.76
N GLU F 665 -35.46 -68.87 -29.22
CA GLU F 665 -36.72 -69.63 -29.32
C GLU F 665 -37.15 -70.07 -27.92
N THR F 666 -38.45 -69.94 -27.63
CA THR F 666 -39.14 -70.57 -26.47
C THR F 666 -39.91 -71.80 -26.95
N VAL F 667 -39.76 -72.93 -26.25
CA VAL F 667 -40.45 -74.20 -26.59
C VAL F 667 -41.22 -74.72 -25.38
N ILE F 668 -42.48 -75.12 -25.58
CA ILE F 668 -43.22 -75.96 -24.58
C ILE F 668 -43.37 -77.37 -25.16
N ILE F 669 -42.84 -78.33 -24.43
CA ILE F 669 -42.98 -79.78 -24.68
C ILE F 669 -44.09 -80.30 -23.75
N LYS F 670 -45.03 -81.05 -24.32
CA LYS F 670 -45.98 -81.94 -23.59
C LYS F 670 -45.41 -83.37 -23.64
N TRP F 671 -45.28 -84.01 -22.48
CA TRP F 671 -44.81 -85.42 -22.37
C TRP F 671 -46.02 -86.35 -22.48
N LYS F 672 -46.07 -87.23 -23.49
CA LYS F 672 -47.28 -88.05 -23.84
C LYS F 672 -47.20 -89.48 -23.29
C1 EDO G . 12.45 59.92 -5.78
O1 EDO G . 11.75 58.72 -6.21
C2 EDO G . 13.63 60.24 -6.61
O2 EDO G . 13.43 60.09 -8.05
H11 EDO G . 12.73 59.80 -4.85
H12 EDO G . 11.83 60.67 -5.81
HO1 EDO G . 11.08 58.59 -5.73
H21 EDO G . 14.37 59.65 -6.34
H22 EDO G . 13.90 61.16 -6.44
HO2 EDO G . 12.59 60.13 -8.22
C1 MNM H . 16.36 65.36 -7.29
C2 MNM H . 15.46 64.87 -8.39
C3 MNM H . 17.34 64.30 -6.88
O4 MNM H . 15.63 65.77 -6.12
O5 MNM H . 14.29 65.65 -8.39
N6 MNM H . 15.11 63.39 -8.19
O7 MNM H . 18.58 64.88 -6.44
C8 MNM H . 17.57 63.31 -8.01
C9 MNM H . 18.69 62.33 -7.75
C10 MNM H . 16.28 62.51 -8.22
O11 MNM H . 18.33 61.47 -6.64
HC1 MNM H . 16.87 66.15 -7.62
HC2 MNM H . 15.92 64.99 -9.26
HC3 MNM H . 16.96 63.80 -6.10
HO4 MNM H . 15.86 65.23 -5.46
HO5 MNM H . 14.41 66.20 -7.76
HN6 MNM H . 14.67 63.24 -7.44
HO7 MNM H . 18.93 65.33 -7.15
HC8 MNM H . 17.78 63.82 -8.83
HC91 MNM H . 18.92 61.87 -8.61
HC92 MNM H . 19.53 62.84 -7.39
H1 MNM H . 16.33 62.05 -9.09
H10 MNM H . 16.19 61.84 -7.52
H11 MNM H . 19.49 61.25 -6.35
CL CL I . 14.07 70.63 -10.28
C1 EDO J . -12.48 -20.37 -15.86
O1 EDO J . -12.54 -19.61 -17.08
C2 EDO J . -13.80 -20.63 -15.20
O2 EDO J . -14.77 -21.08 -16.20
H11 EDO J . -11.91 -19.89 -15.23
H12 EDO J . -12.06 -21.23 -16.05
HO1 EDO J . -11.77 -19.50 -17.39
H21 EDO J . -14.13 -19.81 -14.77
H22 EDO J . -13.69 -21.32 -14.51
HO2 EDO J . -14.46 -20.95 -16.97
C1 MNM K . -9.12 -15.99 -13.78
C2 MNM K . -9.89 -15.86 -15.09
C3 MNM K . -8.44 -17.35 -13.71
O4 MNM K . -9.96 -15.84 -12.62
O5 MNM K . -11.01 -14.98 -15.05
N6 MNM K . -10.35 -17.19 -15.56
O7 MNM K . -7.32 -17.40 -12.82
C8 MNM K . -8.03 -17.90 -15.08
C9 MNM K . -7.18 -19.16 -15.06
C10 MNM K . -9.29 -18.17 -15.88
O11 MNM K . -7.81 -20.27 -14.34
HC1 MNM K . -8.43 -15.30 -13.75
HC2 MNM K . -9.27 -15.50 -15.77
HC3 MNM K . -9.12 -18.00 -13.34
HO4 MNM K . -9.93 -16.56 -12.17
HO5 MNM K . -11.02 -14.65 -14.27
HN6 MNM K . -10.95 -17.55 -14.99
HO7 MNM K . -6.72 -16.82 -13.11
HC8 MNM K . -7.52 -17.19 -15.54
HC91 MNM K . -7.00 -19.44 -15.98
HC92 MNM K . -6.31 -18.97 -14.65
H1 MNM K . -9.09 -18.12 -16.83
H10 MNM K . -9.61 -19.08 -15.68
H11 MNM K . -7.30 -20.95 -14.37
CL CL L . -9.96 -9.57 -14.51
C1 EDO M . 30.98 47.62 26.99
O1 EDO M . 32.39 47.41 27.22
C2 EDO M . 30.61 48.78 26.09
O2 EDO M . 31.43 48.86 24.91
H11 EDO M . 30.55 47.76 27.86
H12 EDO M . 30.61 46.80 26.61
HO1 EDO M . 32.48 46.70 27.72
H21 EDO M . 30.71 49.61 26.62
H22 EDO M . 29.66 48.67 25.82
HO2 EDO M . 32.25 49.11 25.19
C1 MNM N . 31.21 46.43 32.74
C2 MNM N . 32.49 47.01 32.11
C3 MNM N . 30.75 45.19 32.01
O4 MNM N . 30.16 47.43 32.75
O5 MNM N . 32.72 48.35 32.54
N6 MNM N . 32.40 46.89 30.64
O7 MNM N . 30.11 44.28 32.91
C8 MNM N . 31.89 44.53 31.20
C9 MNM N . 31.51 43.21 30.54
C10 MNM N . 32.43 45.49 30.15
O11 MNM N . 30.35 43.22 29.71
HC1 MNM N . 31.40 46.19 33.67
HC2 MNM N . 33.25 46.47 32.42
HC3 MNM N . 30.05 45.46 31.35
HO4 MNM N . 29.49 47.13 32.33
HO5 MNM N . 32.08 48.56 33.05
HN6 MNM N . 33.05 47.35 30.22
HO7 MNM N . 30.76 44.00 33.49
HC8 MNM N . 32.62 44.34 31.83
HC91 MNM N . 32.27 42.92 29.99
HC92 MNM N . 31.40 42.54 31.23
H1 MNM N . 33.35 45.23 29.92
H10 MNM N . 31.88 45.41 29.33
H11 MNM N . 30.23 42.42 29.39
CL CL O . 34.38 49.39 37.57
C1 EDO P . -3.25 33.31 16.87
O1 EDO P . -2.27 32.49 17.68
C2 EDO P . -4.25 32.62 15.90
O2 EDO P . -4.57 31.21 16.19
H11 EDO P . -2.73 33.96 16.34
H12 EDO P . -3.78 33.84 17.50
HO1 EDO P . -1.80 33.00 18.15
H21 EDO P . -3.87 32.67 15.00
H22 EDO P . -5.08 33.13 15.90
HO2 EDO P . -4.50 31.07 17.02
C1 MNM Q . -9.79 33.11 14.24
C2 MNM Q . -9.33 32.04 15.24
C3 MNM Q . -8.81 33.21 13.04
O4 MNM Q . -9.86 34.42 14.82
O5 MNM Q . -9.81 32.27 16.57
N6 MNM Q . -7.85 31.95 15.17
O7 MNM Q . -9.41 33.72 11.84
C8 MNM Q . -8.19 31.84 12.73
C9 MNM Q . -7.45 31.82 11.42
C10 MNM Q . -7.28 31.46 13.90
O11 MNM Q . -6.37 32.76 11.47
HC1 MNM Q . -10.69 32.87 13.90
HC2 MNM Q . -9.70 31.18 14.93
HC3 MNM Q . -8.08 33.83 13.29
HO4 MNM Q . -9.35 34.94 14.39
HO5 MNM Q . -10.24 32.98 16.55
HN6 MNM Q . -7.54 31.45 15.83
HO7 MNM Q . -10.10 33.24 11.66
HC8 MNM Q . -8.92 31.19 12.69
HC91 MNM Q . -7.10 30.92 11.26
HC92 MNM Q . -8.06 32.05 10.69
H1 MNM Q . -7.19 30.49 13.94
H10 MNM Q . -6.40 31.85 13.76
H11 MNM Q . -5.96 32.76 10.74
CL CL R . -15.07 31.93 17.60
C1 EDO S . -5.01 -47.77 10.82
O1 EDO S . -4.04 -47.34 9.90
C2 EDO S . -4.98 -49.29 10.90
O2 EDO S . -3.62 -49.79 10.80
H11 EDO S . -5.89 -47.46 10.53
H12 EDO S . -4.81 -47.39 11.71
HO1 EDO S . -4.05 -46.50 9.86
H21 EDO S . -5.51 -49.67 10.16
H22 EDO S . -5.38 -49.58 11.75
HO2 EDO S . -3.10 -49.30 11.32
C1 MNM T . -6.27 -52.90 15.59
C2 MNM T . -4.83 -52.41 15.41
C3 MNM T . -6.84 -53.42 14.28
O4 MNM T . -7.06 -51.84 16.07
O5 MNM T . -4.56 -51.35 16.29
N6 MNM T . -4.56 -52.01 14.02
O7 MNM T . -7.85 -54.40 14.58
C8 MNM T . -5.76 -54.05 13.40
C9 MNM T . -6.32 -54.77 12.19
C10 MNM T . -4.71 -53.05 12.98
O11 MNM T . -6.87 -53.90 11.22
HC1 MNM T . -6.28 -53.62 16.25
HC2 MNM T . -4.23 -53.15 15.64
HC3 MNM T . -7.27 -52.66 13.79
HO4 MNM T . -7.71 -51.71 15.55
HO5 MNM T . -5.26 -51.23 16.75
HN6 MNM T . -5.05 -51.29 13.79
HO7 MNM T . -7.45 -55.11 14.88
HC8 MNM T . -5.32 -54.74 13.96
HC91 MNM T . -5.61 -55.29 11.79
HC92 MNM T . -7.02 -55.38 12.49
H1 MNM T . -3.87 -53.51 12.84
H10 MNM T . -4.99 -52.62 12.13
H11 MNM T . -7.18 -54.37 10.57
CL CL U . -3.92 -52.65 21.53
C1 EDO V . -38.08 -49.74 -8.99
O1 EDO V . -37.51 -51.01 -8.54
C2 EDO V . -38.68 -49.74 -10.35
O2 EDO V . -39.32 -50.96 -10.60
H11 EDO V . -37.38 -49.06 -8.96
H12 EDO V . -38.78 -49.47 -8.35
HO1 EDO V . -37.23 -50.95 -7.78
H21 EDO V . -37.98 -49.59 -11.01
H22 EDO V . -39.32 -49.00 -10.42
HO2 EDO V . -39.49 -51.35 -9.87
C1 MNM W . -43.77 -47.36 -12.37
C2 MNM W . -43.74 -48.82 -11.89
C3 MNM W . -42.58 -47.03 -13.26
O4 MNM W . -43.76 -46.47 -11.25
O5 MNM W . -44.32 -48.94 -10.61
N6 MNM W . -42.34 -49.34 -11.85
O7 MNM W . -42.92 -46.02 -14.22
C8 MNM W . -42.10 -48.25 -14.03
C9 MNM W . -41.09 -47.89 -15.11
C10 MNM W . -41.53 -49.28 -13.07
O11 MNM W . -39.92 -47.46 -14.52
HC1 MNM W . -44.59 -47.20 -12.88
HC2 MNM W . -44.27 -49.36 -12.53
HC3 MNM W . -41.84 -46.69 -12.69
HO4 MNM W . -43.11 -45.95 -11.30
HO5 MNM W . -44.61 -48.19 -10.40
HN6 MNM W . -41.89 -48.96 -11.19
HO7 MNM W . -43.66 -46.23 -14.60
HC8 MNM W . -42.89 -48.65 -14.48
HC91 MNM W . -40.91 -48.68 -15.67
HC92 MNM W . -41.46 -47.20 -15.70
H1 MNM W . -41.53 -50.16 -13.49
H10 MNM W . -40.61 -49.05 -12.84
H11 MNM W . -39.36 -47.24 -15.13
CL CL X . -49.77 -48.61 -10.58
#